data_5WNS
#
_entry.id   5WNS
#
_cell.length_a   400.000
_cell.length_b   400.000
_cell.length_c   173.000
_cell.angle_alpha   90.000
_cell.angle_beta   90.000
_cell.angle_gamma   90.000
#
_symmetry.space_group_name_H-M   'P 41 21 2'
#
loop_
_entity.id
_entity.type
_entity.pdbx_description
1 polymer '16S Ribosomal RNA rRNA'
2 polymer '30S ribosomal protein S2'
3 polymer '30S ribosomal protein S3'
4 polymer '30S ribosomal protein S4'
5 polymer '30S ribosomal protein S5'
6 polymer '30S ribosomal protein S6'
7 polymer '30S ribosomal protein S7'
8 polymer '30S ribosomal protein S8'
9 polymer '30S ribosomal protein S9'
10 polymer '30S ribosomal protein S10'
11 polymer '30S ribosomal protein S11'
12 polymer '30S ribosomal protein S12'
13 polymer '30S ribosomal protein S13'
14 polymer '30S ribosomal protein S14 type Z'
15 polymer '30S ribosomal protein S15'
16 polymer '30S ribosomal protein S16'
17 polymer '30S ribosomal protein S17'
18 polymer '30S ribosomal protein S18'
19 polymer '30S ribosomal protein S19'
20 polymer '30S ribosomal protein S20'
21 polymer '30S ribosomal protein Thx'
22 non-polymer 'MAGNESIUM ION'
23 non-polymer 'ZINC ION'
24 water water
#
loop_
_entity_poly.entity_id
_entity_poly.type
_entity_poly.pdbx_seq_one_letter_code
_entity_poly.pdbx_strand_id
1 'polyribonucleotide'
;UUUGUUGGAGAGUUUGAUCCUGGCUCAGGGUGAACGCUGGCGGCGUGCCUAAGACAUGCAAGUCGUGCGGGCCGCGGGGU
UUUACUCCGUGGUCAGCGGCGGACGGGUGAGUAACGCGUGGGUGACCUACCCGGAAGAGGGGGACAACCCGGGGAAACUC
GGGCUAAUCCCCCAUGUGGACCCGCCCCUUGGGGUGUGUCCAAAGGGCUUUGCCCGCUUCCGGAUGGGCCCGCGUCCCAU
CAGCUAGUUGGUGGGGUAAUGGCCCACCAAGGCGACGACGGGUAGCCGGUCUGAGAGGAUGGCCGGCCACAGGGGCACUG
AGACACGGGCCCCACUCCUACGGGAGGCAGCAGUUAGGAAUCUUCCGCAAUGGGCGCAAGCCUGACGGAGCGACGCCGCU
UGGAGGAAGAAGCCCUUCGGGGUGUAAACUCCUGAACCCGGGACGAAACCCCCGACGAGGGGACUGACGGUACCGGGGUA
AUAGCGCCGGCCAACUCCG(PSU)GCCAGCAGCC(7MG)CGGUAAUACGGAGGGCGCGAGCGUUACCCGGAUUCACUGGG
CGUAAAGGGCGUGUAGGCGGCCUGGGGCGUCCCAUGUGAAAGACCACGGCUCAACCGUGGGGGAGCGUGGGAUACGCUCA
GGCUAGACGGUGGGAGAGGGUGGUGGAAUUCCCGGAGUAGCGGUGAAAUGCGCAGAUACCGGGAGGAACGCCGAUGGCGA
AGGCAGCCACCUGGUCCACCCGUGACGCUGAGGCGCGAAAGCGUGGGGAGCAAACCGGAUUAGAUACCCGGGUAGUCCAC
GCCCUAAACGAUGCGCGCUAGGUCUCUGGGUCUCCUGGGGGCCGAAGCUAACGCGUUAAGCGCGCCGCCUGGGGAGUACG
GCCGCAAGGCUGAAACUCAAAGGAAUUGACGGGGGCCCGCACAAGCGGUGGAGCAUGUGGUUUAAUUCGAA(M2G)
(5MC)AACGCGAAGAACCUUACCAGGCCUUGACAUGCUAGGGAACCCGGGUGAAAGCCUGGGGUGCCCCGCGAGGGGAGC
CCUAGCACAGGUGCUGCAUGGCCGUCGUCAGCUCGUGCCGUGAGGUGUUGGGUUAAGUCCCGCAACGAGCGCAACCCCCG
CCGUUAGUUGCCAGCGGUUCGGCCGGGCACUCUAACGGGACUGCCCGCGAAAGCGGGAGGAAGGAGGGGACGACGUCUGG
UCAGCAUG(2MG)CCCUUACGGCCUGGGCGACACACGUGCUACAAUGCCCACUACAAAGCGAUGCCACCCGGCAACGGGG
AGCUAAUCGCAAAAAGGUGGGCCCAGUUCGGAUUGGGGUCUGCAACCCGACCCCAUGAAGCCGGAAUCGCUAGUAAUCGC
GGAUCAGCCAUGCCGCGGUGAAUACGUUCCCGGGCCUUGUACACAC(5MC)G(4OC)C(5MC)GU(5MC)ACGCCAUGGG
AGCGGGCUCUACCCGAAGUCGCCGGGAGCCUACGGGCAGGCGCCGAGGGUAGGGCCCGUGACUGGGGCGAAGUCG(UR3)
AACAAGGUAGCUGUACCGG(MA6)(MA6)GGUGCGGCUGGAUCCACUCC(PSU)(PSU)UCU
;
A
2 'polypeptide(L)'
;VKELLEAGVHFGHERKRWNPKFARYIYAERNGIHIIDLQKTMEELERTFRFIEDLAMRGGTILFVGTKKQAQDIVRMEAE
RAGMPYVNQRWLGGMLTNFKTISQRVHRLEELEALFASPEIEERPKKEQVRLKHELERLQKYLSGFRLLKRLPDAIFVVD
PTKEAIAVREARKLFIPVIALADTDSDPDLVDYIIPGNDDAIRSIQLILSRAVDLIIQARGGVVEPSPSYALVQ
;
B
3 'polypeptide(L)'
;GNKIHPIGFRLGITRDWESRWYAGKKQYRHLLLEDQRIRGLLEKELYSAGLARVDIERAADNVAVTVHVAKPGVVIGRGG
ERIRVLREELAKLTGKNVALNVQEVQNPNLSAPLVAQRVAEQIERRFAVRRAIKQAVQRVMESGAKGAKVIVSGRIGGAE
QARTEWAAQGRVPLHTLRANIDYGFALARTTYGVLGVKAYIFLGEV
;
C
4 'polypeptide(L)'
;GRYIGPVCRLCRREGVKLYLKGERCYSPKCAMERRPYPPGQHGQKRARRPSDYAVRLREKQKLRRIYGISERQFRNLFEE
ASKKKGVTGSVFLGLLESRLDNVVYRLGFAVSRRQARQLVRHGHITVNGRRVDLPSYRVRPGDEIAVAEKSRNLELIRQN
LEAMKGRKVGPWLSLDVEGMKGKFLRLPDREDLALPVNEQLVIEFYSR
;
D
5 'polypeptide(L)'
;DFEEKMILIRRTARMQAGGRRFRFGALVVVGDRQGRVGLGFGKAPEVPLAVQKAGYYARRNMVEVPLQNGTIPHEIEVEF
GASKIVLKPAAPGTGVIAGAVPRAILELAGVTDILTKELGSRNPINIAYATMEALRQLRTKADVERLRKG
;
E
6 'polypeptide(L)'
;MRRYEVNIVLNPNLDQSQLALEKEIIQRALENYGARVEKVEELGLRRLAYPIAKDPQGYFLWYQVEMPEDRVNDLARELR
IRDNVRRVMVVKSQEPFLANA
;
F
7 'polypeptide(L)'
;ARRRRAEVRQLQPDLVYGDVLVTAFINKIMRDGKKNLAARIFYDACKIIQEKTGQEPLKVFKQAVENVKPRMEVRSRRVG
GANYQVPMEVSPRRQQSLALRWLVQAANQRPERRAAVRIAHELMDAAEGKGGAVKKKEDVERMAEANRAYAHYRW
;
G
8 'polypeptide(L)'
;MLTDPIADMLTRIRNATRVYKESTDVPASRFKEEILRILAREGFIKGYERVDVDGKPYLRVYLKYGPRRQGPDPRPEQVI
HHIRRISKPGRRVYVGVKEIPRVRRGLGIAILSTSKGVLTDREARKLGVGGELICEVW
;
H
9 'polypeptide(L)'
;EQYYGTGRRKEAVARVFLRPGNGKVTVNGQDFNEYFQGLVRAVAALEPLRAVDALGHFDAYITVRGGGKSGQIDAIKLGI
ARALVQYNPDYRAKLKPLGFLTRDARVVERKKYGKHKARRAPQYSKR
;
I
10 'polypeptide(L)'
;KIRIKLRGFDHKTLDASAQKIVEAARRSGAQVSGPIPLPTRVRRFTVIRGPFKHKDSREHFELRTHNRLVDIINPNRKTI
EQLMTLDLPTGVEIEIKT
;
J
11 'polypeptide(L)'
;KRQVASGRAYIHASYNNTIVTITDPDGNPITWSSGGVIGYKGSRKGTPYAAQLAALDAAKKAMAYGMQSVDVIVRGTGAG
REQAIRALQASGLQVKSIVDDTPVPHNGCRPKKKFR
;
K
12 'polypeptide(L)'
;PTINQLVRKGREKVRKKSKVPALKGAPFRRGVCTVVRTVTPKKPNSALRKVAKVRLTSGYEVTAYIPGEGHNLQEHSVVL
IRGGRVK(0TD)LPGVRYHIVRGVYDAAGVKDRKKSRSKYGTKKPKEA
;
L
13 'polypeptide(L)'
;ARIAGVEIPRNKRVDVALTYIYGIGKARAKEALEKTGINPATRVKDLTEAEVVRLREYVENTWKLEGELRAEVAANIKRL
MDIGCYRGLRHRRGLPVRGQRTRTNARTRKGPRKTVAG
;
M
14 'polypeptide(L)' ARKALIEKAKRTPKFKVRAYTRCVRCGRARSVYRFFGLCRICLRELAHKGQLPGVRKASW N
15 'polypeptide(L)'
;PITKEEKQKVIQEFARFPGDTGSTEVQVALLTLRINRLSEHLKVHKKDHHSHRGLLMMVGQRRRLLRYLQREDPERYRAL
IEKLGIR
;
O
16 'polypeptide(L)'
;MVKIRLARFGSKHNPHYRIVVTDARRKRDGKYIEKIGYYDPRKTTPDWLKVDVERARYWLSVGAQPTDTARRLLRQAGVF
RQE
;
P
17 'polypeptide(L)'
;PKKVLTGVVVSDKMQKTVTVLVERQFPHPLYGKVIKRSKKYLAHDPEEKYKLGDVVEIIESRPISKRKRFRVLRLVESGR
MDLVEKYLIRRQNYQSLSK
;
Q
18 'polypeptide(L)' KAKVKATLGEFDLRDYRNVEVLKRFLSETGKILPRRRTGLSAKEQRILAKTIKRARILGLLPFTEKLVRK R
19 'polypeptide(L)' PRSLKKGVFVDDHLLEKVLELNAKGEKRLIKTWSRRSTIVPEMVGHTIAVYNGKQHVPVYITENMVGHKLGEFAPTRTYR S
20 'polypeptide(L)'
;RNLSALKRHRQSLKRRLRNKAKKSAIKTLSKKAIQLAQEGKAEEALKIMRKAESLIDKAAKGSTLHKNAAARRKSRLMRK
VRQLLEAAGAPLIGGGLSA
;
T
21 'polypeptide(L)' GKGDRRTRRGKIWRGTYGKYRPRK U
#
loop_
_chem_comp.id
_chem_comp.type
_chem_comp.name
_chem_comp.formula
2MG RNA linking 2N-METHYLGUANOSINE-5'-MONOPHOSPHATE 'C11 H16 N5 O8 P'
4OC RNA linking 4N,O2'-METHYLCYTIDINE-5'-MONOPHOSPHATE 'C11 H18 N3 O8 P'
5MC RNA linking 5-METHYLCYTIDINE-5'-MONOPHOSPHATE 'C10 H16 N3 O8 P'
7MG RNA linking 7N-METHYL-8-HYDROGUANOSINE-5'-MONOPHOSPHATE 'C11 H18 N5 O8 P'
A RNA linking ADENOSINE-5'-MONOPHOSPHATE 'C10 H14 N5 O7 P'
C RNA linking CYTIDINE-5'-MONOPHOSPHATE 'C9 H14 N3 O8 P'
G RNA linking GUANOSINE-5'-MONOPHOSPHATE 'C10 H14 N5 O8 P'
M2G RNA linking N2-DIMETHYLGUANOSINE-5'-MONOPHOSPHATE 'C12 H18 N5 O8 P'
MA6 RNA linking 6N-DIMETHYLADENOSINE-5'-MONOPHOSHATE 'C12 H18 N5 O7 P'
MG non-polymer 'MAGNESIUM ION' 'Mg 2'
PSU RNA linking PSEUDOURIDINE-5'-MONOPHOSPHATE 'C9 H13 N2 O9 P'
U RNA linking URIDINE-5'-MONOPHOSPHATE 'C9 H13 N2 O9 P'
UR3 RNA linking 3-METHYLURIDINE-5'-MONOPHOSHATE 'C10 H15 N2 O9 P'
ZN non-polymer 'ZINC ION' 'Zn 2'
#
# COMPACT_ATOMS: atom_id res chain seq x y z
N1 PSU A 500 9.70 -33.10 -23.00
C2 PSU A 500 9.40 -32.25 -22.05
N3 PSU A 500 8.40 -32.54 -21.22
C4 PSU A 500 7.69 -33.65 -21.32
C5 PSU A 500 8.00 -34.57 -22.32
C6 PSU A 500 9.05 -34.24 -23.17
O2 PSU A 500 10.00 -31.24 -21.92
O4 PSU A 500 6.82 -33.86 -20.57
C1' PSU A 500 7.24 -35.89 -22.51
C2' PSU A 500 5.76 -35.79 -22.87
O2' PSU A 500 5.07 -36.87 -22.26
C3' PSU A 500 5.80 -35.96 -24.38
C4' PSU A 500 6.93 -36.96 -24.58
O3' PSU A 500 4.58 -36.39 -24.95
O4' PSU A 500 7.88 -36.64 -23.53
C5' PSU A 500 7.62 -36.92 -25.91
O5' PSU A 500 8.14 -35.63 -26.19
P PSU A 500 9.31 -35.45 -27.25
OP1 PSU A 500 8.79 -35.84 -28.60
OP2 PSU A 500 9.91 -34.07 -27.06
P 7MG A 511 0.60 -21.47 -2.77
OP1 7MG A 511 0.00 -20.12 -2.83
OP2 7MG A 511 -0.28 -22.66 -2.74
O5' 7MG A 511 1.59 -21.62 -4.01
C5' 7MG A 511 1.47 -22.68 -4.93
C4' 7MG A 511 2.80 -23.29 -5.27
O4' 7MG A 511 2.98 -24.52 -4.53
C3' 7MG A 511 3.00 -23.68 -6.73
O3' 7MG A 511 3.44 -22.62 -7.55
C2' 7MG A 511 4.00 -24.83 -6.63
O2' 7MG A 511 5.30 -24.34 -6.39
C1' 7MG A 511 3.50 -25.52 -5.38
N9 7MG A 511 2.41 -26.47 -5.67
C8 7MG A 511 1.11 -26.29 -5.51
N7 7MG A 511 0.48 -27.39 -5.90
C5 7MG A 511 1.43 -28.30 -6.33
C6 7MG A 511 1.41 -29.63 -6.86
O6 7MG A 511 0.35 -30.22 -7.02
N1 7MG A 511 2.58 -30.24 -7.19
C2 7MG A 511 3.74 -29.61 -7.02
N2 7MG A 511 4.96 -30.26 -7.36
N3 7MG A 511 3.80 -28.39 -6.54
C4 7MG A 511 2.63 -27.71 -6.18
CM7 7MG A 511 -0.92 -27.59 -5.88
P M2G A 944 -11.68 -3.93 -31.15
OP1 M2G A 944 -10.31 -3.53 -30.74
OP2 M2G A 944 -12.67 -4.23 -30.10
O5' M2G A 944 -12.29 -2.78 -32.06
C5' M2G A 944 -13.66 -2.80 -32.43
C4' M2G A 944 -14.38 -1.57 -31.94
O4' M2G A 944 -15.03 -1.85 -30.69
C3' M2G A 944 -13.50 -0.37 -31.64
O3' M2G A 944 -13.14 0.36 -32.81
C2' M2G A 944 -14.35 0.44 -30.67
O2' M2G A 944 -15.28 1.25 -31.36
C1' M2G A 944 -15.12 -0.66 -29.92
N9 M2G A 944 -14.57 -0.92 -28.58
C8 M2G A 944 -14.12 -2.13 -28.04
N7 M2G A 944 -13.67 -2.01 -26.79
C5 M2G A 944 -13.84 -0.66 -26.50
C6 M2G A 944 -13.51 0.00 -25.29
O6 M2G A 944 -13.02 -0.44 -24.25
N1 M2G A 944 -13.80 1.39 -25.34
C2 M2G A 944 -14.35 2.01 -26.46
N2 M2G A 944 -14.57 3.38 -26.32
N3 M2G A 944 -14.66 1.39 -27.61
C4 M2G A 944 -14.38 0.02 -27.58
CM1 M2G A 944 -15.36 4.12 -27.29
CM2 M2G A 944 -14.08 4.14 -25.16
P 5MC A 945 -11.64 0.93 -32.98
OP1 5MC A 945 -11.54 1.49 -34.33
OP2 5MC A 945 -10.68 -0.09 -32.54
O5' 5MC A 945 -11.56 2.15 -31.95
C5' 5MC A 945 -12.10 3.42 -32.29
C4' 5MC A 945 -12.22 4.30 -31.07
O4' 5MC A 945 -12.56 3.49 -29.93
C3' 5MC A 945 -10.95 5.01 -30.64
O3' 5MC A 945 -10.74 6.21 -31.37
C2' 5MC A 945 -11.17 5.24 -29.14
O2' 5MC A 945 -11.79 6.50 -28.91
C1' 5MC A 945 -12.14 4.13 -28.75
N1 5MC A 945 -11.54 3.12 -27.85
C2 5MC A 945 -11.07 3.48 -26.52
O2 5MC A 945 -11.14 4.61 -26.13
N3 5MC A 945 -10.53 2.47 -25.70
C4 5MC A 945 -10.46 1.23 -26.17
N4 5MC A 945 -9.91 0.32 -25.30
C5 5MC A 945 -10.92 0.84 -27.47
C6 5MC A 945 -11.46 1.82 -28.26
CM5 5MC A 945 -10.82 -0.61 -27.93
P 2MG A 1189 17.00 -21.77 -32.11
OP1 2MG A 1189 17.94 -22.72 -31.48
OP2 2MG A 1189 17.24 -21.30 -33.49
O5' 2MG A 1189 15.55 -22.42 -32.05
C5' 2MG A 1189 15.34 -23.69 -31.47
C4' 2MG A 1189 13.96 -23.80 -30.87
O4' 2MG A 1189 13.35 -22.48 -30.79
C3' 2MG A 1189 12.96 -24.64 -31.65
O3' 2MG A 1189 13.06 -26.03 -31.39
C2' 2MG A 1189 11.62 -24.04 -31.24
O2' 2MG A 1189 11.27 -24.46 -29.92
C1' 2MG A 1189 12.00 -22.55 -31.18
N9 2MG A 1189 11.86 -21.92 -32.49
C8 2MG A 1189 12.87 -21.31 -33.28
N7 2MG A 1189 12.39 -20.83 -34.44
C5 2MG A 1189 11.04 -21.15 -34.41
C6 2MG A 1189 10.09 -20.88 -35.42
O6 2MG A 1189 10.19 -20.31 -36.50
N1 2MG A 1189 8.79 -21.33 -35.09
C2 2MG A 1189 8.51 -21.99 -33.88
N2 2MG A 1189 7.19 -22.39 -33.69
CM2 2MG A 1189 6.74 -23.15 -32.53
N3 2MG A 1189 9.41 -22.26 -32.92
C4 2MG A 1189 10.68 -21.83 -33.23
P 5MC A 1383 -17.33 -1.20 -15.06
OP1 5MC A 1383 -16.30 -0.27 -15.55
OP2 5MC A 1383 -18.75 -0.90 -15.32
O5' 5MC A 1383 -17.01 -2.65 -15.63
C5' 5MC A 1383 -17.39 -3.82 -14.90
C4' 5MC A 1383 -17.22 -5.08 -15.70
O4' 5MC A 1383 -17.22 -4.75 -17.12
C3' 5MC A 1383 -15.93 -5.85 -15.44
O3' 5MC A 1383 -16.20 -7.25 -15.50
C2' 5MC A 1383 -15.05 -5.46 -16.63
O2' 5MC A 1383 -14.06 -6.42 -16.97
C1' 5MC A 1383 -16.09 -5.31 -17.74
N1 5MC A 1383 -15.67 -4.43 -18.83
C2 5MC A 1383 -15.65 -4.92 -20.21
O2 5MC A 1383 -15.98 -6.05 -20.47
N3 5MC A 1383 -15.26 -4.04 -21.23
C4 5MC A 1383 -14.90 -2.80 -20.90
N4 5MC A 1383 -14.52 -2.01 -21.97
C5 5MC A 1383 -14.90 -2.29 -19.57
C6 5MC A 1383 -15.30 -3.15 -18.58
CM5 5MC A 1383 -14.47 -0.86 -19.28
P 4OC A 1385 -13.62 -10.68 -10.11
OP1 4OC A 1385 -12.49 -11.62 -9.90
OP2 4OC A 1385 -14.70 -11.05 -11.02
O5' 4OC A 1385 -14.25 -10.40 -8.68
CM2 4OC A 1385 -16.24 -8.90 -2.69
C5' 4OC A 1385 -13.56 -10.74 -7.50
C4' 4OC A 1385 -14.20 -10.12 -6.28
O4' 4OC A 1385 -14.91 -8.92 -6.65
C3' 4OC A 1385 -15.25 -10.96 -5.58
C2' 4OC A 1385 -16.07 -9.92 -4.83
O2' 4OC A 1385 -15.41 -9.54 -3.63
C1' 4OC A 1385 -16.03 -8.74 -5.80
N1 4OC A 1385 -17.24 -8.68 -6.64
C2 4OC A 1385 -18.50 -8.34 -6.07
O2 4OC A 1385 -18.55 -8.12 -4.89
N3 4OC A 1385 -19.64 -8.28 -6.89
C4 4OC A 1385 -19.49 -8.54 -8.17
N4 4OC A 1385 -20.62 -8.49 -8.98
C5 4OC A 1385 -18.24 -8.88 -8.78
C6 4OC A 1385 -17.15 -8.93 -7.96
CM4 4OC A 1385 -21.89 -8.01 -8.46
O3' 4OC A 1385 -14.69 -11.96 -4.74
P 5MC A 1387 -19.69 -16.01 -1.42
OP1 5MC A 1387 -19.25 -16.82 -0.28
OP2 5MC A 1387 -19.56 -16.53 -2.79
O5' 5MC A 1387 -21.23 -15.63 -1.18
C5' 5MC A 1387 -21.61 -14.93 -0.02
C4' 5MC A 1387 -23.10 -14.63 -0.03
O4' 5MC A 1387 -23.41 -13.65 -1.05
C3' 5MC A 1387 -24.01 -15.80 -0.35
O3' 5MC A 1387 -24.21 -16.67 0.74
C2' 5MC A 1387 -25.28 -15.10 -0.82
O2' 5MC A 1387 -26.02 -14.62 0.28
C1' 5MC A 1387 -24.69 -13.90 -1.57
N1 5MC A 1387 -24.56 -14.16 -3.02
C2 5MC A 1387 -25.62 -13.79 -3.94
O2 5MC A 1387 -26.63 -13.25 -3.55
N3 5MC A 1387 -25.45 -14.06 -5.31
C4 5MC A 1387 -24.34 -14.65 -5.72
N4 5MC A 1387 -24.27 -14.87 -7.07
C5 5MC A 1387 -23.27 -15.04 -4.83
C6 5MC A 1387 -23.44 -14.77 -3.51
CM5 5MC A 1387 -22.02 -15.71 -5.38
P 5MC A 1390 -33.20 -25.24 -2.60
OP1 5MC A 1390 -34.21 -26.00 -1.87
OP2 5MC A 1390 -31.78 -25.35 -2.23
O5' 5MC A 1390 -33.34 -25.58 -4.14
C5' 5MC A 1390 -34.62 -25.61 -4.77
C4' 5MC A 1390 -34.51 -25.66 -6.27
O4' 5MC A 1390 -33.82 -24.47 -6.75
C3' 5MC A 1390 -33.69 -26.80 -6.85
O3' 5MC A 1390 -34.40 -28.03 -6.87
C2' 5MC A 1390 -33.32 -26.27 -8.23
O2' 5MC A 1390 -34.42 -26.40 -9.12
C1' 5MC A 1390 -33.10 -24.79 -7.93
N1 5MC A 1390 -31.66 -24.48 -7.71
C2 5MC A 1390 -30.81 -24.14 -8.83
O2 5MC A 1390 -31.25 -24.08 -9.96
N3 5MC A 1390 -29.46 -23.85 -8.59
C4 5MC A 1390 -29.00 -23.92 -7.34
N4 5MC A 1390 -27.67 -23.63 -7.20
C5 5MC A 1390 -29.83 -24.27 -6.21
C6 5MC A 1390 -31.14 -24.55 -6.46
CM5 5MC A 1390 -29.23 -24.32 -4.81
P UR3 A 1476 -32.45 -7.93 -10.58
OP1 UR3 A 1476 -33.41 -6.86 -10.34
OP2 UR3 A 1476 -31.59 -7.88 -11.76
O5' UR3 A 1476 -31.50 -8.05 -9.30
C5' UR3 A 1476 -32.03 -8.30 -8.00
C4' UR3 A 1476 -31.11 -7.80 -6.92
O4' UR3 A 1476 -30.03 -8.74 -6.75
C1' UR3 A 1476 -28.80 -8.20 -7.21
N1 UR3 A 1476 -28.23 -9.14 -8.19
C6 UR3 A 1476 -28.93 -9.55 -9.29
C2 UR3 A 1476 -26.91 -9.64 -8.01
O2 UR3 A 1476 -26.21 -9.32 -7.05
N3 UR3 A 1476 -26.40 -10.53 -8.97
C3U UR3 A 1476 -25.05 -11.01 -8.73
C4 UR3 A 1476 -27.11 -10.96 -10.09
O4 UR3 A 1476 -26.58 -11.74 -10.87
C5 UR3 A 1476 -28.42 -10.41 -10.20
C2' UR3 A 1476 -29.10 -6.81 -7.78
O2' UR3 A 1476 -28.07 -5.88 -7.48
C3' UR3 A 1476 -30.46 -6.45 -7.22
O3' UR3 A 1476 -30.39 -5.61 -6.06
C2 MA6 A 1496 -33.59 -13.53 -6.36
C2 MA6 A 1496 -35.22 -17.14 -3.97
C4 MA6 A 1496 -34.76 -14.70 -4.90
C4 MA6 A 1496 -35.90 -17.83 -1.98
C5 MA6 A 1496 -35.89 -13.82 -5.04
C5 MA6 A 1496 -37.17 -17.24 -2.18
P MA6 A 1496 -38.88 -17.51 -1.14
P MA6 A 1496 -38.55 -20.67 3.13
OP1 MA6 A 1496 -39.04 -18.23 0.12
OP1 MA6 A 1496 -38.34 -21.17 4.49
OP2 MA6 A 1496 -39.41 -16.16 -1.29
OP2 MA6 A 1496 -39.64 -19.71 2.87
O5' MA6 A 1496 -37.33 -17.44 -1.50
O5' MA6 A 1496 -37.18 -20.02 2.61
C5' MA6 A 1496 -36.54 -18.61 -1.61
C5' MA6 A 1496 -35.94 -20.65 2.90
C4' MA6 A 1496 -35.11 -18.26 -1.97
C4' MA6 A 1496 -34.85 -20.15 1.98
O4' MA6 A 1496 -35.06 -17.92 -3.38
O4' MA6 A 1496 -35.29 -20.25 0.61
C1' MA6 A 1496 -34.25 -16.78 -3.56
C1' MA6 A 1496 -34.78 -19.17 -0.15
N9 MA6 A 1496 -35.12 -15.65 -3.98
N9 MA6 A 1496 -35.91 -18.42 -0.73
N3 MA6 A 1496 -33.60 -14.58 -5.56
N3 MA6 A 1496 -34.89 -17.80 -2.87
N1 MA6 A 1496 -34.56 -12.61 -6.60
N1 MA6 A 1496 -36.38 -16.52 -4.31
C6 MA6 A 1496 -35.73 -12.74 -5.94
C6 MA6 A 1496 -37.38 -16.56 -3.40
N6 MA6 A 1496 -36.66 -11.76 -6.23
N6 MA6 A 1496 -38.54 -15.92 -3.80
C9 MA6 A 1496 -36.23 -10.55 -6.89
C9 MA6 A 1496 -38.50 -15.03 -4.94
C10 MA6 A 1496 -38.10 -11.96 -6.20
C10 MA6 A 1496 -39.79 -15.91 -3.05
N7 MA6 A 1496 -36.92 -14.25 -4.19
N7 MA6 A 1496 -37.96 -17.48 -1.03
C8 MA6 A 1496 -36.44 -15.35 -3.58
C8 MA6 A 1496 -37.18 -18.19 -0.20
C2' MA6 A 1496 -33.54 -16.50 -2.25
C2' MA6 A 1496 -33.90 -18.32 0.77
O2' MA6 A 1496 -32.34 -17.27 -2.23
O2' MA6 A 1496 -32.56 -18.75 0.63
C3' MA6 A 1496 -34.54 -17.05 -1.25
C3' MA6 A 1496 -34.44 -18.69 2.15
O3' MA6 A 1496 -33.97 -17.38 0.00
O3' MA6 A 1496 -33.49 -18.52 3.19
C2 MA6 A 1497 -31.68 -10.43 -4.90
C2 MA6 A 1497 -35.38 -12.98 -3.81
C4 MA6 A 1497 -32.15 -11.83 -3.24
C4 MA6 A 1497 -34.75 -13.85 -1.86
C5 MA6 A 1497 -33.46 -11.30 -3.12
C5 MA6 A 1497 -36.07 -13.67 -1.34
P MA6 A 1497 -33.90 -16.30 1.18
P MA6 A 1497 -33.18 -17.06 3.79
OP1 MA6 A 1497 -33.48 -16.98 2.40
OP1 MA6 A 1497 -32.02 -17.19 4.67
OP2 MA6 A 1497 -35.15 -15.52 1.16
OP2 MA6 A 1497 -34.43 -16.50 4.31
O5' MA6 A 1497 -32.72 -15.31 0.73
O5' MA6 A 1497 -32.72 -16.21 2.52
C5' MA6 A 1497 -31.36 -15.76 0.77
C5' MA6 A 1497 -31.38 -16.26 2.04
C4' MA6 A 1497 -30.50 -14.98 -0.19
C4' MA6 A 1497 -31.21 -15.50 0.75
O4' MA6 A 1497 -31.16 -14.85 -1.48
O4' MA6 A 1497 -32.27 -15.85 -0.18
C1' MA6 A 1497 -30.81 -13.63 -2.09
C1' MA6 A 1497 -32.56 -14.75 -1.01
N9 MA6 A 1497 -32.02 -12.83 -2.30
N9 MA6 A 1497 -34.00 -14.41 -0.86
N3 MA6 A 1497 -31.22 -11.41 -4.13
N3 MA6 A 1497 -34.38 -13.50 -3.11
N1 MA6 A 1497 -32.89 -9.82 -4.91
N1 MA6 A 1497 -36.67 -12.75 -3.46
C6 MA6 A 1497 -33.81 -10.25 -4.00
C6 MA6 A 1497 -37.04 -13.10 -2.20
N6 MA6 A 1497 -35.02 -9.59 -4.07
N6 MA6 A 1497 -38.36 -12.85 -1.89
C9 MA6 A 1497 -35.08 -8.28 -4.66
C9 MA6 A 1497 -39.16 -12.03 -2.78
C10 MA6 A 1497 -36.20 -9.97 -3.30
C10 MA6 A 1497 -39.10 -13.46 -0.79
N7 MA6 A 1497 -34.13 -11.98 -2.10
N7 MA6 A 1497 -36.09 -14.14 -0.01
C8 MA6 A 1497 -33.25 -12.88 -1.62
C8 MA6 A 1497 -34.84 -14.57 0.24
C2' MA6 A 1497 -29.82 -12.92 -1.15
C2' MA6 A 1497 -31.66 -13.59 -0.58
O2' MA6 A 1497 -28.50 -13.28 -1.52
O2' MA6 A 1497 -30.49 -13.61 -1.40
C3' MA6 A 1497 -30.19 -13.53 0.19
C3' MA6 A 1497 -31.30 -13.99 0.84
O3' MA6 A 1497 -29.18 -13.43 1.17
O3' MA6 A 1497 -30.10 -13.38 1.32
N1 PSU A 1518 -36.61 5.47 -13.38
C2 PSU A 1518 -36.80 4.70 -14.42
N3 PSU A 1518 -36.91 3.40 -14.26
C4 PSU A 1518 -36.84 2.83 -13.07
C5 PSU A 1518 -36.64 3.62 -11.95
C6 PSU A 1518 -36.53 4.99 -12.15
O2 PSU A 1518 -36.86 5.17 -15.51
O4 PSU A 1518 -36.96 1.66 -12.99
C1' PSU A 1518 -36.57 3.03 -10.53
C2' PSU A 1518 -35.59 1.89 -10.26
O2' PSU A 1518 -36.25 0.90 -9.48
C3' PSU A 1518 -34.51 2.59 -9.46
C4' PSU A 1518 -35.31 3.60 -8.64
O3' PSU A 1518 -33.75 1.71 -8.66
O4' PSU A 1518 -36.34 4.04 -9.57
C5' PSU A 1518 -34.55 4.79 -8.11
O5' PSU A 1518 -34.18 5.69 -9.16
P PSU A 1518 -33.68 7.16 -8.83
OP1 PSU A 1518 -32.65 7.07 -7.74
OP2 PSU A 1518 -33.34 7.84 -10.14
N1 PSU A 1519 -31.92 4.84 -12.33
C2 PSU A 1519 -32.04 5.78 -13.24
N3 PSU A 1519 -32.32 5.44 -14.49
C4 PSU A 1519 -32.47 4.18 -14.86
C5 PSU A 1519 -32.35 3.16 -13.92
C6 PSU A 1519 -32.06 3.56 -12.63
O2 PSU A 1519 -31.91 6.92 -12.96
O4 PSU A 1519 -32.72 3.94 -15.99
C1' PSU A 1519 -32.52 1.68 -14.26
C2' PSU A 1519 -31.27 0.82 -14.47
O2' PSU A 1519 -31.57 -0.18 -15.43
C3' PSU A 1519 -31.09 0.21 -13.09
C4' PSU A 1519 -32.52 -0.02 -12.63
O3' PSU A 1519 -30.32 -0.99 -13.10
O4' PSU A 1519 -33.27 1.07 -13.24
C5' PSU A 1519 -32.73 0.01 -11.14
O5' PSU A 1519 -32.21 1.21 -10.59
P PSU A 1519 -32.20 1.47 -9.02
OP1 PSU A 1519 -31.73 0.21 -8.32
OP2 PSU A 1519 -31.48 2.78 -8.82
N VAL B 1 31.57 40.83 33.01
CA VAL B 1 30.89 39.90 32.12
C VAL B 1 29.78 39.16 32.88
N LYS B 2 28.91 39.93 33.52
CA LYS B 2 27.81 39.36 34.30
C LYS B 2 26.72 40.42 34.44
N GLU B 3 25.62 40.02 35.09
CA GLU B 3 24.53 40.95 35.37
C GLU B 3 23.82 40.49 36.64
N LEU B 4 23.47 41.46 37.48
CA LEU B 4 22.84 41.21 38.76
C LEU B 4 21.47 41.84 38.91
N LEU B 5 21.31 43.07 38.39
CA LEU B 5 20.08 43.85 38.53
C LEU B 5 19.15 43.69 37.34
N GLU B 6 19.13 42.50 36.73
CA GLU B 6 18.42 42.34 35.47
C GLU B 6 16.93 42.20 35.62
N ALA B 7 16.41 42.07 36.85
CA ALA B 7 14.96 42.07 37.03
C ALA B 7 14.30 43.23 36.29
N GLY B 8 14.91 44.42 36.38
CA GLY B 8 14.44 45.62 35.70
C GLY B 8 14.06 45.45 34.25
N VAL B 9 14.35 44.29 33.65
CA VAL B 9 13.94 43.97 32.29
C VAL B 9 13.14 42.68 32.21
N HIS B 10 13.53 41.65 32.98
CA HIS B 10 13.43 40.27 32.53
C HIS B 10 12.43 39.39 33.28
N PHE B 11 11.80 39.86 34.36
CA PHE B 11 11.22 38.98 35.37
C PHE B 11 10.63 37.64 34.86
N GLY B 12 9.65 37.69 33.98
CA GLY B 12 8.94 36.49 33.63
C GLY B 12 8.18 36.56 32.32
N HIS B 13 7.39 35.51 32.05
CA HIS B 13 6.74 35.39 30.75
C HIS B 13 5.67 34.30 30.80
N GLU B 14 4.90 34.19 29.71
CA GLU B 14 4.08 33.01 29.45
C GLU B 14 3.04 32.63 30.51
N ARG B 15 1.95 33.39 30.63
CA ARG B 15 1.02 33.33 31.75
C ARG B 15 0.70 31.93 32.29
N LYS B 16 0.05 31.07 31.49
CA LYS B 16 -0.04 29.66 31.84
C LYS B 16 -0.27 28.86 30.55
N ARG B 17 0.85 28.44 29.95
CA ARG B 17 0.87 27.40 28.93
C ARG B 17 2.10 26.54 29.13
N TRP B 18 2.56 26.45 30.38
CA TRP B 18 3.89 25.99 30.74
C TRP B 18 4.12 24.52 30.35
N ASN B 19 5.41 24.19 30.20
CA ASN B 19 5.84 22.80 30.18
C ASN B 19 6.20 22.46 31.62
N PRO B 20 5.50 21.54 32.28
CA PRO B 20 5.74 21.33 33.72
C PRO B 20 7.19 20.99 34.07
N LYS B 21 7.95 20.44 33.13
CA LYS B 21 9.36 20.15 33.37
C LYS B 21 10.15 21.41 33.72
N PHE B 22 9.67 22.57 33.29
CA PHE B 22 10.30 23.86 33.56
C PHE B 22 9.99 24.38 34.96
N ALA B 23 9.15 23.68 35.72
CA ALA B 23 8.70 24.16 37.03
C ALA B 23 9.86 24.45 37.97
N ARG B 24 11.02 23.82 37.77
CA ARG B 24 12.15 24.03 38.66
C ARG B 24 12.70 25.45 38.57
N TYR B 25 12.37 26.19 37.51
CA TYR B 25 12.89 27.54 37.32
C TYR B 25 11.83 28.61 37.55
N ILE B 26 10.66 28.24 38.05
CA ILE B 26 9.55 29.17 38.28
C ILE B 26 9.53 29.57 39.74
N TYR B 27 9.19 30.83 40.01
CA TYR B 27 9.09 31.33 41.37
C TYR B 27 7.65 31.28 41.87
N ALA B 28 6.74 31.99 41.18
CA ALA B 28 5.33 32.03 41.58
C ALA B 28 4.54 32.64 40.43
N GLU B 29 3.21 32.59 40.56
CA GLU B 29 2.29 33.20 39.61
C GLU B 29 1.91 34.58 40.13
N ARG B 30 2.45 35.62 39.51
CA ARG B 30 2.11 37.00 39.82
C ARG B 30 1.21 37.54 38.72
N ASN B 31 -0.02 37.90 39.08
CA ASN B 31 -1.03 38.37 38.13
C ASN B 31 -1.30 37.33 37.03
N GLY B 32 -1.17 36.06 37.38
CA GLY B 32 -1.42 34.99 36.44
C GLY B 32 -0.31 34.72 35.45
N ILE B 33 0.88 35.28 35.66
CA ILE B 33 2.03 35.06 34.78
C ILE B 33 3.08 34.29 35.56
N HIS B 34 3.71 33.32 34.90
CA HIS B 34 4.83 32.61 35.50
C HIS B 34 6.05 33.52 35.55
N ILE B 35 6.55 33.78 36.76
CA ILE B 35 7.69 34.65 36.96
C ILE B 35 8.92 33.77 37.16
N ILE B 36 9.87 33.87 36.23
CA ILE B 36 11.05 33.01 36.27
C ILE B 36 11.95 33.40 37.43
N ASP B 37 12.49 32.39 38.13
CA ASP B 37 13.42 32.65 39.21
C ASP B 37 14.70 33.26 38.66
N LEU B 38 15.13 34.37 39.27
CA LEU B 38 16.25 35.13 38.73
C LEU B 38 17.60 34.58 39.18
N GLN B 39 17.69 34.14 40.44
CA GLN B 39 18.96 33.59 40.93
C GLN B 39 19.31 32.28 40.25
N LYS B 40 18.31 31.43 39.98
CA LYS B 40 18.53 30.24 39.17
C LYS B 40 19.03 30.61 37.78
N THR B 41 18.46 31.67 37.20
CA THR B 41 18.95 32.18 35.93
C THR B 41 20.42 32.55 36.03
N MET B 42 20.81 33.21 37.13
CA MET B 42 22.21 33.60 37.29
C MET B 42 23.13 32.38 37.43
N GLU B 43 22.68 31.34 38.14
CA GLU B 43 23.49 30.14 38.30
C GLU B 43 23.69 29.44 36.95
N GLU B 44 22.59 29.18 36.25
CA GLU B 44 22.69 28.56 34.93
C GLU B 44 23.42 29.46 33.95
N LEU B 45 23.38 30.77 34.14
CA LEU B 45 24.16 31.67 33.30
C LEU B 45 25.64 31.54 33.58
N GLU B 46 26.02 31.41 34.85
CA GLU B 46 27.41 31.15 35.18
C GLU B 46 27.91 29.89 34.48
N ARG B 47 27.15 28.80 34.61
CA ARG B 47 27.55 27.54 33.98
C ARG B 47 27.62 27.67 32.46
N THR B 48 26.57 28.25 31.87
CA THR B 48 26.50 28.42 30.42
C THR B 48 27.65 29.29 29.91
N PHE B 49 27.89 30.42 30.56
CA PHE B 49 28.95 31.33 30.13
C PHE B 49 30.32 30.70 30.30
N ARG B 50 30.52 29.88 31.34
CA ARG B 50 31.78 29.15 31.46
C ARG B 50 31.98 28.23 30.26
N PHE B 51 30.94 27.47 29.91
CA PHE B 51 31.03 26.63 28.72
C PHE B 51 31.29 27.45 27.46
N ILE B 52 30.61 28.59 27.33
CA ILE B 52 30.74 29.41 26.13
C ILE B 52 32.15 29.97 26.02
N GLU B 53 32.70 30.46 27.14
CA GLU B 53 34.06 30.99 27.12
C GLU B 53 35.07 29.91 26.78
N ASP B 54 34.92 28.72 27.38
CA ASP B 54 35.84 27.63 27.07
C ASP B 54 35.79 27.29 25.58
N LEU B 55 34.58 27.14 25.04
CA LEU B 55 34.41 26.81 23.63
C LEU B 55 35.00 27.89 22.74
N ALA B 56 34.70 29.16 23.04
CA ALA B 56 35.13 30.26 22.18
C ALA B 56 36.64 30.41 22.19
N MET B 57 37.25 30.49 23.38
CA MET B 57 38.69 30.66 23.44
C MET B 57 39.44 29.40 23.01
N ARG B 58 38.75 28.25 22.95
CA ARG B 58 39.34 27.10 22.29
C ARG B 58 39.38 27.29 20.77
N GLY B 59 38.56 28.17 20.24
CA GLY B 59 38.50 28.40 18.81
C GLY B 59 37.30 27.78 18.12
N GLY B 60 36.23 27.49 18.87
CA GLY B 60 35.09 26.79 18.31
C GLY B 60 34.10 27.72 17.64
N THR B 61 33.02 27.10 17.14
CA THR B 61 31.97 27.80 16.43
C THR B 61 30.62 27.59 17.12
N ILE B 62 29.76 28.59 17.02
CA ILE B 62 28.42 28.55 17.59
C ILE B 62 27.43 29.00 16.53
N LEU B 63 26.39 28.21 16.32
CA LEU B 63 25.35 28.56 15.34
C LEU B 63 24.23 29.28 16.09
N PHE B 64 24.15 30.59 15.91
CA PHE B 64 23.09 31.38 16.53
C PHE B 64 21.83 31.26 15.69
N VAL B 65 20.77 30.71 16.29
CA VAL B 65 19.54 30.39 15.57
C VAL B 65 18.40 31.11 16.25
N GLY B 66 17.68 31.93 15.49
CA GLY B 66 16.46 32.56 15.98
C GLY B 66 15.57 32.95 14.82
N THR B 67 14.34 32.45 14.83
CA THR B 67 13.36 32.75 13.78
C THR B 67 12.18 33.54 14.31
N LYS B 68 12.11 33.77 15.62
CA LYS B 68 11.10 34.65 16.17
C LYS B 68 11.20 36.03 15.55
N LYS B 69 10.05 36.62 15.25
CA LYS B 69 10.04 37.98 14.70
C LYS B 69 10.77 38.96 15.62
N GLN B 70 10.83 38.65 16.93
CA GLN B 70 11.53 39.50 17.87
C GLN B 70 13.04 39.30 17.82
N ALA B 71 13.51 38.12 17.41
CA ALA B 71 14.91 37.78 17.53
C ALA B 71 15.70 37.97 16.24
N GLN B 72 15.04 38.23 15.11
CA GLN B 72 15.72 38.13 13.83
C GLN B 72 16.93 39.06 13.72
N ASP B 73 16.69 40.38 13.77
CA ASP B 73 17.76 41.32 13.50
C ASP B 73 18.78 41.37 14.63
N ILE B 74 18.35 41.11 15.87
CA ILE B 74 19.31 41.02 16.97
C ILE B 74 20.23 39.83 16.80
N VAL B 75 19.67 38.68 16.40
CA VAL B 75 20.52 37.53 16.08
C VAL B 75 21.51 37.91 14.98
N ARG B 76 21.03 38.56 13.92
CA ARG B 76 21.92 38.99 12.83
C ARG B 76 23.05 39.86 13.36
N MET B 77 22.72 40.91 14.11
CA MET B 77 23.75 41.84 14.60
C MET B 77 24.75 41.15 15.51
N GLU B 78 24.26 40.44 16.52
CA GLU B 78 25.17 39.84 17.49
C GLU B 78 25.99 38.70 16.90
N ALA B 79 25.46 38.00 15.89
CA ALA B 79 26.25 36.96 15.25
C ALA B 79 27.25 37.52 14.26
N GLU B 80 26.97 38.69 13.68
CA GLU B 80 27.96 39.33 12.82
C GLU B 80 29.05 40.02 13.64
N ARG B 81 28.73 40.46 14.86
CA ARG B 81 29.77 40.99 15.74
C ARG B 81 30.83 39.93 16.03
N ALA B 82 30.40 38.78 16.54
CA ALA B 82 31.29 37.63 16.62
C ALA B 82 31.51 37.06 15.22
N GLY B 83 32.40 36.09 15.12
CA GLY B 83 32.61 35.43 13.86
C GLY B 83 31.65 34.29 13.58
N MET B 84 30.59 34.17 14.35
CA MET B 84 29.74 33.00 14.31
C MET B 84 28.67 33.13 13.23
N PRO B 85 28.40 32.06 12.50
CA PRO B 85 27.28 32.07 11.55
C PRO B 85 25.95 32.02 12.28
N TYR B 86 24.89 32.43 11.57
CA TYR B 86 23.56 32.45 12.14
C TYR B 86 22.52 31.98 11.14
N VAL B 87 21.41 31.49 11.66
CA VAL B 87 20.24 31.11 10.87
C VAL B 87 19.12 32.07 11.23
N ASN B 88 18.75 32.92 10.28
CA ASN B 88 17.83 34.02 10.53
C ASN B 88 16.49 33.87 9.86
N GLN B 89 16.46 33.52 8.58
CA GLN B 89 15.21 33.47 7.83
C GLN B 89 14.31 32.33 8.31
N ARG B 90 14.80 31.09 8.20
CA ARG B 90 14.04 29.91 8.57
C ARG B 90 15.01 28.75 8.69
N TRP B 91 14.76 27.87 9.67
CA TRP B 91 15.60 26.71 9.88
C TRP B 91 15.16 25.59 8.94
N LEU B 92 16.01 25.28 7.96
CA LEU B 92 15.68 24.30 6.94
C LEU B 92 15.97 22.88 7.43
N GLY B 93 15.08 21.96 7.11
CA GLY B 93 15.27 20.58 7.51
C GLY B 93 16.53 19.96 6.94
N GLY B 94 17.51 19.72 7.79
CA GLY B 94 18.75 19.09 7.38
C GLY B 94 19.96 20.01 7.34
N MET B 95 19.83 21.26 7.83
CA MET B 95 20.97 22.17 7.78
C MET B 95 22.18 21.59 8.52
N LEU B 96 21.94 20.73 9.50
CA LEU B 96 23.02 20.04 10.20
C LEU B 96 23.12 18.58 9.83
N THR B 97 22.00 17.83 9.90
CA THR B 97 22.07 16.40 9.64
C THR B 97 22.43 16.13 8.19
N ASN B 98 21.77 16.81 7.26
CA ASN B 98 22.15 16.77 5.85
C ASN B 98 22.99 17.99 5.49
N PHE B 99 24.14 18.10 6.15
CA PHE B 99 24.97 19.30 5.99
C PHE B 99 25.57 19.38 4.60
N LYS B 100 25.84 18.23 3.96
CA LYS B 100 26.51 18.23 2.67
C LYS B 100 25.67 18.91 1.59
N THR B 101 24.35 18.69 1.61
CA THR B 101 23.51 19.24 0.56
C THR B 101 23.31 20.74 0.73
N ILE B 102 23.11 21.20 1.96
CA ILE B 102 23.03 22.64 2.20
C ILE B 102 24.37 23.30 1.88
N SER B 103 25.48 22.57 2.10
CA SER B 103 26.79 23.08 1.72
C SER B 103 26.91 23.18 0.19
N GLN B 104 26.29 22.24 -0.53
CA GLN B 104 26.24 22.36 -1.99
C GLN B 104 25.43 23.58 -2.42
N ARG B 105 24.36 23.89 -1.68
CA ARG B 105 23.61 25.13 -1.95
C ARG B 105 24.49 26.35 -1.74
N VAL B 106 25.31 26.34 -0.67
CA VAL B 106 26.25 27.44 -0.45
C VAL B 106 27.29 27.49 -1.56
N HIS B 107 27.69 26.33 -2.09
CA HIS B 107 28.57 26.29 -3.25
C HIS B 107 27.94 26.99 -4.44
N ARG B 108 26.67 26.69 -4.72
CA ARG B 108 25.98 27.36 -5.81
C ARG B 108 25.89 28.86 -5.57
N LEU B 109 25.66 29.26 -4.31
CA LEU B 109 25.63 30.69 -3.97
C LEU B 109 26.97 31.35 -4.28
N GLU B 110 28.07 30.75 -3.84
CA GLU B 110 29.39 31.30 -4.13
C GLU B 110 29.64 31.36 -5.63
N GLU B 111 29.24 30.32 -6.35
CA GLU B 111 29.45 30.28 -7.80
C GLU B 111 28.70 31.40 -8.50
N LEU B 112 27.43 31.61 -8.13
CA LEU B 112 26.65 32.65 -8.78
C LEU B 112 27.14 34.05 -8.40
N GLU B 113 27.56 34.24 -7.14
CA GLU B 113 28.13 35.52 -6.76
C GLU B 113 29.43 35.80 -7.50
N ALA B 114 30.23 34.75 -7.76
CA ALA B 114 31.46 34.94 -8.52
C ALA B 114 31.17 35.19 -10.00
N LEU B 115 30.06 34.64 -10.51
CA LEU B 115 29.69 34.86 -11.90
C LEU B 115 28.84 36.11 -12.10
N PHE B 116 28.42 36.76 -11.03
CA PHE B 116 27.84 38.10 -11.12
C PHE B 116 28.89 39.19 -10.98
N ALA B 117 30.11 38.84 -10.56
CA ALA B 117 31.22 39.78 -10.49
C ALA B 117 32.12 39.70 -11.72
N SER B 118 31.77 38.88 -12.69
CA SER B 118 32.49 38.74 -13.95
C SER B 118 31.77 39.52 -15.04
N PRO B 119 32.41 39.72 -16.20
CA PRO B 119 31.72 40.35 -17.32
C PRO B 119 30.65 39.48 -17.96
N GLU B 120 30.46 38.25 -17.49
CA GLU B 120 29.56 37.29 -18.14
C GLU B 120 28.10 37.46 -17.75
N ILE B 121 27.76 38.49 -16.98
CA ILE B 121 26.37 38.68 -16.59
C ILE B 121 25.51 39.00 -17.81
N GLU B 122 25.94 39.98 -18.60
CA GLU B 122 25.21 40.41 -19.78
C GLU B 122 25.56 39.59 -21.02
N GLU B 123 26.51 38.66 -20.91
CA GLU B 123 26.81 37.81 -22.05
C GLU B 123 25.69 36.80 -22.30
N ARG B 124 24.96 36.44 -21.26
CA ARG B 124 23.85 35.51 -21.34
C ARG B 124 22.56 36.25 -21.67
N PRO B 125 21.54 35.55 -22.19
CA PRO B 125 20.28 36.21 -22.53
C PRO B 125 19.62 36.81 -21.30
N LYS B 126 18.63 37.68 -21.56
CA LYS B 126 17.96 38.40 -20.49
C LYS B 126 17.23 37.46 -19.54
N LYS B 127 16.57 36.43 -20.10
CA LYS B 127 15.81 35.50 -19.26
C LYS B 127 16.71 34.75 -18.29
N GLU B 128 17.85 34.25 -18.78
CA GLU B 128 18.81 33.60 -17.88
C GLU B 128 19.30 34.58 -16.82
N GLN B 129 19.51 35.84 -17.20
CA GLN B 129 19.96 36.83 -16.24
C GLN B 129 18.94 37.01 -15.13
N VAL B 130 17.65 37.08 -15.48
CA VAL B 130 16.61 37.25 -14.47
C VAL B 130 16.48 35.99 -13.61
N ARG B 131 16.59 34.81 -14.22
CA ARG B 131 16.54 33.57 -13.45
C ARG B 131 17.65 33.52 -12.40
N LEU B 132 18.88 33.73 -12.84
CA LEU B 132 20.01 33.71 -11.91
C LEU B 132 19.94 34.86 -10.92
N LYS B 133 19.31 35.97 -11.30
CA LYS B 133 19.10 37.07 -10.37
C LYS B 133 18.21 36.63 -9.21
N HIS B 134 17.07 36.02 -9.52
CA HIS B 134 16.19 35.50 -8.48
C HIS B 134 16.87 34.43 -7.63
N GLU B 135 17.65 33.56 -8.29
CA GLU B 135 18.41 32.54 -7.58
C GLU B 135 19.33 33.17 -6.54
N LEU B 136 20.16 34.12 -6.98
CA LEU B 136 21.07 34.80 -6.07
C LEU B 136 20.32 35.51 -4.96
N GLU B 137 19.20 36.15 -5.30
CA GLU B 137 18.44 36.88 -4.29
C GLU B 137 17.96 35.96 -3.18
N ARG B 138 17.34 34.83 -3.54
CA ARG B 138 16.81 33.96 -2.49
C ARG B 138 17.92 33.20 -1.76
N LEU B 139 19.03 32.88 -2.44
CA LEU B 139 20.14 32.27 -1.74
C LEU B 139 20.75 33.24 -0.73
N GLN B 140 20.93 34.50 -1.11
CA GLN B 140 21.42 35.50 -0.17
C GLN B 140 20.40 35.79 0.93
N LYS B 141 19.12 35.57 0.64
CA LYS B 141 18.11 35.68 1.68
C LYS B 141 18.28 34.60 2.73
N TYR B 142 18.28 33.33 2.31
CA TYR B 142 18.30 32.23 3.26
C TYR B 142 19.68 32.05 3.90
N LEU B 143 20.71 31.81 3.10
CA LEU B 143 22.00 31.39 3.61
C LEU B 143 22.90 32.55 4.03
N SER B 144 22.33 33.75 4.22
CA SER B 144 23.15 34.93 4.52
C SER B 144 24.04 34.71 5.73
N GLY B 145 23.52 34.07 6.76
CA GLY B 145 24.32 33.79 7.93
C GLY B 145 25.01 32.43 7.88
N PHE B 146 24.35 31.47 7.23
CA PHE B 146 24.84 30.09 7.16
C PHE B 146 26.04 30.04 6.23
N ARG B 147 26.30 31.18 5.60
CA ARG B 147 27.40 31.30 4.64
C ARG B 147 28.69 30.68 5.15
N LEU B 148 29.19 31.13 6.30
CA LEU B 148 30.56 30.87 6.70
C LEU B 148 30.74 29.58 7.50
N LEU B 149 29.86 28.60 7.35
CA LEU B 149 30.06 27.30 7.99
C LEU B 149 30.84 26.38 7.07
N LYS B 150 32.07 26.04 7.47
CA LYS B 150 32.88 25.09 6.72
C LYS B 150 32.63 23.66 7.16
N ARG B 151 32.47 23.42 8.46
CA ARG B 151 32.03 22.14 8.97
C ARG B 151 30.95 22.39 10.02
N LEU B 152 30.31 21.31 10.47
CA LEU B 152 29.24 21.39 11.45
C LEU B 152 29.71 22.15 12.69
N PRO B 153 28.85 22.94 13.31
CA PRO B 153 29.28 23.80 14.42
C PRO B 153 29.62 22.97 15.65
N ASP B 154 30.34 23.62 16.57
CA ASP B 154 30.71 22.99 17.83
C ASP B 154 29.71 23.29 18.93
N ALA B 155 28.69 24.09 18.63
CA ALA B 155 27.64 24.46 19.58
C ALA B 155 26.56 25.18 18.81
N ILE B 156 25.41 25.35 19.45
CA ILE B 156 24.23 25.97 18.83
C ILE B 156 23.48 26.77 19.89
N PHE B 157 23.32 28.06 19.66
CA PHE B 157 22.68 28.98 20.59
C PHE B 157 21.33 29.37 20.00
N VAL B 158 20.26 28.81 20.54
CA VAL B 158 18.91 29.07 20.04
C VAL B 158 18.20 30.03 20.98
N VAL B 159 17.28 30.82 20.42
CA VAL B 159 16.56 31.83 21.19
C VAL B 159 15.21 31.30 21.71
N ASP B 160 14.60 30.36 21.02
CA ASP B 160 13.40 29.69 21.50
C ASP B 160 13.48 28.21 21.12
N PRO B 161 13.83 27.34 22.07
CA PRO B 161 13.86 25.90 21.76
C PRO B 161 12.51 25.30 21.47
N THR B 162 11.42 25.95 21.89
CA THR B 162 10.09 25.45 21.56
C THR B 162 9.78 25.66 20.08
N LYS B 163 9.99 26.87 19.57
CA LYS B 163 9.75 27.15 18.17
C LYS B 163 10.82 26.55 17.28
N GLU B 164 12.03 26.32 17.80
CA GLU B 164 13.12 25.77 17.02
C GLU B 164 13.42 24.33 17.38
N ALA B 165 12.40 23.58 17.84
CA ALA B 165 12.62 22.22 18.30
C ALA B 165 13.17 21.31 17.21
N ILE B 166 12.99 21.69 15.94
CA ILE B 166 13.55 20.90 14.85
C ILE B 166 15.07 21.05 14.81
N ALA B 167 15.56 22.28 14.94
CA ALA B 167 16.99 22.52 15.05
C ALA B 167 17.57 21.83 16.27
N VAL B 168 16.86 21.90 17.41
CA VAL B 168 17.33 21.25 18.62
C VAL B 168 17.40 19.75 18.42
N ARG B 169 16.38 19.18 17.75
CA ARG B 169 16.37 17.75 17.47
C ARG B 169 17.56 17.35 16.61
N GLU B 170 17.84 18.12 15.56
CA GLU B 170 19.00 17.82 14.71
C GLU B 170 20.29 17.87 15.51
N ALA B 171 20.50 18.96 16.26
CA ALA B 171 21.73 19.09 17.05
C ALA B 171 21.85 17.96 18.07
N ARG B 172 20.75 17.58 18.70
CA ARG B 172 20.72 16.42 19.57
C ARG B 172 21.21 15.18 18.84
N LYS B 173 20.60 14.89 17.69
CA LYS B 173 20.93 13.69 16.93
C LYS B 173 22.40 13.67 16.53
N LEU B 174 22.98 14.84 16.26
CA LEU B 174 24.39 14.91 15.88
C LEU B 174 25.32 15.09 17.07
N PHE B 175 24.80 14.95 18.30
CA PHE B 175 25.60 15.10 19.52
C PHE B 175 26.18 16.51 19.65
N ILE B 176 25.50 17.50 19.08
CA ILE B 176 25.95 18.88 19.15
C ILE B 176 25.35 19.53 20.39
N PRO B 177 26.14 20.21 21.22
CA PRO B 177 25.60 20.85 22.42
C PRO B 177 24.61 21.95 22.07
N VAL B 178 23.73 22.24 23.02
CA VAL B 178 22.63 23.17 22.82
C VAL B 178 22.65 24.19 23.96
N ILE B 179 23.00 25.43 23.64
CA ILE B 179 22.74 26.57 24.50
C ILE B 179 21.42 27.18 24.05
N ALA B 180 20.56 27.53 25.00
CA ALA B 180 19.23 27.98 24.63
C ALA B 180 18.72 29.01 25.63
N LEU B 181 18.23 30.13 25.10
CA LEU B 181 17.39 31.03 25.88
C LEU B 181 16.00 30.40 25.95
N ALA B 182 15.59 29.96 27.14
CA ALA B 182 14.40 29.13 27.27
C ALA B 182 13.44 29.77 28.27
N ASP B 183 12.23 30.09 27.81
CA ASP B 183 11.18 30.58 28.69
C ASP B 183 10.32 29.41 29.16
N THR B 184 9.14 29.75 29.69
CA THR B 184 8.33 28.78 30.43
C THR B 184 7.90 27.61 29.56
N ASP B 185 7.51 27.88 28.31
CA ASP B 185 6.98 26.81 27.45
C ASP B 185 8.05 25.87 26.92
N SER B 186 9.31 26.04 27.29
CA SER B 186 10.37 25.22 26.73
C SER B 186 10.49 23.89 27.48
N ASP B 187 11.11 22.92 26.81
CA ASP B 187 11.44 21.64 27.43
C ASP B 187 12.89 21.69 27.87
N PRO B 188 13.18 21.86 29.15
CA PRO B 188 14.59 22.07 29.58
C PRO B 188 15.45 20.83 29.44
N ASP B 189 14.86 19.63 29.39
CA ASP B 189 15.67 18.42 29.30
C ASP B 189 16.41 18.32 27.98
N LEU B 190 15.85 18.88 26.92
CA LEU B 190 16.50 18.84 25.60
C LEU B 190 17.69 19.78 25.49
N VAL B 191 17.80 20.76 26.39
CA VAL B 191 18.84 21.78 26.31
C VAL B 191 20.00 21.38 27.21
N ASP B 192 21.22 21.55 26.69
CA ASP B 192 22.42 21.22 27.46
C ASP B 192 22.82 22.34 28.40
N TYR B 193 22.76 23.59 27.94
CA TYR B 193 23.08 24.76 28.76
C TYR B 193 21.96 25.79 28.57
N ILE B 194 21.07 25.87 29.54
CA ILE B 194 19.82 26.60 29.40
C ILE B 194 19.93 27.93 30.14
N ILE B 195 19.43 28.99 29.51
CA ILE B 195 19.33 30.30 30.14
C ILE B 195 17.86 30.61 30.33
N PRO B 196 17.27 30.35 31.49
CA PRO B 196 15.83 30.62 31.69
C PRO B 196 15.53 32.10 31.63
N GLY B 197 14.68 32.48 30.69
CA GLY B 197 14.33 33.88 30.50
C GLY B 197 13.40 34.04 29.32
N ASN B 198 12.88 35.27 29.18
CA ASN B 198 11.94 35.63 28.12
C ASN B 198 12.49 35.37 26.72
N ASP B 199 11.89 34.43 26.00
CA ASP B 199 12.28 34.17 24.61
C ASP B 199 11.73 35.24 23.67
N ASP B 200 10.60 35.84 24.02
CA ASP B 200 10.09 37.04 23.38
C ASP B 200 10.67 38.25 24.11
N ALA B 201 10.09 39.44 23.92
CA ALA B 201 10.46 40.63 24.70
C ALA B 201 11.92 41.01 24.45
N ILE B 202 12.12 41.57 23.25
CA ILE B 202 13.42 41.98 22.69
C ILE B 202 14.34 42.60 23.75
N ARG B 203 13.75 43.44 24.62
CA ARG B 203 14.51 44.11 25.68
C ARG B 203 15.46 43.16 26.41
N SER B 204 15.09 41.89 26.58
CA SER B 204 15.93 40.95 27.29
C SER B 204 16.81 40.11 26.37
N ILE B 205 16.30 39.77 25.18
CA ILE B 205 17.11 39.07 24.18
C ILE B 205 18.36 39.87 23.86
N GLN B 206 18.19 41.19 23.66
CA GLN B 206 19.34 42.04 23.39
C GLN B 206 20.40 41.87 24.48
N LEU B 207 19.98 41.95 25.75
CA LEU B 207 20.94 41.87 26.84
C LEU B 207 21.64 40.53 26.85
N ILE B 208 20.88 39.43 26.79
CA ILE B 208 21.48 38.11 26.90
C ILE B 208 22.47 37.87 25.75
N LEU B 209 22.02 38.11 24.51
CA LEU B 209 22.86 37.86 23.35
C LEU B 209 24.07 38.80 23.32
N SER B 210 23.89 40.06 23.70
CA SER B 210 25.01 40.99 23.69
C SER B 210 26.06 40.59 24.72
N ARG B 211 25.62 40.19 25.92
CA ARG B 211 26.59 39.73 26.92
C ARG B 211 27.30 38.46 26.44
N ALA B 212 26.56 37.56 25.80
CA ALA B 212 27.18 36.33 25.29
C ALA B 212 28.26 36.64 24.25
N VAL B 213 27.95 37.53 23.31
CA VAL B 213 28.91 37.86 22.26
C VAL B 213 30.09 38.66 22.82
N ASP B 214 29.83 39.54 23.79
CA ASP B 214 30.91 40.21 24.48
C ASP B 214 31.85 39.20 25.11
N LEU B 215 31.28 38.19 25.79
CA LEU B 215 32.11 37.16 26.42
C LEU B 215 32.88 36.37 25.38
N ILE B 216 32.26 36.11 24.22
CA ILE B 216 32.96 35.40 23.14
C ILE B 216 34.19 36.17 22.69
N ILE B 217 33.98 37.41 22.25
CA ILE B 217 35.10 38.19 21.72
C ILE B 217 36.11 38.50 22.82
N GLN B 218 35.68 38.52 24.08
CA GLN B 218 36.61 38.70 25.18
C GLN B 218 37.45 37.45 25.41
N ALA B 219 36.84 36.27 25.24
CA ALA B 219 37.60 35.03 25.26
C ALA B 219 38.62 34.99 24.14
N ARG B 220 38.30 35.60 23.00
CA ARG B 220 39.26 35.73 21.92
C ARG B 220 40.07 37.02 21.98
N GLY B 221 39.92 37.79 23.07
CA GLY B 221 40.72 39.00 23.30
C GLY B 221 40.58 40.05 22.23
N GLY B 222 39.37 40.59 22.07
CA GLY B 222 39.09 41.55 21.01
C GLY B 222 38.31 42.76 21.44
N VAL B 223 38.72 43.41 22.54
CA VAL B 223 37.85 44.25 23.37
C VAL B 223 36.95 45.14 22.52
N VAL B 224 35.65 45.10 22.81
CA VAL B 224 34.61 45.55 21.88
C VAL B 224 33.88 46.75 22.46
N GLU B 225 33.55 47.70 21.58
CA GLU B 225 32.75 48.87 21.91
C GLU B 225 31.31 48.43 22.20
N PRO B 226 30.46 49.35 22.66
CA PRO B 226 29.05 48.99 22.86
C PRO B 226 28.42 48.38 21.62
N SER B 227 27.41 47.54 21.85
CA SER B 227 26.77 46.77 20.78
C SER B 227 25.79 47.63 20.00
N PRO B 228 25.74 47.46 18.67
CA PRO B 228 24.76 48.22 17.88
C PRO B 228 23.33 47.75 18.05
N SER B 229 23.11 46.51 18.52
CA SER B 229 21.77 45.98 18.65
C SER B 229 20.90 46.81 19.58
N TYR B 230 21.51 47.60 20.47
CA TYR B 230 20.74 48.47 21.36
C TYR B 230 19.91 49.48 20.59
N ALA B 231 20.25 49.75 19.33
CA ALA B 231 19.45 50.66 18.51
C ALA B 231 18.18 50.00 17.98
N LEU B 232 18.13 48.67 17.95
CA LEU B 232 16.93 47.94 17.52
C LEU B 232 16.00 47.62 18.68
N VAL B 233 16.12 48.33 19.81
CA VAL B 233 15.31 48.02 20.97
C VAL B 233 13.93 48.66 20.88
N GLN B 234 13.88 49.93 20.50
CA GLN B 234 12.63 50.68 20.46
C GLN B 234 11.80 50.31 19.22
N GLY C 1 4.93 3.21 -27.80
CA GLY C 1 5.30 3.49 -29.18
C GLY C 1 5.64 4.95 -29.43
N ASN C 2 6.91 5.30 -29.19
CA ASN C 2 7.36 6.68 -29.25
C ASN C 2 8.88 6.70 -29.40
N LYS C 3 9.51 7.85 -29.13
CA LYS C 3 10.97 7.99 -29.07
C LYS C 3 11.65 7.60 -30.38
N ILE C 4 11.43 8.44 -31.40
CA ILE C 4 12.09 8.26 -32.69
C ILE C 4 13.60 8.22 -32.51
N HIS C 5 14.28 7.73 -33.55
CA HIS C 5 15.73 7.59 -33.56
C HIS C 5 16.39 8.93 -33.23
N PRO C 6 17.37 8.95 -32.32
CA PRO C 6 17.98 10.23 -31.94
C PRO C 6 18.92 10.80 -32.98
N ILE C 7 19.73 9.97 -33.65
CA ILE C 7 20.66 10.50 -34.64
C ILE C 7 19.90 11.08 -35.83
N GLY C 8 18.77 10.48 -36.21
CA GLY C 8 17.94 11.05 -37.26
C GLY C 8 17.44 12.43 -36.88
N PHE C 9 17.09 12.62 -35.62
CA PHE C 9 16.80 13.96 -35.10
C PHE C 9 18.02 14.87 -35.24
N ARG C 10 19.19 14.37 -34.85
CA ARG C 10 20.38 15.18 -34.71
C ARG C 10 21.04 15.56 -36.02
N LEU C 11 20.66 14.93 -37.13
CA LEU C 11 21.40 15.07 -38.39
C LEU C 11 21.64 16.53 -38.77
N GLY C 12 20.65 17.39 -38.52
CA GLY C 12 20.78 18.79 -38.89
C GLY C 12 21.84 19.54 -38.11
N ILE C 13 21.70 19.60 -36.80
CA ILE C 13 22.57 20.39 -35.93
C ILE C 13 23.26 19.45 -34.94
N THR C 14 24.55 19.70 -34.70
CA THR C 14 25.37 18.93 -33.75
C THR C 14 25.45 17.46 -34.12
N ARG C 15 25.41 17.16 -35.41
CA ARG C 15 25.62 15.82 -35.95
C ARG C 15 25.79 15.94 -37.45
N ASP C 16 26.51 15.00 -38.04
CA ASP C 16 26.81 15.02 -39.46
C ASP C 16 26.51 13.67 -40.09
N TRP C 17 26.37 13.69 -41.41
CA TRP C 17 26.04 12.49 -42.17
C TRP C 17 27.23 11.53 -42.22
N GLU C 18 26.91 10.23 -42.35
CA GLU C 18 27.93 9.23 -42.60
C GLU C 18 28.39 9.22 -44.05
N SER C 19 27.69 9.94 -44.93
CA SER C 19 28.08 10.09 -46.33
C SER C 19 27.70 11.50 -46.76
N ARG C 20 28.68 12.29 -47.19
CA ARG C 20 28.48 13.68 -47.57
C ARG C 20 29.06 13.92 -48.96
N TRP C 21 28.20 13.81 -49.97
CA TRP C 21 28.56 14.12 -51.35
C TRP C 21 27.31 14.59 -52.07
N TYR C 22 27.40 14.72 -53.38
CA TYR C 22 26.32 15.27 -54.20
C TYR C 22 26.04 14.36 -55.37
N ALA C 23 24.78 14.33 -55.79
CA ALA C 23 24.34 13.51 -56.92
C ALA C 23 23.10 14.15 -57.51
N GLY C 24 22.48 13.46 -58.46
CA GLY C 24 21.29 13.96 -59.11
C GLY C 24 20.23 12.90 -59.34
N LYS C 25 19.45 13.04 -60.40
CA LYS C 25 18.39 12.07 -60.68
C LYS C 25 18.98 10.73 -61.12
N LYS C 26 20.03 10.76 -61.94
CA LYS C 26 20.56 9.58 -62.60
C LYS C 26 21.64 8.85 -61.82
N GLN C 27 22.09 9.38 -60.70
CA GLN C 27 23.28 8.88 -60.03
C GLN C 27 23.08 8.44 -58.59
N TYR C 28 22.09 8.99 -57.90
CA TYR C 28 22.01 8.84 -56.44
C TYR C 28 21.80 7.39 -56.03
N ARG C 29 20.99 6.64 -56.81
CA ARG C 29 20.55 5.30 -56.44
C ARG C 29 21.71 4.32 -56.25
N HIS C 30 22.45 4.03 -57.32
CA HIS C 30 23.51 3.04 -57.21
C HIS C 30 24.72 3.57 -56.46
N LEU C 31 24.90 4.89 -56.37
CA LEU C 31 25.94 5.43 -55.48
C LEU C 31 25.62 5.14 -54.02
N LEU C 32 24.35 5.33 -53.63
CA LEU C 32 23.93 4.96 -52.28
C LEU C 32 24.05 3.46 -52.08
N LEU C 33 23.75 2.68 -53.12
CA LEU C 33 23.96 1.23 -53.06
C LEU C 33 25.43 0.89 -52.82
N GLU C 34 26.33 1.62 -53.48
CA GLU C 34 27.76 1.39 -53.32
C GLU C 34 28.21 1.73 -51.89
N ASP C 35 27.68 2.82 -51.34
CA ASP C 35 27.93 3.15 -49.93
C ASP C 35 27.45 2.03 -49.02
N GLN C 36 26.27 1.48 -49.31
CA GLN C 36 25.75 0.39 -48.48
C GLN C 36 26.61 -0.84 -48.60
N ARG C 37 27.15 -1.11 -49.79
CA ARG C 37 28.06 -2.24 -49.98
C ARG C 37 29.34 -2.04 -49.17
N ILE C 38 29.88 -0.82 -49.18
CA ILE C 38 31.09 -0.53 -48.40
C ILE C 38 30.85 -0.77 -46.92
N ARG C 39 29.76 -0.22 -46.39
CA ARG C 39 29.48 -0.41 -44.97
C ARG C 39 29.19 -1.85 -44.65
N GLY C 40 28.52 -2.56 -45.57
CA GLY C 40 28.28 -3.98 -45.37
C GLY C 40 29.57 -4.77 -45.24
N LEU C 41 30.50 -4.57 -46.18
CA LEU C 41 31.80 -5.25 -46.14
C LEU C 41 32.52 -4.94 -44.83
N LEU C 42 32.60 -3.65 -44.47
CA LEU C 42 33.32 -3.28 -43.27
C LEU C 42 32.65 -3.77 -42.00
N GLU C 43 31.34 -4.02 -42.03
CA GLU C 43 30.70 -4.67 -40.88
C GLU C 43 30.86 -6.17 -40.91
N LYS C 44 31.09 -6.77 -42.08
CA LYS C 44 31.41 -8.19 -42.13
C LYS C 44 32.77 -8.44 -41.48
N GLU C 45 33.78 -7.70 -41.91
CA GLU C 45 35.16 -8.03 -41.53
C GLU C 45 35.62 -7.33 -40.24
N LEU C 46 35.37 -6.03 -40.12
CA LEU C 46 36.02 -5.20 -39.12
C LEU C 46 35.24 -5.11 -37.80
N TYR C 47 34.27 -6.00 -37.57
CA TYR C 47 33.49 -5.92 -36.33
C TYR C 47 34.36 -6.10 -35.10
N SER C 48 35.23 -7.11 -35.10
CA SER C 48 36.08 -7.40 -33.95
C SER C 48 37.28 -6.49 -33.86
N ALA C 49 37.48 -5.60 -34.83
CA ALA C 49 38.61 -4.68 -34.82
C ALA C 49 38.31 -3.38 -34.08
N GLY C 50 37.08 -3.18 -33.61
CA GLY C 50 36.73 -1.99 -32.87
C GLY C 50 36.52 -0.77 -33.74
N LEU C 51 35.59 -0.86 -34.69
CA LEU C 51 35.26 0.26 -35.57
C LEU C 51 33.94 0.87 -35.14
N ALA C 52 33.85 2.20 -35.23
CA ALA C 52 32.67 2.94 -34.82
C ALA C 52 31.94 3.61 -35.97
N ARG C 53 32.65 4.42 -36.78
CA ARG C 53 32.00 5.19 -37.82
C ARG C 53 32.72 4.99 -39.15
N VAL C 54 31.94 4.97 -40.22
CA VAL C 54 32.44 4.91 -41.59
C VAL C 54 31.91 6.14 -42.32
N ASP C 55 32.80 7.09 -42.60
CA ASP C 55 32.44 8.33 -43.28
C ASP C 55 32.99 8.30 -44.70
N ILE C 56 32.09 8.33 -45.68
CA ILE C 56 32.43 8.22 -47.10
C ILE C 56 32.15 9.55 -47.77
N GLU C 57 33.14 10.07 -48.51
CA GLU C 57 33.05 11.35 -49.18
C GLU C 57 33.46 11.20 -50.64
N ARG C 58 32.87 12.01 -51.51
CA ARG C 58 33.13 11.90 -52.94
C ARG C 58 33.25 13.29 -53.56
N ALA C 59 34.32 13.55 -54.30
CA ALA C 59 34.32 14.84 -54.98
C ALA C 59 33.91 14.60 -56.42
N ALA C 60 34.62 13.66 -57.06
CA ALA C 60 34.49 13.43 -58.51
C ALA C 60 35.27 12.16 -58.78
N ASP C 61 34.60 11.02 -58.62
CA ASP C 61 35.15 9.69 -58.81
C ASP C 61 36.27 9.39 -57.81
N ASN C 62 36.50 10.35 -56.92
CA ASN C 62 37.42 10.19 -55.80
C ASN C 62 36.65 9.76 -54.56
N VAL C 63 37.07 8.66 -53.98
CA VAL C 63 36.42 8.13 -52.78
C VAL C 63 37.41 8.29 -51.62
N ALA C 64 36.86 8.55 -50.44
CA ALA C 64 37.66 8.93 -49.28
C ALA C 64 37.26 8.15 -48.04
N VAL C 65 36.98 6.86 -48.20
CA VAL C 65 36.38 6.04 -47.14
C VAL C 65 37.22 6.17 -45.86
N THR C 66 36.57 6.62 -44.79
CA THR C 66 37.23 6.94 -43.54
C THR C 66 36.68 6.02 -42.45
N VAL C 67 37.56 5.23 -41.86
CA VAL C 67 37.19 4.24 -40.84
C VAL C 67 37.72 4.72 -39.50
N HIS C 68 36.81 5.00 -38.56
CA HIS C 68 37.19 5.40 -37.22
C HIS C 68 37.30 4.15 -36.35
N VAL C 69 38.50 3.88 -35.85
CA VAL C 69 38.78 2.63 -35.17
C VAL C 69 39.14 2.90 -33.71
N ALA C 70 38.76 1.97 -32.85
CA ALA C 70 39.23 1.99 -31.46
C ALA C 70 40.58 1.29 -31.32
N LYS C 71 40.96 0.46 -32.29
CA LYS C 71 42.26 -0.21 -32.30
C LYS C 71 42.79 -0.20 -33.73
N PRO C 72 43.55 0.84 -34.10
CA PRO C 72 44.06 0.91 -35.49
C PRO C 72 45.09 -0.16 -35.81
N GLY C 73 45.63 -0.87 -34.82
CA GLY C 73 46.61 -1.91 -35.10
C GLY C 73 46.04 -3.08 -35.88
N VAL C 74 44.76 -3.38 -35.69
CA VAL C 74 44.12 -4.46 -36.43
C VAL C 74 43.71 -4.00 -37.84
N VAL C 75 43.48 -2.71 -38.03
CA VAL C 75 43.13 -2.21 -39.36
C VAL C 75 44.37 -2.08 -40.23
N ILE C 76 45.42 -1.44 -39.70
CA ILE C 76 46.67 -1.34 -40.45
C ILE C 76 47.31 -2.72 -40.60
N GLY C 77 47.35 -3.49 -39.51
CA GLY C 77 47.99 -4.78 -39.52
C GLY C 77 49.50 -4.67 -39.43
N ARG C 78 50.14 -5.82 -39.25
CA ARG C 78 51.59 -5.86 -39.18
C ARG C 78 52.19 -5.54 -40.54
N GLY C 79 53.12 -4.59 -40.57
CA GLY C 79 53.75 -4.16 -41.80
C GLY C 79 52.78 -3.59 -42.82
N GLY C 80 51.55 -3.27 -42.38
CA GLY C 80 50.52 -2.81 -43.28
C GLY C 80 49.82 -3.90 -44.05
N GLU C 81 50.07 -5.17 -43.73
CA GLU C 81 49.55 -6.27 -44.53
C GLU C 81 48.05 -6.17 -44.72
N ARG C 82 47.29 -6.00 -43.64
CA ARG C 82 45.84 -6.03 -43.75
C ARG C 82 45.26 -4.77 -44.40
N ILE C 83 46.08 -3.75 -44.69
CA ILE C 83 45.56 -2.59 -45.40
C ILE C 83 45.84 -2.81 -46.88
N ARG C 84 46.18 -4.04 -47.24
CA ARG C 84 46.38 -4.45 -48.62
C ARG C 84 45.26 -5.35 -49.13
N VAL C 85 44.85 -6.34 -48.34
CA VAL C 85 43.86 -7.31 -48.82
C VAL C 85 42.49 -6.66 -48.95
N LEU C 86 41.91 -6.21 -47.82
CA LEU C 86 40.56 -5.66 -47.83
C LEU C 86 40.51 -4.25 -48.41
N ARG C 87 41.65 -3.59 -48.60
CA ARG C 87 41.70 -2.37 -49.39
C ARG C 87 41.73 -2.66 -50.88
N GLU C 88 42.17 -3.86 -51.27
CA GLU C 88 42.04 -4.29 -52.65
C GLU C 88 40.70 -4.96 -52.89
N GLU C 89 40.24 -5.79 -51.95
CA GLU C 89 38.89 -6.34 -52.02
C GLU C 89 37.84 -5.23 -52.09
N LEU C 90 38.14 -4.08 -51.48
CA LEU C 90 37.27 -2.92 -51.60
C LEU C 90 37.18 -2.45 -53.05
N ALA C 91 38.30 -2.44 -53.76
CA ALA C 91 38.31 -2.04 -55.16
C ALA C 91 37.94 -3.18 -56.10
N LYS C 92 37.89 -4.42 -55.60
CA LYS C 92 37.42 -5.55 -56.41
C LYS C 92 35.91 -5.65 -56.45
N LEU C 93 35.20 -4.78 -55.71
CA LEU C 93 33.76 -4.67 -55.80
C LEU C 93 33.32 -3.44 -56.58
N THR C 94 33.92 -2.28 -56.28
CA THR C 94 33.67 -1.04 -57.00
C THR C 94 34.85 -0.72 -57.90
N GLY C 95 34.57 -0.43 -59.16
CA GLY C 95 35.62 -0.08 -60.09
C GLY C 95 35.94 1.40 -60.10
N LYS C 96 35.70 2.06 -58.97
CA LYS C 96 35.91 3.50 -58.83
C LYS C 96 37.34 3.86 -58.44
N ASN C 97 38.22 2.88 -58.28
CA ASN C 97 39.60 3.11 -57.86
C ASN C 97 39.65 3.91 -56.55
N VAL C 98 39.11 3.30 -55.51
CA VAL C 98 38.90 3.95 -54.22
C VAL C 98 40.05 3.61 -53.28
N ALA C 99 40.48 4.60 -52.51
CA ALA C 99 41.51 4.44 -51.48
C ALA C 99 40.85 4.46 -50.11
N LEU C 100 41.58 3.95 -49.12
CA LEU C 100 41.08 3.76 -47.76
C LEU C 100 41.85 4.65 -46.78
N ASN C 101 41.15 5.07 -45.72
CA ASN C 101 41.74 5.94 -44.72
C ASN C 101 41.35 5.47 -43.33
N VAL C 102 42.28 5.59 -42.38
CA VAL C 102 42.08 5.15 -41.00
C VAL C 102 42.16 6.37 -40.09
N GLN C 103 41.45 6.29 -38.96
CA GLN C 103 41.52 7.37 -37.97
C GLN C 103 41.32 6.80 -36.57
N GLU C 104 41.86 7.50 -35.59
CA GLU C 104 41.85 7.08 -34.19
C GLU C 104 40.67 7.69 -33.45
N VAL C 105 40.01 6.86 -32.64
CA VAL C 105 38.95 7.31 -31.73
C VAL C 105 39.40 7.00 -30.30
N GLN C 106 39.51 8.03 -29.48
CA GLN C 106 39.95 7.87 -28.11
C GLN C 106 38.79 7.42 -27.22
N ASN C 107 39.12 6.72 -26.14
CA ASN C 107 38.17 6.24 -25.16
C ASN C 107 37.05 5.45 -25.83
N PRO C 108 37.31 4.20 -26.26
CA PRO C 108 36.26 3.38 -26.87
C PRO C 108 34.98 3.31 -26.05
N ASN C 109 35.07 3.58 -24.75
CA ASN C 109 33.89 3.66 -23.90
C ASN C 109 33.15 4.98 -24.03
N LEU C 110 33.71 5.96 -24.76
CA LEU C 110 33.04 7.23 -24.96
C LEU C 110 32.21 7.27 -26.23
N SER C 111 32.38 6.30 -27.13
CA SER C 111 31.59 6.21 -28.36
C SER C 111 30.43 5.26 -28.11
N ALA C 112 29.20 5.76 -28.33
CA ALA C 112 28.01 4.97 -28.01
C ALA C 112 27.90 3.68 -28.79
N PRO C 113 28.15 3.64 -30.12
CA PRO C 113 28.09 2.33 -30.81
C PRO C 113 29.09 1.33 -30.29
N LEU C 114 30.29 1.78 -29.89
CA LEU C 114 31.26 0.87 -29.32
C LEU C 114 30.78 0.31 -27.98
N VAL C 115 30.16 1.14 -27.14
CA VAL C 115 29.61 0.68 -25.87
C VAL C 115 28.48 -0.32 -26.12
N ALA C 116 27.66 -0.05 -27.14
CA ALA C 116 26.61 -1.00 -27.50
C ALA C 116 27.20 -2.34 -27.91
N GLN C 117 28.23 -2.32 -28.75
CA GLN C 117 28.91 -3.55 -29.14
C GLN C 117 29.47 -4.28 -27.92
N ARG C 118 30.05 -3.53 -26.98
CA ARG C 118 30.63 -4.14 -25.78
C ARG C 118 29.56 -4.82 -24.93
N VAL C 119 28.46 -4.12 -24.66
CA VAL C 119 27.41 -4.71 -23.84
C VAL C 119 26.78 -5.90 -24.56
N ALA C 120 26.63 -5.80 -25.88
CA ALA C 120 26.09 -6.94 -26.64
C ALA C 120 27.03 -8.13 -26.59
N GLU C 121 28.34 -7.89 -26.64
CA GLU C 121 29.31 -8.98 -26.48
C GLU C 121 29.15 -9.64 -25.13
N GLN C 122 29.13 -8.85 -24.06
CA GLN C 122 28.97 -9.42 -22.72
C GLN C 122 27.61 -10.11 -22.55
N ILE C 123 26.62 -9.72 -23.34
CA ILE C 123 25.32 -10.38 -23.29
C ILE C 123 25.35 -11.71 -24.02
N GLU C 124 26.07 -11.77 -25.15
CA GLU C 124 26.12 -13.00 -25.93
C GLU C 124 26.77 -14.13 -25.16
N ARG C 125 27.81 -13.83 -24.38
CA ARG C 125 28.40 -14.80 -23.47
C ARG C 125 27.62 -14.92 -22.16
N ARG C 126 26.47 -14.26 -22.07
CA ARG C 126 25.51 -14.43 -20.98
C ARG C 126 26.10 -14.03 -19.63
N PHE C 127 26.47 -12.75 -19.53
CA PHE C 127 26.71 -12.11 -18.25
C PHE C 127 25.41 -11.52 -17.72
N ALA C 128 25.37 -11.28 -16.41
CA ALA C 128 24.27 -10.54 -15.82
C ALA C 128 24.23 -9.14 -16.42
N VAL C 129 23.15 -8.84 -17.14
CA VAL C 129 23.15 -7.66 -18.01
C VAL C 129 23.27 -6.37 -17.20
N ARG C 130 22.70 -6.34 -15.99
CA ARG C 130 22.67 -5.10 -15.23
C ARG C 130 24.06 -4.67 -14.79
N ARG C 131 24.93 -5.63 -14.48
CA ARG C 131 26.30 -5.29 -14.15
C ARG C 131 27.03 -4.70 -15.35
N ALA C 132 26.89 -5.33 -16.52
CA ALA C 132 27.46 -4.75 -17.73
C ALA C 132 26.92 -3.34 -17.96
N ILE C 133 25.63 -3.13 -17.70
CA ILE C 133 25.00 -1.84 -17.92
C ILE C 133 25.62 -0.78 -17.02
N LYS C 134 25.58 -1.02 -15.72
CA LYS C 134 26.10 -0.03 -14.78
C LYS C 134 27.59 0.20 -14.96
N GLN C 135 28.34 -0.88 -15.26
CA GLN C 135 29.77 -0.74 -15.52
C GLN C 135 30.02 0.09 -16.77
N ALA C 136 29.23 -0.09 -17.82
CA ALA C 136 29.39 0.71 -19.02
C ALA C 136 29.06 2.17 -18.75
N VAL C 137 27.99 2.43 -17.99
CA VAL C 137 27.63 3.81 -17.66
C VAL C 137 28.72 4.45 -16.82
N GLN C 138 29.43 3.66 -16.01
CA GLN C 138 30.55 4.20 -15.24
C GLN C 138 31.76 4.44 -16.13
N ARG C 139 32.07 3.50 -17.03
CA ARG C 139 33.14 3.73 -18.00
C ARG C 139 32.92 5.02 -18.76
N VAL C 140 31.67 5.29 -19.11
CA VAL C 140 31.33 6.55 -19.78
C VAL C 140 31.50 7.73 -18.83
N MET C 141 31.00 7.59 -17.59
CA MET C 141 30.97 8.69 -16.64
C MET C 141 32.33 8.99 -16.05
N GLU C 142 33.28 8.04 -16.11
CA GLU C 142 34.60 8.26 -15.53
C GLU C 142 35.51 9.09 -16.43
N SER C 143 35.01 9.61 -17.55
CA SER C 143 35.81 10.49 -18.40
C SER C 143 34.85 11.47 -19.08
N GLY C 144 34.70 12.65 -18.47
CA GLY C 144 33.75 13.62 -18.97
C GLY C 144 32.35 13.05 -19.02
N ALA C 145 31.68 13.27 -20.15
CA ALA C 145 30.43 12.59 -20.49
C ALA C 145 29.36 12.84 -19.42
N LYS C 146 28.85 14.07 -19.44
CA LYS C 146 27.92 14.58 -18.42
C LYS C 146 26.64 13.74 -18.33
N GLY C 147 26.42 12.83 -19.27
CA GLY C 147 25.30 11.92 -19.19
C GLY C 147 25.60 10.61 -19.88
N ALA C 148 24.93 9.55 -19.43
CA ALA C 148 25.07 8.22 -20.01
C ALA C 148 23.80 7.44 -19.74
N LYS C 149 23.48 6.49 -20.64
CA LYS C 149 22.21 5.78 -20.59
C LYS C 149 22.34 4.47 -21.36
N VAL C 150 21.78 3.40 -20.83
CA VAL C 150 21.83 2.09 -21.47
C VAL C 150 20.47 1.43 -21.39
N ILE C 151 19.97 0.91 -22.51
CA ILE C 151 18.72 0.18 -22.55
C ILE C 151 18.99 -1.19 -23.16
N VAL C 152 18.41 -2.22 -22.55
CA VAL C 152 18.47 -3.57 -23.08
C VAL C 152 17.05 -4.08 -23.27
N SER C 153 16.92 -5.02 -24.22
CA SER C 153 15.67 -5.50 -24.80
C SER C 153 15.16 -6.69 -23.98
N GLY C 154 14.09 -7.38 -24.44
CA GLY C 154 13.50 -8.45 -23.67
C GLY C 154 14.25 -9.80 -23.74
N ARG C 155 13.75 -10.78 -22.96
CA ARG C 155 14.39 -12.09 -22.75
C ARG C 155 15.80 -11.92 -22.20
N ILE C 156 15.88 -11.24 -21.06
CA ILE C 156 17.15 -10.97 -20.39
C ILE C 156 17.57 -12.19 -19.58
N GLY C 157 18.83 -12.57 -19.70
CA GLY C 157 19.33 -13.76 -19.05
C GLY C 157 18.72 -15.05 -19.56
N GLY C 158 18.02 -15.01 -20.69
CA GLY C 158 17.36 -16.18 -21.23
C GLY C 158 15.93 -16.37 -20.78
N ALA C 159 15.38 -15.44 -20.00
CA ALA C 159 14.03 -15.59 -19.46
C ALA C 159 13.01 -15.75 -20.59
N GLU C 160 11.97 -16.53 -20.31
CA GLU C 160 10.92 -16.76 -21.31
C GLU C 160 10.19 -15.46 -21.63
N GLN C 161 9.67 -14.78 -20.62
CA GLN C 161 9.01 -13.50 -20.83
C GLN C 161 10.03 -12.42 -21.19
N ALA C 162 9.60 -11.48 -22.03
CA ALA C 162 10.44 -10.35 -22.41
C ALA C 162 10.36 -9.27 -21.34
N ARG C 163 11.47 -8.54 -21.18
CA ARG C 163 11.58 -7.50 -20.17
C ARG C 163 12.23 -6.27 -20.80
N THR C 164 12.59 -5.31 -19.95
CA THR C 164 13.20 -4.06 -20.39
C THR C 164 14.18 -3.61 -19.32
N GLU C 165 15.39 -3.27 -19.73
CA GLU C 165 16.43 -2.92 -18.78
C GLU C 165 16.70 -1.42 -18.79
N TRP C 166 17.63 -1.01 -17.94
CA TRP C 166 17.57 0.33 -17.34
C TRP C 166 18.96 0.72 -16.84
N ALA C 167 18.99 1.59 -15.82
CA ALA C 167 20.19 2.11 -15.17
C ALA C 167 21.01 3.05 -16.04
N ALA C 168 20.41 4.18 -16.39
CA ALA C 168 21.15 5.35 -16.85
C ALA C 168 21.68 6.13 -15.65
N GLN C 169 22.58 7.08 -15.93
CA GLN C 169 23.10 7.97 -14.92
C GLN C 169 23.27 9.37 -15.50
N GLY C 170 23.61 10.32 -14.64
CA GLY C 170 23.81 11.69 -15.06
C GLY C 170 22.55 12.38 -15.57
N ARG C 171 22.58 12.80 -16.82
CA ARG C 171 21.43 13.44 -17.46
C ARG C 171 21.49 13.17 -18.96
N VAL C 172 20.47 12.50 -19.48
CA VAL C 172 20.43 12.16 -20.90
C VAL C 172 19.15 12.71 -21.52
N PRO C 173 19.11 13.99 -21.90
CA PRO C 173 17.88 14.60 -22.43
C PRO C 173 17.68 14.43 -23.94
N LEU C 174 17.14 13.28 -24.34
CA LEU C 174 16.89 13.00 -25.75
C LEU C 174 15.91 13.99 -26.37
N HIS C 175 15.06 14.62 -25.56
CA HIS C 175 14.04 15.53 -26.06
C HIS C 175 14.68 16.76 -26.70
N THR C 176 15.58 17.41 -25.98
CA THR C 176 16.21 18.62 -26.49
C THR C 176 17.40 18.27 -27.37
N LEU C 177 17.44 18.85 -28.56
CA LEU C 177 18.59 18.70 -29.47
C LEU C 177 19.45 19.93 -29.27
N ARG C 178 20.38 19.85 -28.35
CA ARG C 178 21.36 20.92 -28.19
C ARG C 178 22.80 20.42 -28.12
N ALA C 179 23.03 19.30 -27.45
CA ALA C 179 24.32 19.05 -26.83
C ALA C 179 24.91 17.71 -27.22
N ASN C 180 24.89 17.42 -28.52
CA ASN C 180 25.69 16.35 -29.13
C ASN C 180 25.48 15.02 -28.41
N ILE C 181 24.25 14.53 -28.48
CA ILE C 181 23.91 13.23 -27.90
C ILE C 181 24.22 12.15 -28.93
N ASP C 182 25.08 11.21 -28.58
CA ASP C 182 25.48 10.14 -29.46
C ASP C 182 24.73 8.86 -29.11
N TYR C 183 24.48 8.03 -30.11
CA TYR C 183 23.67 6.83 -29.94
C TYR C 183 24.25 5.68 -30.76
N GLY C 184 24.16 4.48 -30.19
CA GLY C 184 24.60 3.28 -30.88
C GLY C 184 23.71 2.09 -30.59
N PHE C 185 23.47 1.27 -31.61
CA PHE C 185 22.64 0.08 -31.45
C PHE C 185 23.47 -1.17 -31.75
N ALA C 186 23.22 -2.22 -30.97
CA ALA C 186 23.87 -3.50 -31.18
C ALA C 186 22.84 -4.61 -31.06
N LEU C 187 23.14 -5.74 -31.67
CA LEU C 187 22.23 -6.88 -31.76
C LEU C 187 22.95 -8.10 -31.22
N ALA C 188 22.47 -8.65 -30.11
CA ALA C 188 23.01 -9.86 -29.53
C ALA C 188 22.11 -11.02 -29.93
N ARG C 189 22.62 -11.87 -30.81
CA ARG C 189 21.90 -13.06 -31.25
C ARG C 189 22.34 -14.24 -30.38
N THR C 190 21.41 -14.77 -29.59
CA THR C 190 21.71 -15.84 -28.64
C THR C 190 20.73 -16.98 -28.86
N THR C 191 20.91 -18.06 -28.09
CA THR C 191 20.10 -19.25 -28.24
C THR C 191 18.64 -18.98 -27.86
N TYR C 192 18.41 -18.20 -26.81
CA TYR C 192 17.05 -17.94 -26.38
C TYR C 192 16.34 -16.97 -27.31
N GLY C 193 17.06 -16.01 -27.86
CA GLY C 193 16.44 -15.06 -28.76
C GLY C 193 17.38 -13.98 -29.22
N VAL C 194 16.83 -12.78 -29.45
CA VAL C 194 17.59 -11.63 -29.93
C VAL C 194 17.42 -10.50 -28.92
N LEU C 195 18.53 -9.85 -28.58
CA LEU C 195 18.55 -8.77 -27.61
C LEU C 195 19.07 -7.50 -28.25
N GLY C 196 18.24 -6.46 -28.27
CA GLY C 196 18.68 -5.15 -28.72
C GLY C 196 19.33 -4.35 -27.60
N VAL C 197 20.45 -3.73 -27.93
CA VAL C 197 21.23 -2.95 -26.98
C VAL C 197 21.33 -1.52 -27.50
N LYS C 198 20.76 -0.58 -26.76
CA LYS C 198 20.75 0.83 -27.12
C LYS C 198 21.66 1.58 -26.13
N ALA C 199 22.68 2.24 -26.66
CA ALA C 199 23.62 2.99 -25.84
C ALA C 199 23.49 4.47 -26.19
N TYR C 200 23.00 5.25 -25.25
CA TYR C 200 22.92 6.70 -25.37
C TYR C 200 24.03 7.33 -24.52
N ILE C 201 24.72 8.32 -25.08
CA ILE C 201 25.80 8.98 -24.38
C ILE C 201 25.66 10.48 -24.61
N PHE C 202 25.72 11.27 -23.54
CA PHE C 202 25.55 12.71 -23.59
C PHE C 202 26.84 13.39 -23.15
N LEU C 203 27.38 14.24 -24.02
CA LEU C 203 28.62 14.96 -23.73
C LEU C 203 28.59 16.31 -24.43
N GLY C 204 29.21 17.31 -23.79
CA GLY C 204 29.27 18.65 -24.35
C GLY C 204 27.96 19.41 -24.23
N GLU C 205 27.97 20.73 -24.44
CA GLU C 205 26.76 21.54 -24.36
C GLU C 205 26.41 22.18 -25.70
N VAL C 206 27.34 22.93 -26.29
CA VAL C 206 27.06 23.64 -27.54
C VAL C 206 28.07 23.24 -28.60
N GLY D 1 32.26 -50.09 7.00
CA GLY D 1 33.28 -49.75 6.03
C GLY D 1 33.33 -48.27 5.71
N ARG D 2 34.47 -47.64 6.01
CA ARG D 2 34.63 -46.21 5.79
C ARG D 2 34.68 -45.91 4.29
N TYR D 3 34.83 -44.64 3.97
CA TYR D 3 34.87 -44.22 2.56
C TYR D 3 36.06 -44.83 1.85
N ILE D 4 35.79 -45.52 0.75
CA ILE D 4 36.82 -46.14 -0.09
C ILE D 4 36.50 -45.78 -1.54
N GLY D 5 37.41 -45.04 -2.16
CA GLY D 5 37.24 -44.61 -3.54
C GLY D 5 38.20 -43.50 -3.89
N PRO D 6 37.92 -42.76 -4.96
CA PRO D 6 38.77 -41.62 -5.31
C PRO D 6 38.81 -40.58 -4.19
N VAL D 7 40.03 -40.20 -3.81
CA VAL D 7 40.27 -39.40 -2.62
C VAL D 7 40.55 -37.93 -2.97
N CYS D 8 41.54 -37.66 -3.83
CA CYS D 8 41.92 -36.27 -4.09
C CYS D 8 40.76 -35.46 -4.67
N ARG D 9 39.70 -36.11 -5.14
CA ARG D 9 38.46 -35.39 -5.42
C ARG D 9 37.90 -34.73 -4.17
N LEU D 10 38.20 -35.28 -2.99
CA LEU D 10 37.87 -34.65 -1.71
C LEU D 10 38.91 -33.62 -1.30
N CYS D 11 40.16 -33.78 -1.75
CA CYS D 11 41.11 -32.68 -1.67
C CYS D 11 40.57 -31.45 -2.37
N ARG D 12 39.84 -31.66 -3.47
CA ARG D 12 39.27 -30.61 -4.31
C ARG D 12 37.94 -30.07 -3.81
N ARG D 13 37.00 -30.95 -3.45
CA ARG D 13 35.67 -30.50 -3.05
C ARG D 13 35.73 -29.59 -1.83
N GLU D 14 36.57 -29.94 -0.84
CA GLU D 14 36.71 -29.08 0.33
C GLU D 14 37.53 -27.83 0.05
N GLY D 15 38.15 -27.73 -1.13
CA GLY D 15 38.94 -26.58 -1.50
C GLY D 15 40.26 -26.45 -0.78
N VAL D 16 40.53 -27.25 0.25
CA VAL D 16 41.76 -27.19 1.01
C VAL D 16 42.50 -28.51 0.85
N LYS D 17 43.81 -28.47 1.04
CA LYS D 17 44.65 -29.65 0.91
C LYS D 17 44.53 -30.52 2.15
N LEU D 18 44.09 -31.75 1.97
CA LEU D 18 44.05 -32.75 3.04
C LEU D 18 44.81 -33.98 2.57
N TYR D 19 45.97 -34.24 3.17
CA TYR D 19 46.87 -35.29 2.68
C TYR D 19 46.44 -36.63 3.26
N LEU D 20 45.47 -37.25 2.60
CA LEU D 20 45.16 -38.66 2.85
C LEU D 20 45.83 -39.59 1.86
N LYS D 21 46.47 -39.04 0.83
CA LYS D 21 47.27 -39.81 -0.11
C LYS D 21 48.71 -40.01 0.38
N GLY D 22 49.04 -39.49 1.56
CA GLY D 22 50.40 -39.54 2.06
C GLY D 22 51.32 -38.69 1.22
N GLU D 23 52.27 -39.32 0.53
CA GLU D 23 53.04 -38.63 -0.49
C GLU D 23 52.12 -38.29 -1.66
N ARG D 24 52.67 -37.56 -2.63
CA ARG D 24 51.99 -37.22 -3.88
C ARG D 24 50.86 -36.22 -3.65
N CYS D 25 50.53 -35.98 -2.38
CA CYS D 25 49.89 -34.75 -1.96
C CYS D 25 50.94 -33.71 -1.57
N TYR D 26 52.22 -34.10 -1.62
CA TYR D 26 53.38 -33.22 -1.51
C TYR D 26 53.96 -32.88 -2.87
N SER D 27 54.29 -33.89 -3.68
CA SER D 27 54.81 -33.65 -5.01
C SER D 27 53.73 -32.98 -5.86
N PRO D 28 54.11 -32.21 -6.90
CA PRO D 28 53.11 -31.47 -7.67
C PRO D 28 52.21 -32.38 -8.50
N LYS D 29 51.46 -33.27 -7.84
CA LYS D 29 50.51 -34.14 -8.51
C LYS D 29 49.20 -34.32 -7.75
N CYS D 30 48.99 -33.61 -6.64
CA CYS D 30 47.80 -33.80 -5.81
C CYS D 30 46.51 -33.53 -6.58
N ALA D 31 46.59 -32.83 -7.70
CA ALA D 31 45.46 -32.37 -8.50
C ALA D 31 44.74 -31.22 -7.79
N MET D 32 45.17 -30.93 -6.55
CA MET D 32 44.92 -29.60 -5.99
C MET D 32 45.80 -28.57 -6.66
N GLU D 33 46.89 -29.00 -7.28
CA GLU D 33 47.74 -28.14 -8.09
C GLU D 33 47.14 -28.06 -9.49
N ARG D 34 46.88 -26.83 -9.95
CA ARG D 34 46.33 -26.56 -11.27
C ARG D 34 44.93 -27.13 -11.46
N ARG D 35 44.26 -27.46 -10.36
CA ARG D 35 42.84 -27.81 -10.39
C ARG D 35 42.22 -27.68 -9.00
N PRO D 36 42.15 -26.48 -8.43
CA PRO D 36 41.60 -26.34 -7.07
C PRO D 36 40.08 -26.36 -7.00
N TYR D 37 39.38 -26.36 -8.15
CA TYR D 37 37.94 -26.28 -8.14
C TYR D 37 37.31 -27.64 -7.84
N PRO D 38 36.07 -27.65 -7.33
CA PRO D 38 35.43 -28.91 -6.95
C PRO D 38 35.18 -29.80 -8.15
N PRO D 39 34.93 -31.09 -7.93
CA PRO D 39 34.71 -32.01 -9.06
C PRO D 39 33.31 -31.89 -9.64
N GLY D 40 33.18 -32.38 -10.87
CA GLY D 40 31.91 -32.45 -11.56
C GLY D 40 31.87 -31.56 -12.78
N GLN D 41 30.72 -31.60 -13.46
CA GLN D 41 30.51 -30.77 -14.64
C GLN D 41 30.46 -29.29 -14.28
N HIS D 42 29.94 -28.95 -13.11
CA HIS D 42 29.79 -27.57 -12.67
C HIS D 42 30.94 -27.12 -11.77
N GLY D 43 32.12 -27.74 -11.90
CA GLY D 43 33.23 -27.39 -11.03
C GLY D 43 33.79 -26.01 -11.33
N GLN D 44 34.06 -25.73 -12.60
CA GLN D 44 34.66 -24.46 -13.00
C GLN D 44 33.67 -23.30 -13.06
N LYS D 45 32.40 -23.53 -12.74
CA LYS D 45 31.42 -22.47 -12.77
C LYS D 45 31.54 -21.60 -11.51
N ARG D 46 30.85 -20.47 -11.55
CA ARG D 46 30.86 -19.54 -10.41
C ARG D 46 30.17 -20.18 -9.20
N ALA D 47 30.74 -19.95 -8.02
CA ALA D 47 30.21 -20.51 -6.78
C ALA D 47 29.25 -19.51 -6.16
N ARG D 48 27.97 -19.89 -6.07
CA ARG D 48 26.99 -19.06 -5.39
C ARG D 48 27.24 -19.07 -3.89
N ARG D 49 26.86 -17.97 -3.24
CA ARG D 49 27.20 -17.77 -1.84
C ARG D 49 26.55 -18.85 -0.97
N PRO D 50 27.33 -19.57 -0.16
CA PRO D 50 26.76 -20.68 0.62
C PRO D 50 26.04 -20.18 1.86
N SER D 51 24.98 -20.90 2.21
CA SER D 51 24.25 -20.61 3.44
C SER D 51 25.08 -21.01 4.66
N ASP D 52 24.59 -20.62 5.84
CA ASP D 52 25.27 -20.96 7.08
C ASP D 52 25.35 -22.46 7.27
N TYR D 53 24.24 -23.16 7.02
CA TYR D 53 24.26 -24.62 7.08
C TYR D 53 25.31 -25.19 6.14
N ALA D 54 25.46 -24.59 4.95
CA ALA D 54 26.49 -25.06 4.03
C ALA D 54 27.87 -24.92 4.64
N VAL D 55 28.16 -23.78 5.28
CA VAL D 55 29.48 -23.56 5.87
C VAL D 55 29.75 -24.60 6.96
N ARG D 56 28.81 -24.77 7.88
CA ARG D 56 28.99 -25.73 8.97
C ARG D 56 29.15 -27.14 8.42
N LEU D 57 28.34 -27.52 7.44
CA LEU D 57 28.39 -28.86 6.87
C LEU D 57 29.73 -29.10 6.19
N ARG D 58 30.19 -28.15 5.37
CA ARG D 58 31.45 -28.36 4.68
C ARG D 58 32.62 -28.39 5.68
N GLU D 59 32.53 -27.66 6.78
CA GLU D 59 33.60 -27.70 7.77
C GLU D 59 33.66 -29.06 8.47
N LYS D 60 32.49 -29.56 8.91
CA LYS D 60 32.45 -30.89 9.52
C LYS D 60 32.91 -31.96 8.54
N GLN D 61 32.52 -31.83 7.27
CA GLN D 61 32.97 -32.78 6.26
C GLN D 61 34.49 -32.71 6.09
N LYS D 62 35.04 -31.50 6.05
CA LYS D 62 36.49 -31.34 5.97
C LYS D 62 37.17 -32.11 7.08
N LEU D 63 36.72 -31.90 8.31
CA LEU D 63 37.33 -32.58 9.46
C LEU D 63 37.21 -34.10 9.33
N ARG D 64 35.99 -34.60 9.11
CA ARG D 64 35.78 -36.04 9.06
C ARG D 64 36.57 -36.69 7.93
N ARG D 65 36.57 -36.08 6.74
CA ARG D 65 37.35 -36.62 5.63
C ARG D 65 38.83 -36.60 5.95
N ILE D 66 39.30 -35.57 6.66
CA ILE D 66 40.71 -35.54 7.06
C ILE D 66 41.04 -36.74 7.92
N TYR D 67 40.24 -36.99 8.96
CA TYR D 67 40.56 -38.11 9.84
C TYR D 67 40.06 -39.46 9.31
N GLY D 68 39.19 -39.45 8.29
CA GLY D 68 38.82 -40.70 7.63
C GLY D 68 37.85 -41.57 8.40
N ILE D 69 37.14 -41.01 9.37
CA ILE D 69 36.20 -41.79 10.17
C ILE D 69 34.83 -41.78 9.52
N SER D 70 33.98 -42.73 9.89
CA SER D 70 32.59 -42.71 9.49
C SER D 70 31.82 -41.70 10.34
N GLU D 71 30.66 -41.30 9.82
CA GLU D 71 29.85 -40.32 10.54
C GLU D 71 29.33 -40.87 11.86
N ARG D 72 29.15 -42.18 11.96
CA ARG D 72 28.64 -42.79 13.18
C ARG D 72 29.65 -42.65 14.32
N GLN D 73 30.85 -43.19 14.14
CA GLN D 73 31.88 -43.04 15.17
C GLN D 73 32.21 -41.57 15.40
N PHE D 74 32.20 -40.77 14.33
CA PHE D 74 32.43 -39.34 14.46
C PHE D 74 31.45 -38.70 15.43
N ARG D 75 30.15 -38.88 15.20
CA ARG D 75 29.13 -38.25 16.02
C ARG D 75 29.10 -38.81 17.43
N ASN D 76 29.34 -40.12 17.59
CA ASN D 76 29.36 -40.71 18.92
C ASN D 76 30.54 -40.19 19.73
N LEU D 77 31.72 -40.11 19.10
CA LEU D 77 32.88 -39.53 19.75
C LEU D 77 32.65 -38.06 20.06
N PHE D 78 31.89 -37.36 19.22
CA PHE D 78 31.57 -35.96 19.49
C PHE D 78 30.70 -35.83 20.73
N GLU D 79 29.66 -36.66 20.84
CA GLU D 79 28.85 -36.65 22.06
C GLU D 79 29.70 -36.98 23.28
N GLU D 80 30.59 -37.96 23.14
CA GLU D 80 31.52 -38.29 24.21
C GLU D 80 32.31 -37.06 24.65
N ALA D 81 32.86 -36.33 23.68
CA ALA D 81 33.63 -35.13 24.00
C ALA D 81 32.77 -34.05 24.62
N SER D 82 31.50 -33.97 24.21
CA SER D 82 30.60 -32.96 24.76
C SER D 82 30.27 -33.25 26.23
N LYS D 83 30.21 -34.53 26.60
CA LYS D 83 29.88 -34.85 27.99
C LYS D 83 31.05 -34.59 28.94
N LYS D 84 32.27 -34.62 28.44
CA LYS D 84 33.45 -34.50 29.29
C LYS D 84 33.66 -33.05 29.74
N LYS D 85 34.48 -32.88 30.78
CA LYS D 85 34.85 -31.57 31.26
C LYS D 85 35.89 -30.95 30.33
N GLY D 86 35.68 -29.67 29.98
CA GLY D 86 36.61 -28.94 29.13
C GLY D 86 35.96 -28.47 27.85
N VAL D 87 36.75 -27.75 27.06
CA VAL D 87 36.27 -27.21 25.80
C VAL D 87 35.97 -28.36 24.85
N THR D 88 34.76 -28.38 24.30
CA THR D 88 34.33 -29.50 23.47
C THR D 88 35.23 -29.67 22.24
N GLY D 89 35.63 -28.55 21.62
CA GLY D 89 36.41 -28.65 20.39
C GLY D 89 37.79 -29.25 20.59
N SER D 90 38.52 -28.73 21.58
CA SER D 90 39.87 -29.23 21.83
C SER D 90 39.85 -30.67 22.34
N VAL D 91 38.88 -31.01 23.19
CA VAL D 91 38.73 -32.38 23.67
C VAL D 91 38.42 -33.32 22.50
N PHE D 92 37.53 -32.88 21.60
CA PHE D 92 37.20 -33.66 20.41
C PHE D 92 38.44 -33.91 19.56
N LEU D 93 39.24 -32.86 19.33
CA LEU D 93 40.45 -33.01 18.53
C LEU D 93 41.43 -33.96 19.20
N GLY D 94 41.58 -33.86 20.53
CA GLY D 94 42.47 -34.77 21.23
C GLY D 94 42.00 -36.21 21.17
N LEU D 95 40.68 -36.42 21.22
CA LEU D 95 40.15 -37.78 21.12
C LEU D 95 40.36 -38.36 19.73
N LEU D 96 40.17 -37.54 18.70
CA LEU D 96 40.48 -37.98 17.35
C LEU D 96 41.95 -38.32 17.20
N GLU D 97 42.83 -37.50 17.78
CA GLU D 97 44.26 -37.76 17.74
C GLU D 97 44.64 -38.99 18.54
N SER D 98 43.82 -39.39 19.52
CA SER D 98 44.12 -40.57 20.31
C SER D 98 43.84 -41.87 19.58
N ARG D 99 43.25 -41.81 18.38
CA ARG D 99 43.01 -43.03 17.62
C ARG D 99 44.34 -43.71 17.29
N LEU D 100 44.34 -45.04 17.40
CA LEU D 100 45.57 -45.80 17.23
C LEU D 100 46.15 -45.61 15.83
N ASP D 101 45.30 -45.70 14.80
CA ASP D 101 45.78 -45.53 13.43
C ASP D 101 46.28 -44.11 13.19
N ASN D 102 45.56 -43.11 13.72
CA ASN D 102 46.04 -41.74 13.59
C ASN D 102 47.35 -41.54 14.31
N VAL D 103 47.57 -42.25 15.42
CA VAL D 103 48.86 -42.18 16.12
C VAL D 103 49.95 -42.83 15.29
N VAL D 104 49.63 -43.95 14.63
CA VAL D 104 50.59 -44.61 13.76
C VAL D 104 51.02 -43.69 12.63
N TYR D 105 50.05 -42.95 12.06
CA TYR D 105 50.40 -41.95 11.06
C TYR D 105 51.22 -40.82 11.66
N ARG D 106 50.87 -40.39 12.88
CA ARG D 106 51.59 -39.29 13.53
C ARG D 106 53.03 -39.67 13.84
N LEU D 107 53.28 -40.94 14.18
CA LEU D 107 54.64 -41.39 14.47
C LEU D 107 55.44 -41.71 13.22
N GLY D 108 54.88 -41.51 12.03
CA GLY D 108 55.60 -41.72 10.80
C GLY D 108 55.78 -43.16 10.40
N PHE D 109 55.10 -44.10 11.07
CA PHE D 109 55.20 -45.49 10.66
C PHE D 109 54.57 -45.72 9.29
N ALA D 110 53.55 -44.94 8.94
CA ALA D 110 52.85 -45.06 7.68
C ALA D 110 52.90 -43.75 6.91
N VAL D 111 52.72 -43.86 5.59
CA VAL D 111 52.78 -42.67 4.74
C VAL D 111 51.51 -41.84 4.86
N SER D 112 50.36 -42.49 4.98
CA SER D 112 49.08 -41.80 5.02
C SER D 112 48.24 -42.33 6.18
N ARG D 113 47.00 -41.83 6.27
CA ARG D 113 46.08 -42.31 7.29
C ARG D 113 45.56 -43.70 6.95
N ARG D 114 45.18 -43.92 5.69
CA ARG D 114 44.67 -45.21 5.27
C ARG D 114 45.73 -46.31 5.40
N GLN D 115 46.98 -45.97 5.06
CA GLN D 115 48.06 -46.94 5.22
C GLN D 115 48.25 -47.30 6.69
N ALA D 116 48.12 -46.32 7.59
CA ALA D 116 48.22 -46.61 9.01
C ALA D 116 47.06 -47.49 9.47
N ARG D 117 45.86 -47.24 8.95
CA ARG D 117 44.72 -48.08 9.27
C ARG D 117 44.95 -49.52 8.82
N GLN D 118 45.59 -49.69 7.66
CA GLN D 118 45.90 -51.04 7.19
C GLN D 118 46.98 -51.70 8.04
N LEU D 119 48.04 -50.96 8.38
CA LEU D 119 49.11 -51.51 9.20
C LEU D 119 48.58 -51.94 10.56
N VAL D 120 47.66 -51.17 11.13
CA VAL D 120 47.00 -51.58 12.37
C VAL D 120 46.16 -52.83 12.12
N ARG D 121 45.28 -52.78 11.11
CA ARG D 121 44.30 -53.83 10.88
C ARG D 121 44.94 -55.20 10.70
N HIS D 122 46.17 -55.26 10.18
CA HIS D 122 46.84 -56.52 9.91
C HIS D 122 47.77 -56.96 11.03
N GLY D 123 47.80 -56.21 12.14
CA GLY D 123 48.53 -56.64 13.32
C GLY D 123 50.00 -56.27 13.35
N HIS D 124 50.46 -55.41 12.44
CA HIS D 124 51.86 -55.03 12.43
C HIS D 124 52.23 -54.06 13.54
N ILE D 125 51.27 -53.63 14.36
CA ILE D 125 51.47 -52.58 15.35
C ILE D 125 51.38 -53.19 16.74
N THR D 126 52.25 -52.72 17.63
CA THR D 126 52.33 -53.17 19.01
C THR D 126 51.95 -52.04 19.96
N VAL D 127 51.15 -52.36 20.98
CA VAL D 127 50.76 -51.37 21.99
C VAL D 127 51.07 -51.97 23.36
N ASN D 128 52.10 -51.45 24.00
CA ASN D 128 52.53 -51.90 25.33
C ASN D 128 52.84 -53.40 25.34
N GLY D 129 53.61 -53.84 24.35
CA GLY D 129 54.01 -55.21 24.21
C GLY D 129 53.03 -56.09 23.48
N ARG D 130 51.74 -55.75 23.49
CA ARG D 130 50.71 -56.54 22.84
C ARG D 130 50.36 -55.97 21.47
N ARG D 131 49.75 -56.82 20.65
CA ARG D 131 49.28 -56.42 19.33
C ARG D 131 47.86 -55.87 19.42
N VAL D 132 47.59 -54.83 18.64
CA VAL D 132 46.24 -54.30 18.47
C VAL D 132 45.98 -54.11 16.99
N ASP D 133 44.89 -54.70 16.50
CA ASP D 133 44.49 -54.55 15.11
C ASP D 133 43.24 -53.69 14.96
N LEU D 134 42.91 -52.90 15.98
CA LEU D 134 41.71 -52.07 15.96
C LEU D 134 42.10 -50.62 15.71
N PRO D 135 41.81 -50.06 14.54
CA PRO D 135 42.13 -48.64 14.32
C PRO D 135 41.39 -47.71 15.26
N SER D 136 40.22 -48.11 15.74
CA SER D 136 39.45 -47.30 16.67
C SER D 136 39.97 -47.37 18.10
N TYR D 137 41.06 -48.11 18.34
CA TYR D 137 41.62 -48.18 19.68
C TYR D 137 42.17 -46.83 20.11
N ARG D 138 41.88 -46.45 21.35
CA ARG D 138 42.31 -45.17 21.88
C ARG D 138 43.60 -45.35 22.67
N VAL D 139 44.59 -44.49 22.37
CA VAL D 139 45.88 -44.54 23.04
C VAL D 139 45.84 -43.61 24.24
N ARG D 140 46.05 -44.16 25.43
CA ARG D 140 46.17 -43.36 26.63
C ARG D 140 47.55 -42.73 26.70
N PRO D 141 47.70 -41.64 27.45
CA PRO D 141 49.04 -41.07 27.65
C PRO D 141 49.95 -42.06 28.36
N GLY D 142 51.17 -42.18 27.84
CA GLY D 142 52.17 -43.08 28.40
C GLY D 142 52.30 -44.41 27.70
N ASP D 143 51.34 -44.77 26.85
CA ASP D 143 51.42 -46.03 26.13
C ASP D 143 52.56 -46.01 25.13
N GLU D 144 53.17 -47.18 24.92
CA GLU D 144 54.25 -47.33 23.96
C GLU D 144 53.70 -47.99 22.70
N ILE D 145 53.90 -47.34 21.56
CA ILE D 145 53.42 -47.82 20.26
C ILE D 145 54.63 -48.19 19.43
N ALA D 146 54.83 -49.49 19.23
CA ALA D 146 55.98 -50.02 18.52
C ALA D 146 55.52 -50.81 17.29
N VAL D 147 56.48 -51.45 16.62
CA VAL D 147 56.22 -52.30 15.47
C VAL D 147 56.63 -53.71 15.82
N ALA D 148 55.72 -54.67 15.60
CA ALA D 148 55.99 -56.07 15.90
C ALA D 148 57.22 -56.55 15.13
N GLU D 149 58.08 -57.30 15.82
CA GLU D 149 59.34 -57.73 15.22
C GLU D 149 59.12 -58.59 13.98
N LYS D 150 57.96 -59.25 13.88
CA LYS D 150 57.65 -60.01 12.68
C LYS D 150 57.56 -59.11 11.46
N SER D 151 57.02 -57.91 11.64
CA SER D 151 56.91 -56.94 10.55
C SER D 151 58.11 -56.00 10.47
N ARG D 152 59.06 -56.10 11.40
CA ARG D 152 60.24 -55.24 11.34
C ARG D 152 61.12 -55.54 10.14
N ASN D 153 61.05 -56.75 9.59
CA ASN D 153 61.79 -57.08 8.39
C ASN D 153 61.11 -56.60 7.12
N LEU D 154 59.90 -56.06 7.23
CA LEU D 154 59.14 -55.65 6.06
C LEU D 154 59.80 -54.47 5.37
N GLU D 155 59.74 -54.46 4.04
CA GLU D 155 60.38 -53.41 3.27
C GLU D 155 59.64 -52.08 3.37
N LEU D 156 58.31 -52.12 3.51
CA LEU D 156 57.55 -50.88 3.61
C LEU D 156 57.86 -50.14 4.91
N ILE D 157 57.90 -50.87 6.03
CA ILE D 157 58.18 -50.24 7.31
C ILE D 157 59.60 -49.71 7.36
N ARG D 158 60.55 -50.50 6.85
CA ARG D 158 61.93 -50.04 6.82
C ARG D 158 62.07 -48.82 5.90
N GLN D 159 61.31 -48.77 4.81
CA GLN D 159 61.31 -47.60 3.94
C GLN D 159 60.80 -46.37 4.68
N ASN D 160 59.64 -46.50 5.33
CA ASN D 160 59.04 -45.36 6.01
C ASN D 160 59.96 -44.84 7.12
N LEU D 161 60.57 -45.74 7.89
CA LEU D 161 61.49 -45.31 8.93
C LEU D 161 62.84 -44.87 8.38
N GLU D 162 63.18 -45.29 7.16
CA GLU D 162 64.36 -44.77 6.48
C GLU D 162 64.16 -43.31 6.11
N ALA D 163 62.95 -42.98 5.64
CA ALA D 163 62.64 -41.57 5.37
C ALA D 163 62.42 -40.77 6.65
N MET D 164 62.08 -41.43 7.75
CA MET D 164 61.86 -40.75 9.02
C MET D 164 63.16 -40.37 9.74
N LYS D 165 64.31 -40.66 9.14
CA LYS D 165 65.57 -40.24 9.74
C LYS D 165 65.74 -38.74 9.63
N GLY D 166 66.01 -38.09 10.77
CA GLY D 166 66.12 -36.65 10.82
C GLY D 166 64.81 -35.91 10.85
N ARG D 167 63.72 -36.51 10.36
CA ARG D 167 62.42 -35.86 10.39
C ARG D 167 61.93 -35.70 11.82
N LYS D 168 61.12 -34.68 12.05
CA LYS D 168 60.66 -34.36 13.39
C LYS D 168 59.30 -34.99 13.66
N VAL D 169 58.98 -35.14 14.94
CA VAL D 169 57.75 -35.77 15.39
C VAL D 169 56.98 -34.76 16.24
N GLY D 170 55.68 -34.96 16.33
CA GLY D 170 54.80 -34.11 17.10
C GLY D 170 55.26 -33.91 18.53
N PRO D 171 55.01 -32.71 19.08
CA PRO D 171 55.49 -32.41 20.44
C PRO D 171 54.89 -33.30 21.52
N TRP D 172 53.68 -33.80 21.31
CA TRP D 172 53.06 -34.74 22.23
C TRP D 172 53.46 -36.18 21.93
N LEU D 173 54.49 -36.39 21.12
CA LEU D 173 54.93 -37.70 20.70
C LEU D 173 56.45 -37.79 20.80
N SER D 174 56.97 -39.00 20.60
CA SER D 174 58.39 -39.27 20.52
C SER D 174 58.58 -40.69 20.00
N LEU D 175 59.71 -40.93 19.34
CA LEU D 175 59.96 -42.25 18.77
C LEU D 175 61.45 -42.50 18.64
N ASP D 176 61.81 -43.77 18.70
CA ASP D 176 63.17 -44.23 18.41
C ASP D 176 63.14 -44.92 17.06
N VAL D 177 63.91 -44.39 16.11
CA VAL D 177 63.77 -44.84 14.73
C VAL D 177 64.42 -46.20 14.49
N GLU D 178 65.45 -46.55 15.28
CA GLU D 178 66.11 -47.84 15.09
C GLU D 178 65.32 -48.98 15.73
N GLY D 179 64.92 -48.83 16.98
CA GLY D 179 64.11 -49.81 17.66
C GLY D 179 62.64 -49.79 17.32
N MET D 180 62.22 -48.83 16.49
CA MET D 180 60.86 -48.73 16.00
C MET D 180 59.84 -48.57 17.14
N LYS D 181 60.26 -47.94 18.23
CA LYS D 181 59.36 -47.67 19.34
C LYS D 181 58.63 -46.35 19.12
N GLY D 182 57.95 -45.86 20.15
CA GLY D 182 57.18 -44.64 20.07
C GLY D 182 56.34 -44.46 21.32
N LYS D 183 56.06 -43.22 21.71
CA LYS D 183 55.37 -42.98 22.97
C LYS D 183 54.36 -41.85 22.82
N PHE D 184 53.12 -42.13 23.20
CA PHE D 184 52.06 -41.12 23.24
C PHE D 184 52.21 -40.35 24.55
N LEU D 185 52.98 -39.26 24.50
CA LEU D 185 53.33 -38.53 25.72
C LEU D 185 52.09 -37.92 26.35
N ARG D 186 51.40 -37.05 25.61
CA ARG D 186 50.24 -36.35 26.14
C ARG D 186 49.23 -36.14 25.02
N LEU D 187 48.04 -35.71 25.41
CA LEU D 187 47.04 -35.32 24.44
C LEU D 187 47.44 -34.01 23.78
N PRO D 188 47.39 -33.92 22.45
CA PRO D 188 47.70 -32.66 21.78
C PRO D 188 46.57 -31.65 21.95
N ASP D 189 46.94 -30.39 22.12
CA ASP D 189 45.99 -29.31 22.25
C ASP D 189 45.67 -28.72 20.88
N ARG D 190 44.78 -27.74 20.86
CA ARG D 190 44.38 -27.10 19.59
C ARG D 190 45.60 -26.54 18.85
N GLU D 191 46.53 -25.91 19.57
CA GLU D 191 47.73 -25.36 18.95
C GLU D 191 48.64 -26.45 18.41
N ASP D 192 48.70 -27.60 19.09
CA ASP D 192 49.58 -28.67 18.65
C ASP D 192 49.24 -29.16 17.25
N LEU D 193 47.96 -29.13 16.88
CA LEU D 193 47.52 -29.55 15.56
C LEU D 193 47.46 -28.36 14.61
N ALA D 194 47.94 -28.57 13.39
CA ALA D 194 47.87 -27.58 12.33
C ALA D 194 46.67 -27.79 11.42
N LEU D 195 45.59 -28.34 11.96
CA LEU D 195 44.43 -28.68 11.15
C LEU D 195 43.77 -27.42 10.59
N PRO D 196 43.54 -27.34 9.28
CA PRO D 196 42.88 -26.18 8.69
C PRO D 196 41.37 -26.19 8.87
N VAL D 197 40.93 -26.43 10.11
CA VAL D 197 39.52 -26.60 10.43
C VAL D 197 39.16 -25.71 11.62
N ASN D 198 38.02 -25.05 11.53
CA ASN D 198 37.45 -24.29 12.65
C ASN D 198 36.50 -25.20 13.41
N GLU D 199 36.93 -25.66 14.59
CA GLU D 199 36.14 -26.63 15.35
C GLU D 199 34.84 -26.01 15.86
N GLN D 200 34.84 -24.71 16.14
CA GLN D 200 33.60 -24.06 16.56
C GLN D 200 32.51 -24.20 15.50
N LEU D 201 32.90 -24.29 14.22
CA LEU D 201 31.90 -24.49 13.18
C LEU D 201 31.30 -25.88 13.24
N VAL D 202 32.10 -26.90 13.58
CA VAL D 202 31.56 -28.24 13.79
C VAL D 202 30.61 -28.24 14.98
N ILE D 203 31.00 -27.58 16.07
CA ILE D 203 30.14 -27.50 17.25
C ILE D 203 28.81 -26.83 16.90
N GLU D 204 28.86 -25.73 16.14
CA GLU D 204 27.64 -25.07 15.70
C GLU D 204 26.84 -25.93 14.72
N PHE D 205 27.51 -26.82 13.99
CA PHE D 205 26.80 -27.73 13.10
C PHE D 205 25.98 -28.73 13.89
N TYR D 206 26.57 -29.31 14.94
CA TYR D 206 25.83 -30.28 15.75
C TYR D 206 24.89 -29.61 16.75
N SER D 207 24.77 -28.29 16.72
CA SER D 207 23.83 -27.61 17.60
C SER D 207 22.39 -27.89 17.19
N ARG D 208 22.13 -27.96 15.88
CA ARG D 208 20.82 -28.27 15.36
C ARG D 208 20.44 -29.72 15.67
N ASP E 1 39.63 -4.37 8.56
CA ASP E 1 38.99 -3.53 9.56
C ASP E 1 37.57 -4.00 9.87
N PHE E 2 36.65 -3.74 8.94
CA PHE E 2 35.23 -4.04 9.12
C PHE E 2 34.79 -5.15 8.18
N GLU E 3 33.90 -6.01 8.68
CA GLU E 3 33.34 -7.11 7.92
C GLU E 3 31.82 -6.98 7.89
N GLU E 4 31.23 -7.16 6.71
CA GLU E 4 29.80 -7.01 6.52
C GLU E 4 29.17 -8.35 6.17
N LYS E 5 27.97 -8.57 6.70
CA LYS E 5 27.22 -9.82 6.50
C LYS E 5 25.79 -9.49 6.15
N MET E 6 25.25 -10.19 5.16
CA MET E 6 23.92 -9.92 4.64
C MET E 6 22.90 -10.79 5.37
N ILE E 7 21.84 -10.17 5.88
CA ILE E 7 20.80 -10.88 6.61
C ILE E 7 19.74 -11.38 5.65
N LEU E 8 19.02 -10.45 4.99
CA LEU E 8 17.99 -10.83 4.06
C LEU E 8 17.66 -9.64 3.17
N ILE E 9 17.20 -9.96 1.94
CA ILE E 9 16.73 -8.97 0.99
C ILE E 9 15.32 -9.36 0.56
N ARG E 10 14.53 -8.34 0.20
CA ARG E 10 13.12 -8.55 -0.09
C ARG E 10 12.65 -7.56 -1.16
N ARG E 11 11.50 -7.90 -1.75
CA ARG E 11 11.02 -7.30 -2.99
C ARG E 11 10.12 -6.09 -2.80
N THR E 12 9.33 -6.03 -1.72
CA THR E 12 8.58 -4.85 -1.27
C THR E 12 7.99 -4.06 -2.44
N ALA E 13 7.07 -4.71 -3.16
CA ALA E 13 6.42 -4.08 -4.30
C ALA E 13 5.46 -2.97 -3.84
N ARG E 14 4.94 -2.23 -4.82
CA ARG E 14 4.02 -1.13 -4.56
C ARG E 14 3.15 -0.93 -5.80
N MET E 15 1.84 -0.78 -5.58
CA MET E 15 0.89 -0.73 -6.67
C MET E 15 0.79 0.70 -7.22
N GLN E 16 0.79 0.82 -8.55
CA GLN E 16 0.60 2.09 -9.22
C GLN E 16 -0.24 1.85 -10.47
N ALA E 17 -0.84 2.92 -10.98
CA ALA E 17 -1.66 2.79 -12.17
C ALA E 17 -0.82 2.24 -13.32
N GLY E 18 -1.12 1.01 -13.74
CA GLY E 18 -0.36 0.32 -14.77
C GLY E 18 0.23 -1.00 -14.30
N GLY E 19 0.54 -1.12 -13.01
CA GLY E 19 1.08 -2.37 -12.50
C GLY E 19 1.83 -2.12 -11.19
N ARG E 20 2.68 -3.09 -10.86
CA ARG E 20 3.50 -3.02 -9.65
C ARG E 20 4.89 -2.48 -9.98
N ARG E 21 5.38 -1.58 -9.13
CA ARG E 21 6.76 -1.12 -9.19
C ARG E 21 7.37 -1.39 -7.82
N PHE E 22 8.57 -1.95 -7.80
CA PHE E 22 9.11 -2.47 -6.56
C PHE E 22 10.45 -1.83 -6.23
N ARG E 23 10.70 -1.67 -4.93
CA ARG E 23 12.01 -1.34 -4.41
C ARG E 23 12.65 -2.62 -3.90
N PHE E 24 13.76 -2.49 -3.18
CA PHE E 24 14.44 -3.63 -2.62
C PHE E 24 14.93 -3.29 -1.22
N GLY E 25 14.61 -4.14 -0.26
CA GLY E 25 15.07 -3.97 1.11
C GLY E 25 16.18 -4.96 1.42
N ALA E 26 17.16 -4.49 2.20
CA ALA E 26 18.34 -5.29 2.50
C ALA E 26 18.83 -5.00 3.90
N LEU E 27 18.89 -6.03 4.74
CA LEU E 27 19.49 -5.93 6.07
C LEU E 27 20.94 -6.35 6.03
N VAL E 28 21.80 -5.59 6.70
CA VAL E 28 23.24 -5.84 6.71
C VAL E 28 23.79 -5.60 8.10
N VAL E 29 24.53 -6.57 8.61
CA VAL E 29 25.28 -6.42 9.86
C VAL E 29 26.70 -6.02 9.52
N VAL E 30 27.29 -5.15 10.34
CA VAL E 30 28.67 -4.74 10.19
C VAL E 30 29.35 -4.94 11.53
N GLY E 31 30.49 -5.63 11.53
CA GLY E 31 31.19 -5.91 12.76
C GLY E 31 32.68 -6.07 12.54
N ASP E 32 33.45 -5.78 13.59
CA ASP E 32 34.88 -5.98 13.60
C ASP E 32 35.28 -7.21 14.39
N ARG E 33 34.32 -7.92 14.98
CA ARG E 33 34.56 -9.09 15.84
C ARG E 33 35.37 -8.74 17.07
N GLN E 34 35.45 -7.45 17.41
CA GLN E 34 36.14 -7.00 18.61
C GLN E 34 35.19 -6.43 19.65
N GLY E 35 33.89 -6.38 19.36
CA GLY E 35 32.92 -5.84 20.30
C GLY E 35 32.12 -4.69 19.73
N ARG E 36 32.24 -4.44 18.42
CA ARG E 36 31.54 -3.35 17.76
C ARG E 36 30.64 -3.94 16.67
N VAL E 37 29.37 -3.53 16.68
CA VAL E 37 28.42 -4.00 15.66
C VAL E 37 27.43 -2.90 15.33
N GLY E 38 27.17 -2.73 14.05
CA GLY E 38 26.13 -1.84 13.57
C GLY E 38 25.15 -2.57 12.67
N LEU E 39 23.92 -2.09 12.59
CA LEU E 39 22.88 -2.73 11.78
C LEU E 39 22.32 -1.70 10.81
N GLY E 40 22.20 -2.08 9.55
CA GLY E 40 21.70 -1.18 8.53
C GLY E 40 20.60 -1.83 7.71
N PHE E 41 19.60 -1.02 7.34
CA PHE E 41 18.49 -1.48 6.53
C PHE E 41 18.37 -0.52 5.34
N GLY E 42 18.82 -0.96 4.18
CA GLY E 42 18.80 -0.15 2.98
C GLY E 42 17.60 -0.46 2.09
N LYS E 43 17.13 0.57 1.39
CA LYS E 43 16.01 0.45 0.47
C LYS E 43 16.38 1.15 -0.82
N ALA E 44 16.38 0.43 -1.93
CA ALA E 44 16.80 1.01 -3.20
C ALA E 44 16.17 0.26 -4.36
N PRO E 45 15.93 0.94 -5.49
CA PRO E 45 15.27 0.28 -6.63
C PRO E 45 16.01 -0.92 -7.18
N GLU E 46 17.27 -1.12 -6.84
CA GLU E 46 18.00 -2.33 -7.22
C GLU E 46 18.66 -2.95 -5.98
N VAL E 47 18.96 -4.24 -6.08
CA VAL E 47 19.53 -4.97 -4.94
C VAL E 47 20.88 -4.43 -4.56
N PRO E 48 21.87 -4.23 -5.44
CA PRO E 48 23.19 -3.78 -5.01
C PRO E 48 23.19 -2.42 -4.33
N LEU E 49 22.41 -1.46 -4.84
CA LEU E 49 22.34 -0.17 -4.18
C LEU E 49 21.62 -0.26 -2.84
N ALA E 50 20.70 -1.21 -2.70
CA ALA E 50 20.10 -1.45 -1.40
C ALA E 50 21.12 -1.99 -0.41
N VAL E 51 21.99 -2.91 -0.87
CA VAL E 51 23.08 -3.40 -0.02
C VAL E 51 24.02 -2.26 0.36
N GLN E 52 24.29 -1.35 -0.58
CA GLN E 52 25.15 -0.21 -0.29
C GLN E 52 24.54 0.69 0.78
N LYS E 53 23.26 1.04 0.62
CA LYS E 53 22.58 1.84 1.63
C LYS E 53 22.60 1.13 2.98
N ALA E 54 22.39 -0.20 2.98
CA ALA E 54 22.40 -0.96 4.23
C ALA E 54 23.76 -0.86 4.91
N GLY E 55 24.84 -1.05 4.14
CA GLY E 55 26.16 -0.97 4.73
C GLY E 55 26.50 0.42 5.27
N TYR E 56 26.17 1.45 4.48
CA TYR E 56 26.45 2.82 4.92
C TYR E 56 25.64 3.18 6.16
N TYR E 57 24.41 2.68 6.26
CA TYR E 57 23.62 2.90 7.46
C TYR E 57 24.14 2.10 8.64
N ALA E 58 24.69 0.91 8.38
CA ALA E 58 25.18 0.06 9.45
C ALA E 58 26.48 0.57 10.02
N ARG E 59 27.28 1.30 9.23
CA ARG E 59 28.48 1.91 9.80
C ARG E 59 28.13 3.07 10.72
N ARG E 60 27.01 3.74 10.46
CA ARG E 60 26.38 4.56 11.50
C ARG E 60 25.58 3.65 12.44
N ASN E 61 25.12 4.21 13.55
CA ASN E 61 24.31 3.47 14.52
C ASN E 61 25.06 2.22 14.99
N MET E 62 26.18 2.46 15.67
CA MET E 62 27.03 1.39 16.15
C MET E 62 26.70 1.05 17.61
N VAL E 63 27.27 -0.06 18.07
CA VAL E 63 27.06 -0.57 19.41
C VAL E 63 28.37 -1.20 19.88
N GLU E 64 28.88 -0.73 21.02
CA GLU E 64 30.02 -1.35 21.69
C GLU E 64 29.48 -2.47 22.59
N VAL E 65 30.02 -3.67 22.42
CA VAL E 65 29.53 -4.85 23.13
C VAL E 65 30.54 -5.22 24.22
N PRO E 66 30.12 -5.33 25.48
CA PRO E 66 31.05 -5.71 26.57
C PRO E 66 31.25 -7.23 26.65
N LEU E 67 32.20 -7.72 25.84
CA LEU E 67 32.46 -9.15 25.72
C LEU E 67 33.45 -9.58 26.80
N GLN E 68 32.94 -10.30 27.81
CA GLN E 68 33.79 -10.92 28.83
C GLN E 68 34.11 -12.34 28.37
N ASN E 69 35.35 -12.55 27.91
CA ASN E 69 35.81 -13.85 27.42
C ASN E 69 34.96 -14.33 26.24
N GLY E 70 34.64 -13.41 25.33
CA GLY E 70 33.87 -13.77 24.16
C GLY E 70 32.42 -14.14 24.43
N THR E 71 31.87 -13.77 25.58
CA THR E 71 30.48 -14.03 25.87
C THR E 71 29.89 -12.88 26.68
N ILE E 72 28.57 -12.82 26.70
CA ILE E 72 27.79 -11.76 27.32
C ILE E 72 27.99 -11.80 28.83
N PRO E 73 28.00 -10.66 29.53
CA PRO E 73 28.15 -10.70 30.99
C PRO E 73 26.91 -11.20 31.72
N HIS E 74 25.71 -11.03 31.17
CA HIS E 74 24.50 -11.47 31.87
C HIS E 74 23.37 -11.66 30.86
N GLU E 75 22.43 -12.53 31.22
CA GLU E 75 21.28 -12.82 30.37
C GLU E 75 20.32 -11.62 30.34
N ILE E 76 19.58 -11.49 29.24
CA ILE E 76 18.55 -10.46 29.14
C ILE E 76 17.49 -10.89 28.13
N GLU E 77 16.27 -10.43 28.36
CA GLU E 77 15.19 -10.48 27.38
C GLU E 77 14.93 -9.08 26.86
N VAL E 78 14.56 -8.99 25.58
CA VAL E 78 14.25 -7.72 24.95
C VAL E 78 13.06 -7.89 24.03
N GLU E 79 12.05 -7.04 24.21
CA GLU E 79 10.82 -7.09 23.42
C GLU E 79 10.78 -5.90 22.48
N PHE E 80 10.98 -6.17 21.20
CA PHE E 80 10.83 -5.17 20.14
C PHE E 80 9.52 -5.48 19.41
N GLY E 81 8.51 -4.65 19.64
CA GLY E 81 7.20 -4.92 19.07
C GLY E 81 6.65 -6.21 19.64
N ALA E 82 6.31 -7.14 18.75
CA ALA E 82 5.84 -8.46 19.15
C ALA E 82 6.96 -9.49 19.19
N SER E 83 8.19 -9.09 18.88
CA SER E 83 9.33 -9.98 18.91
C SER E 83 10.02 -9.95 20.27
N LYS E 84 10.53 -11.08 20.71
CA LYS E 84 11.30 -11.17 21.93
C LYS E 84 12.58 -11.94 21.67
N ILE E 85 13.71 -11.39 22.10
CA ILE E 85 14.99 -12.06 22.01
C ILE E 85 15.45 -12.37 23.43
N VAL E 86 15.94 -13.59 23.64
CA VAL E 86 16.43 -14.04 24.94
C VAL E 86 17.87 -14.45 24.76
N LEU E 87 18.78 -13.74 25.44
CA LEU E 87 20.21 -14.02 25.36
C LEU E 87 20.70 -14.48 26.73
N LYS E 88 21.50 -15.55 26.73
CA LYS E 88 22.07 -16.09 27.94
C LYS E 88 23.55 -16.37 27.71
N PRO E 89 24.43 -15.99 28.63
CA PRO E 89 25.86 -16.27 28.44
C PRO E 89 26.14 -17.76 28.52
N ALA E 90 27.17 -18.18 27.79
CA ALA E 90 27.59 -19.58 27.75
C ALA E 90 29.09 -19.68 27.98
N ALA E 91 29.51 -20.82 28.51
CA ALA E 91 30.92 -21.08 28.74
C ALA E 91 31.59 -21.51 27.43
N PRO E 92 32.91 -21.35 27.32
CA PRO E 92 33.61 -21.77 26.10
C PRO E 92 33.42 -23.25 25.81
N GLY E 93 33.55 -23.59 24.53
CA GLY E 93 33.21 -24.93 24.08
C GLY E 93 31.75 -25.14 23.83
N THR E 94 30.98 -24.07 23.62
CA THR E 94 29.55 -24.12 23.38
C THR E 94 29.18 -23.68 21.97
N GLY E 95 29.69 -22.53 21.53
CA GLY E 95 29.37 -22.01 20.22
C GLY E 95 28.20 -21.06 20.25
N VAL E 96 27.96 -20.42 19.11
CA VAL E 96 26.84 -19.49 18.94
C VAL E 96 25.61 -20.32 18.59
N ILE E 97 24.73 -20.53 19.56
CA ILE E 97 23.47 -21.23 19.34
C ILE E 97 22.39 -20.15 19.23
N ALA E 98 21.97 -19.86 18.01
CA ALA E 98 21.06 -18.76 17.76
C ALA E 98 20.43 -18.92 16.38
N GLY E 99 19.28 -18.29 16.20
CA GLY E 99 18.68 -18.19 14.88
C GLY E 99 19.62 -17.50 13.90
N ALA E 100 19.24 -17.59 12.62
CA ALA E 100 20.10 -17.08 11.55
C ALA E 100 20.52 -15.64 11.80
N VAL E 101 19.54 -14.76 12.06
CA VAL E 101 19.75 -13.33 12.24
C VAL E 101 20.57 -13.04 13.50
N PRO E 102 20.16 -13.55 14.67
CA PRO E 102 21.02 -13.34 15.85
C PRO E 102 22.38 -14.00 15.71
N ARG E 103 22.45 -15.18 15.10
CA ARG E 103 23.76 -15.81 14.88
C ARG E 103 24.68 -14.89 14.08
N ALA E 104 24.17 -14.33 12.98
CA ALA E 104 24.97 -13.42 12.18
C ALA E 104 25.40 -12.20 12.99
N ILE E 105 24.44 -11.56 13.68
CA ILE E 105 24.75 -10.34 14.41
C ILE E 105 25.83 -10.60 15.46
N LEU E 106 25.64 -11.64 16.27
CA LEU E 106 26.57 -11.92 17.37
C LEU E 106 27.92 -12.43 16.87
N GLU E 107 27.93 -13.20 15.78
CA GLU E 107 29.20 -13.65 15.20
C GLU E 107 30.01 -12.46 14.70
N LEU E 108 29.33 -11.47 14.11
CA LEU E 108 30.06 -10.27 13.73
C LEU E 108 30.41 -9.39 14.93
N ALA E 109 29.69 -9.55 16.04
CA ALA E 109 30.01 -8.77 17.23
C ALA E 109 31.26 -9.25 17.93
N GLY E 110 31.75 -10.44 17.61
CA GLY E 110 32.83 -11.06 18.34
C GLY E 110 32.39 -12.10 19.34
N VAL E 111 31.09 -12.27 19.54
CA VAL E 111 30.59 -13.31 20.43
C VAL E 111 30.88 -14.68 19.82
N THR E 112 31.41 -15.59 20.64
CA THR E 112 31.73 -16.93 20.18
C THR E 112 30.91 -18.02 20.87
N ASP E 113 30.41 -17.77 22.08
CA ASP E 113 29.65 -18.77 22.83
C ASP E 113 28.50 -18.08 23.53
N ILE E 114 27.27 -18.42 23.15
CA ILE E 114 26.09 -17.78 23.71
C ILE E 114 24.89 -18.65 23.40
N LEU E 115 23.85 -18.56 24.24
CA LEU E 115 22.59 -19.24 24.02
C LEU E 115 21.50 -18.21 23.72
N THR E 116 20.59 -18.56 22.82
CA THR E 116 19.64 -17.60 22.28
C THR E 116 18.30 -18.27 22.02
N LYS E 117 17.22 -17.53 22.26
CA LYS E 117 15.89 -17.99 21.87
C LYS E 117 15.08 -16.82 21.32
N GLU E 118 14.52 -17.01 20.13
CA GLU E 118 13.53 -16.08 19.59
C GLU E 118 12.14 -16.51 20.04
N LEU E 119 11.31 -15.53 20.35
CA LEU E 119 9.95 -15.78 20.83
C LEU E 119 9.00 -14.75 20.23
N GLY E 120 7.74 -15.14 20.13
CA GLY E 120 6.75 -14.24 19.55
C GLY E 120 6.98 -14.08 18.06
N SER E 121 6.83 -12.85 17.58
CA SER E 121 7.02 -12.58 16.16
C SER E 121 8.48 -12.79 15.78
N ARG E 122 8.73 -13.76 14.90
CA ARG E 122 10.07 -14.09 14.44
C ARG E 122 10.40 -13.41 13.12
N ASN E 123 9.77 -12.27 12.85
CA ASN E 123 10.12 -11.48 11.68
C ASN E 123 11.60 -11.09 11.75
N PRO E 124 12.37 -11.30 10.68
CA PRO E 124 13.82 -11.04 10.77
C PRO E 124 14.16 -9.61 11.15
N ILE E 125 13.39 -8.62 10.69
CA ILE E 125 13.71 -7.23 10.97
C ILE E 125 13.54 -6.92 12.45
N ASN E 126 12.40 -7.30 13.02
CA ASN E 126 12.17 -7.04 14.44
C ASN E 126 13.11 -7.87 15.32
N ILE E 127 13.44 -9.09 14.90
CA ILE E 127 14.41 -9.89 15.65
C ILE E 127 15.78 -9.22 15.65
N ALA E 128 16.21 -8.70 14.50
CA ALA E 128 17.48 -8.00 14.44
C ALA E 128 17.48 -6.75 15.30
N TYR E 129 16.38 -5.98 15.25
CA TYR E 129 16.29 -4.78 16.07
C TYR E 129 16.30 -5.12 17.55
N ALA E 130 15.61 -6.20 17.93
CA ALA E 130 15.61 -6.64 19.32
C ALA E 130 17.00 -7.09 19.75
N THR E 131 17.73 -7.75 18.87
CA THR E 131 19.10 -8.17 19.19
C THR E 131 20.01 -6.97 19.40
N MET E 132 19.89 -5.96 18.54
CA MET E 132 20.68 -4.75 18.70
C MET E 132 20.31 -4.02 20.00
N GLU E 133 19.01 -3.89 20.27
CA GLU E 133 18.57 -3.22 21.50
C GLU E 133 18.78 -4.09 22.73
N ALA E 134 19.15 -5.36 22.56
CA ALA E 134 19.59 -6.19 23.67
C ALA E 134 21.07 -5.96 23.95
N LEU E 135 21.89 -5.94 22.90
CA LEU E 135 23.30 -5.62 23.09
C LEU E 135 23.50 -4.20 23.58
N ARG E 136 22.54 -3.31 23.30
CA ARG E 136 22.61 -1.93 23.79
C ARG E 136 22.39 -1.84 25.31
N GLN E 137 21.77 -2.85 25.91
CA GLN E 137 21.45 -2.82 27.33
C GLN E 137 22.42 -3.63 28.17
N LEU E 138 23.50 -4.11 27.59
CA LEU E 138 24.48 -4.88 28.35
C LEU E 138 25.33 -3.98 29.23
N ARG E 139 25.59 -4.42 30.45
CA ARG E 139 26.40 -3.68 31.40
C ARG E 139 27.39 -4.61 32.07
N THR E 140 28.64 -4.16 32.16
CA THR E 140 29.66 -4.90 32.87
C THR E 140 29.47 -4.74 34.38
N LYS E 141 30.07 -5.67 35.14
CA LYS E 141 30.04 -5.56 36.60
C LYS E 141 30.59 -4.21 37.06
N ALA E 142 31.65 -3.73 36.39
CA ALA E 142 32.22 -2.43 36.72
C ALA E 142 31.24 -1.31 36.45
N ASP E 143 30.49 -1.40 35.36
CA ASP E 143 29.48 -0.38 35.04
C ASP E 143 28.42 -0.31 36.13
N VAL E 144 27.92 -1.46 36.56
CA VAL E 144 26.89 -1.47 37.59
C VAL E 144 27.45 -0.99 38.92
N GLU E 145 28.71 -1.34 39.21
CA GLU E 145 29.34 -0.87 40.43
C GLU E 145 29.43 0.65 40.44
N ARG E 146 29.97 1.24 39.36
CA ARG E 146 30.09 2.69 39.30
C ARG E 146 28.74 3.38 39.22
N LEU E 147 27.69 2.67 38.79
CA LEU E 147 26.36 3.26 38.77
C LEU E 147 25.80 3.41 40.18
N ARG E 148 26.12 2.47 41.07
CA ARG E 148 25.63 2.50 42.44
C ARG E 148 26.66 3.08 43.41
N LYS E 149 27.73 3.70 42.91
CA LYS E 149 28.80 4.15 43.80
C LYS E 149 28.33 5.24 44.75
N GLY E 150 27.47 6.14 44.27
CA GLY E 150 26.97 7.22 45.11
C GLY E 150 28.03 8.22 45.50
N MET F 1 -46.71 18.33 59.91
CA MET F 1 -47.35 19.42 59.19
C MET F 1 -46.33 20.27 58.43
N ARG F 2 -46.45 20.30 57.11
CA ARG F 2 -45.56 21.08 56.26
C ARG F 2 -46.26 22.36 55.80
N ARG F 3 -45.45 23.27 55.25
CA ARG F 3 -45.93 24.54 54.74
C ARG F 3 -46.22 24.42 53.25
N TYR F 4 -47.42 24.81 52.85
CA TYR F 4 -47.86 24.74 51.47
C TYR F 4 -48.43 26.08 51.03
N GLU F 5 -48.56 26.23 49.71
CA GLU F 5 -49.13 27.42 49.09
C GLU F 5 -50.22 26.97 48.13
N VAL F 6 -51.45 27.41 48.40
CA VAL F 6 -52.62 27.04 47.62
C VAL F 6 -52.99 28.21 46.72
N ASN F 7 -52.96 27.98 45.41
CA ASN F 7 -53.43 28.95 44.42
C ASN F 7 -54.80 28.53 43.93
N ILE F 8 -55.75 29.46 43.97
CA ILE F 8 -57.14 29.19 43.60
C ILE F 8 -57.57 30.21 42.56
N VAL F 9 -57.89 29.74 41.36
CA VAL F 9 -58.42 30.60 40.30
C VAL F 9 -59.86 30.16 40.09
N LEU F 10 -60.79 31.07 40.33
CA LEU F 10 -62.21 30.77 40.17
C LEU F 10 -62.87 31.82 39.27
N ASN F 11 -64.16 31.61 39.02
CA ASN F 11 -64.90 32.43 38.07
C ASN F 11 -64.87 33.89 38.49
N PRO F 12 -64.58 34.82 37.58
CA PRO F 12 -64.47 36.23 37.98
C PRO F 12 -65.82 36.93 38.15
N ASN F 13 -66.82 36.51 37.39
CA ASN F 13 -68.11 37.21 37.31
C ASN F 13 -68.96 37.07 38.57
N LEU F 14 -68.49 36.47 39.67
CA LEU F 14 -69.33 36.31 40.85
C LEU F 14 -69.60 37.65 41.52
N ASP F 15 -70.77 37.76 42.13
CA ASP F 15 -71.11 38.89 42.96
C ASP F 15 -70.76 38.55 44.42
N GLN F 16 -71.16 39.40 45.36
CA GLN F 16 -70.61 39.30 46.70
C GLN F 16 -71.17 38.10 47.46
N SER F 17 -72.45 37.78 47.29
CA SER F 17 -72.99 36.61 47.95
C SER F 17 -72.29 35.34 47.48
N GLN F 18 -72.20 35.15 46.16
CA GLN F 18 -71.56 33.96 45.60
C GLN F 18 -70.08 33.91 45.96
N LEU F 19 -69.39 35.04 45.88
CA LEU F 19 -67.95 35.05 46.16
C LEU F 19 -67.68 34.73 47.62
N ALA F 20 -68.43 35.36 48.53
CA ALA F 20 -68.28 35.07 49.95
C ALA F 20 -68.64 33.61 50.25
N LEU F 21 -69.65 33.08 49.57
CA LEU F 21 -70.02 31.68 49.74
C LEU F 21 -68.88 30.75 49.36
N GLU F 22 -68.33 30.94 48.15
CA GLU F 22 -67.22 30.09 47.70
C GLU F 22 -66.02 30.24 48.61
N LYS F 23 -65.73 31.46 49.07
CA LYS F 23 -64.57 31.67 49.93
C LYS F 23 -64.77 31.00 51.29
N GLU F 24 -65.98 31.07 51.85
CA GLU F 24 -66.24 30.39 53.11
C GLU F 24 -66.24 28.88 52.94
N ILE F 25 -66.62 28.38 51.77
CA ILE F 25 -66.52 26.94 51.51
C ILE F 25 -65.07 26.51 51.47
N ILE F 26 -64.22 27.30 50.83
CA ILE F 26 -62.78 27.03 50.87
C ILE F 26 -62.27 27.05 52.30
N GLN F 27 -62.75 28.01 53.11
CA GLN F 27 -62.36 28.09 54.51
C GLN F 27 -62.76 26.83 55.27
N ARG F 28 -63.99 26.36 55.05
CA ARG F 28 -64.46 25.16 55.73
C ARG F 28 -63.66 23.94 55.31
N ALA F 29 -63.27 23.88 54.03
CA ALA F 29 -62.41 22.79 53.56
C ALA F 29 -61.04 22.85 54.24
N LEU F 30 -60.50 24.06 54.41
CA LEU F 30 -59.22 24.19 55.11
C LEU F 30 -59.34 23.77 56.57
N GLU F 31 -60.45 24.12 57.22
CA GLU F 31 -60.67 23.72 58.61
C GLU F 31 -60.78 22.21 58.72
N ASN F 32 -61.58 21.58 57.85
CA ASN F 32 -61.89 20.17 57.98
C ASN F 32 -60.69 19.27 57.76
N TYR F 33 -59.65 19.76 57.09
CA TYR F 33 -58.47 18.95 56.82
C TYR F 33 -57.27 19.36 57.66
N GLY F 34 -57.47 20.23 58.65
CA GLY F 34 -56.39 20.62 59.53
C GLY F 34 -55.38 21.56 58.93
N ALA F 35 -55.83 22.57 58.21
CA ALA F 35 -54.94 23.52 57.52
C ALA F 35 -54.87 24.80 58.33
N ARG F 36 -53.78 25.00 59.04
CA ARG F 36 -53.53 26.25 59.75
C ARG F 36 -53.14 27.32 58.75
N VAL F 37 -53.93 28.40 58.68
CA VAL F 37 -53.76 29.43 57.67
C VAL F 37 -52.75 30.44 58.18
N GLU F 38 -51.56 30.48 57.56
CA GLU F 38 -50.54 31.41 58.00
C GLU F 38 -50.74 32.80 57.39
N LYS F 39 -51.05 32.88 56.10
CA LYS F 39 -51.33 34.18 55.50
C LYS F 39 -52.14 34.00 54.22
N VAL F 40 -52.66 35.12 53.72
CA VAL F 40 -53.59 35.13 52.59
C VAL F 40 -53.34 36.37 51.74
N GLU F 41 -53.38 36.18 50.41
CA GLU F 41 -53.27 37.27 49.45
C GLU F 41 -54.32 37.06 48.37
N GLU F 42 -55.20 38.04 48.20
CA GLU F 42 -56.31 37.96 47.26
C GLU F 42 -56.10 38.97 46.14
N LEU F 43 -55.70 38.48 44.96
CA LEU F 43 -55.45 39.37 43.83
C LEU F 43 -56.73 39.73 43.10
N GLY F 44 -57.58 38.74 42.85
CA GLY F 44 -58.88 39.00 42.25
C GLY F 44 -58.81 39.06 40.73
N LEU F 45 -59.43 40.07 40.14
CA LEU F 45 -59.52 40.17 38.70
C LEU F 45 -58.14 40.28 38.07
N ARG F 46 -57.86 39.38 37.13
CA ARG F 46 -56.58 39.37 36.43
C ARG F 46 -56.81 38.91 34.98
N ARG F 47 -55.97 39.42 34.08
CA ARG F 47 -56.06 39.09 32.66
C ARG F 47 -55.28 37.80 32.42
N LEU F 48 -55.98 36.74 32.05
CA LEU F 48 -55.32 35.47 31.77
C LEU F 48 -54.57 35.53 30.45
N ALA F 49 -53.52 34.72 30.34
CA ALA F 49 -52.77 34.64 29.09
C ALA F 49 -53.51 33.83 28.04
N TYR F 50 -54.30 32.85 28.46
CA TYR F 50 -55.14 32.06 27.59
C TYR F 50 -56.49 31.85 28.25
N PRO F 51 -57.56 31.73 27.47
CA PRO F 51 -58.89 31.57 28.06
C PRO F 51 -59.01 30.28 28.87
N ILE F 52 -59.60 30.41 30.05
CA ILE F 52 -59.83 29.27 30.94
C ILE F 52 -61.34 29.18 31.18
N ALA F 53 -61.92 28.04 30.80
CA ALA F 53 -63.36 27.81 30.89
C ALA F 53 -64.14 28.89 30.13
N LYS F 54 -63.73 29.11 28.88
CA LYS F 54 -64.37 30.02 27.94
C LYS F 54 -64.31 31.49 28.38
N ASP F 55 -63.59 31.79 29.45
CA ASP F 55 -63.52 33.14 29.99
C ASP F 55 -62.09 33.66 29.92
N PRO F 56 -61.87 34.87 29.41
CA PRO F 56 -60.51 35.41 29.30
C PRO F 56 -59.93 35.93 30.60
N GLN F 57 -60.70 35.93 31.70
CA GLN F 57 -60.23 36.44 32.97
C GLN F 57 -60.48 35.41 34.07
N GLY F 58 -59.95 35.70 35.25
CA GLY F 58 -60.10 34.83 36.40
C GLY F 58 -59.83 35.55 37.68
N TYR F 59 -60.34 34.99 38.77
CA TYR F 59 -60.21 35.57 40.10
C TYR F 59 -59.22 34.73 40.91
N PHE F 60 -58.22 35.40 41.49
CA PHE F 60 -57.06 34.72 42.06
C PHE F 60 -57.07 34.79 43.59
N LEU F 61 -56.56 33.72 44.20
CA LEU F 61 -56.42 33.60 45.65
C LEU F 61 -55.13 32.84 45.95
N TRP F 62 -54.45 33.21 47.02
CA TRP F 62 -53.19 32.57 47.42
C TRP F 62 -53.19 32.42 48.93
N TYR F 63 -53.04 31.19 49.41
CA TYR F 63 -53.05 30.89 50.84
C TYR F 63 -51.76 30.20 51.22
N GLN F 64 -50.99 30.80 52.13
CA GLN F 64 -49.84 30.12 52.72
C GLN F 64 -50.29 29.48 54.03
N VAL F 65 -50.18 28.14 54.10
CA VAL F 65 -50.77 27.34 55.16
C VAL F 65 -49.74 26.36 55.70
N GLU F 66 -50.07 25.74 56.83
CA GLU F 66 -49.31 24.65 57.41
C GLU F 66 -50.30 23.54 57.75
N MET F 67 -50.14 22.38 57.11
CA MET F 67 -51.11 21.31 57.26
C MET F 67 -50.42 19.97 57.16
N PRO F 68 -51.05 18.89 57.63
CA PRO F 68 -50.44 17.56 57.49
C PRO F 68 -50.25 17.17 56.03
N GLU F 69 -49.31 16.25 55.82
CA GLU F 69 -48.89 15.90 54.46
C GLU F 69 -49.89 14.99 53.78
N ASP F 70 -50.27 13.89 54.43
CA ASP F 70 -51.11 12.86 53.82
C ASP F 70 -52.51 13.36 53.49
N ARG F 71 -52.87 14.57 53.91
CA ARG F 71 -54.19 15.13 53.64
C ARG F 71 -54.19 16.13 52.50
N VAL F 72 -53.02 16.46 51.96
CA VAL F 72 -52.93 17.51 50.94
C VAL F 72 -53.69 17.12 49.67
N ASN F 73 -53.55 15.86 49.24
CA ASN F 73 -54.19 15.45 47.99
C ASN F 73 -55.71 15.38 48.15
N ASP F 74 -56.19 14.89 49.28
CA ASP F 74 -57.63 14.86 49.54
C ASP F 74 -58.20 16.27 49.65
N LEU F 75 -57.44 17.17 50.30
CA LEU F 75 -57.86 18.57 50.35
C LEU F 75 -57.94 19.18 48.96
N ALA F 76 -56.96 18.87 48.11
CA ALA F 76 -56.97 19.37 46.74
C ALA F 76 -58.19 18.85 45.98
N ARG F 77 -58.50 17.56 46.13
CA ARG F 77 -59.69 17.01 45.48
C ARG F 77 -60.96 17.72 45.94
N GLU F 78 -61.13 17.85 47.26
CA GLU F 78 -62.32 18.51 47.79
C GLU F 78 -62.41 19.97 47.32
N LEU F 79 -61.27 20.64 47.16
CA LEU F 79 -61.28 21.98 46.61
C LEU F 79 -61.66 21.99 45.13
N ARG F 80 -61.28 20.94 44.39
CA ARG F 80 -61.58 20.89 42.97
C ARG F 80 -63.04 20.56 42.69
N ILE F 81 -63.70 19.82 43.59
CA ILE F 81 -65.06 19.37 43.32
C ILE F 81 -66.01 20.55 43.11
N ARG F 82 -65.72 21.69 43.72
CA ARG F 82 -66.56 22.88 43.53
C ARG F 82 -66.56 23.30 42.07
N ASP F 83 -67.73 23.71 41.59
CA ASP F 83 -67.89 24.04 40.17
C ASP F 83 -67.18 25.33 39.81
N ASN F 84 -67.35 26.38 40.61
CA ASN F 84 -66.81 27.68 40.26
C ASN F 84 -65.29 27.75 40.35
N VAL F 85 -64.66 26.83 41.10
CA VAL F 85 -63.22 26.79 41.21
C VAL F 85 -62.65 26.10 39.97
N ARG F 86 -61.98 26.88 39.11
CA ARG F 86 -61.51 26.37 37.83
C ARG F 86 -60.07 25.85 37.88
N ARG F 87 -59.26 26.30 38.84
CA ARG F 87 -57.87 25.89 38.94
C ARG F 87 -57.45 25.79 40.40
N VAL F 88 -56.80 24.67 40.74
CA VAL F 88 -56.26 24.45 42.08
C VAL F 88 -54.86 23.90 41.93
N MET F 89 -53.87 24.63 42.43
CA MET F 89 -52.47 24.19 42.42
C MET F 89 -51.89 24.34 43.81
N VAL F 90 -51.73 23.24 44.52
CA VAL F 90 -51.09 23.22 45.83
C VAL F 90 -49.61 22.97 45.63
N VAL F 91 -48.78 23.85 46.19
CA VAL F 91 -47.33 23.80 46.01
C VAL F 91 -46.67 23.79 47.37
N LYS F 92 -45.72 22.87 47.57
CA LYS F 92 -44.92 22.87 48.79
C LYS F 92 -44.10 24.15 48.85
N SER F 93 -44.09 24.80 50.02
CA SER F 93 -43.38 26.06 50.16
C SER F 93 -41.89 25.86 49.97
N GLN F 94 -41.22 26.91 49.49
CA GLN F 94 -39.79 26.88 49.22
C GLN F 94 -39.19 28.24 49.58
N GLU F 95 -37.85 28.26 49.66
CA GLU F 95 -37.10 29.47 49.99
C GLU F 95 -36.84 30.30 48.73
N PRO F 96 -36.75 31.63 48.87
CA PRO F 96 -36.64 32.49 47.69
C PRO F 96 -35.25 32.47 47.04
N PHE F 97 -35.01 31.50 46.16
CA PHE F 97 -33.80 31.52 45.35
C PHE F 97 -33.76 32.77 44.49
N LEU F 98 -32.73 33.58 44.66
CA LEU F 98 -32.62 34.86 43.99
C LEU F 98 -31.69 34.77 42.78
N ALA F 99 -31.69 35.83 41.99
CA ALA F 99 -30.83 35.93 40.83
C ALA F 99 -30.38 37.37 40.65
N ASN F 100 -29.22 37.55 40.03
CA ASN F 100 -28.61 38.87 39.86
C ASN F 100 -28.44 39.56 41.21
N ALA F 101 -28.06 38.78 42.21
CA ALA F 101 -27.96 39.25 43.60
C ALA F 101 -27.02 40.44 43.75
N ALA G 1 -15.98 28.17 -23.53
CA ALA G 1 -15.19 29.12 -22.75
C ALA G 1 -15.02 28.67 -21.31
N ARG G 2 -14.14 27.68 -21.10
CA ARG G 2 -13.88 27.21 -19.75
C ARG G 2 -12.98 28.17 -18.98
N ARG G 3 -11.92 28.65 -19.61
CA ARG G 3 -10.98 29.54 -18.94
C ARG G 3 -11.32 31.02 -19.14
N ARG G 4 -11.35 31.46 -20.40
CA ARG G 4 -11.41 32.87 -20.73
C ARG G 4 -12.84 33.30 -21.00
N ARG G 5 -13.01 34.59 -21.29
CA ARG G 5 -14.30 35.16 -21.62
C ARG G 5 -14.62 35.09 -23.10
N ALA G 6 -13.67 34.63 -23.92
CA ALA G 6 -13.85 34.53 -25.38
C ALA G 6 -14.19 35.90 -25.96
N GLU G 7 -13.21 36.80 -25.87
CA GLU G 7 -13.36 38.18 -26.32
C GLU G 7 -13.99 38.26 -27.70
N VAL G 8 -14.97 39.16 -27.83
CA VAL G 8 -15.76 39.24 -29.05
C VAL G 8 -14.91 39.79 -30.19
N ARG G 9 -15.04 39.19 -31.37
CA ARG G 9 -14.37 39.71 -32.55
C ARG G 9 -14.94 41.07 -32.92
N GLN G 10 -14.05 42.02 -33.19
CA GLN G 10 -14.45 43.37 -33.60
C GLN G 10 -14.39 43.45 -35.12
N LEU G 11 -15.56 43.44 -35.75
CA LEU G 11 -15.63 43.42 -37.20
C LEU G 11 -15.12 44.73 -37.80
N GLN G 12 -14.66 44.64 -39.04
CA GLN G 12 -14.23 45.84 -39.75
C GLN G 12 -15.45 46.70 -40.09
N PRO G 13 -15.28 48.03 -40.10
CA PRO G 13 -16.36 48.91 -40.52
C PRO G 13 -16.67 48.70 -42.00
N ASP G 14 -17.73 49.35 -42.44
CA ASP G 14 -18.23 49.21 -43.79
C ASP G 14 -17.70 50.33 -44.67
N LEU G 15 -17.58 50.01 -45.97
CA LEU G 15 -17.02 50.95 -46.93
C LEU G 15 -18.06 51.95 -47.45
N VAL G 16 -19.35 51.60 -47.39
CA VAL G 16 -20.39 52.47 -47.93
C VAL G 16 -20.97 53.35 -46.82
N TYR G 17 -21.46 52.73 -45.76
CA TYR G 17 -22.03 53.47 -44.64
C TYR G 17 -20.98 53.89 -43.61
N GLY G 18 -19.99 53.05 -43.38
CA GLY G 18 -19.10 53.23 -42.24
C GLY G 18 -19.61 52.62 -40.96
N ASP G 19 -20.61 51.74 -41.05
CA ASP G 19 -21.25 51.13 -39.89
C ASP G 19 -20.89 49.65 -39.80
N VAL G 20 -20.82 49.16 -38.56
CA VAL G 20 -20.38 47.79 -38.33
C VAL G 20 -21.51 46.79 -38.49
N LEU G 21 -22.74 47.17 -38.16
CA LEU G 21 -23.87 46.26 -38.30
C LEU G 21 -24.09 45.88 -39.76
N VAL G 22 -23.79 46.79 -40.69
CA VAL G 22 -23.90 46.47 -42.10
C VAL G 22 -22.90 45.38 -42.48
N THR G 23 -21.66 45.50 -41.99
CA THR G 23 -20.67 44.45 -42.26
C THR G 23 -21.08 43.13 -41.64
N ALA G 24 -21.64 43.16 -40.44
CA ALA G 24 -22.11 41.93 -39.79
C ALA G 24 -23.22 41.28 -40.60
N PHE G 25 -24.19 42.07 -41.08
CA PHE G 25 -25.26 41.53 -41.89
C PHE G 25 -24.74 40.96 -43.20
N ILE G 26 -23.78 41.66 -43.82
CA ILE G 26 -23.18 41.17 -45.07
C ILE G 26 -22.46 39.84 -44.82
N ASN G 27 -21.81 39.69 -43.67
CA ASN G 27 -21.22 38.41 -43.32
C ASN G 27 -22.30 37.35 -43.16
N LYS G 28 -23.42 37.70 -42.52
CA LYS G 28 -24.50 36.73 -42.37
C LYS G 28 -25.10 36.31 -43.71
N ILE G 29 -25.03 37.18 -44.72
CA ILE G 29 -25.51 36.80 -46.04
C ILE G 29 -24.49 35.93 -46.77
N MET G 30 -23.20 36.09 -46.47
CA MET G 30 -22.15 35.41 -47.21
C MET G 30 -22.20 33.91 -46.98
N ARG G 31 -21.95 33.14 -48.04
CA ARG G 31 -21.81 31.69 -47.95
C ARG G 31 -20.66 31.24 -48.82
N ASP G 32 -20.00 30.17 -48.39
CA ASP G 32 -18.82 29.60 -49.06
C ASP G 32 -17.66 30.60 -49.13
N GLY G 33 -17.67 31.62 -48.29
CA GLY G 33 -16.58 32.58 -48.25
C GLY G 33 -16.64 33.66 -49.30
N LYS G 34 -17.81 33.91 -49.88
CA LYS G 34 -17.96 34.93 -50.92
C LYS G 34 -18.52 36.19 -50.27
N LYS G 35 -17.64 37.05 -49.78
CA LYS G 35 -18.07 38.33 -49.25
C LYS G 35 -18.32 39.36 -50.35
N ASN G 36 -17.68 39.19 -51.52
CA ASN G 36 -17.92 40.10 -52.65
C ASN G 36 -19.33 39.93 -53.18
N LEU G 37 -19.72 38.69 -53.48
CA LEU G 37 -21.08 38.43 -53.96
C LEU G 37 -22.12 38.83 -52.91
N ALA G 38 -21.84 38.57 -51.64
CA ALA G 38 -22.78 38.93 -50.58
C ALA G 38 -22.92 40.44 -50.45
N ALA G 39 -21.81 41.18 -50.57
CA ALA G 39 -21.87 42.63 -50.56
C ALA G 39 -22.67 43.15 -51.75
N ARG G 40 -22.45 42.58 -52.93
CA ARG G 40 -23.23 43.00 -54.09
C ARG G 40 -24.71 42.72 -53.87
N ILE G 41 -25.04 41.57 -53.27
CA ILE G 41 -26.43 41.27 -52.93
C ILE G 41 -26.99 42.36 -52.03
N PHE G 42 -26.30 42.64 -50.93
CA PHE G 42 -26.81 43.60 -49.96
C PHE G 42 -26.96 44.99 -50.55
N TYR G 43 -26.05 45.40 -51.44
CA TYR G 43 -26.11 46.77 -51.93
C TYR G 43 -27.05 46.94 -53.12
N ASP G 44 -27.20 45.92 -53.96
CA ASP G 44 -28.30 45.96 -54.91
C ASP G 44 -29.64 45.96 -54.18
N ALA G 45 -29.72 45.20 -53.07
CA ALA G 45 -30.91 45.27 -52.23
C ALA G 45 -31.08 46.66 -51.62
N CYS G 46 -29.98 47.32 -51.29
CA CYS G 46 -30.05 48.69 -50.77
C CYS G 46 -30.64 49.63 -51.81
N LYS G 47 -30.16 49.52 -53.06
CA LYS G 47 -30.72 50.35 -54.12
C LYS G 47 -32.21 50.07 -54.31
N ILE G 48 -32.58 48.78 -54.32
CA ILE G 48 -33.98 48.42 -54.54
C ILE G 48 -34.86 48.92 -53.39
N ILE G 49 -34.38 48.81 -52.16
CA ILE G 49 -35.17 49.20 -51.00
C ILE G 49 -35.23 50.72 -50.87
N GLN G 50 -34.22 51.43 -51.40
CA GLN G 50 -34.27 52.89 -51.40
C GLN G 50 -35.13 53.43 -52.54
N GLU G 51 -35.31 52.66 -53.61
CA GLU G 51 -36.15 53.12 -54.71
C GLU G 51 -37.62 52.75 -54.54
N LYS G 52 -37.91 51.48 -54.22
CA LYS G 52 -39.30 51.05 -54.10
C LYS G 52 -40.02 51.74 -52.95
N THR G 53 -39.29 52.23 -51.95
CA THR G 53 -39.81 53.10 -50.92
C THR G 53 -38.83 54.24 -50.73
N GLY G 54 -39.33 55.48 -50.73
CA GLY G 54 -38.48 56.65 -50.84
C GLY G 54 -37.76 57.05 -49.55
N GLN G 55 -37.42 56.08 -48.72
CA GLN G 55 -36.72 56.32 -47.47
C GLN G 55 -35.25 55.90 -47.59
N GLU G 56 -34.47 56.33 -46.62
CA GLU G 56 -33.05 55.97 -46.60
C GLU G 56 -32.91 54.52 -46.16
N PRO G 57 -32.15 53.69 -46.88
CA PRO G 57 -31.96 52.29 -46.44
C PRO G 57 -31.26 52.17 -45.11
N LEU G 58 -30.50 53.20 -44.68
CA LEU G 58 -29.82 53.17 -43.39
C LEU G 58 -30.81 52.99 -42.25
N LYS G 59 -31.73 53.96 -42.09
CA LYS G 59 -32.61 53.89 -40.94
C LYS G 59 -33.65 52.80 -41.08
N VAL G 60 -34.01 52.41 -42.30
CA VAL G 60 -34.92 51.28 -42.46
C VAL G 60 -34.24 49.99 -42.02
N PHE G 61 -32.98 49.79 -42.43
CA PHE G 61 -32.20 48.66 -41.95
C PHE G 61 -32.12 48.64 -40.42
N LYS G 62 -31.78 49.79 -39.84
CA LYS G 62 -31.64 49.88 -38.39
C LYS G 62 -32.96 49.58 -37.69
N GLN G 63 -34.05 50.18 -38.18
CA GLN G 63 -35.35 49.99 -37.55
C GLN G 63 -35.83 48.56 -37.70
N ALA G 64 -35.55 47.92 -38.83
CA ALA G 64 -35.94 46.51 -39.01
C ALA G 64 -35.18 45.61 -38.05
N VAL G 65 -33.85 45.76 -37.99
CA VAL G 65 -33.06 44.94 -37.07
C VAL G 65 -33.48 45.22 -35.63
N GLU G 66 -33.85 46.45 -35.32
CA GLU G 66 -34.33 46.77 -33.98
C GLU G 66 -35.69 46.12 -33.69
N ASN G 67 -36.55 46.05 -34.72
CA ASN G 67 -37.87 45.43 -34.55
C ASN G 67 -37.75 43.92 -34.37
N VAL G 68 -36.73 43.30 -34.95
CA VAL G 68 -36.63 41.84 -34.88
C VAL G 68 -35.96 41.36 -33.60
N LYS G 69 -35.20 42.21 -32.92
CA LYS G 69 -34.53 41.81 -31.68
C LYS G 69 -35.54 41.44 -30.61
N PRO G 70 -35.50 40.22 -30.08
CA PRO G 70 -36.42 39.84 -29.01
C PRO G 70 -35.89 40.24 -27.64
N ARG G 71 -36.80 40.23 -26.66
CA ARG G 71 -36.44 40.61 -25.30
C ARG G 71 -36.44 39.44 -24.32
N MET G 72 -37.04 38.30 -24.67
CA MET G 72 -37.01 37.11 -23.83
C MET G 72 -37.00 35.87 -24.70
N GLU G 73 -36.57 34.76 -24.11
CA GLU G 73 -36.48 33.48 -24.80
C GLU G 73 -36.52 32.37 -23.75
N VAL G 74 -36.32 31.14 -24.19
CA VAL G 74 -36.42 29.96 -23.34
C VAL G 74 -35.15 29.12 -23.47
N ARG G 75 -34.69 28.56 -22.35
CA ARG G 75 -33.60 27.61 -22.33
C ARG G 75 -34.01 26.41 -21.48
N SER G 76 -33.54 25.23 -21.84
CA SER G 76 -33.92 24.00 -21.16
C SER G 76 -33.03 23.77 -19.94
N ARG G 77 -33.66 23.45 -18.81
CA ARG G 77 -32.95 23.20 -17.56
C ARG G 77 -33.39 21.87 -16.97
N ARG G 78 -32.42 21.02 -16.62
CA ARG G 78 -32.70 19.69 -16.08
C ARG G 78 -32.98 19.82 -14.59
N VAL G 79 -34.23 19.57 -14.19
CA VAL G 79 -34.65 19.65 -12.79
C VAL G 79 -35.67 18.55 -12.52
N GLY G 80 -35.38 17.69 -11.56
CA GLY G 80 -36.32 16.66 -11.10
C GLY G 80 -36.93 15.82 -12.18
N GLY G 81 -36.09 15.14 -12.97
CA GLY G 81 -36.57 14.36 -14.10
C GLY G 81 -36.25 15.02 -15.42
N ALA G 82 -37.21 15.01 -16.34
CA ALA G 82 -37.01 15.65 -17.63
C ALA G 82 -36.87 17.16 -17.47
N ASN G 83 -36.14 17.77 -18.40
CA ASN G 83 -35.87 19.20 -18.32
C ASN G 83 -37.11 20.02 -18.66
N TYR G 84 -37.07 21.29 -18.27
CA TYR G 84 -38.17 22.22 -18.47
C TYR G 84 -37.69 23.45 -19.23
N GLN G 85 -38.63 24.10 -19.92
CA GLN G 85 -38.36 25.34 -20.63
C GLN G 85 -38.46 26.50 -19.64
N VAL G 86 -37.33 27.15 -19.37
CA VAL G 86 -37.24 28.26 -18.43
C VAL G 86 -37.04 29.54 -19.23
N PRO G 87 -37.88 30.56 -19.07
CA PRO G 87 -37.68 31.82 -19.79
C PRO G 87 -36.62 32.68 -19.11
N MET G 88 -36.08 33.59 -19.90
CA MET G 88 -35.09 34.56 -19.41
C MET G 88 -34.89 35.64 -20.47
N GLU G 89 -34.14 36.67 -20.09
CA GLU G 89 -33.86 37.79 -20.98
C GLU G 89 -32.74 37.40 -21.95
N VAL G 90 -32.28 38.37 -22.75
CA VAL G 90 -31.29 38.12 -23.79
C VAL G 90 -30.16 39.13 -23.65
N SER G 91 -28.95 38.69 -23.99
CA SER G 91 -27.82 39.59 -24.10
C SER G 91 -27.98 40.49 -25.32
N PRO G 92 -27.45 41.72 -25.27
CA PRO G 92 -27.52 42.58 -26.47
C PRO G 92 -26.76 42.01 -27.65
N ARG G 93 -25.58 41.43 -27.41
CA ARG G 93 -24.81 40.78 -28.47
C ARG G 93 -25.59 39.62 -29.08
N ARG G 94 -26.19 38.78 -28.23
CA ARG G 94 -26.99 37.68 -28.74
C ARG G 94 -28.25 38.17 -29.42
N GLN G 95 -28.85 39.27 -28.93
CA GLN G 95 -29.97 39.86 -29.65
C GLN G 95 -29.56 40.25 -31.07
N GLN G 96 -28.41 40.90 -31.21
CA GLN G 96 -27.90 41.27 -32.52
C GLN G 96 -27.73 40.05 -33.42
N SER G 97 -27.07 39.01 -32.89
CA SER G 97 -26.81 37.83 -33.69
C SER G 97 -28.10 37.15 -34.13
N LEU G 98 -29.03 36.96 -33.20
CA LEU G 98 -30.30 36.30 -33.51
C LEU G 98 -31.11 37.13 -34.49
N ALA G 99 -31.10 38.46 -34.35
CA ALA G 99 -31.84 39.31 -35.26
C ALA G 99 -31.31 39.16 -36.68
N LEU G 100 -29.98 39.21 -36.85
CA LEU G 100 -29.42 39.09 -38.20
C LEU G 100 -29.65 37.70 -38.78
N ARG G 101 -29.54 36.66 -37.95
CA ARG G 101 -29.77 35.30 -38.44
C ARG G 101 -31.22 35.11 -38.88
N TRP G 102 -32.16 35.58 -38.08
CA TRP G 102 -33.57 35.49 -38.47
C TRP G 102 -33.82 36.31 -39.72
N LEU G 103 -33.19 37.48 -39.84
CA LEU G 103 -33.32 38.28 -41.06
C LEU G 103 -32.94 37.47 -42.28
N VAL G 104 -31.73 36.90 -42.28
CA VAL G 104 -31.26 36.18 -43.47
C VAL G 104 -32.12 34.95 -43.73
N GLN G 105 -32.47 34.20 -42.68
CA GLN G 105 -33.21 32.95 -42.88
C GLN G 105 -34.64 33.22 -43.34
N ALA G 106 -35.26 34.31 -42.88
CA ALA G 106 -36.59 34.65 -43.38
C ALA G 106 -36.53 35.28 -44.76
N ALA G 107 -35.42 35.93 -45.11
CA ALA G 107 -35.27 36.48 -46.45
C ALA G 107 -35.13 35.36 -47.47
N ASN G 108 -34.34 34.34 -47.17
CA ASN G 108 -34.17 33.25 -48.13
C ASN G 108 -35.33 32.25 -48.13
N GLN G 109 -36.20 32.30 -47.13
CA GLN G 109 -37.43 31.52 -47.15
C GLN G 109 -38.57 32.22 -47.89
N ARG G 110 -38.28 33.32 -48.58
CA ARG G 110 -39.26 34.10 -49.31
C ARG G 110 -39.41 33.56 -50.73
N PRO G 111 -40.51 33.92 -51.43
CA PRO G 111 -40.69 33.43 -52.80
C PRO G 111 -39.87 34.16 -53.85
N GLU G 112 -39.43 35.39 -53.57
CA GLU G 112 -38.80 36.21 -54.60
C GLU G 112 -37.64 35.48 -55.27
N ARG G 113 -37.51 35.67 -56.58
CA ARG G 113 -36.53 34.92 -57.35
C ARG G 113 -35.10 35.33 -57.00
N ARG G 114 -34.77 36.61 -57.19
CA ARG G 114 -33.41 37.08 -56.95
C ARG G 114 -33.15 37.26 -55.46
N ALA G 115 -31.89 37.09 -55.08
CA ALA G 115 -31.51 37.20 -53.67
C ALA G 115 -31.70 38.62 -53.16
N ALA G 116 -31.19 39.60 -53.90
CA ALA G 116 -31.29 41.00 -53.47
C ALA G 116 -32.74 41.42 -53.26
N VAL G 117 -33.65 40.93 -54.10
CA VAL G 117 -35.07 41.26 -53.96
C VAL G 117 -35.61 40.69 -52.65
N ARG G 118 -35.25 39.44 -52.34
CA ARG G 118 -35.63 38.84 -51.07
C ARG G 118 -35.12 39.67 -49.90
N ILE G 119 -33.84 40.04 -49.94
CA ILE G 119 -33.26 40.82 -48.86
C ILE G 119 -34.00 42.15 -48.68
N ALA G 120 -34.23 42.85 -49.79
CA ALA G 120 -34.88 44.15 -49.73
C ALA G 120 -36.28 44.06 -49.16
N HIS G 121 -37.10 43.14 -49.69
CA HIS G 121 -38.47 43.04 -49.20
C HIS G 121 -38.55 42.54 -47.77
N GLU G 122 -37.62 41.66 -47.37
CA GLU G 122 -37.56 41.22 -45.98
C GLU G 122 -37.24 42.39 -45.06
N LEU G 123 -36.26 43.21 -45.44
CA LEU G 123 -35.93 44.38 -44.64
C LEU G 123 -37.11 45.34 -44.57
N MET G 124 -37.81 45.54 -45.69
CA MET G 124 -38.99 46.41 -45.67
C MET G 124 -40.04 45.89 -44.69
N ASP G 125 -40.43 44.63 -44.83
CA ASP G 125 -41.46 44.08 -43.95
C ASP G 125 -41.04 44.16 -42.49
N ALA G 126 -39.78 43.83 -42.19
CA ALA G 126 -39.30 43.92 -40.82
C ALA G 126 -39.28 45.36 -40.32
N ALA G 127 -39.02 46.33 -41.20
CA ALA G 127 -39.03 47.72 -40.77
C ALA G 127 -40.45 48.22 -40.55
N GLU G 128 -41.43 47.61 -41.20
CA GLU G 128 -42.82 47.99 -40.99
C GLU G 128 -43.45 47.34 -39.77
N GLY G 129 -42.85 46.29 -39.21
CA GLY G 129 -43.42 45.58 -38.10
C GLY G 129 -44.08 44.26 -38.44
N LYS G 130 -43.95 43.80 -39.68
CA LYS G 130 -44.51 42.52 -40.09
C LYS G 130 -43.43 41.67 -40.74
N GLY G 131 -43.82 40.56 -41.35
CA GLY G 131 -42.89 39.69 -42.05
C GLY G 131 -42.64 38.40 -41.28
N GLY G 132 -41.77 37.58 -41.88
CA GLY G 132 -41.43 36.28 -41.32
C GLY G 132 -40.45 36.32 -40.17
N ALA G 133 -39.42 37.17 -40.28
CA ALA G 133 -38.45 37.29 -39.20
C ALA G 133 -39.10 37.81 -37.93
N VAL G 134 -39.96 38.82 -38.06
CA VAL G 134 -40.66 39.33 -36.89
C VAL G 134 -41.63 38.28 -36.37
N LYS G 135 -42.17 37.43 -37.24
CA LYS G 135 -43.03 36.36 -36.78
C LYS G 135 -42.27 35.34 -35.95
N LYS G 136 -41.07 34.96 -36.39
CA LYS G 136 -40.24 34.06 -35.59
C LYS G 136 -39.84 34.71 -34.28
N LYS G 137 -39.53 36.01 -34.31
CA LYS G 137 -39.20 36.74 -33.09
C LYS G 137 -40.37 36.75 -32.10
N GLU G 138 -41.57 37.02 -32.60
CA GLU G 138 -42.73 37.06 -31.72
C GLU G 138 -43.12 35.67 -31.26
N ASP G 139 -42.77 34.62 -32.01
CA ASP G 139 -42.95 33.27 -31.49
C ASP G 139 -41.96 32.97 -30.37
N VAL G 140 -40.71 33.43 -30.53
CA VAL G 140 -39.74 33.32 -29.45
C VAL G 140 -40.25 34.02 -28.20
N GLU G 141 -40.81 35.22 -28.37
CA GLU G 141 -41.35 35.96 -27.24
C GLU G 141 -42.63 35.31 -26.70
N ARG G 142 -43.40 34.64 -27.55
CA ARG G 142 -44.57 33.90 -27.11
C ARG G 142 -44.19 32.65 -26.32
N MET G 143 -42.99 32.12 -26.55
CA MET G 143 -42.50 31.09 -25.63
C MET G 143 -42.40 31.64 -24.22
N ALA G 144 -41.93 32.88 -24.08
CA ALA G 144 -42.04 33.60 -22.82
C ALA G 144 -43.49 34.03 -22.61
N GLU G 145 -43.79 34.44 -21.39
CA GLU G 145 -45.14 34.87 -21.04
C GLU G 145 -46.12 33.69 -21.07
N ALA G 146 -45.63 32.51 -21.45
CA ALA G 146 -46.41 31.29 -21.56
C ALA G 146 -46.00 30.22 -20.56
N ASN G 147 -44.74 29.82 -20.59
CA ASN G 147 -44.15 29.00 -19.53
C ASN G 147 -43.57 29.84 -18.40
N ARG G 148 -44.09 31.06 -18.23
CA ARG G 148 -43.66 31.93 -17.14
C ARG G 148 -43.91 31.32 -15.77
N ALA G 149 -44.71 30.25 -15.69
CA ALA G 149 -44.90 29.55 -14.43
C ALA G 149 -43.59 29.00 -13.86
N TYR G 150 -42.55 28.88 -14.69
CA TYR G 150 -41.24 28.45 -14.27
C TYR G 150 -40.32 29.63 -13.97
N ALA G 151 -40.88 30.79 -13.66
CA ALA G 151 -40.09 31.99 -13.42
C ALA G 151 -39.20 31.87 -12.19
N HIS G 152 -39.34 30.82 -11.39
CA HIS G 152 -38.47 30.57 -10.24
C HIS G 152 -37.32 29.63 -10.58
N TYR G 153 -37.13 29.31 -11.85
CA TYR G 153 -36.04 28.44 -12.31
C TYR G 153 -35.01 29.22 -13.13
N ARG G 154 -34.89 30.53 -12.88
CA ARG G 154 -34.16 31.41 -13.79
C ARG G 154 -32.73 30.94 -14.02
N TRP G 155 -31.98 30.71 -12.95
CA TRP G 155 -30.57 30.31 -13.03
C TRP G 155 -29.76 31.32 -13.85
N MET H 1 -9.50 -1.16 50.23
CA MET H 1 -8.29 -1.48 51.00
C MET H 1 -7.11 -1.73 50.07
N LEU H 2 -5.91 -1.38 50.53
CA LEU H 2 -4.69 -1.72 49.82
C LEU H 2 -4.33 -3.17 50.12
N THR H 3 -4.12 -3.97 49.07
CA THR H 3 -4.07 -5.41 49.21
C THR H 3 -2.66 -5.99 49.22
N ASP H 4 -1.64 -5.24 48.81
CA ASP H 4 -0.26 -5.71 48.88
C ASP H 4 0.66 -4.52 49.10
N PRO H 5 0.99 -4.22 50.36
CA PRO H 5 1.83 -3.04 50.64
C PRO H 5 3.22 -3.12 50.03
N ILE H 6 3.83 -4.30 50.00
CA ILE H 6 5.19 -4.43 49.48
C ILE H 6 5.22 -4.17 47.98
N ALA H 7 4.33 -4.82 47.24
CA ALA H 7 4.25 -4.56 45.80
C ALA H 7 3.87 -3.12 45.53
N ASP H 8 3.01 -2.53 46.38
CA ASP H 8 2.65 -1.13 46.22
C ASP H 8 3.87 -0.21 46.37
N MET H 9 4.71 -0.48 47.37
CA MET H 9 5.93 0.30 47.54
C MET H 9 6.85 0.14 46.34
N LEU H 10 7.06 -1.11 45.91
CA LEU H 10 7.94 -1.37 44.77
C LEU H 10 7.44 -0.63 43.52
N THR H 11 6.11 -0.57 43.35
CA THR H 11 5.53 0.09 42.19
C THR H 11 5.62 1.61 42.30
N ARG H 12 5.39 2.15 43.49
CA ARG H 12 5.62 3.59 43.70
C ARG H 12 7.04 3.94 43.30
N ILE H 13 8.02 3.14 43.74
CA ILE H 13 9.41 3.37 43.38
C ILE H 13 9.59 3.27 41.87
N ARG H 14 9.01 2.24 41.26
CA ARG H 14 9.16 2.04 39.82
C ARG H 14 8.66 3.25 39.04
N ASN H 15 7.44 3.71 39.35
CA ASN H 15 6.88 4.85 38.62
C ASN H 15 7.66 6.13 38.88
N ALA H 16 8.03 6.37 40.15
CA ALA H 16 8.79 7.57 40.48
C ALA H 16 10.12 7.62 39.73
N THR H 17 10.82 6.48 39.65
CA THR H 17 12.05 6.45 38.88
C THR H 17 11.80 6.58 37.38
N ARG H 18 10.70 6.02 36.88
CA ARG H 18 10.40 6.14 35.45
C ARG H 18 10.07 7.56 35.05
N VAL H 19 9.62 8.40 35.98
CA VAL H 19 9.46 9.83 35.68
C VAL H 19 10.57 10.67 36.31
N TYR H 20 11.64 10.03 36.77
CA TYR H 20 12.86 10.72 37.23
C TYR H 20 12.57 11.70 38.37
N LYS H 21 11.73 11.27 39.32
CA LYS H 21 11.44 12.12 40.47
C LYS H 21 12.55 12.03 41.50
N GLU H 22 12.60 13.06 42.37
CA GLU H 22 13.66 13.13 43.37
C GLU H 22 13.40 12.18 44.54
N SER H 23 12.17 12.19 45.07
CA SER H 23 11.82 11.33 46.19
C SER H 23 10.39 10.84 46.00
N THR H 24 9.99 9.90 46.86
CA THR H 24 8.63 9.37 46.83
C THR H 24 8.20 9.00 48.24
N ASP H 25 6.92 9.22 48.53
CA ASP H 25 6.36 8.93 49.84
C ASP H 25 5.62 7.59 49.78
N VAL H 26 6.03 6.65 50.63
CA VAL H 26 5.37 5.35 50.68
C VAL H 26 4.83 5.14 52.08
N PRO H 27 3.61 4.64 52.25
CA PRO H 27 3.09 4.37 53.60
C PRO H 27 4.04 3.48 54.39
N ALA H 28 4.29 3.86 55.64
CA ALA H 28 5.38 3.32 56.43
C ALA H 28 5.00 2.02 57.12
N SER H 29 5.95 1.08 57.16
CA SER H 29 5.83 -0.14 57.93
C SER H 29 7.23 -0.70 58.15
N ARG H 30 7.37 -1.53 59.18
CA ARG H 30 8.68 -2.07 59.52
C ARG H 30 9.25 -2.93 58.40
N PHE H 31 8.39 -3.72 57.76
CA PHE H 31 8.86 -4.61 56.68
C PHE H 31 9.32 -3.81 55.48
N LYS H 32 8.53 -2.80 55.09
CA LYS H 32 8.97 -1.86 54.05
C LYS H 32 10.28 -1.21 54.46
N GLU H 33 10.42 -0.88 55.74
CA GLU H 33 11.65 -0.25 56.21
C GLU H 33 12.85 -1.18 56.03
N GLU H 34 12.67 -2.47 56.29
CA GLU H 34 13.75 -3.44 56.06
C GLU H 34 14.10 -3.55 54.59
N ILE H 35 13.08 -3.63 53.73
CA ILE H 35 13.34 -3.68 52.29
C ILE H 35 14.13 -2.46 51.85
N LEU H 36 13.74 -1.28 52.36
CA LEU H 36 14.41 -0.04 51.99
C LEU H 36 15.84 -0.01 52.52
N ARG H 37 16.06 -0.54 53.73
CA ARG H 37 17.41 -0.65 54.26
C ARG H 37 18.28 -1.50 53.35
N ILE H 38 17.75 -2.64 52.88
CA ILE H 38 18.52 -3.49 51.98
C ILE H 38 18.81 -2.78 50.68
N LEU H 39 17.82 -2.06 50.15
CA LEU H 39 18.03 -1.31 48.91
C LEU H 39 19.12 -0.25 49.09
N ALA H 40 19.07 0.50 50.19
CA ALA H 40 20.04 1.56 50.44
C ALA H 40 21.43 0.98 50.64
N ARG H 41 21.54 -0.18 51.29
CA ARG H 41 22.84 -0.81 51.48
C ARG H 41 23.40 -1.30 50.14
N GLU H 42 22.52 -1.81 49.27
CA GLU H 42 22.96 -2.29 47.97
C GLU H 42 23.11 -1.17 46.94
N GLY H 43 22.85 0.07 47.32
CA GLY H 43 23.13 1.21 46.45
C GLY H 43 22.11 1.48 45.38
N PHE H 44 20.89 0.95 45.50
CA PHE H 44 19.87 1.22 44.49
C PHE H 44 19.18 2.56 44.72
N ILE H 45 19.05 2.98 45.97
CA ILE H 45 18.51 4.30 46.30
C ILE H 45 19.57 5.07 47.08
N LYS H 46 19.47 6.40 47.03
CA LYS H 46 20.32 7.22 47.88
C LYS H 46 20.05 6.94 49.36
N GLY H 47 18.80 6.65 49.69
CA GLY H 47 18.44 6.34 51.06
C GLY H 47 16.96 6.58 51.27
N TYR H 48 16.58 6.69 52.55
CA TYR H 48 15.20 6.92 52.92
C TYR H 48 15.17 7.52 54.31
N GLU H 49 14.01 8.07 54.67
CA GLU H 49 13.83 8.61 56.01
C GLU H 49 12.36 8.64 56.37
N ARG H 50 12.07 8.40 57.64
CA ARG H 50 10.70 8.52 58.14
C ARG H 50 10.24 9.97 58.09
N VAL H 51 8.95 10.15 57.83
CA VAL H 51 8.35 11.47 57.70
C VAL H 51 6.89 11.37 58.14
N ASP H 52 6.25 12.52 58.32
CA ASP H 52 4.84 12.58 58.69
C ASP H 52 4.09 13.41 57.65
N VAL H 53 3.11 12.79 57.01
CA VAL H 53 2.26 13.45 56.03
C VAL H 53 0.85 13.49 56.61
N ASP H 54 0.41 14.69 56.98
CA ASP H 54 -0.90 14.92 57.58
C ASP H 54 -1.12 14.02 58.79
N GLY H 55 -0.10 13.95 59.65
CA GLY H 55 -0.14 13.13 60.84
C GLY H 55 0.07 11.65 60.59
N LYS H 56 0.06 11.18 59.34
CA LYS H 56 0.25 9.76 59.17
C LYS H 56 1.70 9.46 58.78
N PRO H 57 2.27 8.39 59.33
CA PRO H 57 3.69 8.11 59.07
C PRO H 57 3.92 7.61 57.66
N TYR H 58 5.00 8.09 57.04
CA TYR H 58 5.39 7.72 55.69
C TYR H 58 6.90 7.56 55.64
N LEU H 59 7.38 7.08 54.50
CA LEU H 59 8.81 6.88 54.25
C LEU H 59 9.16 7.59 52.96
N ARG H 60 10.10 8.54 53.04
CA ARG H 60 10.63 9.23 51.88
C ARG H 60 11.79 8.42 51.34
N VAL H 61 11.59 7.84 50.16
CA VAL H 61 12.64 7.12 49.44
C VAL H 61 13.24 8.08 48.44
N TYR H 62 14.54 8.34 48.56
CA TYR H 62 15.24 9.27 47.67
C TYR H 62 15.91 8.44 46.56
N LEU H 63 15.32 8.49 45.37
CA LEU H 63 15.83 7.69 44.27
C LEU H 63 17.11 8.30 43.71
N LYS H 64 17.93 7.45 43.10
CA LYS H 64 19.15 7.90 42.45
C LYS H 64 19.15 7.44 41.01
N TYR H 65 19.80 8.22 40.14
CA TYR H 65 19.87 7.93 38.72
C TYR H 65 21.31 8.06 38.26
N GLY H 66 21.54 7.75 36.99
CA GLY H 66 22.85 7.89 36.39
C GLY H 66 23.12 9.30 35.92
N PRO H 67 24.17 9.48 35.13
CA PRO H 67 24.48 10.81 34.62
C PRO H 67 23.68 11.13 33.37
N ARG H 68 23.50 12.42 33.14
CA ARG H 68 22.81 12.88 31.93
C ARG H 68 23.58 12.42 30.70
N ARG H 69 22.85 12.11 29.63
CA ARG H 69 23.41 11.41 28.49
C ARG H 69 23.46 12.32 27.26
N GLN H 70 24.02 11.78 26.19
CA GLN H 70 24.24 12.51 24.95
C GLN H 70 23.13 12.18 23.95
N GLY H 71 23.22 12.80 22.77
CA GLY H 71 22.31 12.53 21.68
C GLY H 71 20.87 12.78 22.05
N PRO H 72 19.94 12.28 21.23
CA PRO H 72 18.52 12.37 21.59
C PRO H 72 18.25 11.56 22.84
N ASP H 73 17.16 11.93 23.53
CA ASP H 73 16.81 11.33 24.82
C ASP H 73 18.00 11.39 25.77
N PRO H 74 18.36 12.58 26.25
CA PRO H 74 19.44 12.69 27.23
C PRO H 74 19.08 12.24 28.63
N ARG H 75 17.91 11.65 28.82
CA ARG H 75 17.50 11.22 30.15
C ARG H 75 18.51 10.22 30.71
N PRO H 76 18.94 10.38 31.96
CA PRO H 76 19.99 9.52 32.50
C PRO H 76 19.56 8.06 32.56
N GLU H 77 20.56 7.18 32.62
CA GLU H 77 20.28 5.76 32.76
C GLU H 77 19.74 5.47 34.15
N GLN H 78 18.73 4.60 34.21
CA GLN H 78 18.14 4.23 35.49
C GLN H 78 19.11 3.40 36.31
N VAL H 79 19.06 3.59 37.63
CA VAL H 79 19.80 2.73 38.54
C VAL H 79 19.01 1.46 38.84
N ILE H 80 17.71 1.60 39.09
CA ILE H 80 16.84 0.44 39.25
C ILE H 80 16.27 0.11 37.87
N HIS H 81 17.04 -0.65 37.10
CA HIS H 81 16.59 -1.03 35.77
C HIS H 81 15.33 -1.89 35.83
N HIS H 82 15.17 -2.66 36.90
CA HIS H 82 14.08 -3.63 36.97
C HIS H 82 13.80 -3.98 38.42
N ILE H 83 12.54 -3.83 38.82
CA ILE H 83 12.04 -4.25 40.11
C ILE H 83 10.82 -5.13 39.86
N ARG H 84 10.75 -6.26 40.55
CA ARG H 84 9.63 -7.18 40.33
C ARG H 84 9.35 -7.97 41.60
N ARG H 85 8.14 -7.81 42.13
CA ARG H 85 7.69 -8.68 43.22
C ARG H 85 7.47 -10.10 42.71
N ILE H 86 7.82 -11.07 43.54
CA ILE H 86 7.71 -12.50 43.18
C ILE H 86 6.67 -13.21 44.04
N SER H 87 6.87 -13.25 45.35
CA SER H 87 5.92 -13.91 46.27
C SER H 87 4.84 -12.90 46.61
N LYS H 88 3.76 -12.95 45.87
CA LYS H 88 2.63 -12.08 46.12
C LYS H 88 1.51 -12.86 46.79
N PRO H 89 0.58 -12.17 47.47
CA PRO H 89 -0.59 -12.87 48.00
C PRO H 89 -1.34 -13.56 46.88
N GLY H 90 -1.90 -14.73 47.19
CA GLY H 90 -2.52 -15.57 46.20
C GLY H 90 -1.59 -16.58 45.58
N ARG H 91 -0.29 -16.29 45.54
CA ARG H 91 0.70 -17.33 45.23
C ARG H 91 1.99 -16.98 45.98
N ARG H 92 2.13 -17.56 47.17
CA ARG H 92 3.33 -17.36 47.96
C ARG H 92 4.46 -18.21 47.41
N VAL H 93 5.67 -17.66 47.49
CA VAL H 93 6.87 -18.32 46.98
C VAL H 93 7.85 -18.51 48.13
N TYR H 94 8.31 -19.75 48.31
CA TYR H 94 9.32 -20.08 49.32
C TYR H 94 10.42 -20.88 48.65
N VAL H 95 11.67 -20.50 48.88
CA VAL H 95 12.83 -21.19 48.34
C VAL H 95 13.66 -21.73 49.49
N GLY H 96 14.29 -22.88 49.25
CA GLY H 96 15.24 -23.44 50.18
C GLY H 96 16.56 -22.69 50.12
N VAL H 97 17.66 -23.30 50.55
CA VAL H 97 18.93 -22.61 50.46
C VAL H 97 19.65 -22.92 49.15
N LYS H 98 19.37 -24.09 48.55
CA LYS H 98 19.90 -24.42 47.23
C LYS H 98 19.04 -23.86 46.10
N GLU H 99 17.87 -23.33 46.42
CA GLU H 99 16.93 -22.82 45.43
C GLU H 99 17.01 -21.31 45.27
N ILE H 100 17.95 -20.66 45.96
CA ILE H 100 18.09 -19.20 45.88
C ILE H 100 18.66 -18.84 44.51
N PRO H 101 17.99 -17.97 43.76
CA PRO H 101 18.44 -17.67 42.40
C PRO H 101 19.58 -16.65 42.37
N ARG H 102 20.36 -16.72 41.29
CA ARG H 102 21.41 -15.75 41.02
C ARG H 102 20.84 -14.70 40.07
N VAL H 103 20.52 -13.53 40.61
CA VAL H 103 19.83 -12.49 39.85
C VAL H 103 20.81 -11.84 38.88
N ARG H 104 20.47 -11.90 37.59
CA ARG H 104 21.25 -11.25 36.53
C ARG H 104 22.72 -11.62 36.61
N ARG H 105 22.98 -12.92 36.81
CA ARG H 105 24.34 -13.45 36.88
C ARG H 105 25.16 -12.73 37.94
N GLY H 106 24.52 -12.41 39.06
CA GLY H 106 25.17 -11.79 40.19
C GLY H 106 25.12 -10.27 40.19
N LEU H 107 24.80 -9.65 39.06
CA LEU H 107 24.74 -8.19 39.01
C LEU H 107 23.51 -7.64 39.71
N GLY H 108 22.49 -8.47 39.93
CA GLY H 108 21.31 -8.09 40.64
C GLY H 108 21.20 -8.77 41.99
N ILE H 109 20.15 -8.39 42.72
CA ILE H 109 19.91 -8.90 44.06
C ILE H 109 18.56 -9.58 44.11
N ALA H 110 18.43 -10.53 45.03
CA ALA H 110 17.15 -11.12 45.40
C ALA H 110 16.94 -10.89 46.89
N ILE H 111 15.82 -10.27 47.23
CA ILE H 111 15.51 -9.98 48.62
C ILE H 111 14.71 -11.15 49.18
N LEU H 112 15.19 -11.70 50.30
CA LEU H 112 14.56 -12.83 50.96
C LEU H 112 14.14 -12.44 52.37
N SER H 113 12.95 -12.86 52.75
CA SER H 113 12.51 -12.79 54.14
C SER H 113 12.71 -14.18 54.73
N THR H 114 13.67 -14.30 55.64
CA THR H 114 14.05 -15.57 56.24
C THR H 114 13.89 -15.47 57.74
N SER H 115 14.03 -16.62 58.41
CA SER H 115 13.92 -16.68 59.85
C SER H 115 14.95 -15.78 60.54
N LYS H 116 16.07 -15.51 59.88
CA LYS H 116 17.11 -14.67 60.43
C LYS H 116 16.96 -13.19 60.05
N GLY H 117 15.87 -12.83 59.38
CA GLY H 117 15.61 -11.45 59.00
C GLY H 117 15.49 -11.29 57.50
N VAL H 118 15.52 -10.03 57.06
CA VAL H 118 15.46 -9.71 55.64
C VAL H 118 16.88 -9.58 55.13
N LEU H 119 17.23 -10.39 54.13
CA LEU H 119 18.58 -10.47 53.60
C LEU H 119 18.55 -10.38 52.09
N THR H 120 19.74 -10.30 51.49
CA THR H 120 19.91 -10.44 50.06
C THR H 120 20.18 -11.91 49.73
N ASP H 121 20.39 -12.19 48.44
CA ASP H 121 20.71 -13.56 48.05
C ASP H 121 22.07 -13.99 48.60
N ARG H 122 23.09 -13.15 48.40
CA ARG H 122 24.42 -13.47 48.92
C ARG H 122 24.41 -13.60 50.44
N GLU H 123 23.70 -12.70 51.11
CA GLU H 123 23.64 -12.75 52.57
C GLU H 123 22.97 -14.03 53.06
N ALA H 124 21.86 -14.42 52.42
CA ALA H 124 21.18 -15.64 52.82
C ALA H 124 22.02 -16.88 52.53
N ARG H 125 22.73 -16.88 51.39
CA ARG H 125 23.57 -18.03 51.05
C ARG H 125 24.73 -18.17 52.02
N LYS H 126 25.39 -17.07 52.36
CA LYS H 126 26.49 -17.15 53.32
C LYS H 126 25.98 -17.45 54.73
N LEU H 127 24.73 -17.06 55.02
CA LEU H 127 24.12 -17.45 56.29
C LEU H 127 23.61 -18.89 56.25
N GLY H 128 23.23 -19.38 55.07
CA GLY H 128 22.78 -20.74 54.93
C GLY H 128 21.32 -20.98 55.23
N VAL H 129 20.45 -20.01 54.97
CA VAL H 129 19.03 -20.16 55.22
C VAL H 129 18.25 -19.78 53.97
N GLY H 130 17.00 -20.26 53.91
CA GLY H 130 16.07 -19.88 52.87
C GLY H 130 14.83 -19.22 53.48
N GLY H 131 13.90 -18.88 52.58
CA GLY H 131 12.67 -18.26 53.04
C GLY H 131 11.82 -17.76 51.89
N GLU H 132 11.02 -16.73 52.18
CA GLU H 132 10.11 -16.17 51.19
C GLU H 132 10.86 -15.24 50.23
N LEU H 133 10.72 -15.53 48.94
CA LEU H 133 11.41 -14.79 47.89
C LEU H 133 10.57 -13.58 47.53
N ILE H 134 10.94 -12.41 48.06
CA ILE H 134 10.07 -11.24 47.92
C ILE H 134 10.13 -10.67 46.51
N CYS H 135 11.34 -10.31 46.05
CA CYS H 135 11.41 -9.54 44.82
C CYS H 135 12.80 -9.63 44.20
N GLU H 136 12.83 -9.48 42.88
CA GLU H 136 14.06 -9.26 42.14
C GLU H 136 14.29 -7.78 41.93
N VAL H 137 15.55 -7.37 42.04
CA VAL H 137 15.98 -6.00 41.74
C VAL H 137 17.29 -6.08 40.99
N TRP H 138 17.37 -5.43 39.84
CA TRP H 138 18.62 -5.35 39.08
C TRP H 138 18.65 -4.14 38.16
N GLU I 1 7.69 66.59 -54.49
CA GLU I 1 8.21 65.76 -55.57
C GLU I 1 7.43 64.44 -55.67
N GLN I 2 7.73 63.52 -54.77
CA GLN I 2 7.22 62.15 -54.87
C GLN I 2 7.63 61.40 -53.60
N TYR I 3 6.73 60.57 -53.09
CA TYR I 3 6.99 59.83 -51.87
C TYR I 3 6.49 58.39 -52.04
N TYR I 4 7.17 57.47 -51.36
CA TYR I 4 7.05 56.04 -51.62
C TYR I 4 6.53 55.30 -50.40
N GLY I 5 5.58 54.39 -50.63
CA GLY I 5 5.13 53.47 -49.61
C GLY I 5 4.86 52.08 -50.19
N THR I 6 5.30 51.03 -49.50
CA THR I 6 5.22 49.69 -50.07
C THR I 6 4.02 48.91 -49.58
N GLY I 7 3.93 48.63 -48.28
CA GLY I 7 2.82 47.86 -47.78
C GLY I 7 2.83 46.41 -48.24
N ARG I 8 2.18 45.54 -47.49
CA ARG I 8 2.09 44.12 -47.86
C ARG I 8 0.90 43.50 -47.15
N ARG I 9 0.15 42.68 -47.87
CA ARG I 9 -1.04 42.06 -47.30
C ARG I 9 -1.30 40.72 -47.98
N LYS I 10 -1.19 39.63 -47.22
CA LYS I 10 -1.62 38.31 -47.65
C LYS I 10 -1.01 37.93 -49.00
N GLU I 11 0.33 37.95 -49.04
CA GLU I 11 1.10 37.53 -50.21
C GLU I 11 0.90 38.48 -51.39
N ALA I 12 0.80 39.79 -51.11
CA ALA I 12 0.65 40.80 -52.14
C ALA I 12 1.58 41.97 -51.86
N VAL I 13 2.06 42.58 -52.93
CA VAL I 13 2.99 43.71 -52.86
C VAL I 13 2.46 44.83 -53.74
N ALA I 14 2.31 46.03 -53.17
CA ALA I 14 1.71 47.17 -53.86
C ALA I 14 2.59 48.40 -53.70
N ARG I 15 3.57 48.56 -54.59
CA ARG I 15 4.40 49.76 -54.56
C ARG I 15 3.55 50.96 -54.91
N VAL I 16 3.55 51.97 -54.04
CA VAL I 16 2.68 53.14 -54.15
C VAL I 16 3.56 54.38 -54.21
N PHE I 17 3.38 55.18 -55.26
CA PHE I 17 4.07 56.46 -55.41
C PHE I 17 3.02 57.56 -55.36
N LEU I 18 3.23 58.53 -54.48
CA LEU I 18 2.32 59.65 -54.28
C LEU I 18 2.99 60.96 -54.66
N ARG I 19 2.25 61.80 -55.39
CA ARG I 19 2.68 63.11 -55.83
C ARG I 19 1.47 64.04 -55.69
N PRO I 20 1.62 65.35 -55.89
CA PRO I 20 0.44 66.22 -55.95
C PRO I 20 -0.28 66.08 -57.27
N GLY I 21 -1.57 66.39 -57.26
CA GLY I 21 -2.35 66.33 -58.49
C GLY I 21 -3.84 66.48 -58.24
N ASN I 22 -4.62 65.84 -59.11
CA ASN I 22 -6.08 65.97 -59.12
C ASN I 22 -6.80 64.81 -58.43
N GLY I 23 -6.17 63.65 -58.30
CA GLY I 23 -6.80 62.53 -57.64
C GLY I 23 -6.95 61.31 -58.53
N LYS I 24 -6.19 61.27 -59.62
CA LYS I 24 -6.22 60.17 -60.56
C LYS I 24 -5.18 59.13 -60.16
N VAL I 25 -5.62 57.90 -59.92
CA VAL I 25 -4.76 56.81 -59.49
C VAL I 25 -4.80 55.71 -60.55
N THR I 26 -3.63 55.30 -61.02
CA THR I 26 -3.51 54.27 -62.04
C THR I 26 -2.73 53.09 -61.48
N VAL I 27 -2.99 51.91 -62.04
CA VAL I 27 -2.42 50.65 -61.59
C VAL I 27 -2.08 49.80 -62.81
N ASN I 28 -0.80 49.54 -63.03
CA ASN I 28 -0.32 48.57 -64.02
C ASN I 28 -0.84 48.86 -65.42
N GLY I 29 -0.97 50.13 -65.77
CA GLY I 29 -1.50 50.51 -67.06
C GLY I 29 -2.99 50.63 -67.14
N GLN I 30 -3.70 50.53 -66.01
CA GLN I 30 -5.13 50.71 -65.96
C GLN I 30 -5.48 51.70 -64.85
N ASP I 31 -6.58 52.43 -65.04
CA ASP I 31 -7.09 53.27 -63.98
C ASP I 31 -7.53 52.41 -62.80
N PHE I 32 -7.63 53.04 -61.63
CA PHE I 32 -7.95 52.29 -60.42
C PHE I 32 -9.33 51.66 -60.49
N ASN I 33 -10.25 52.26 -61.25
CA ASN I 33 -11.61 51.76 -61.33
C ASN I 33 -11.83 50.77 -62.46
N GLU I 34 -10.90 50.67 -63.41
CA GLU I 34 -11.01 49.68 -64.48
C GLU I 34 -10.38 48.35 -64.09
N TYR I 35 -9.31 48.36 -63.30
CA TYR I 35 -8.68 47.12 -62.89
C TYR I 35 -9.44 46.44 -61.75
N PHE I 36 -10.00 47.23 -60.83
CA PHE I 36 -10.83 46.73 -59.74
C PHE I 36 -12.31 46.96 -60.00
N GLN I 37 -12.74 46.81 -61.25
CA GLN I 37 -14.10 47.14 -61.63
C GLN I 37 -15.10 46.24 -60.91
N GLY I 38 -16.08 46.86 -60.27
CA GLY I 38 -17.15 46.12 -59.62
C GLY I 38 -16.76 45.38 -58.36
N LEU I 39 -15.85 45.94 -57.57
CA LEU I 39 -15.47 45.37 -56.28
C LEU I 39 -15.87 46.35 -55.18
N VAL I 40 -16.71 45.88 -54.26
CA VAL I 40 -17.31 46.80 -53.29
C VAL I 40 -16.30 47.28 -52.26
N ARG I 41 -15.19 46.58 -52.05
CA ARG I 41 -14.19 46.95 -51.07
C ARG I 41 -13.05 47.75 -51.67
N ALA I 42 -13.14 48.11 -52.94
CA ALA I 42 -12.05 48.86 -53.57
C ALA I 42 -11.88 50.24 -52.94
N VAL I 43 -12.96 50.86 -52.47
CA VAL I 43 -12.89 52.18 -51.87
C VAL I 43 -12.01 52.21 -50.62
N ALA I 44 -11.83 51.05 -49.98
CA ALA I 44 -10.94 50.96 -48.83
C ALA I 44 -9.48 51.22 -49.18
N ALA I 45 -9.10 51.07 -50.46
CA ALA I 45 -7.72 51.30 -50.87
C ALA I 45 -7.35 52.77 -50.73
N LEU I 46 -8.25 53.67 -51.12
CA LEU I 46 -8.04 55.10 -50.95
C LEU I 46 -8.63 55.62 -49.65
N GLU I 47 -9.06 54.73 -48.77
CA GLU I 47 -9.52 55.15 -47.45
C GLU I 47 -8.45 55.83 -46.60
N PRO I 48 -7.19 55.36 -46.57
CA PRO I 48 -6.19 55.99 -45.68
C PRO I 48 -5.99 57.48 -45.92
N LEU I 49 -6.41 58.00 -47.08
CA LEU I 49 -6.24 59.42 -47.39
C LEU I 49 -7.41 60.27 -46.94
N ARG I 50 -8.43 59.68 -46.33
CA ARG I 50 -9.60 60.42 -45.86
C ARG I 50 -9.40 61.05 -44.49
N ALA I 51 -8.39 60.61 -43.74
CA ALA I 51 -7.99 61.33 -42.54
C ALA I 51 -7.00 62.45 -42.85
N VAL I 52 -6.47 62.52 -44.07
CA VAL I 52 -5.55 63.57 -44.47
C VAL I 52 -6.13 64.50 -45.53
N ASP I 53 -7.33 64.21 -46.03
CA ASP I 53 -8.02 65.07 -47.00
C ASP I 53 -7.23 65.18 -48.31
N ALA I 54 -6.88 64.01 -48.85
CA ALA I 54 -6.30 63.91 -50.18
C ALA I 54 -7.44 63.75 -51.21
N LEU I 55 -7.08 63.37 -52.43
CA LEU I 55 -8.01 63.15 -53.56
C LEU I 55 -8.58 64.48 -54.04
N GLY I 56 -7.68 65.26 -54.65
CA GLY I 56 -7.86 66.67 -54.93
C GLY I 56 -6.64 67.45 -54.45
N HIS I 57 -6.01 66.93 -53.39
CA HIS I 57 -4.70 67.45 -52.98
C HIS I 57 -3.56 66.57 -53.46
N PHE I 58 -3.87 65.34 -53.86
CA PHE I 58 -2.86 64.35 -54.20
C PHE I 58 -3.12 63.67 -55.55
N ASP I 59 -2.29 62.68 -55.85
CA ASP I 59 -2.25 61.95 -57.11
C ASP I 59 -1.32 60.77 -56.89
N ALA I 60 -1.59 59.66 -57.60
CA ALA I 60 -0.87 58.43 -57.26
C ALA I 60 -0.61 57.60 -58.51
N TYR I 61 0.41 56.76 -58.40
CA TYR I 61 0.68 55.69 -59.36
C TYR I 61 1.11 54.45 -58.57
N ILE I 62 0.44 53.33 -58.81
CA ILE I 62 0.63 52.13 -58.01
C ILE I 62 0.90 50.96 -58.93
N THR I 63 1.82 50.09 -58.53
CA THR I 63 2.07 48.83 -59.21
C THR I 63 1.96 47.71 -58.19
N VAL I 64 1.02 46.79 -58.42
CA VAL I 64 0.68 45.75 -57.46
C VAL I 64 0.83 44.38 -58.13
N ARG I 65 1.09 43.38 -57.30
CA ARG I 65 1.36 42.03 -57.78
C ARG I 65 1.20 41.03 -56.65
N GLY I 66 0.69 39.85 -56.99
CA GLY I 66 0.70 38.71 -56.09
C GLY I 66 -0.65 38.45 -55.45
N GLY I 67 -0.93 37.16 -55.20
CA GLY I 67 -2.12 36.77 -54.47
C GLY I 67 -3.40 37.05 -55.23
N GLY I 68 -4.43 37.47 -54.49
CA GLY I 68 -5.69 37.89 -55.07
C GLY I 68 -5.85 39.40 -55.00
N LYS I 69 -6.94 39.87 -55.61
CA LYS I 69 -7.14 41.32 -55.74
C LYS I 69 -7.52 41.98 -54.42
N SER I 70 -8.08 41.24 -53.47
CA SER I 70 -8.40 41.81 -52.16
C SER I 70 -7.14 42.10 -51.37
N GLY I 71 -6.20 41.14 -51.34
CA GLY I 71 -4.90 41.42 -50.78
C GLY I 71 -4.20 42.55 -51.49
N GLN I 72 -4.42 42.67 -52.80
CA GLN I 72 -3.89 43.81 -53.55
C GLN I 72 -4.47 45.12 -53.01
N ILE I 73 -5.78 45.17 -52.78
CA ILE I 73 -6.42 46.39 -52.29
C ILE I 73 -5.86 46.76 -50.92
N ASP I 74 -5.71 45.77 -50.04
CA ASP I 74 -5.24 46.09 -48.68
C ASP I 74 -3.75 46.44 -48.66
N ALA I 75 -2.95 45.82 -49.53
CA ALA I 75 -1.56 46.23 -49.65
C ALA I 75 -1.45 47.64 -50.21
N ILE I 76 -2.33 47.99 -51.14
CA ILE I 76 -2.41 49.38 -51.61
C ILE I 76 -2.72 50.32 -50.46
N LYS I 77 -3.67 49.93 -49.62
CA LYS I 77 -3.98 50.73 -48.42
C LYS I 77 -2.74 50.96 -47.58
N LEU I 78 -2.03 49.89 -47.23
CA LEU I 78 -0.84 50.02 -46.37
C LEU I 78 0.25 50.85 -47.05
N GLY I 79 0.46 50.63 -48.35
CA GLY I 79 1.49 51.38 -49.06
C GLY I 79 1.17 52.87 -49.12
N ILE I 80 -0.10 53.21 -49.36
CA ILE I 80 -0.52 54.60 -49.28
C ILE I 80 -0.25 55.15 -47.90
N ALA I 81 -0.49 54.34 -46.86
CA ALA I 81 -0.23 54.79 -45.50
C ALA I 81 1.24 55.16 -45.31
N ARG I 82 2.16 54.28 -45.72
CA ARG I 82 3.58 54.57 -45.49
C ARG I 82 4.08 55.72 -46.37
N ALA I 83 3.57 55.82 -47.60
CA ALA I 83 3.91 56.96 -48.44
C ALA I 83 3.43 58.26 -47.79
N LEU I 84 2.22 58.24 -47.21
CA LEU I 84 1.68 59.42 -46.54
C LEU I 84 2.52 59.79 -45.32
N VAL I 85 3.03 58.78 -44.60
CA VAL I 85 3.85 59.07 -43.43
C VAL I 85 5.19 59.66 -43.84
N GLN I 86 5.81 59.10 -44.89
CA GLN I 86 7.09 59.66 -45.34
C GLN I 86 6.91 61.05 -45.93
N TYR I 87 5.74 61.34 -46.51
CA TYR I 87 5.43 62.71 -46.93
C TYR I 87 5.39 63.63 -45.73
N ASN I 88 4.48 63.37 -44.79
CA ASN I 88 4.32 64.18 -43.59
C ASN I 88 4.26 63.24 -42.39
N PRO I 89 5.27 63.25 -41.51
CA PRO I 89 5.23 62.33 -40.37
C PRO I 89 4.14 62.64 -39.36
N ASP I 90 3.71 63.90 -39.26
CA ASP I 90 2.64 64.26 -38.34
C ASP I 90 1.37 63.48 -38.62
N TYR I 91 1.17 63.04 -39.87
CA TYR I 91 0.01 62.23 -40.22
C TYR I 91 -0.11 60.98 -39.37
N ARG I 92 0.99 60.52 -38.77
CA ARG I 92 0.92 59.37 -37.87
C ARG I 92 -0.10 59.60 -36.77
N ALA I 93 -0.21 60.84 -36.27
CA ALA I 93 -1.15 61.14 -35.20
C ALA I 93 -2.58 60.81 -35.60
N LYS I 94 -2.89 60.84 -36.89
CA LYS I 94 -4.21 60.49 -37.40
C LYS I 94 -4.24 59.13 -38.09
N LEU I 95 -3.13 58.41 -38.14
CA LEU I 95 -3.06 57.16 -38.89
C LEU I 95 -3.20 55.92 -38.01
N LYS I 96 -2.34 55.79 -36.99
CA LYS I 96 -2.35 54.59 -36.16
C LYS I 96 -3.61 54.50 -35.28
N PRO I 97 -4.14 55.61 -34.75
CA PRO I 97 -5.47 55.52 -34.13
C PRO I 97 -6.53 54.98 -35.06
N LEU I 98 -6.39 55.19 -36.37
CA LEU I 98 -7.25 54.52 -37.33
C LEU I 98 -6.78 53.10 -37.62
N GLY I 99 -5.48 52.83 -37.46
CA GLY I 99 -4.94 51.50 -37.64
C GLY I 99 -4.45 51.18 -39.03
N PHE I 100 -4.11 52.18 -39.84
CA PHE I 100 -3.72 51.97 -41.22
C PHE I 100 -2.24 51.69 -41.40
N LEU I 101 -1.44 51.75 -40.34
CA LEU I 101 -0.01 51.51 -40.42
C LEU I 101 0.39 50.14 -39.90
N THR I 102 -0.58 49.29 -39.59
CA THR I 102 -0.31 47.97 -39.04
C THR I 102 -0.32 46.92 -40.16
N ARG I 103 0.76 46.14 -40.22
CA ARG I 103 0.84 45.05 -41.20
C ARG I 103 -0.05 43.89 -40.74
N ASP I 104 -1.07 43.57 -41.53
CA ASP I 104 -1.95 42.45 -41.23
C ASP I 104 -1.19 41.15 -41.47
N ALA I 105 -0.90 40.43 -40.38
CA ALA I 105 -0.06 39.23 -40.42
C ALA I 105 -0.87 37.94 -40.51
N ARG I 106 -2.15 38.02 -40.85
CA ARG I 106 -2.97 36.83 -41.01
C ARG I 106 -2.61 36.13 -42.32
N VAL I 107 -1.99 34.96 -42.21
CA VAL I 107 -1.58 34.17 -43.36
C VAL I 107 -2.38 32.88 -43.38
N VAL I 108 -2.56 32.32 -44.58
CA VAL I 108 -3.19 31.01 -44.69
C VAL I 108 -2.31 30.00 -43.98
N GLU I 109 -2.95 29.13 -43.18
CA GLU I 109 -2.24 28.18 -42.35
C GLU I 109 -2.00 26.89 -43.12
N ARG I 110 -0.79 26.34 -42.95
CA ARG I 110 -0.38 25.18 -43.73
C ARG I 110 -1.27 23.98 -43.43
N LYS I 111 -1.34 23.05 -44.38
CA LYS I 111 -2.16 21.86 -44.23
C LYS I 111 -1.41 20.80 -43.44
N LYS I 112 -2.10 20.17 -42.50
CA LYS I 112 -1.51 19.15 -41.64
C LYS I 112 -2.02 17.77 -42.05
N TYR I 113 -1.16 16.76 -41.90
CA TYR I 113 -1.55 15.41 -42.23
C TYR I 113 -2.54 14.86 -41.20
N GLY I 114 -3.36 13.90 -41.64
CA GLY I 114 -4.45 13.42 -40.83
C GLY I 114 -5.69 14.29 -40.87
N LYS I 115 -5.63 15.43 -41.56
CA LYS I 115 -6.74 16.35 -41.71
C LYS I 115 -7.11 16.48 -43.18
N HIS I 116 -8.26 17.10 -43.43
CA HIS I 116 -8.65 17.40 -44.81
C HIS I 116 -7.99 18.69 -45.29
N LYS I 117 -8.31 19.83 -44.65
CA LYS I 117 -7.59 21.09 -44.90
C LYS I 117 -7.19 21.70 -43.55
N ALA I 118 -6.11 21.18 -42.99
CA ALA I 118 -5.30 21.82 -41.95
C ALA I 118 -5.94 21.95 -40.58
N ARG I 119 -7.27 21.85 -40.48
CA ARG I 119 -7.89 21.69 -39.17
C ARG I 119 -8.98 20.64 -39.22
N ARG I 120 -9.69 20.57 -40.34
CA ARG I 120 -10.84 19.67 -40.45
C ARG I 120 -10.39 18.21 -40.31
N ALA I 121 -10.93 17.55 -39.30
CA ALA I 121 -10.64 16.14 -39.11
C ALA I 121 -11.66 15.28 -39.87
N PRO I 122 -11.26 14.12 -40.37
CA PRO I 122 -12.21 13.24 -41.04
C PRO I 122 -13.27 12.74 -40.07
N GLN I 123 -14.48 12.57 -40.60
CA GLN I 123 -15.63 12.22 -39.77
C GLN I 123 -15.66 10.72 -39.49
N TYR I 124 -15.74 10.36 -38.21
CA TYR I 124 -16.03 8.99 -37.80
C TYR I 124 -17.50 8.88 -37.42
N SER I 125 -18.00 7.64 -37.35
CA SER I 125 -19.44 7.41 -37.28
C SER I 125 -19.90 6.79 -35.97
N LYS I 126 -19.38 5.62 -35.61
CA LYS I 126 -20.00 4.79 -34.58
C LYS I 126 -18.98 4.40 -33.51
N ARG I 127 -18.25 5.38 -32.98
CA ARG I 127 -17.39 5.15 -31.83
C ARG I 127 -18.27 4.90 -30.59
N LYS J 1 32.36 35.13 -70.99
CA LYS J 1 31.34 34.48 -70.18
C LYS J 1 31.87 33.20 -69.56
N ILE J 2 32.07 33.22 -68.25
CA ILE J 2 32.51 32.05 -67.50
C ILE J 2 31.47 31.81 -66.41
N ARG J 3 30.53 30.91 -66.68
CA ARG J 3 29.50 30.55 -65.72
C ARG J 3 30.01 29.44 -64.80
N ILE J 4 29.85 29.63 -63.50
CA ILE J 4 30.25 28.64 -62.51
C ILE J 4 29.02 28.27 -61.70
N LYS J 5 28.43 27.13 -62.03
CA LYS J 5 27.24 26.63 -61.37
C LYS J 5 27.64 25.84 -60.12
N LEU J 6 27.28 26.34 -58.94
CA LEU J 6 27.60 25.70 -57.68
C LEU J 6 26.36 25.03 -57.13
N ARG J 7 26.50 23.76 -56.72
CA ARG J 7 25.36 22.99 -56.26
C ARG J 7 25.78 22.13 -55.08
N GLY J 8 24.85 21.92 -54.16
CA GLY J 8 25.17 21.10 -53.00
C GLY J 8 23.97 20.78 -52.14
N PHE J 9 24.20 19.85 -51.21
CA PHE J 9 23.25 19.53 -50.17
C PHE J 9 23.47 20.34 -48.90
N ASP J 10 24.58 21.06 -48.80
CA ASP J 10 24.91 21.83 -47.60
C ASP J 10 25.09 23.30 -47.98
N HIS J 11 24.41 24.18 -47.25
CA HIS J 11 24.45 25.60 -47.59
C HIS J 11 25.74 26.26 -47.11
N LYS J 12 26.21 25.90 -45.91
CA LYS J 12 27.47 26.46 -45.43
C LYS J 12 28.64 25.99 -46.30
N THR J 13 28.58 24.76 -46.82
CA THR J 13 29.61 24.29 -47.74
C THR J 13 29.63 25.09 -49.02
N LEU J 14 28.44 25.36 -49.59
CA LEU J 14 28.37 26.20 -50.77
C LEU J 14 28.93 27.58 -50.49
N ASP J 15 28.54 28.18 -49.36
CA ASP J 15 29.05 29.50 -49.03
C ASP J 15 30.57 29.48 -48.89
N ALA J 16 31.11 28.47 -48.22
CA ALA J 16 32.56 28.36 -48.03
C ALA J 16 33.27 28.28 -49.38
N SER J 17 32.87 27.34 -50.22
CA SER J 17 33.56 27.14 -51.49
C SER J 17 33.42 28.37 -52.40
N ALA J 18 32.21 28.94 -52.48
CA ALA J 18 31.98 30.09 -53.34
C ALA J 18 32.76 31.31 -52.86
N GLN J 19 32.76 31.56 -51.55
CA GLN J 19 33.50 32.70 -51.03
C GLN J 19 35.00 32.51 -51.22
N LYS J 20 35.49 31.27 -51.10
CA LYS J 20 36.90 31.02 -51.36
C LYS J 20 37.24 31.31 -52.82
N ILE J 21 36.39 30.85 -53.75
CA ILE J 21 36.62 31.12 -55.17
C ILE J 21 36.62 32.62 -55.45
N VAL J 22 35.66 33.34 -54.87
CA VAL J 22 35.55 34.77 -55.13
C VAL J 22 36.71 35.53 -54.49
N GLU J 23 37.15 35.11 -53.30
CA GLU J 23 38.31 35.73 -52.67
C GLU J 23 39.58 35.48 -53.49
N ALA J 24 39.70 34.30 -54.09
CA ALA J 24 40.83 34.03 -54.97
C ALA J 24 40.78 34.93 -56.20
N ALA J 25 39.60 35.07 -56.81
CA ALA J 25 39.46 35.83 -58.04
C ALA J 25 39.45 37.35 -57.82
N ARG J 26 39.26 37.81 -56.59
CA ARG J 26 39.21 39.25 -56.32
C ARG J 26 40.58 39.91 -56.30
N ARG J 27 41.65 39.14 -56.23
CA ARG J 27 42.99 39.72 -56.22
C ARG J 27 43.56 39.93 -57.61
N SER J 28 42.83 39.52 -58.64
CA SER J 28 43.29 39.61 -60.03
C SER J 28 42.32 40.33 -60.94
N GLY J 29 41.02 40.09 -60.77
CA GLY J 29 40.04 40.43 -61.78
C GLY J 29 39.27 41.70 -61.49
N ALA J 30 38.09 41.78 -62.12
CA ALA J 30 37.24 42.96 -62.18
C ALA J 30 36.35 43.14 -60.96
N GLN J 31 35.28 43.91 -61.14
CA GLN J 31 34.30 44.28 -60.14
C GLN J 31 33.28 43.17 -59.89
N VAL J 32 33.76 41.93 -59.94
CA VAL J 32 32.98 40.71 -60.15
C VAL J 32 31.62 40.73 -59.46
N SER J 33 30.57 40.41 -60.22
CA SER J 33 29.21 40.43 -59.70
C SER J 33 29.06 39.52 -58.49
N GLY J 34 29.81 38.42 -58.45
CA GLY J 34 30.00 37.68 -57.23
C GLY J 34 28.95 36.63 -56.94
N PRO J 35 28.74 36.37 -55.65
CA PRO J 35 27.93 35.22 -55.23
C PRO J 35 26.43 35.44 -55.27
N ILE J 36 25.80 35.23 -56.42
CA ILE J 36 24.34 35.31 -56.53
C ILE J 36 23.73 34.00 -56.06
N PRO J 37 22.71 34.03 -55.22
CA PRO J 37 22.02 32.80 -54.81
C PRO J 37 20.83 32.48 -55.68
N LEU J 38 20.65 31.19 -55.98
CA LEU J 38 19.52 30.74 -56.78
C LEU J 38 18.55 29.96 -55.91
N PRO J 39 17.29 29.82 -56.34
CA PRO J 39 16.33 29.04 -55.56
C PRO J 39 16.77 27.58 -55.42
N THR J 40 16.29 26.95 -54.36
CA THR J 40 16.74 25.62 -53.97
C THR J 40 15.70 24.58 -54.37
N ARG J 41 16.17 23.49 -54.97
CA ARG J 41 15.27 22.40 -55.35
C ARG J 41 14.93 21.57 -54.12
N VAL J 42 13.65 21.56 -53.76
CA VAL J 42 13.19 20.91 -52.53
C VAL J 42 12.46 19.63 -52.91
N ARG J 43 13.02 18.49 -52.50
CA ARG J 43 12.41 17.18 -52.73
C ARG J 43 11.89 16.66 -51.39
N ARG J 44 10.57 16.51 -51.28
CA ARG J 44 9.94 16.05 -50.06
C ARG J 44 9.52 14.59 -50.20
N PHE J 45 9.60 13.86 -49.10
CA PHE J 45 9.26 12.43 -49.08
C PHE J 45 8.48 12.13 -47.82
N THR J 46 7.19 11.81 -47.96
CA THR J 46 6.34 11.42 -46.85
C THR J 46 6.30 9.91 -46.73
N VAL J 47 6.54 9.39 -45.53
CA VAL J 47 6.67 7.97 -45.27
C VAL J 47 5.81 7.62 -44.06
N ILE J 48 4.98 6.58 -44.21
CA ILE J 48 4.21 6.07 -43.09
C ILE J 48 5.18 5.53 -42.04
N ARG J 49 5.04 6.00 -40.80
CA ARG J 49 6.03 5.71 -39.77
C ARG J 49 6.18 4.21 -39.55
N GLY J 50 5.12 3.56 -39.08
CA GLY J 50 5.18 2.16 -38.73
C GLY J 50 4.80 1.26 -39.88
N PRO J 51 5.58 0.20 -40.09
CA PRO J 51 5.17 -0.83 -41.05
C PRO J 51 3.94 -1.54 -40.54
N PHE J 52 3.06 -1.95 -41.48
CA PHE J 52 1.84 -2.63 -41.07
C PHE J 52 0.98 -1.75 -40.17
N LYS J 53 -0.01 -1.08 -40.76
CA LYS J 53 -0.61 0.24 -40.53
C LYS J 53 -0.72 0.75 -39.09
N HIS J 54 -1.62 1.72 -38.85
CA HIS J 54 -1.39 3.06 -38.32
C HIS J 54 -1.05 4.02 -39.47
N LYS J 55 -2.00 4.09 -40.40
CA LYS J 55 -1.92 4.94 -41.58
C LYS J 55 -1.58 6.39 -41.25
N ASP J 56 -2.24 6.96 -40.23
CA ASP J 56 -2.22 8.40 -40.02
C ASP J 56 -1.05 8.87 -39.16
N SER J 57 0.06 8.14 -39.18
CA SER J 57 1.21 8.49 -38.38
C SER J 57 2.37 9.04 -39.19
N ARG J 58 2.25 9.09 -40.52
CA ARG J 58 3.40 9.31 -41.40
C ARG J 58 4.15 10.59 -41.06
N GLU J 59 5.48 10.54 -41.21
CA GLU J 59 6.34 11.70 -41.10
C GLU J 59 7.10 11.86 -42.41
N HIS J 60 7.56 13.07 -42.68
CA HIS J 60 8.24 13.35 -43.94
C HIS J 60 9.59 14.01 -43.71
N PHE J 61 10.49 13.75 -44.65
CA PHE J 61 11.80 14.39 -44.70
C PHE J 61 11.90 15.21 -45.98
N GLU J 62 12.90 16.09 -46.03
CA GLU J 62 13.10 16.95 -47.19
C GLU J 62 14.58 17.08 -47.49
N LEU J 63 14.96 16.74 -48.73
CA LEU J 63 16.28 17.07 -49.25
C LEU J 63 16.19 18.38 -50.02
N ARG J 64 17.27 19.14 -49.99
CA ARG J 64 17.28 20.43 -50.68
C ARG J 64 18.62 20.64 -51.38
N THR J 65 18.56 20.82 -52.69
CA THR J 65 19.74 21.08 -53.50
C THR J 65 19.87 22.59 -53.70
N HIS J 66 20.88 23.18 -53.07
CA HIS J 66 21.19 24.60 -53.20
C HIS J 66 22.11 24.89 -54.37
N ASN J 67 21.93 26.09 -54.94
CA ASN J 67 22.57 26.54 -56.16
C ASN J 67 23.07 27.97 -55.98
N ARG J 68 24.28 28.23 -56.47
CA ARG J 68 24.91 29.54 -56.43
C ARG J 68 25.57 29.81 -57.78
N LEU J 69 25.76 31.10 -58.08
CA LEU J 69 26.37 31.53 -59.34
C LEU J 69 27.42 32.59 -59.07
N VAL J 70 28.47 32.58 -59.88
CA VAL J 70 29.66 33.42 -59.67
C VAL J 70 29.76 34.53 -60.72
N ASP J 71 29.88 34.17 -62.00
CA ASP J 71 29.93 35.12 -63.11
C ASP J 71 31.12 36.07 -62.98
N ILE J 72 32.33 35.49 -63.08
CA ILE J 72 33.54 36.28 -63.12
C ILE J 72 33.62 37.00 -64.47
N ILE J 73 34.05 38.27 -64.43
CA ILE J 73 34.08 39.11 -65.62
C ILE J 73 35.52 39.48 -65.91
N ASN J 74 36.01 39.11 -67.11
CA ASN J 74 37.35 39.41 -67.61
C ASN J 74 38.46 38.84 -66.72
N PRO J 75 38.50 37.51 -66.43
CA PRO J 75 39.69 36.94 -65.78
C PRO J 75 40.68 36.41 -66.80
N ASN J 76 42.00 36.57 -66.65
CA ASN J 76 42.90 36.08 -67.68
C ASN J 76 43.85 34.99 -67.18
N ARG J 77 44.76 35.29 -66.25
CA ARG J 77 45.67 34.26 -65.77
C ARG J 77 45.70 34.13 -64.25
N LYS J 78 45.90 35.24 -63.54
CA LYS J 78 46.09 35.17 -62.10
C LYS J 78 44.85 34.66 -61.39
N THR J 79 43.67 34.90 -61.97
CA THR J 79 42.44 34.31 -61.43
C THR J 79 42.52 32.79 -61.45
N ILE J 80 42.93 32.22 -62.58
CA ILE J 80 43.02 30.76 -62.71
C ILE J 80 44.31 30.21 -62.13
N GLU J 81 45.22 31.07 -61.68
CA GLU J 81 46.37 30.59 -60.91
C GLU J 81 45.94 30.11 -59.53
N GLN J 82 44.95 30.76 -58.94
CA GLN J 82 44.39 30.39 -57.65
C GLN J 82 43.10 29.58 -57.81
N LEU J 83 42.98 28.81 -58.89
CA LEU J 83 41.71 28.18 -59.23
C LEU J 83 41.84 26.70 -59.53
N MET J 84 43.01 26.26 -59.98
CA MET J 84 43.15 24.92 -60.56
C MET J 84 42.67 23.83 -59.61
N THR J 85 43.35 23.67 -58.47
CA THR J 85 42.89 22.74 -57.43
C THR J 85 43.45 23.21 -56.10
N LEU J 86 42.61 23.88 -55.31
CA LEU J 86 43.03 24.35 -53.99
C LEU J 86 41.98 24.17 -52.90
N ASP J 87 40.79 23.65 -53.21
CA ASP J 87 39.67 23.72 -52.29
C ASP J 87 39.59 22.52 -51.37
N LEU J 88 39.12 22.76 -50.15
CA LEU J 88 38.84 21.77 -49.13
C LEU J 88 37.47 21.07 -49.28
N PRO J 89 36.37 21.81 -49.52
CA PRO J 89 35.04 21.19 -49.39
C PRO J 89 34.83 20.01 -50.32
N THR J 90 34.18 18.97 -49.79
CA THR J 90 33.92 17.73 -50.51
C THR J 90 32.47 17.63 -50.98
N GLY J 91 31.51 17.92 -50.11
CA GLY J 91 30.11 17.86 -50.47
C GLY J 91 29.70 18.87 -51.53
N VAL J 92 30.54 19.87 -51.77
CA VAL J 92 30.25 20.85 -52.81
C VAL J 92 30.38 20.20 -54.19
N GLU J 93 29.73 20.81 -55.17
CA GLU J 93 29.83 20.36 -56.55
C GLU J 93 29.85 21.57 -57.46
N ILE J 94 30.81 21.60 -58.39
CA ILE J 94 31.07 22.76 -59.24
C ILE J 94 30.96 22.35 -60.70
N GLU J 95 30.34 23.20 -61.51
CA GLU J 95 30.29 23.06 -62.95
C GLU J 95 30.72 24.37 -63.60
N ILE J 96 31.26 24.28 -64.80
CA ILE J 96 31.67 25.48 -65.55
C ILE J 96 31.12 25.37 -66.95
N LYS J 97 30.23 26.31 -67.31
CA LYS J 97 29.68 26.41 -68.65
C LYS J 97 29.99 27.78 -69.25
N THR J 98 30.37 27.79 -70.52
CA THR J 98 30.70 29.02 -71.22
C THR J 98 29.97 29.12 -72.56
N LYS K 1 -73.42 40.01 -1.95
CA LYS K 1 -74.65 40.06 -1.16
C LYS K 1 -74.35 40.08 0.33
N ARG K 2 -73.11 40.40 0.67
CA ARG K 2 -72.69 40.49 2.07
C ARG K 2 -72.18 41.86 2.44
N GLN K 3 -71.33 42.45 1.59
CA GLN K 3 -70.74 43.77 1.82
C GLN K 3 -69.98 43.78 3.14
N VAL K 4 -68.92 42.96 3.18
CA VAL K 4 -68.21 42.73 4.42
C VAL K 4 -67.23 43.86 4.73
N ALA K 5 -66.60 44.45 3.71
CA ALA K 5 -65.73 45.63 3.79
C ALA K 5 -64.44 45.39 4.59
N SER K 6 -64.32 44.27 5.32
CA SER K 6 -63.10 43.93 6.06
C SER K 6 -63.10 42.46 6.53
N GLY K 7 -61.94 41.82 6.63
CA GLY K 7 -61.91 40.45 7.15
C GLY K 7 -60.51 39.87 7.19
N ARG K 8 -60.46 38.56 7.39
CA ARG K 8 -59.20 37.84 7.47
C ARG K 8 -58.95 37.04 6.20
N ALA K 9 -57.70 36.63 6.02
CA ALA K 9 -57.30 35.78 4.90
C ALA K 9 -56.31 34.74 5.41
N TYR K 10 -56.69 33.47 5.30
CA TYR K 10 -55.89 32.35 5.76
C TYR K 10 -55.22 31.69 4.57
N ILE K 11 -53.90 31.53 4.64
CA ILE K 11 -53.11 30.90 3.58
C ILE K 11 -52.58 29.58 4.12
N HIS K 12 -53.12 28.48 3.61
CA HIS K 12 -52.66 27.14 3.98
C HIS K 12 -51.79 26.62 2.85
N ALA K 13 -50.48 26.55 3.09
CA ALA K 13 -49.52 26.15 2.08
C ALA K 13 -48.86 24.84 2.48
N SER K 14 -48.78 23.92 1.52
CA SER K 14 -48.12 22.64 1.70
C SER K 14 -47.18 22.41 0.53
N TYR K 15 -46.50 21.27 0.53
CA TYR K 15 -45.62 20.91 -0.57
C TYR K 15 -46.37 20.27 -1.73
N ASN K 16 -47.69 20.07 -1.60
CA ASN K 16 -48.51 19.55 -2.68
C ASN K 16 -49.54 20.55 -3.20
N ASN K 17 -49.85 21.59 -2.44
CA ASN K 17 -50.85 22.56 -2.84
C ASN K 17 -50.78 23.77 -1.92
N THR K 18 -51.35 24.88 -2.39
CA THR K 18 -51.53 26.09 -1.61
C THR K 18 -52.96 26.58 -1.82
N ILE K 19 -53.66 26.85 -0.73
CA ILE K 19 -55.06 27.28 -0.79
C ILE K 19 -55.23 28.53 0.06
N VAL K 20 -56.12 29.41 -0.37
CA VAL K 20 -56.39 30.68 0.30
C VAL K 20 -57.88 30.75 0.61
N THR K 21 -58.22 31.00 1.87
CA THR K 21 -59.60 31.16 2.30
C THR K 21 -59.77 32.55 2.88
N ILE K 22 -60.61 33.37 2.22
CA ILE K 22 -60.90 34.72 2.68
C ILE K 22 -62.20 34.68 3.47
N THR K 23 -62.12 35.13 4.73
CA THR K 23 -63.15 34.97 5.74
C THR K 23 -63.43 36.33 6.38
N ASP K 24 -64.40 36.35 7.27
CA ASP K 24 -64.86 37.58 7.92
C ASP K 24 -64.26 37.73 9.32
N PRO K 25 -64.35 38.92 9.93
CA PRO K 25 -63.65 39.15 11.20
C PRO K 25 -64.04 38.24 12.35
N ASP K 26 -65.12 37.47 12.27
CA ASP K 26 -65.43 36.52 13.34
C ASP K 26 -65.32 35.06 12.90
N GLY K 27 -64.62 34.79 11.80
CA GLY K 27 -64.15 33.46 11.47
C GLY K 27 -64.85 32.78 10.30
N ASN K 28 -66.06 33.20 9.95
CA ASN K 28 -66.76 32.48 8.90
C ASN K 28 -66.19 32.82 7.53
N PRO K 29 -66.09 31.85 6.63
CA PRO K 29 -65.46 32.11 5.33
C PRO K 29 -66.37 32.87 4.38
N ILE K 30 -65.75 33.53 3.42
CA ILE K 30 -66.46 34.28 2.39
C ILE K 30 -66.21 33.62 1.05
N THR K 31 -64.94 33.56 0.64
CA THR K 31 -64.58 32.89 -0.61
C THR K 31 -63.31 32.08 -0.37
N TRP K 32 -62.85 31.39 -1.41
CA TRP K 32 -61.62 30.63 -1.32
C TRP K 32 -61.16 30.26 -2.72
N SER K 33 -59.92 29.77 -2.80
CA SER K 33 -59.30 29.39 -4.06
C SER K 33 -58.12 28.49 -3.74
N SER K 34 -57.60 27.83 -4.77
CA SER K 34 -56.48 26.92 -4.61
C SER K 34 -55.86 26.67 -5.97
N GLY K 35 -54.76 25.90 -5.98
CA GLY K 35 -54.12 25.54 -7.24
C GLY K 35 -54.94 24.63 -8.12
N GLY K 36 -55.93 23.94 -7.54
CA GLY K 36 -56.83 23.11 -8.32
C GLY K 36 -58.08 23.85 -8.74
N VAL K 37 -58.49 24.85 -7.96
CA VAL K 37 -59.57 25.73 -8.38
C VAL K 37 -59.22 26.40 -9.70
N ILE K 38 -57.98 26.89 -9.81
CA ILE K 38 -57.44 27.35 -11.08
C ILE K 38 -56.96 26.13 -11.86
N GLY K 39 -56.66 26.32 -13.14
CA GLY K 39 -56.39 25.22 -14.06
C GLY K 39 -55.50 24.07 -13.64
N TYR K 40 -54.46 24.34 -12.85
CA TYR K 40 -53.45 23.33 -12.56
C TYR K 40 -54.05 22.13 -11.85
N LYS K 41 -53.52 20.94 -12.17
CA LYS K 41 -54.08 19.68 -11.70
C LYS K 41 -53.13 18.90 -10.80
N GLY K 42 -51.93 18.58 -11.25
CA GLY K 42 -51.06 17.70 -10.49
C GLY K 42 -50.10 18.42 -9.57
N SER K 43 -48.80 18.07 -9.65
CA SER K 43 -47.80 18.77 -8.86
C SER K 43 -47.71 20.24 -9.24
N ARG K 44 -48.21 20.61 -10.42
CA ARG K 44 -48.30 22.00 -10.83
C ARG K 44 -49.02 22.86 -9.79
N LYS K 45 -49.89 22.27 -8.98
CA LYS K 45 -50.60 23.03 -7.96
C LYS K 45 -49.66 23.54 -6.87
N GLY K 46 -48.51 22.91 -6.66
CA GLY K 46 -47.59 23.29 -5.62
C GLY K 46 -46.59 24.36 -6.00
N THR K 47 -46.62 24.85 -7.24
CA THR K 47 -45.66 25.88 -7.66
C THR K 47 -46.04 27.23 -7.08
N PRO K 48 -45.07 28.13 -6.88
CA PRO K 48 -45.40 29.48 -6.39
C PRO K 48 -46.31 30.26 -7.32
N TYR K 49 -46.25 30.01 -8.63
CA TYR K 49 -47.14 30.73 -9.55
C TYR K 49 -48.60 30.33 -9.32
N ALA K 50 -48.85 29.06 -9.04
CA ALA K 50 -50.20 28.63 -8.73
C ALA K 50 -50.68 29.27 -7.43
N ALA K 51 -49.79 29.40 -6.45
CA ALA K 51 -50.16 30.08 -5.20
C ALA K 51 -50.50 31.55 -5.46
N GLN K 52 -49.70 32.22 -6.29
CA GLN K 52 -50.00 33.60 -6.65
C GLN K 52 -51.35 33.72 -7.34
N LEU K 53 -51.62 32.84 -8.30
CA LEU K 53 -52.89 32.90 -9.01
C LEU K 53 -54.06 32.60 -8.09
N ALA K 54 -53.90 31.65 -7.17
CA ALA K 54 -54.96 31.32 -6.23
C ALA K 54 -55.24 32.50 -5.30
N ALA K 55 -54.18 33.11 -4.77
CA ALA K 55 -54.37 34.29 -3.92
C ALA K 55 -55.08 35.40 -4.68
N LEU K 56 -54.68 35.64 -5.94
CA LEU K 56 -55.30 36.70 -6.73
C LEU K 56 -56.76 36.40 -7.04
N ASP K 57 -57.07 35.15 -7.36
CA ASP K 57 -58.46 34.77 -7.64
C ASP K 57 -59.33 34.93 -6.40
N ALA K 58 -58.83 34.47 -5.25
CA ALA K 58 -59.58 34.64 -4.01
C ALA K 58 -59.75 36.12 -3.68
N ALA K 59 -58.71 36.92 -3.92
CA ALA K 59 -58.81 38.35 -3.63
C ALA K 59 -59.84 39.02 -4.53
N LYS K 60 -59.92 38.61 -5.80
CA LYS K 60 -60.91 39.20 -6.70
C LYS K 60 -62.32 38.76 -6.33
N LYS K 61 -62.49 37.52 -5.90
CA LYS K 61 -63.80 37.12 -5.40
C LYS K 61 -64.17 37.95 -4.16
N ALA K 62 -63.19 38.23 -3.29
CA ALA K 62 -63.44 39.12 -2.15
C ALA K 62 -63.82 40.52 -2.61
N MET K 63 -63.18 41.03 -3.67
CA MET K 63 -63.61 42.29 -4.26
C MET K 63 -65.07 42.23 -4.68
N ALA K 64 -65.46 41.12 -5.32
CA ALA K 64 -66.86 40.91 -5.63
C ALA K 64 -67.71 40.96 -4.37
N TYR K 65 -67.18 40.45 -3.25
CA TYR K 65 -67.90 40.61 -1.99
C TYR K 65 -67.71 41.98 -1.37
N GLY K 66 -66.74 42.75 -1.85
CA GLY K 66 -66.53 44.09 -1.34
C GLY K 66 -65.54 44.19 -0.20
N MET K 67 -64.41 43.49 -0.34
CA MET K 67 -63.37 43.49 0.69
C MET K 67 -62.34 44.57 0.41
N GLN K 68 -61.96 45.32 1.46
CA GLN K 68 -60.92 46.34 1.36
C GLN K 68 -59.75 46.10 2.29
N SER K 69 -60.00 45.93 3.58
CA SER K 69 -58.96 45.74 4.59
C SER K 69 -58.89 44.27 4.98
N VAL K 70 -57.67 43.71 4.97
CA VAL K 70 -57.47 42.28 5.14
C VAL K 70 -56.36 42.03 6.15
N ASP K 71 -56.65 41.16 7.13
CA ASP K 71 -55.63 40.61 8.01
C ASP K 71 -55.25 39.22 7.52
N VAL K 72 -53.95 38.91 7.55
CA VAL K 72 -53.41 37.70 6.94
C VAL K 72 -53.00 36.72 8.03
N ILE K 73 -53.39 35.46 7.87
CA ILE K 73 -52.96 34.36 8.72
C ILE K 73 -52.31 33.31 7.82
N VAL K 74 -51.14 32.82 8.22
CA VAL K 74 -50.37 31.88 7.42
C VAL K 74 -50.14 30.61 8.23
N ARG K 75 -50.46 29.46 7.62
CA ARG K 75 -50.23 28.16 8.25
C ARG K 75 -49.60 27.23 7.22
N GLY K 76 -48.48 26.62 7.56
CA GLY K 76 -47.83 25.64 6.72
C GLY K 76 -46.59 26.20 6.04
N THR K 77 -45.95 25.32 5.27
CA THR K 77 -44.71 25.66 4.57
C THR K 77 -44.71 24.96 3.23
N GLY K 78 -44.26 25.67 2.20
CA GLY K 78 -44.16 25.09 0.88
C GLY K 78 -43.75 26.14 -0.13
N ALA K 79 -43.56 25.68 -1.37
CA ALA K 79 -43.26 26.60 -2.45
C ALA K 79 -44.45 27.53 -2.70
N GLY K 80 -44.16 28.83 -2.73
CA GLY K 80 -45.22 29.81 -2.88
C GLY K 80 -45.95 30.17 -1.60
N ARG K 81 -45.50 29.67 -0.45
CA ARG K 81 -46.06 30.12 0.82
C ARG K 81 -45.85 31.62 1.00
N GLU K 82 -44.77 32.15 0.44
CA GLU K 82 -44.50 33.59 0.48
C GLU K 82 -45.06 34.30 -0.76
N GLN K 83 -45.04 33.64 -1.92
CA GLN K 83 -45.59 34.24 -3.13
C GLN K 83 -47.08 34.53 -2.98
N ALA K 84 -47.80 33.68 -2.25
CA ALA K 84 -49.20 33.97 -1.98
C ALA K 84 -49.35 35.28 -1.24
N ILE K 85 -48.52 35.51 -0.22
CA ILE K 85 -48.63 36.75 0.53
C ILE K 85 -48.18 37.93 -0.33
N ARG K 86 -47.20 37.73 -1.21
CA ARG K 86 -46.76 38.83 -2.07
C ARG K 86 -47.87 39.25 -3.04
N ALA K 87 -48.49 38.27 -3.71
CA ALA K 87 -49.61 38.59 -4.58
C ALA K 87 -50.77 39.20 -3.80
N LEU K 88 -51.02 38.70 -2.58
CA LEU K 88 -52.08 39.25 -1.74
C LEU K 88 -51.78 40.69 -1.35
N GLN K 89 -50.51 41.03 -1.18
CA GLN K 89 -50.14 42.42 -0.92
C GLN K 89 -50.39 43.29 -2.13
N ALA K 90 -49.93 42.84 -3.30
CA ALA K 90 -50.08 43.64 -4.51
C ALA K 90 -51.39 43.39 -5.24
N SER K 91 -52.36 42.72 -4.60
CA SER K 91 -53.64 42.41 -5.26
C SER K 91 -54.59 43.59 -5.31
N GLY K 92 -54.34 44.65 -4.57
CA GLY K 92 -55.31 45.71 -4.39
C GLY K 92 -56.01 45.68 -3.04
N LEU K 93 -55.64 44.77 -2.16
CA LEU K 93 -56.19 44.70 -0.81
C LEU K 93 -55.15 45.27 0.16
N GLN K 94 -55.55 46.28 0.92
CA GLN K 94 -54.66 46.85 1.93
C GLN K 94 -54.42 45.82 3.02
N VAL K 95 -53.19 45.34 3.12
CA VAL K 95 -52.83 44.31 4.09
C VAL K 95 -52.73 44.96 5.47
N LYS K 96 -53.53 44.47 6.41
CA LYS K 96 -53.51 45.01 7.76
C LYS K 96 -52.30 44.48 8.53
N SER K 97 -52.16 43.16 8.62
CA SER K 97 -51.02 42.55 9.28
C SER K 97 -50.87 41.12 8.78
N ILE K 98 -49.65 40.61 8.86
CA ILE K 98 -49.32 39.24 8.48
C ILE K 98 -48.96 38.48 9.76
N VAL K 99 -49.52 37.28 9.90
CA VAL K 99 -49.34 36.46 11.10
C VAL K 99 -49.09 35.02 10.66
N ASP K 100 -48.07 34.39 11.25
CA ASP K 100 -47.76 32.98 11.01
C ASP K 100 -48.26 32.18 12.20
N ASP K 101 -49.36 31.45 12.00
CA ASP K 101 -49.98 30.66 13.05
C ASP K 101 -49.89 29.17 12.74
N THR K 102 -48.76 28.74 12.18
CA THR K 102 -48.57 27.36 11.79
C THR K 102 -48.73 26.45 13.01
N PRO K 103 -49.69 25.53 13.01
CA PRO K 103 -49.90 24.68 14.18
C PRO K 103 -48.78 23.67 14.33
N VAL K 104 -48.14 23.69 15.50
CA VAL K 104 -47.09 22.73 15.81
C VAL K 104 -47.46 22.03 17.11
N PRO K 105 -47.45 20.70 17.16
CA PRO K 105 -47.82 20.01 18.39
C PRO K 105 -46.71 20.12 19.43
N HIS K 106 -47.05 19.66 20.63
CA HIS K 106 -46.10 19.55 21.74
C HIS K 106 -45.62 18.11 21.88
N ASN K 107 -45.45 17.43 20.75
CA ASN K 107 -44.99 16.04 20.68
C ASN K 107 -46.07 15.08 21.22
N GLY K 108 -47.17 15.04 20.48
CA GLY K 108 -48.38 14.37 20.91
C GLY K 108 -48.64 13.10 20.13
N CYS K 109 -48.61 13.22 18.80
CA CYS K 109 -48.95 12.14 17.90
C CYS K 109 -47.71 11.60 17.21
N ARG K 110 -47.78 10.32 16.83
CA ARG K 110 -46.68 9.67 16.13
C ARG K 110 -46.80 9.92 14.63
N PRO K 111 -45.77 10.46 13.99
CA PRO K 111 -45.86 10.79 12.56
C PRO K 111 -45.81 9.52 11.71
N LYS K 112 -46.08 9.73 10.43
CA LYS K 112 -45.94 8.66 9.45
C LYS K 112 -44.46 8.38 9.21
N LYS K 113 -44.18 7.21 8.62
CA LYS K 113 -42.80 6.81 8.37
C LYS K 113 -42.06 7.84 7.54
N LYS K 114 -42.78 8.59 6.70
CA LYS K 114 -42.16 9.65 5.91
C LYS K 114 -41.56 10.74 6.78
N PHE K 115 -42.15 10.99 7.95
CA PHE K 115 -41.81 12.15 8.77
C PHE K 115 -40.93 11.79 9.96
N ARG K 116 -40.17 10.70 9.88
CA ARG K 116 -39.29 10.32 10.99
C ARG K 116 -37.94 9.81 10.48
N PRO L 1 -5.54 -15.84 33.56
CA PRO L 1 -6.19 -16.52 34.69
C PRO L 1 -5.42 -16.30 35.98
N THR L 2 -6.13 -16.18 37.10
CA THR L 2 -5.43 -16.09 38.38
C THR L 2 -4.83 -17.44 38.74
N ILE L 3 -3.96 -17.44 39.75
CA ILE L 3 -3.44 -18.70 40.27
C ILE L 3 -4.57 -19.51 40.89
N ASN L 4 -5.45 -18.84 41.63
CA ASN L 4 -6.61 -19.53 42.21
C ASN L 4 -7.48 -20.13 41.12
N GLN L 5 -7.65 -19.41 40.00
CA GLN L 5 -8.42 -19.95 38.88
C GLN L 5 -7.74 -21.18 38.28
N LEU L 6 -6.41 -21.19 38.26
CA LEU L 6 -5.71 -22.37 37.74
C LEU L 6 -5.78 -23.53 38.71
N VAL L 7 -5.89 -23.25 40.00
CA VAL L 7 -6.07 -24.32 40.97
C VAL L 7 -7.47 -24.90 40.85
N ARG L 8 -8.47 -24.05 40.62
CA ARG L 8 -9.85 -24.54 40.58
C ARG L 8 -10.14 -25.32 39.30
N LYS L 9 -9.65 -24.84 38.16
CA LYS L 9 -9.97 -25.42 36.87
C LYS L 9 -8.76 -25.99 36.15
N GLY L 10 -7.67 -25.23 36.06
CA GLY L 10 -6.44 -25.74 35.51
C GLY L 10 -6.42 -25.77 33.99
N ARG L 11 -5.21 -25.85 33.45
CA ARG L 11 -5.03 -25.93 32.01
C ARG L 11 -5.62 -27.24 31.48
N GLU L 12 -6.01 -27.23 30.22
CA GLU L 12 -6.64 -28.38 29.57
C GLU L 12 -5.71 -28.88 28.47
N LYS L 13 -5.24 -30.12 28.62
CA LYS L 13 -4.38 -30.72 27.60
C LYS L 13 -5.15 -30.89 26.29
N VAL L 14 -4.47 -30.65 25.18
CA VAL L 14 -5.09 -30.68 23.86
C VAL L 14 -4.95 -32.08 23.28
N ARG L 15 -6.07 -32.67 22.89
CA ARG L 15 -6.08 -34.03 22.37
C ARG L 15 -5.77 -34.03 20.88
N LYS L 16 -4.89 -34.92 20.46
CA LYS L 16 -4.64 -35.16 19.05
C LYS L 16 -5.65 -36.17 18.50
N LYS L 17 -5.98 -36.01 17.22
CA LYS L 17 -6.92 -36.91 16.55
C LYS L 17 -6.26 -37.44 15.29
N SER L 18 -6.12 -38.77 15.21
CA SER L 18 -5.31 -39.38 14.18
C SER L 18 -5.90 -39.14 12.79
N LYS L 19 -5.05 -38.69 11.87
CA LYS L 19 -5.46 -38.50 10.48
C LYS L 19 -5.66 -39.82 9.75
N VAL L 20 -5.20 -40.93 10.30
CA VAL L 20 -5.18 -42.17 9.55
C VAL L 20 -5.82 -43.26 10.41
N PRO L 21 -7.12 -43.51 10.28
CA PRO L 21 -7.65 -44.72 10.91
C PRO L 21 -7.39 -45.94 10.05
N ALA L 22 -6.13 -46.14 9.61
CA ALA L 22 -5.74 -47.49 9.20
C ALA L 22 -5.54 -48.23 10.50
N LEU L 23 -6.59 -48.90 10.97
CA LEU L 23 -6.80 -49.17 12.39
C LEU L 23 -5.69 -50.00 13.04
N LYS L 24 -5.82 -50.23 14.35
CA LYS L 24 -4.81 -50.82 15.22
C LYS L 24 -3.54 -49.97 15.27
N GLY L 25 -3.52 -48.83 14.56
CA GLY L 25 -2.39 -47.93 14.56
C GLY L 25 -1.24 -48.57 13.81
N ALA L 26 -1.64 -49.61 13.08
CA ALA L 26 -0.70 -50.43 12.34
C ALA L 26 0.00 -49.61 11.26
N PRO L 27 1.26 -49.93 10.97
CA PRO L 27 1.97 -49.19 9.90
C PRO L 27 1.38 -49.42 8.53
N PHE L 28 0.95 -50.64 8.24
CA PHE L 28 0.34 -50.97 6.97
C PHE L 28 -0.86 -51.85 7.23
N ARG L 29 -1.76 -51.93 6.25
CA ARG L 29 -2.94 -52.78 6.40
C ARG L 29 -3.32 -53.33 5.04
N ARG L 30 -3.41 -54.66 4.92
CA ARG L 30 -3.73 -55.24 3.63
C ARG L 30 -5.23 -55.30 3.44
N GLY L 31 -5.65 -55.26 2.18
CA GLY L 31 -7.06 -55.32 1.83
C GLY L 31 -7.25 -55.83 0.42
N VAL L 32 -8.51 -55.92 0.05
CA VAL L 32 -8.92 -56.38 -1.27
C VAL L 32 -9.58 -55.21 -1.99
N CYS L 33 -9.28 -55.08 -3.28
CA CYS L 33 -9.82 -53.98 -4.07
C CYS L 33 -11.27 -54.23 -4.45
N THR L 34 -12.00 -53.14 -4.61
CA THR L 34 -13.36 -53.14 -5.13
C THR L 34 -13.48 -52.45 -6.47
N VAL L 35 -12.83 -51.30 -6.62
CA VAL L 35 -12.85 -50.52 -7.85
C VAL L 35 -11.43 -50.09 -8.16
N VAL L 36 -11.08 -50.06 -9.44
CA VAL L 36 -9.88 -49.39 -9.94
C VAL L 36 -10.35 -48.29 -10.88
N ARG L 37 -10.09 -47.04 -10.50
CA ARG L 37 -10.75 -45.91 -11.13
C ARG L 37 -9.72 -44.85 -11.52
N THR L 38 -10.15 -43.95 -12.40
CA THR L 38 -9.38 -42.77 -12.77
C THR L 38 -10.19 -41.54 -12.37
N VAL L 39 -9.61 -40.72 -11.49
CA VAL L 39 -10.36 -39.63 -10.87
C VAL L 39 -9.76 -38.29 -11.26
N THR L 40 -10.61 -37.27 -11.34
CA THR L 40 -10.16 -35.93 -11.66
C THR L 40 -9.71 -35.21 -10.39
N PRO L 41 -8.69 -34.32 -10.48
CA PRO L 41 -8.16 -33.68 -9.26
C PRO L 41 -8.89 -32.40 -8.88
N LYS L 42 -8.38 -31.74 -7.84
CA LYS L 42 -8.99 -30.53 -7.29
C LYS L 42 -8.72 -29.33 -8.21
N LYS L 43 -9.08 -28.14 -7.74
CA LYS L 43 -9.09 -26.89 -8.52
C LYS L 43 -7.81 -26.61 -9.30
N PRO L 44 -6.63 -26.50 -8.65
CA PRO L 44 -5.47 -25.95 -9.35
C PRO L 44 -4.78 -26.91 -10.31
N ASN L 45 -5.07 -28.20 -10.25
CA ASN L 45 -4.40 -29.18 -11.10
C ASN L 45 -5.39 -29.81 -12.08
N SER L 46 -4.85 -30.67 -12.94
CA SER L 46 -5.65 -31.37 -13.95
C SER L 46 -4.86 -32.58 -14.41
N ALA L 47 -5.43 -33.77 -14.20
CA ALA L 47 -4.80 -35.03 -14.59
C ALA L 47 -5.84 -36.13 -14.42
N LEU L 48 -5.40 -37.38 -14.61
CA LEU L 48 -6.22 -38.57 -14.41
C LEU L 48 -5.49 -39.47 -13.43
N ARG L 49 -5.92 -39.46 -12.17
CA ARG L 49 -5.25 -40.17 -11.10
C ARG L 49 -5.87 -41.53 -10.88
N LYS L 50 -5.01 -42.54 -10.71
CA LYS L 50 -5.43 -43.93 -10.56
C LYS L 50 -5.54 -44.25 -9.07
N VAL L 51 -6.75 -44.54 -8.61
CA VAL L 51 -7.03 -44.86 -7.23
C VAL L 51 -7.74 -46.20 -7.17
N ALA L 52 -7.99 -46.68 -5.94
CA ALA L 52 -8.64 -47.96 -5.75
C ALA L 52 -9.41 -47.94 -4.43
N LYS L 53 -10.69 -48.30 -4.49
CA LYS L 53 -11.45 -48.56 -3.28
C LYS L 53 -11.01 -49.90 -2.70
N VAL L 54 -10.90 -49.97 -1.37
CA VAL L 54 -10.34 -51.14 -0.71
C VAL L 54 -11.18 -51.48 0.52
N ARG L 55 -11.47 -52.77 0.69
CA ARG L 55 -11.97 -53.32 1.94
C ARG L 55 -10.78 -53.85 2.73
N LEU L 56 -10.76 -53.58 4.03
CA LEU L 56 -9.58 -53.81 4.85
C LEU L 56 -9.77 -54.97 5.82
N THR L 57 -8.64 -55.46 6.33
CA THR L 57 -8.65 -56.47 7.40
C THR L 57 -9.12 -55.89 8.72
N SER L 58 -9.17 -54.57 8.85
CA SER L 58 -9.73 -53.91 10.02
C SER L 58 -11.21 -53.62 9.86
N GLY L 59 -11.85 -54.19 8.84
CA GLY L 59 -13.25 -53.92 8.60
C GLY L 59 -13.55 -52.55 8.04
N TYR L 60 -12.56 -51.88 7.46
CA TYR L 60 -12.73 -50.55 6.92
C TYR L 60 -12.76 -50.56 5.40
N GLU L 61 -13.33 -49.49 4.84
CA GLU L 61 -13.52 -49.34 3.40
C GLU L 61 -13.03 -47.95 3.02
N VAL L 62 -11.88 -47.88 2.35
CA VAL L 62 -11.19 -46.63 2.09
C VAL L 62 -10.88 -46.52 0.61
N THR L 63 -10.20 -45.44 0.24
CA THR L 63 -9.70 -45.22 -1.12
C THR L 63 -8.22 -44.91 -1.04
N ALA L 64 -7.43 -45.55 -1.90
CA ALA L 64 -5.99 -45.42 -1.87
C ALA L 64 -5.45 -45.03 -3.25
N TYR L 65 -4.39 -44.23 -3.23
CA TYR L 65 -3.74 -43.79 -4.46
C TYR L 65 -2.80 -44.87 -4.97
N ILE L 66 -2.76 -45.04 -6.29
CA ILE L 66 -1.86 -46.01 -6.91
C ILE L 66 -0.62 -45.27 -7.42
N PRO L 67 0.51 -45.35 -6.75
CA PRO L 67 1.70 -44.60 -7.19
C PRO L 67 2.29 -45.21 -8.45
N GLY L 68 3.30 -44.53 -8.99
CA GLY L 68 4.02 -45.03 -10.14
C GLY L 68 3.41 -44.61 -11.47
N GLU L 69 4.00 -45.12 -12.55
CA GLU L 69 3.55 -44.80 -13.90
C GLU L 69 2.41 -45.72 -14.33
N GLY L 70 2.63 -47.03 -14.29
CA GLY L 70 1.62 -47.98 -14.67
C GLY L 70 1.48 -49.07 -13.64
N HIS L 71 0.26 -49.56 -13.50
CA HIS L 71 -0.07 -50.57 -12.49
C HIS L 71 -0.72 -51.77 -13.15
N ASN L 72 -0.46 -52.95 -12.58
CA ASN L 72 -1.13 -54.19 -12.95
C ASN L 72 -2.35 -54.46 -12.09
N LEU L 73 -2.73 -53.51 -11.23
CA LEU L 73 -3.82 -53.74 -10.30
C LEU L 73 -5.15 -53.86 -11.03
N GLN L 74 -5.98 -54.81 -10.57
CA GLN L 74 -7.28 -55.05 -11.16
C GLN L 74 -8.37 -54.99 -10.10
N GLU L 75 -9.59 -55.40 -10.47
CA GLU L 75 -10.73 -55.19 -9.59
C GLU L 75 -10.64 -56.02 -8.32
N HIS L 76 -10.18 -57.26 -8.41
CA HIS L 76 -10.25 -58.19 -7.29
C HIS L 76 -8.88 -58.56 -6.73
N SER L 77 -7.84 -57.80 -7.06
CA SER L 77 -6.51 -58.12 -6.54
C SER L 77 -6.32 -57.55 -5.14
N VAL L 78 -5.54 -58.28 -4.33
CA VAL L 78 -5.24 -57.83 -2.98
C VAL L 78 -4.05 -56.87 -3.02
N VAL L 79 -3.96 -56.00 -2.01
CA VAL L 79 -2.96 -54.94 -1.97
C VAL L 79 -2.69 -54.58 -0.51
N LEU L 80 -1.61 -53.84 -0.29
CA LEU L 80 -1.24 -53.33 1.02
C LEU L 80 -1.40 -51.82 1.05
N ILE L 81 -1.81 -51.29 2.20
CA ILE L 81 -2.05 -49.87 2.40
C ILE L 81 -0.95 -49.29 3.27
N ARG L 82 -0.34 -48.21 2.79
CA ARG L 82 0.80 -47.55 3.40
C ARG L 82 0.44 -46.33 4.23
N GLY L 83 -0.52 -45.54 3.76
CA GLY L 83 -0.88 -44.31 4.44
C GLY L 83 -0.21 -43.10 3.82
N GLY L 84 -0.80 -41.95 4.08
CA GLY L 84 -0.36 -40.72 3.43
C GLY L 84 -1.39 -40.26 2.41
N ARG L 85 -1.72 -38.99 2.46
CA ARG L 85 -2.81 -38.45 1.66
C ARG L 85 -2.30 -37.85 0.36
N VAL L 86 -3.25 -37.51 -0.51
CA VAL L 86 -2.98 -36.83 -1.77
C VAL L 86 -3.65 -35.47 -1.70
N LYS L 87 -2.85 -34.42 -1.66
CA LYS L 87 -3.32 -33.06 -1.45
C LYS L 87 -4.44 -32.61 -2.40
N 0TD L 88 -4.36 -33.06 -3.65
CA 0TD L 88 -5.24 -32.53 -4.68
C 0TD L 88 -6.38 -33.52 -4.99
O 0TD L 88 -7.15 -33.31 -5.94
CSB 0TD L 88 -5.04 -29.68 -5.74
SB 0TD L 88 -5.04 -30.98 -6.97
CB 0TD L 88 -4.34 -32.23 -5.88
CG 0TD L 88 -4.11 -33.47 -6.74
OD2 0TD L 88 -3.83 -33.26 -7.94
OD1 0TD L 88 -3.84 -34.52 -6.14
N LEU L 89 -6.51 -34.56 -4.18
CA LEU L 89 -7.62 -35.50 -4.32
C LEU L 89 -8.29 -35.72 -2.97
N PRO L 90 -9.37 -34.98 -2.70
CA PRO L 90 -10.08 -35.16 -1.43
C PRO L 90 -10.71 -36.55 -1.35
N GLY L 91 -10.36 -37.29 -0.29
CA GLY L 91 -10.93 -38.60 -0.07
C GLY L 91 -9.92 -39.72 0.08
N VAL L 92 -8.83 -39.68 -0.68
CA VAL L 92 -7.78 -40.68 -0.58
C VAL L 92 -6.83 -40.26 0.53
N ARG L 93 -6.91 -40.93 1.67
CA ARG L 93 -6.05 -40.66 2.81
C ARG L 93 -4.91 -41.67 2.93
N TYR L 94 -4.79 -42.60 1.98
CA TYR L 94 -3.83 -43.68 2.09
C TYR L 94 -3.20 -43.93 0.73
N HIS L 95 -2.02 -44.53 0.74
CA HIS L 95 -1.30 -44.90 -0.47
C HIS L 95 -1.26 -46.42 -0.60
N ILE L 96 -0.63 -46.87 -1.69
CA ILE L 96 -0.52 -48.28 -2.02
C ILE L 96 0.95 -48.66 -2.10
N VAL L 97 1.31 -49.76 -1.45
CA VAL L 97 2.68 -50.27 -1.49
C VAL L 97 2.88 -51.05 -2.77
N ARG L 98 3.79 -50.59 -3.61
CA ARG L 98 4.09 -51.26 -4.87
C ARG L 98 5.13 -52.34 -4.65
N GLY L 99 4.95 -53.47 -5.33
CA GLY L 99 5.80 -54.63 -5.14
C GLY L 99 5.35 -55.57 -4.05
N VAL L 100 4.09 -55.48 -3.61
CA VAL L 100 3.60 -56.25 -2.48
C VAL L 100 2.25 -56.86 -2.79
N TYR L 101 2.19 -58.19 -2.77
CA TYR L 101 1.04 -59.09 -2.74
C TYR L 101 0.28 -59.23 -4.05
N ASP L 102 0.22 -58.19 -4.89
CA ASP L 102 -0.22 -58.34 -6.27
C ASP L 102 0.37 -57.26 -7.14
N ALA L 103 0.83 -56.17 -6.52
CA ALA L 103 1.05 -54.90 -7.21
C ALA L 103 2.54 -54.80 -7.52
N ALA L 104 2.94 -55.35 -8.65
CA ALA L 104 4.34 -55.35 -9.06
C ALA L 104 4.86 -53.92 -9.16
N GLY L 105 6.17 -53.78 -8.98
CA GLY L 105 6.79 -52.48 -9.04
C GLY L 105 6.70 -51.87 -10.42
N VAL L 106 7.06 -50.59 -10.48
CA VAL L 106 6.99 -49.85 -11.74
C VAL L 106 8.04 -50.39 -12.69
N LYS L 107 7.59 -50.82 -13.87
CA LYS L 107 8.51 -51.37 -14.86
C LYS L 107 9.37 -50.25 -15.47
N ASP L 108 10.62 -50.59 -15.75
CA ASP L 108 11.59 -49.66 -16.32
C ASP L 108 11.81 -48.45 -15.42
N ARG L 109 11.77 -48.67 -14.11
CA ARG L 109 12.04 -47.64 -13.11
C ARG L 109 13.44 -47.84 -12.58
N LYS L 110 14.30 -46.82 -12.73
CA LYS L 110 15.72 -46.97 -12.43
C LYS L 110 16.27 -45.93 -11.47
N LYS L 111 15.50 -44.91 -11.09
CA LYS L 111 16.03 -43.84 -10.24
C LYS L 111 15.75 -44.10 -8.75
N SER L 112 14.48 -44.18 -8.37
CA SER L 112 14.09 -44.36 -6.98
C SER L 112 13.33 -45.68 -6.88
N ARG L 113 14.02 -46.74 -6.47
CA ARG L 113 13.43 -48.07 -6.42
C ARG L 113 13.05 -48.50 -5.01
N SER L 114 13.53 -47.81 -3.97
CA SER L 114 13.00 -48.06 -2.63
C SER L 114 11.50 -47.77 -2.62
N LYS L 115 11.13 -46.54 -2.93
CA LYS L 115 9.74 -46.25 -3.29
C LYS L 115 9.45 -46.87 -4.65
N TYR L 116 8.17 -47.19 -4.87
CA TYR L 116 7.67 -47.79 -6.11
C TYR L 116 8.11 -49.26 -6.23
N GLY L 117 8.96 -49.72 -5.30
CA GLY L 117 9.30 -51.12 -5.14
C GLY L 117 9.67 -51.93 -6.37
N THR L 118 10.81 -51.61 -7.01
CA THR L 118 11.30 -52.36 -8.16
C THR L 118 12.73 -52.81 -7.90
N LYS L 119 13.07 -54.02 -8.38
CA LYS L 119 14.35 -54.63 -8.11
C LYS L 119 15.47 -53.93 -8.88
N LYS L 120 16.71 -54.23 -8.49
CA LYS L 120 17.87 -53.58 -9.07
C LYS L 120 18.16 -54.15 -10.46
N PRO L 121 18.36 -53.32 -11.48
CA PRO L 121 18.69 -53.84 -12.81
C PRO L 121 20.15 -54.28 -12.89
N LYS L 122 20.50 -54.85 -14.04
CA LYS L 122 21.85 -55.29 -14.33
C LYS L 122 22.41 -54.51 -15.51
N GLU L 123 23.73 -54.30 -15.49
CA GLU L 123 24.43 -53.55 -16.54
C GLU L 123 25.33 -54.51 -17.30
N ALA L 124 24.95 -54.83 -18.53
CA ALA L 124 25.73 -55.76 -19.37
C ALA L 124 27.07 -55.16 -19.75
N ALA M 1 -44.81 21.98 -83.14
CA ALA M 1 -43.82 21.92 -84.21
C ALA M 1 -43.33 20.49 -84.43
N ARG M 2 -43.94 19.79 -85.38
CA ARG M 2 -43.58 18.40 -85.64
C ARG M 2 -42.35 18.34 -86.56
N ILE M 3 -41.34 17.59 -86.13
CA ILE M 3 -40.09 17.50 -86.88
C ILE M 3 -39.83 16.07 -87.32
N ALA M 4 -39.65 15.17 -86.36
CA ALA M 4 -39.29 13.79 -86.62
C ALA M 4 -40.52 12.90 -86.47
N GLY M 5 -40.30 11.57 -86.48
CA GLY M 5 -41.31 10.65 -85.99
C GLY M 5 -41.85 11.20 -84.69
N VAL M 6 -43.13 10.99 -84.40
CA VAL M 6 -43.95 11.97 -83.69
C VAL M 6 -43.19 12.65 -82.57
N GLU M 7 -43.11 13.98 -82.64
CA GLU M 7 -42.25 14.79 -81.79
C GLU M 7 -42.72 16.24 -81.91
N ILE M 8 -43.22 16.81 -80.84
CA ILE M 8 -43.78 18.16 -80.89
C ILE M 8 -43.27 18.96 -79.70
N PRO M 9 -42.15 19.66 -79.84
CA PRO M 9 -41.72 20.61 -78.79
C PRO M 9 -42.43 21.94 -78.97
N ARG M 10 -42.38 22.76 -77.93
CA ARG M 10 -43.18 23.98 -77.92
C ARG M 10 -42.64 24.98 -76.92
N ASN M 11 -42.79 26.26 -77.26
CA ASN M 11 -42.70 27.39 -76.33
C ASN M 11 -41.33 27.54 -75.69
N LYS M 12 -40.29 26.98 -76.29
CA LYS M 12 -38.94 27.06 -75.75
C LYS M 12 -37.97 27.46 -76.85
N ARG M 13 -36.68 27.52 -76.52
CA ARG M 13 -35.66 27.72 -77.53
C ARG M 13 -35.55 26.49 -78.42
N VAL M 14 -35.28 26.70 -79.70
CA VAL M 14 -35.37 25.62 -80.68
C VAL M 14 -34.30 24.56 -80.43
N ASP M 15 -33.04 24.99 -80.28
CA ASP M 15 -31.96 24.02 -80.03
C ASP M 15 -32.21 23.24 -78.75
N VAL M 16 -32.76 23.90 -77.73
CA VAL M 16 -33.13 23.21 -76.50
C VAL M 16 -34.31 22.29 -76.75
N ALA M 17 -35.32 22.76 -77.49
CA ALA M 17 -36.51 21.97 -77.72
C ALA M 17 -36.26 20.76 -78.60
N LEU M 18 -35.12 20.72 -79.32
CA LEU M 18 -34.79 19.55 -80.14
C LEU M 18 -34.24 18.40 -79.32
N THR M 19 -33.71 18.67 -78.12
CA THR M 19 -33.27 17.60 -77.23
C THR M 19 -34.43 16.66 -76.89
N TYR M 20 -35.66 17.17 -76.93
CA TYR M 20 -36.82 16.34 -76.64
C TYR M 20 -37.05 15.27 -77.69
N ILE M 21 -36.43 15.39 -78.86
CA ILE M 21 -36.42 14.30 -79.82
C ILE M 21 -35.47 13.21 -79.32
N TYR M 22 -35.75 11.97 -79.69
CA TYR M 22 -35.00 10.85 -79.15
C TYR M 22 -33.52 10.94 -79.52
N GLY M 23 -33.22 10.84 -80.81
CA GLY M 23 -31.83 10.76 -81.22
C GLY M 23 -31.11 12.09 -81.34
N ILE M 24 -31.54 13.09 -80.59
CA ILE M 24 -30.95 14.43 -80.65
C ILE M 24 -30.68 14.91 -79.23
N GLY M 25 -29.44 15.27 -78.95
CA GLY M 25 -29.03 15.94 -77.73
C GLY M 25 -28.77 17.40 -77.97
N LYS M 26 -27.74 17.93 -77.30
CA LYS M 26 -27.34 19.32 -77.54
C LYS M 26 -26.44 19.44 -78.76
N ALA M 27 -25.55 18.47 -78.97
CA ALA M 27 -24.63 18.52 -80.10
C ALA M 27 -25.36 18.45 -81.42
N ARG M 28 -26.26 17.47 -81.57
CA ARG M 28 -26.99 17.35 -82.82
C ARG M 28 -27.96 18.50 -83.02
N ALA M 29 -28.49 19.06 -81.93
CA ALA M 29 -29.33 20.26 -82.05
C ALA M 29 -28.53 21.44 -82.57
N LYS M 30 -27.32 21.64 -82.03
CA LYS M 30 -26.48 22.73 -82.52
C LYS M 30 -26.10 22.49 -83.97
N GLU M 31 -25.84 21.23 -84.35
CA GLU M 31 -25.51 20.93 -85.75
C GLU M 31 -26.69 21.19 -86.67
N ALA M 32 -27.90 20.84 -86.23
CA ALA M 32 -29.09 21.11 -87.05
C ALA M 32 -29.29 22.61 -87.22
N LEU M 33 -29.22 23.36 -86.12
CA LEU M 33 -29.33 24.82 -86.22
C LEU M 33 -28.21 25.43 -87.05
N GLU M 34 -27.05 24.77 -87.07
CA GLU M 34 -25.91 25.26 -87.85
C GLU M 34 -26.15 25.08 -89.34
N LYS M 35 -26.35 23.84 -89.78
CA LYS M 35 -26.45 23.56 -91.21
C LYS M 35 -27.79 23.90 -91.81
N THR M 36 -28.83 24.05 -90.99
CA THR M 36 -30.15 24.45 -91.49
C THR M 36 -30.28 25.95 -91.64
N GLY M 37 -29.33 26.72 -91.10
CA GLY M 37 -29.36 28.17 -91.21
C GLY M 37 -30.53 28.79 -90.47
N ILE M 38 -30.64 28.49 -89.18
CA ILE M 38 -31.74 28.97 -88.36
C ILE M 38 -31.17 29.57 -87.08
N ASN M 39 -31.75 30.67 -86.63
CA ASN M 39 -31.35 31.30 -85.38
C ASN M 39 -31.65 30.36 -84.22
N PRO M 40 -30.65 29.97 -83.43
CA PRO M 40 -30.94 29.04 -82.31
C PRO M 40 -31.81 29.65 -81.23
N ALA M 41 -31.64 30.95 -80.94
CA ALA M 41 -32.33 31.59 -79.84
C ALA M 41 -33.80 31.86 -80.12
N THR M 42 -34.32 31.44 -81.27
CA THR M 42 -35.72 31.68 -81.59
C THR M 42 -36.64 30.80 -80.75
N ARG M 43 -37.84 31.31 -80.47
CA ARG M 43 -38.86 30.51 -79.82
C ARG M 43 -39.46 29.51 -80.82
N VAL M 44 -40.09 28.48 -80.27
CA VAL M 44 -40.70 27.45 -81.12
C VAL M 44 -41.87 28.02 -81.91
N LYS M 45 -42.65 28.89 -81.27
CA LYS M 45 -43.85 29.43 -81.91
C LYS M 45 -43.50 30.28 -83.14
N ASP M 46 -42.37 30.97 -83.11
CA ASP M 46 -42.00 31.89 -84.19
C ASP M 46 -41.32 31.20 -85.36
N LEU M 47 -41.28 29.86 -85.37
CA LEU M 47 -40.58 29.14 -86.43
C LEU M 47 -41.39 29.21 -87.73
N THR M 48 -40.72 29.60 -88.81
CA THR M 48 -41.35 29.64 -90.12
C THR M 48 -41.71 28.24 -90.58
N GLU M 49 -42.76 28.16 -91.41
CA GLU M 49 -43.08 26.89 -92.04
C GLU M 49 -41.92 26.42 -92.92
N ALA M 50 -41.16 27.36 -93.51
CA ALA M 50 -39.99 26.98 -94.28
C ALA M 50 -38.85 26.55 -93.38
N GLU M 51 -38.64 27.26 -92.26
CA GLU M 51 -37.62 26.84 -91.30
C GLU M 51 -37.96 25.48 -90.70
N VAL M 52 -39.23 25.27 -90.33
CA VAL M 52 -39.65 23.98 -89.81
C VAL M 52 -39.49 22.89 -90.86
N VAL M 53 -39.82 23.20 -92.11
CA VAL M 53 -39.72 22.17 -93.15
C VAL M 53 -38.25 21.84 -93.43
N ARG M 54 -37.34 22.82 -93.34
CA ARG M 54 -35.92 22.52 -93.55
C ARG M 54 -35.35 21.73 -92.38
N LEU M 55 -35.75 22.07 -91.15
CA LEU M 55 -35.36 21.26 -90.00
C LEU M 55 -35.85 19.84 -90.15
N ARG M 56 -37.07 19.66 -90.67
CA ARG M 56 -37.58 18.33 -90.93
C ARG M 56 -36.74 17.62 -91.99
N GLU M 57 -36.43 18.32 -93.09
CA GLU M 57 -35.58 17.74 -94.13
C GLU M 57 -34.28 17.20 -93.54
N TYR M 58 -33.60 18.00 -92.72
CA TYR M 58 -32.32 17.57 -92.18
C TYR M 58 -32.50 16.47 -91.14
N VAL M 59 -33.20 16.77 -90.04
CA VAL M 59 -33.25 15.86 -88.90
C VAL M 59 -33.91 14.55 -89.28
N GLU M 60 -34.96 14.60 -90.11
CA GLU M 60 -35.72 13.40 -90.44
C GLU M 60 -34.84 12.30 -91.00
N ASN M 61 -34.06 12.60 -92.03
CA ASN M 61 -33.15 11.61 -92.62
C ASN M 61 -31.73 12.19 -92.67
N THR M 62 -31.04 12.15 -91.54
CA THR M 62 -29.60 12.20 -91.58
C THR M 62 -29.07 11.15 -90.59
N TRP M 63 -29.82 10.97 -89.50
CA TRP M 63 -29.52 9.99 -88.47
C TRP M 63 -30.75 9.14 -88.19
N LYS M 64 -30.51 7.92 -87.74
CA LYS M 64 -31.60 7.07 -87.30
C LYS M 64 -32.18 7.62 -86.00
N LEU M 65 -33.49 7.49 -85.84
CA LEU M 65 -34.23 8.24 -84.83
C LEU M 65 -35.24 7.33 -84.15
N GLU M 66 -36.21 7.95 -83.46
CA GLU M 66 -36.90 7.43 -82.30
C GLU M 66 -37.26 5.95 -82.36
N GLY M 67 -38.15 5.57 -83.28
CA GLY M 67 -38.57 4.18 -83.34
C GLY M 67 -37.45 3.29 -83.84
N GLU M 68 -36.82 3.69 -84.94
CA GLU M 68 -35.70 2.92 -85.47
C GLU M 68 -34.57 2.83 -84.46
N LEU M 69 -34.31 3.91 -83.72
CA LEU M 69 -33.20 3.92 -82.76
C LEU M 69 -33.49 3.01 -81.57
N ARG M 70 -34.70 3.12 -81.00
CA ARG M 70 -35.08 2.25 -79.89
C ARG M 70 -35.03 0.78 -80.32
N ALA M 71 -35.61 0.48 -81.48
CA ALA M 71 -35.59 -0.91 -81.94
C ALA M 71 -34.18 -1.38 -82.26
N GLU M 72 -33.32 -0.49 -82.78
CA GLU M 72 -31.95 -0.87 -83.10
C GLU M 72 -31.16 -1.17 -81.83
N VAL M 73 -31.30 -0.35 -80.80
CA VAL M 73 -30.60 -0.60 -79.54
C VAL M 73 -31.11 -1.89 -78.90
N ALA M 74 -32.44 -2.07 -78.86
CA ALA M 74 -32.99 -3.28 -78.25
C ALA M 74 -32.60 -4.52 -79.04
N ALA M 75 -32.58 -4.43 -80.36
CA ALA M 75 -32.17 -5.56 -81.17
C ALA M 75 -30.68 -5.82 -81.05
N ASN M 76 -29.87 -4.79 -80.79
CA ASN M 76 -28.46 -5.01 -80.46
C ASN M 76 -28.32 -5.77 -79.14
N ILE M 77 -29.13 -5.41 -78.15
CA ILE M 77 -29.17 -6.18 -76.91
C ILE M 77 -29.49 -7.64 -77.21
N LYS M 78 -30.57 -7.87 -77.96
CA LYS M 78 -30.96 -9.24 -78.32
C LYS M 78 -29.86 -9.94 -79.12
N ARG M 79 -29.12 -9.18 -79.93
CA ARG M 79 -28.06 -9.76 -80.77
C ARG M 79 -26.93 -10.27 -79.91
N LEU M 80 -26.39 -9.41 -79.03
CA LEU M 80 -25.33 -9.91 -78.15
C LEU M 80 -25.87 -10.75 -76.99
N MET M 81 -27.19 -10.94 -76.90
CA MET M 81 -27.80 -11.82 -75.92
C MET M 81 -27.95 -13.24 -76.45
N ASP M 82 -28.41 -13.39 -77.69
CA ASP M 82 -28.60 -14.73 -78.25
C ASP M 82 -27.27 -15.45 -78.45
N ILE M 83 -26.20 -14.70 -78.71
CA ILE M 83 -24.87 -15.28 -78.67
C ILE M 83 -24.49 -15.51 -77.21
N GLY M 84 -23.60 -16.48 -76.98
CA GLY M 84 -23.24 -16.85 -75.63
C GLY M 84 -22.25 -15.90 -74.97
N CYS M 85 -22.30 -14.62 -75.34
CA CYS M 85 -21.34 -13.66 -74.83
C CYS M 85 -21.54 -13.39 -73.34
N TYR M 86 -20.45 -13.03 -72.67
CA TYR M 86 -20.50 -12.68 -71.26
C TYR M 86 -21.29 -11.38 -71.06
N ARG M 87 -21.11 -10.42 -71.97
CA ARG M 87 -21.90 -9.19 -71.94
C ARG M 87 -23.39 -9.49 -72.03
N GLY M 88 -23.77 -10.45 -72.87
CA GLY M 88 -25.15 -10.88 -72.92
C GLY M 88 -25.63 -11.47 -71.61
N LEU M 89 -24.74 -12.20 -70.92
CA LEU M 89 -25.11 -12.75 -69.61
C LEU M 89 -25.32 -11.64 -68.59
N ARG M 90 -24.49 -10.60 -68.63
CA ARG M 90 -24.69 -9.46 -67.73
C ARG M 90 -25.99 -8.74 -68.04
N HIS M 91 -26.38 -8.68 -69.32
CA HIS M 91 -27.68 -8.11 -69.66
C HIS M 91 -28.83 -9.03 -69.22
N ARG M 92 -28.60 -10.34 -69.22
CA ARG M 92 -29.63 -11.28 -68.77
C ARG M 92 -29.88 -11.15 -67.28
N ARG M 93 -28.82 -11.28 -66.47
CA ARG M 93 -28.97 -11.25 -65.02
C ARG M 93 -29.30 -9.87 -64.48
N GLY M 94 -29.30 -8.84 -65.32
CA GLY M 94 -29.59 -7.49 -64.87
C GLY M 94 -28.52 -6.92 -63.97
N LEU M 95 -27.28 -6.96 -64.43
CA LEU M 95 -26.12 -6.50 -63.69
C LEU M 95 -25.33 -5.53 -64.55
N PRO M 96 -24.54 -4.64 -63.93
CA PRO M 96 -23.77 -3.67 -64.72
C PRO M 96 -22.81 -4.34 -65.69
N VAL M 97 -22.54 -3.67 -66.80
CA VAL M 97 -21.78 -4.24 -67.91
C VAL M 97 -20.39 -3.63 -68.02
N ARG M 98 -20.26 -2.32 -67.77
CA ARG M 98 -19.03 -1.60 -68.07
C ARG M 98 -17.85 -2.03 -67.21
N GLY M 99 -18.07 -2.99 -66.31
CA GLY M 99 -16.99 -3.53 -65.50
C GLY M 99 -16.82 -2.80 -64.18
N GLN M 100 -17.93 -2.59 -63.47
CA GLN M 100 -17.90 -1.99 -62.15
C GLN M 100 -17.95 -3.07 -61.08
N ARG M 101 -17.88 -2.65 -59.82
CA ARG M 101 -18.05 -3.60 -58.73
C ARG M 101 -19.52 -3.82 -58.42
N THR M 102 -19.87 -5.06 -58.08
CA THR M 102 -21.24 -5.41 -57.76
C THR M 102 -21.43 -5.73 -56.28
N ARG M 103 -20.36 -5.64 -55.48
CA ARG M 103 -20.51 -5.87 -54.04
C ARG M 103 -21.40 -4.80 -53.42
N THR M 104 -21.17 -3.54 -53.77
CA THR M 104 -21.99 -2.44 -53.28
C THR M 104 -22.28 -1.47 -54.42
N ASN M 105 -23.41 -0.77 -54.30
CA ASN M 105 -23.79 0.31 -55.21
C ASN M 105 -23.90 -0.17 -56.66
N ALA M 106 -24.67 -1.25 -56.84
CA ALA M 106 -25.16 -1.65 -58.16
C ALA M 106 -26.63 -1.29 -58.34
N ARG M 107 -27.08 -0.21 -57.70
CA ARG M 107 -28.51 0.04 -57.52
C ARG M 107 -29.20 0.40 -58.84
N THR M 108 -28.55 1.22 -59.67
CA THR M 108 -29.20 1.69 -60.89
C THR M 108 -29.56 0.54 -61.82
N ARG M 109 -28.66 -0.43 -61.96
CA ARG M 109 -28.90 -1.55 -62.86
C ARG M 109 -29.69 -2.67 -62.21
N LYS M 110 -29.60 -2.83 -60.88
CA LYS M 110 -30.25 -3.95 -60.20
C LYS M 110 -31.61 -3.61 -59.61
N GLY M 111 -31.99 -2.33 -59.60
CA GLY M 111 -33.29 -1.94 -59.12
C GLY M 111 -33.32 -1.65 -57.63
N PRO M 112 -34.52 -1.41 -57.09
CA PRO M 112 -34.64 -1.10 -55.66
C PRO M 112 -34.10 -2.22 -54.79
N ARG M 113 -33.74 -1.86 -53.56
CA ARG M 113 -33.08 -2.79 -52.65
C ARG M 113 -34.06 -3.79 -52.07
N LYS M 114 -33.67 -5.06 -52.09
CA LYS M 114 -34.43 -6.16 -51.51
C LYS M 114 -33.56 -6.77 -50.42
N THR M 115 -33.86 -6.42 -49.17
CA THR M 115 -32.96 -6.71 -48.05
C THR M 115 -33.31 -8.07 -47.45
N VAL M 116 -32.43 -9.05 -47.69
CA VAL M 116 -32.53 -10.36 -47.05
C VAL M 116 -31.87 -10.24 -45.67
N ALA M 117 -32.11 -11.23 -44.81
CA ALA M 117 -31.60 -11.21 -43.45
C ALA M 117 -30.11 -11.58 -43.44
N GLY M 118 -29.54 -11.73 -42.25
CA GLY M 118 -28.14 -12.09 -42.10
C GLY M 118 -27.79 -12.56 -40.71
N ALA N 1 12.03 -9.43 -49.13
CA ALA N 1 11.00 -10.45 -49.25
C ALA N 1 11.60 -11.81 -49.59
N ARG N 2 11.28 -12.32 -50.78
CA ARG N 2 11.82 -13.59 -51.26
C ARG N 2 12.93 -13.32 -52.27
N LYS N 3 13.97 -14.15 -52.22
CA LYS N 3 15.13 -13.97 -53.08
C LYS N 3 14.75 -14.07 -54.55
N ALA N 4 14.09 -15.18 -54.94
CA ALA N 4 13.72 -15.38 -56.33
C ALA N 4 12.84 -14.25 -56.85
N LEU N 5 12.05 -13.64 -55.97
CA LEU N 5 11.12 -12.58 -56.33
C LEU N 5 11.82 -11.26 -56.56
N ILE N 6 13.15 -11.25 -56.48
CA ILE N 6 13.94 -10.12 -56.96
C ILE N 6 14.48 -10.44 -58.36
N GLU N 7 13.82 -11.37 -59.06
CA GLU N 7 14.15 -11.70 -60.45
C GLU N 7 14.06 -10.50 -61.37
N LYS N 8 13.55 -9.37 -60.89
CA LYS N 8 13.53 -8.16 -61.72
C LYS N 8 14.93 -7.60 -61.97
N ALA N 9 15.90 -7.98 -61.13
CA ALA N 9 17.24 -7.42 -61.21
C ALA N 9 18.01 -7.93 -62.43
N LYS N 10 17.59 -9.04 -63.02
CA LYS N 10 18.19 -9.62 -64.23
C LYS N 10 17.34 -9.33 -65.45
N ARG N 11 16.86 -8.08 -65.55
CA ARG N 11 15.47 -7.79 -65.87
C ARG N 11 14.87 -8.76 -66.88
N THR N 12 15.33 -8.72 -68.15
CA THR N 12 14.93 -9.61 -69.23
C THR N 12 13.49 -10.08 -69.04
N PRO N 13 12.54 -9.16 -68.85
CA PRO N 13 11.21 -9.56 -68.34
C PRO N 13 10.29 -10.13 -69.40
N LYS N 14 10.81 -10.35 -70.61
CA LYS N 14 10.10 -10.90 -71.76
C LYS N 14 9.13 -9.87 -72.31
N PHE N 15 8.89 -8.80 -71.56
CA PHE N 15 7.98 -7.70 -71.93
C PHE N 15 8.35 -6.50 -71.09
N LYS N 16 8.45 -5.33 -71.73
CA LYS N 16 8.96 -4.14 -71.04
C LYS N 16 8.08 -3.67 -69.89
N VAL N 17 6.84 -4.16 -69.80
CA VAL N 17 5.92 -3.65 -68.78
C VAL N 17 6.17 -4.24 -67.41
N ARG N 18 6.82 -5.39 -67.32
CA ARG N 18 6.91 -6.14 -66.08
C ARG N 18 8.02 -5.67 -65.16
N ALA N 19 8.50 -4.43 -65.34
CA ALA N 19 9.55 -3.88 -64.50
C ALA N 19 8.93 -3.14 -63.33
N TYR N 20 9.28 -3.57 -62.12
CA TYR N 20 8.85 -2.91 -60.89
C TYR N 20 10.09 -2.59 -60.05
N THR N 21 9.90 -1.76 -59.03
CA THR N 21 11.04 -1.10 -58.40
C THR N 21 11.83 -2.05 -57.50
N ARG N 22 11.15 -2.75 -56.58
CA ARG N 22 11.78 -3.79 -55.76
C ARG N 22 12.96 -3.23 -54.94
N CYS N 23 12.60 -2.44 -53.92
CA CYS N 23 13.57 -1.72 -53.10
C CYS N 23 14.79 -2.57 -52.77
N VAL N 24 15.97 -2.00 -52.97
CA VAL N 24 17.20 -2.81 -53.06
C VAL N 24 17.48 -3.50 -51.72
N ARG N 25 17.49 -2.73 -50.62
CA ARG N 25 17.90 -3.29 -49.33
C ARG N 25 16.89 -4.30 -48.81
N CYS N 26 15.66 -3.86 -48.56
CA CYS N 26 14.68 -4.72 -47.93
C CYS N 26 13.99 -5.67 -48.90
N GLY N 27 14.15 -5.47 -50.20
CA GLY N 27 13.46 -6.29 -51.17
C GLY N 27 11.96 -6.08 -51.09
N ARG N 28 11.55 -4.81 -51.10
CA ARG N 28 10.16 -4.46 -50.86
C ARG N 28 9.29 -4.94 -52.02
N ALA N 29 8.13 -5.53 -51.67
CA ALA N 29 7.19 -6.05 -52.64
C ALA N 29 6.20 -5.00 -53.14
N ARG N 30 5.83 -4.03 -52.31
CA ARG N 30 4.72 -3.14 -52.64
C ARG N 30 5.12 -1.69 -52.84
N SER N 31 5.73 -1.05 -51.84
CA SER N 31 5.91 0.40 -51.82
C SER N 31 7.39 0.74 -51.85
N VAL N 32 7.86 1.24 -52.99
CA VAL N 32 9.27 1.58 -53.20
C VAL N 32 9.36 2.98 -53.77
N TYR N 33 10.27 3.79 -53.23
CA TYR N 33 10.57 5.10 -53.80
C TYR N 33 11.64 4.93 -54.89
N ARG N 34 11.34 5.41 -56.09
CA ARG N 34 12.23 5.17 -57.22
C ARG N 34 13.50 5.99 -57.13
N PHE N 35 13.44 7.19 -56.54
CA PHE N 35 14.61 8.06 -56.51
C PHE N 35 15.72 7.50 -55.64
N PHE N 36 15.39 6.97 -54.46
CA PHE N 36 16.38 6.36 -53.58
C PHE N 36 16.57 4.87 -53.86
N GLY N 37 15.64 4.23 -54.59
CA GLY N 37 15.72 2.81 -54.89
C GLY N 37 15.38 2.00 -53.65
N LEU N 38 14.98 2.72 -52.62
CA LEU N 38 14.61 2.14 -51.33
C LEU N 38 13.10 2.24 -51.11
N CYS N 39 12.64 1.60 -50.05
CA CYS N 39 11.25 1.61 -49.64
C CYS N 39 11.08 2.49 -48.41
N ARG N 40 9.82 2.75 -48.07
CA ARG N 40 9.53 3.71 -47.01
C ARG N 40 10.14 3.27 -45.68
N ILE N 41 10.17 1.97 -45.38
CA ILE N 41 10.77 1.50 -44.13
C ILE N 41 12.29 1.60 -44.21
N CYS N 42 12.87 1.11 -45.30
CA CYS N 42 14.31 1.23 -45.49
C CYS N 42 14.72 2.70 -45.59
N LEU N 43 13.93 3.51 -46.30
CA LEU N 43 14.21 4.94 -46.36
C LEU N 43 14.18 5.56 -44.96
N ARG N 44 13.16 5.23 -44.17
CA ARG N 44 13.06 5.76 -42.82
C ARG N 44 14.30 5.40 -42.00
N GLU N 45 14.67 4.12 -41.99
CA GLU N 45 15.81 3.70 -41.17
C GLU N 45 17.12 4.29 -41.68
N LEU N 46 17.32 4.33 -43.00
CA LEU N 46 18.57 4.85 -43.54
C LEU N 46 18.69 6.36 -43.34
N ALA N 47 17.58 7.08 -43.46
CA ALA N 47 17.60 8.51 -43.17
C ALA N 47 17.80 8.77 -41.68
N HIS N 48 17.33 7.87 -40.83
CA HIS N 48 17.62 7.98 -39.41
C HIS N 48 19.11 7.77 -39.14
N LYS N 49 19.73 6.80 -39.84
CA LYS N 49 21.16 6.55 -39.64
C LYS N 49 22.00 7.76 -39.98
N GLY N 50 21.66 8.46 -41.07
CA GLY N 50 22.47 9.55 -41.55
C GLY N 50 23.32 9.23 -42.76
N GLN N 51 22.96 8.19 -43.52
CA GLN N 51 23.73 7.79 -44.69
C GLN N 51 23.19 8.39 -45.98
N LEU N 52 22.09 9.14 -45.91
CA LEU N 52 21.53 9.82 -47.08
C LEU N 52 21.84 11.30 -46.96
N PRO N 53 22.84 11.82 -47.67
CA PRO N 53 23.19 13.24 -47.51
C PRO N 53 22.03 14.15 -47.90
N GLY N 54 21.98 15.31 -47.24
CA GLY N 54 20.96 16.31 -47.52
C GLY N 54 19.61 16.07 -46.87
N VAL N 55 19.36 14.86 -46.37
CA VAL N 55 18.06 14.53 -45.78
C VAL N 55 18.00 15.09 -44.37
N ARG N 56 17.04 15.98 -44.13
CA ARG N 56 16.84 16.60 -42.82
C ARG N 56 15.45 16.27 -42.29
N LYS N 57 15.10 16.89 -41.17
CA LYS N 57 13.77 16.75 -40.59
C LYS N 57 12.88 17.87 -41.12
N ALA N 58 11.91 17.52 -41.93
CA ALA N 58 11.02 18.50 -42.52
C ALA N 58 10.13 19.13 -41.45
N SER N 59 10.05 20.46 -41.44
CA SER N 59 9.25 21.17 -40.46
C SER N 59 9.00 22.58 -40.94
N TRP N 60 7.73 22.98 -41.02
CA TRP N 60 7.35 24.33 -41.40
C TRP N 60 5.92 24.64 -40.99
N PRO O 1 -41.06 10.70 56.15
CA PRO O 1 -40.03 9.66 56.24
C PRO O 1 -39.47 9.52 57.65
N ILE O 2 -38.17 9.77 57.80
CA ILE O 2 -37.49 9.70 59.08
C ILE O 2 -36.97 11.10 59.39
N THR O 3 -37.62 11.78 60.34
CA THR O 3 -37.20 13.11 60.74
C THR O 3 -36.18 13.03 61.88
N LYS O 4 -35.66 14.20 62.27
CA LYS O 4 -34.63 14.22 63.31
C LYS O 4 -35.18 13.80 64.67
N GLU O 5 -36.48 14.00 64.90
CA GLU O 5 -37.08 13.57 66.16
C GLU O 5 -36.95 12.06 66.36
N GLU O 6 -37.48 11.29 65.41
CA GLU O 6 -37.43 9.83 65.49
C GLU O 6 -36.00 9.32 65.45
N LYS O 7 -35.17 9.91 64.58
CA LYS O 7 -33.78 9.51 64.47
C LYS O 7 -33.04 9.67 65.79
N GLN O 8 -33.13 10.86 66.39
CA GLN O 8 -32.45 11.10 67.66
C GLN O 8 -33.04 10.25 68.78
N LYS O 9 -34.36 10.00 68.74
CA LYS O 9 -34.97 9.10 69.71
C LYS O 9 -34.28 7.74 69.66
N VAL O 10 -34.18 7.16 68.46
CA VAL O 10 -33.57 5.84 68.33
C VAL O 10 -32.10 5.88 68.72
N ILE O 11 -31.37 6.93 68.32
CA ILE O 11 -29.94 7.00 68.62
C ILE O 11 -29.72 7.06 70.14
N GLN O 12 -30.44 7.95 70.83
CA GLN O 12 -30.33 8.03 72.27
C GLN O 12 -30.86 6.77 72.95
N GLU O 13 -31.71 6.00 72.27
CA GLU O 13 -32.15 4.74 72.83
C GLU O 13 -31.09 3.65 72.73
N PHE O 14 -30.31 3.63 71.66
CA PHE O 14 -29.37 2.54 71.42
C PHE O 14 -27.90 2.94 71.63
N ALA O 15 -27.64 4.05 72.31
CA ALA O 15 -26.26 4.48 72.50
C ALA O 15 -25.57 3.64 73.57
N ARG O 16 -24.30 3.28 73.32
CA ARG O 16 -23.49 2.62 74.33
C ARG O 16 -23.16 3.54 75.49
N PHE O 17 -23.18 4.85 75.27
CA PHE O 17 -22.84 5.85 76.28
C PHE O 17 -23.31 7.20 75.76
N PRO O 18 -23.50 8.17 76.65
CA PRO O 18 -23.94 9.50 76.20
C PRO O 18 -22.95 10.12 75.24
N GLY O 19 -23.46 10.54 74.08
CA GLY O 19 -22.64 11.14 73.04
C GLY O 19 -22.27 10.22 71.91
N ASP O 20 -22.46 8.91 72.07
CA ASP O 20 -22.08 7.97 71.03
C ASP O 20 -23.04 8.03 69.86
N THR O 21 -22.51 8.10 68.65
CA THR O 21 -23.31 8.18 67.43
C THR O 21 -23.10 7.00 66.50
N GLY O 22 -21.87 6.52 66.33
CA GLY O 22 -21.58 5.50 65.35
C GLY O 22 -21.20 4.14 65.89
N SER O 23 -21.76 3.76 67.04
CA SER O 23 -21.56 2.41 67.53
C SER O 23 -22.24 1.41 66.61
N THR O 24 -21.72 0.17 66.61
CA THR O 24 -22.34 -0.89 65.84
C THR O 24 -23.81 -1.07 66.24
N GLU O 25 -24.10 -0.96 67.53
CA GLU O 25 -25.48 -1.06 68.00
C GLU O 25 -26.35 0.02 67.36
N VAL O 26 -25.91 1.27 67.39
CA VAL O 26 -26.69 2.37 66.83
C VAL O 26 -26.79 2.24 65.32
N GLN O 27 -25.72 1.79 64.68
CA GLN O 27 -25.76 1.60 63.22
C GLN O 27 -26.82 0.56 62.86
N VAL O 28 -26.81 -0.58 63.54
CA VAL O 28 -27.80 -1.62 63.25
C VAL O 28 -29.21 -1.13 63.59
N ALA O 29 -29.35 -0.33 64.64
CA ALA O 29 -30.67 0.19 65.00
C ALA O 29 -31.24 1.08 63.89
N LEU O 30 -30.45 2.07 63.45
CA LEU O 30 -30.91 2.97 62.39
C LEU O 30 -31.12 2.21 61.08
N LEU O 31 -30.22 1.26 60.79
CA LEU O 31 -30.39 0.39 59.63
C LEU O 31 -31.72 -0.33 59.67
N THR O 32 -32.02 -0.98 60.80
CA THR O 32 -33.27 -1.73 60.94
C THR O 32 -34.49 -0.81 60.84
N LEU O 33 -34.37 0.41 61.35
CA LEU O 33 -35.47 1.38 61.20
C LEU O 33 -35.75 1.66 59.73
N ARG O 34 -34.72 2.03 58.98
CA ARG O 34 -34.92 2.28 57.55
C ARG O 34 -35.34 1.01 56.81
N ILE O 35 -34.87 -0.15 57.25
CA ILE O 35 -35.27 -1.43 56.68
C ILE O 35 -36.77 -1.63 56.81
N ASN O 36 -37.29 -1.46 58.02
CA ASN O 36 -38.72 -1.63 58.24
C ASN O 36 -39.52 -0.59 57.48
N ARG O 37 -39.05 0.66 57.45
CA ARG O 37 -39.73 1.70 56.69
C ARG O 37 -39.86 1.31 55.22
N LEU O 38 -38.75 0.88 54.61
CA LEU O 38 -38.77 0.53 53.19
C LEU O 38 -39.62 -0.71 52.94
N SER O 39 -39.52 -1.72 53.82
CA SER O 39 -40.27 -2.95 53.63
C SER O 39 -41.77 -2.71 53.79
N GLU O 40 -42.16 -1.74 54.63
CA GLU O 40 -43.56 -1.34 54.66
C GLU O 40 -43.94 -0.53 53.43
N HIS O 41 -42.99 0.23 52.88
CA HIS O 41 -43.21 0.90 51.61
C HIS O 41 -43.32 -0.09 50.46
N LEU O 42 -42.72 -1.26 50.60
CA LEU O 42 -42.75 -2.28 49.54
C LEU O 42 -43.87 -3.30 49.73
N LYS O 43 -44.60 -3.24 50.84
CA LYS O 43 -45.86 -3.99 50.92
C LYS O 43 -46.83 -3.48 49.87
N VAL O 44 -47.04 -2.17 49.83
CA VAL O 44 -47.63 -1.48 48.69
C VAL O 44 -46.51 -1.24 47.69
N HIS O 45 -46.85 -0.79 46.48
CA HIS O 45 -45.85 -0.40 45.49
C HIS O 45 -44.95 -1.59 45.14
N LYS O 46 -45.57 -2.71 44.78
CA LYS O 46 -44.79 -3.90 44.45
C LYS O 46 -43.95 -3.72 43.19
N LYS O 47 -44.21 -2.69 42.39
CA LYS O 47 -43.48 -2.44 41.17
C LYS O 47 -42.34 -1.44 41.35
N ASP O 48 -42.00 -1.08 42.59
CA ASP O 48 -40.87 -0.21 42.88
C ASP O 48 -39.65 -1.10 43.07
N HIS O 49 -38.83 -1.24 42.02
CA HIS O 49 -37.72 -2.19 42.04
C HIS O 49 -36.40 -1.56 42.47
N HIS O 50 -36.17 -0.28 42.13
CA HIS O 50 -34.92 0.36 42.51
C HIS O 50 -34.85 0.57 44.02
N SER O 51 -35.96 0.96 44.64
CA SER O 51 -36.03 1.00 46.10
C SER O 51 -35.82 -0.38 46.69
N HIS O 52 -36.27 -1.43 45.98
CA HIS O 52 -36.05 -2.79 46.46
C HIS O 52 -34.56 -3.15 46.42
N ARG O 53 -33.84 -2.68 45.40
CA ARG O 53 -32.39 -2.86 45.36
C ARG O 53 -31.72 -2.13 46.52
N GLY O 54 -32.16 -0.91 46.80
CA GLY O 54 -31.69 -0.21 47.99
C GLY O 54 -31.92 -1.00 49.26
N LEU O 55 -33.10 -1.61 49.37
CA LEU O 55 -33.41 -2.46 50.53
C LEU O 55 -32.48 -3.66 50.60
N LEU O 56 -32.17 -4.26 49.45
CA LEU O 56 -31.22 -5.37 49.42
C LEU O 56 -29.86 -4.94 49.97
N MET O 57 -29.38 -3.77 49.54
CA MET O 57 -28.09 -3.29 50.02
C MET O 57 -28.11 -2.99 51.51
N MET O 58 -29.22 -2.41 52.01
CA MET O 58 -29.35 -2.15 53.43
C MET O 58 -29.34 -3.44 54.24
N VAL O 59 -30.06 -4.46 53.75
CA VAL O 59 -30.05 -5.77 54.40
C VAL O 59 -28.63 -6.32 54.44
N GLY O 60 -27.91 -6.20 53.32
CA GLY O 60 -26.54 -6.69 53.29
C GLY O 60 -25.66 -6.01 54.32
N GLN O 61 -25.76 -4.68 54.41
CA GLN O 61 -24.94 -3.94 55.37
C GLN O 61 -25.28 -4.31 56.81
N ARG O 62 -26.58 -4.41 57.11
CA ARG O 62 -26.99 -4.78 58.47
C ARG O 62 -26.50 -6.19 58.81
N ARG O 63 -26.57 -7.11 57.84
CA ARG O 63 -26.10 -8.47 58.09
C ARG O 63 -24.60 -8.50 58.32
N ARG O 64 -23.84 -7.70 57.57
CA ARG O 64 -22.40 -7.63 57.76
C ARG O 64 -22.06 -7.10 59.16
N LEU O 65 -22.77 -6.04 59.58
CA LEU O 65 -22.49 -5.49 60.91
C LEU O 65 -22.86 -6.47 62.01
N LEU O 66 -23.96 -7.21 61.84
CA LEU O 66 -24.35 -8.21 62.83
C LEU O 66 -23.33 -9.35 62.87
N ARG O 67 -22.81 -9.76 61.72
CA ARG O 67 -21.78 -10.79 61.70
C ARG O 67 -20.53 -10.32 62.44
N TYR O 68 -20.13 -9.07 62.23
CA TYR O 68 -18.98 -8.52 62.94
C TYR O 68 -19.22 -8.52 64.45
N LEU O 69 -20.39 -8.04 64.88
CA LEU O 69 -20.72 -8.02 66.30
C LEU O 69 -20.67 -9.42 66.90
N GLN O 70 -21.27 -10.40 66.20
CA GLN O 70 -21.24 -11.78 66.67
C GLN O 70 -19.81 -12.28 66.79
N ARG O 71 -18.93 -11.86 65.87
CA ARG O 71 -17.55 -12.32 65.94
C ARG O 71 -16.81 -11.68 67.11
N GLU O 72 -17.08 -10.41 67.41
CA GLU O 72 -16.32 -9.73 68.45
C GLU O 72 -16.85 -10.06 69.85
N ASP O 73 -18.09 -9.70 70.14
CA ASP O 73 -18.70 -9.96 71.43
C ASP O 73 -20.07 -10.61 71.22
N PRO O 74 -20.23 -11.88 71.56
CA PRO O 74 -21.54 -12.53 71.31
C PRO O 74 -22.64 -12.03 72.23
N GLU O 75 -22.33 -11.60 73.45
CA GLU O 75 -23.38 -11.22 74.39
C GLU O 75 -24.06 -9.93 73.97
N ARG O 76 -23.28 -8.90 73.62
CA ARG O 76 -23.88 -7.67 73.12
C ARG O 76 -24.64 -7.92 71.82
N TYR O 77 -24.16 -8.87 71.01
CA TYR O 77 -24.87 -9.24 69.78
C TYR O 77 -26.24 -9.83 70.11
N ARG O 78 -26.30 -10.75 71.07
CA ARG O 78 -27.58 -11.30 71.50
C ARG O 78 -28.49 -10.20 72.04
N ALA O 79 -27.94 -9.30 72.84
CA ALA O 79 -28.74 -8.20 73.39
C ALA O 79 -29.34 -7.36 72.27
N LEU O 80 -28.53 -7.01 71.27
CA LEU O 80 -29.02 -6.20 70.15
C LEU O 80 -30.11 -6.95 69.38
N ILE O 81 -29.87 -8.23 69.08
CA ILE O 81 -30.84 -8.99 68.29
C ILE O 81 -32.16 -9.10 69.03
N GLU O 82 -32.12 -9.43 70.31
CA GLU O 82 -33.34 -9.52 71.11
C GLU O 82 -34.03 -8.16 71.23
N LYS O 83 -33.25 -7.09 71.31
CA LYS O 83 -33.84 -5.76 71.44
C LYS O 83 -34.52 -5.31 70.16
N LEU O 84 -34.01 -5.73 69.01
CA LEU O 84 -34.61 -5.35 67.73
C LEU O 84 -35.52 -6.41 67.15
N GLY O 85 -35.42 -7.66 67.60
CA GLY O 85 -36.25 -8.73 67.06
C GLY O 85 -35.92 -9.10 65.64
N ILE O 86 -34.69 -9.60 65.42
CA ILE O 86 -34.22 -10.00 64.10
C ILE O 86 -33.72 -11.43 64.17
N ARG O 87 -33.46 -11.99 63.00
CA ARG O 87 -32.86 -13.33 62.86
C ARG O 87 -33.64 -14.40 63.62
N MET P 1 13.68 -70.36 54.43
CA MET P 1 15.06 -70.45 54.92
C MET P 1 15.94 -69.41 54.25
N VAL P 2 16.34 -68.40 55.03
CA VAL P 2 17.28 -67.42 54.52
C VAL P 2 18.62 -68.11 54.26
N LYS P 3 19.22 -67.82 53.11
CA LYS P 3 20.42 -68.49 52.64
C LYS P 3 21.43 -67.49 52.12
N ILE P 4 22.63 -68.00 51.88
CA ILE P 4 23.75 -67.23 51.34
C ILE P 4 24.20 -67.94 50.08
N ARG P 5 24.10 -67.26 48.93
CA ARG P 5 24.38 -67.92 47.67
C ARG P 5 24.98 -66.90 46.70
N LEU P 6 25.01 -67.27 45.43
CA LEU P 6 25.60 -66.46 44.37
C LEU P 6 24.52 -66.02 43.38
N ALA P 7 24.62 -64.77 42.93
CA ALA P 7 23.73 -64.23 41.90
C ALA P 7 24.57 -63.86 40.70
N ARG P 8 24.32 -64.51 39.56
CA ARG P 8 25.12 -64.28 38.36
C ARG P 8 24.74 -62.95 37.73
N PHE P 9 25.65 -61.97 37.81
CA PHE P 9 25.38 -60.62 37.33
C PHE P 9 26.31 -60.18 36.21
N GLY P 10 27.05 -61.11 35.61
CA GLY P 10 27.93 -60.74 34.52
C GLY P 10 27.20 -60.58 33.20
N SER P 11 27.83 -61.02 32.11
CA SER P 11 27.21 -61.05 30.79
C SER P 11 27.43 -62.43 30.19
N LYS P 12 26.98 -62.61 28.94
CA LYS P 12 27.17 -63.89 28.26
C LYS P 12 28.66 -64.18 28.11
N HIS P 13 29.07 -65.35 28.60
CA HIS P 13 30.45 -65.82 28.61
C HIS P 13 31.37 -64.95 29.48
N ASN P 14 30.81 -64.04 30.26
CA ASN P 14 31.57 -63.23 31.22
C ASN P 14 30.83 -63.25 32.55
N PRO P 15 30.91 -64.36 33.28
CA PRO P 15 30.14 -64.50 34.51
C PRO P 15 30.74 -63.69 35.65
N HIS P 16 29.87 -62.97 36.37
CA HIS P 16 30.25 -62.25 37.57
C HIS P 16 29.17 -62.48 38.62
N TYR P 17 29.57 -62.99 39.78
CA TYR P 17 28.63 -63.36 40.83
C TYR P 17 28.67 -62.36 41.97
N ARG P 18 27.51 -62.11 42.55
CA ARG P 18 27.39 -61.37 43.80
C ARG P 18 27.04 -62.38 44.90
N ILE P 19 27.93 -62.52 45.87
CA ILE P 19 27.64 -63.31 47.06
C ILE P 19 26.64 -62.53 47.90
N VAL P 20 25.49 -63.14 48.17
CA VAL P 20 24.28 -62.42 48.53
C VAL P 20 23.50 -63.23 49.57
N VAL P 21 22.89 -62.51 50.51
CA VAL P 21 21.99 -63.10 51.50
C VAL P 21 20.56 -62.85 51.04
N THR P 22 19.78 -63.91 50.88
CA THR P 22 18.41 -63.77 50.41
C THR P 22 17.60 -65.00 50.80
N ASP P 23 16.28 -64.86 50.78
CA ASP P 23 15.42 -66.01 50.97
C ASP P 23 15.53 -66.94 49.77
N ALA P 24 15.60 -68.24 50.05
CA ALA P 24 15.79 -69.22 48.99
C ALA P 24 14.63 -69.30 48.01
N ARG P 25 13.50 -68.67 48.33
CA ARG P 25 12.29 -68.77 47.52
C ARG P 25 12.18 -67.67 46.46
N ARG P 26 13.12 -66.73 46.42
CA ARG P 26 13.16 -65.76 45.35
C ARG P 26 14.04 -66.25 44.20
N LYS P 27 13.98 -65.53 43.08
CA LYS P 27 14.89 -65.80 41.98
C LYS P 27 16.33 -65.62 42.43
N ARG P 28 17.24 -66.39 41.82
CA ARG P 28 18.65 -66.23 42.16
C ARG P 28 19.17 -64.87 41.71
N ASP P 29 18.51 -64.23 40.75
CA ASP P 29 18.88 -62.91 40.27
C ASP P 29 17.90 -61.84 40.75
N GLY P 30 16.97 -62.20 41.62
CA GLY P 30 15.97 -61.27 42.10
C GLY P 30 16.46 -60.45 43.28
N LYS P 31 15.50 -59.75 43.90
CA LYS P 31 15.81 -58.91 45.04
C LYS P 31 16.38 -59.71 46.19
N TYR P 32 17.38 -59.14 46.87
CA TYR P 32 17.97 -59.78 48.02
C TYR P 32 17.95 -58.87 49.24
N ILE P 33 18.60 -59.30 50.31
CA ILE P 33 18.61 -58.54 51.56
C ILE P 33 19.92 -57.76 51.65
N GLU P 34 21.04 -58.46 51.54
CA GLU P 34 22.35 -57.84 51.66
C GLU P 34 23.30 -58.43 50.63
N LYS P 35 24.16 -57.57 50.08
CA LYS P 35 25.23 -57.98 49.18
C LYS P 35 26.51 -58.07 50.00
N ILE P 36 26.97 -59.30 50.24
CA ILE P 36 28.12 -59.51 51.12
C ILE P 36 29.27 -60.14 50.36
N GLY P 37 29.35 -59.88 49.06
CA GLY P 37 30.60 -60.14 48.37
C GLY P 37 30.40 -60.24 46.87
N TYR P 38 31.50 -60.54 46.18
CA TYR P 38 31.47 -60.76 44.75
C TYR P 38 32.57 -61.75 44.37
N TYR P 39 32.24 -62.64 43.43
CA TYR P 39 33.14 -63.68 42.96
C TYR P 39 33.29 -63.56 41.44
N ASP P 40 34.53 -63.69 40.98
CA ASP P 40 34.83 -63.73 39.55
C ASP P 40 35.56 -65.01 39.22
N PRO P 41 34.93 -65.95 38.52
CA PRO P 41 35.57 -67.25 38.31
C PRO P 41 36.78 -67.20 37.40
N ARG P 42 36.82 -66.26 36.46
CA ARG P 42 37.92 -66.17 35.51
C ARG P 42 39.16 -65.51 36.10
N LYS P 43 39.03 -64.87 37.25
CA LYS P 43 40.17 -64.30 38.00
C LYS P 43 40.99 -63.36 37.12
N THR P 44 40.31 -62.35 36.59
CA THR P 44 40.91 -61.40 35.65
C THR P 44 41.47 -60.16 36.33
N THR P 45 41.40 -60.07 37.65
CA THR P 45 41.85 -58.93 38.41
C THR P 45 42.78 -59.39 39.53
N PRO P 46 43.58 -58.49 40.11
CA PRO P 46 44.33 -58.87 41.32
C PRO P 46 43.42 -59.31 42.45
N ASP P 47 42.36 -58.57 42.71
CA ASP P 47 41.32 -58.97 43.65
C ASP P 47 40.14 -59.51 42.86
N TRP P 48 39.89 -60.81 42.99
CA TRP P 48 38.76 -61.46 42.33
C TRP P 48 37.76 -62.03 43.33
N LEU P 49 37.85 -61.64 44.59
CA LEU P 49 36.95 -62.13 45.63
C LEU P 49 37.07 -61.25 46.86
N LYS P 50 35.94 -60.71 47.33
CA LYS P 50 35.90 -59.95 48.57
C LYS P 50 34.66 -60.37 49.35
N VAL P 51 34.75 -60.29 50.68
CA VAL P 51 33.72 -60.90 51.51
C VAL P 51 33.07 -59.93 52.49
N ASP P 52 33.88 -59.14 53.21
CA ASP P 52 33.41 -58.41 54.40
C ASP P 52 32.91 -59.39 55.47
N VAL P 53 33.89 -60.12 56.01
CA VAL P 53 33.65 -61.33 56.80
C VAL P 53 32.59 -61.11 57.88
N GLU P 54 32.76 -60.07 58.71
CA GLU P 54 31.97 -59.96 59.93
C GLU P 54 30.46 -59.96 59.65
N ARG P 55 30.04 -59.41 58.51
CA ARG P 55 28.62 -59.47 58.14
C ARG P 55 28.20 -60.91 57.87
N ALA P 56 29.05 -61.68 57.18
CA ALA P 56 28.75 -63.09 56.95
C ALA P 56 28.68 -63.85 58.27
N ARG P 57 29.57 -63.52 59.21
CA ARG P 57 29.52 -64.15 60.53
C ARG P 57 28.19 -63.84 61.22
N TYR P 58 27.75 -62.58 61.17
CA TYR P 58 26.43 -62.25 61.71
C TYR P 58 25.36 -63.12 61.07
N TRP P 59 25.23 -63.06 59.74
CA TRP P 59 24.15 -63.77 59.07
C TRP P 59 24.22 -65.29 59.27
N LEU P 60 25.40 -65.83 59.52
CA LEU P 60 25.49 -67.23 59.91
C LEU P 60 25.03 -67.45 61.34
N SER P 61 25.21 -66.45 62.21
CA SER P 61 24.76 -66.60 63.59
C SER P 61 23.23 -66.62 63.70
N VAL P 62 22.50 -66.14 62.69
CA VAL P 62 21.05 -66.10 62.74
C VAL P 62 20.40 -67.21 61.93
N GLY P 63 21.19 -68.04 61.26
CA GLY P 63 20.68 -69.23 60.62
C GLY P 63 20.68 -69.27 59.10
N ALA P 64 21.42 -68.40 58.43
CA ALA P 64 21.55 -68.50 56.99
C ALA P 64 22.35 -69.75 56.62
N GLN P 65 21.95 -70.40 55.54
CA GLN P 65 22.62 -71.62 55.09
C GLN P 65 23.29 -71.37 53.76
N PRO P 66 24.62 -71.46 53.69
CA PRO P 66 25.31 -71.18 52.42
C PRO P 66 25.31 -72.37 51.47
N THR P 67 25.33 -72.05 50.19
CA THR P 67 25.53 -73.07 49.16
C THR P 67 26.94 -73.64 49.29
N ASP P 68 27.11 -74.86 48.79
CA ASP P 68 28.42 -75.51 48.84
C ASP P 68 29.49 -74.65 48.20
N THR P 69 29.18 -74.02 47.06
CA THR P 69 30.11 -73.08 46.46
C THR P 69 30.23 -71.80 47.28
N ALA P 70 29.09 -71.30 47.78
CA ALA P 70 29.13 -70.13 48.65
C ALA P 70 29.92 -70.43 49.92
N ARG P 71 29.71 -71.60 50.52
CA ARG P 71 30.48 -71.99 51.69
C ARG P 71 31.97 -72.10 51.36
N ARG P 72 32.29 -72.66 50.20
CA ARG P 72 33.68 -72.76 49.76
C ARG P 72 34.31 -71.37 49.69
N LEU P 73 33.62 -70.43 49.07
CA LEU P 73 34.16 -69.08 48.92
C LEU P 73 34.29 -68.38 50.28
N LEU P 74 33.31 -68.59 51.17
CA LEU P 74 33.38 -67.98 52.49
C LEU P 74 34.56 -68.54 53.29
N ARG P 75 34.80 -69.85 53.18
CA ARG P 75 35.93 -70.46 53.86
C ARG P 75 37.26 -70.01 53.26
N GLN P 76 37.28 -69.75 51.96
CA GLN P 76 38.51 -69.28 51.32
C GLN P 76 38.95 -67.93 51.89
N ALA P 77 38.00 -67.10 52.30
CA ALA P 77 38.30 -65.84 52.97
C ALA P 77 38.31 -65.97 54.49
N GLY P 78 38.08 -67.17 55.02
CA GLY P 78 38.23 -67.41 56.44
C GLY P 78 37.11 -66.88 57.32
N VAL P 79 35.87 -67.08 56.90
CA VAL P 79 34.75 -66.76 57.79
C VAL P 79 34.69 -67.77 58.93
N PHE P 80 35.10 -69.01 58.68
CA PHE P 80 35.03 -70.07 59.66
C PHE P 80 36.30 -70.20 60.50
N ARG P 81 37.43 -69.74 59.97
CA ARG P 81 38.70 -69.84 60.67
C ARG P 81 38.60 -69.23 62.06
N GLN P 82 38.85 -70.04 63.09
CA GLN P 82 38.50 -69.70 64.46
C GLN P 82 39.68 -69.56 65.40
N GLU P 83 40.91 -69.78 64.94
CA GLU P 83 42.08 -69.61 65.81
C GLU P 83 42.38 -68.14 66.03
N PRO Q 1 5.34 -43.95 64.94
CA PRO Q 1 4.46 -42.83 65.32
C PRO Q 1 3.03 -42.98 64.80
N LYS Q 2 2.10 -43.30 65.68
CA LYS Q 2 0.69 -43.31 65.31
C LYS Q 2 0.25 -41.88 64.99
N LYS Q 3 -0.33 -41.70 63.80
CA LYS Q 3 -0.66 -40.36 63.31
C LYS Q 3 -1.65 -39.66 64.25
N VAL Q 4 -1.40 -38.37 64.49
CA VAL Q 4 -2.27 -37.54 65.32
C VAL Q 4 -2.65 -36.30 64.51
N LEU Q 5 -3.95 -36.09 64.35
CA LEU Q 5 -4.51 -34.94 63.65
C LEU Q 5 -5.31 -34.09 64.63
N THR Q 6 -5.75 -32.93 64.15
CA THR Q 6 -6.53 -32.00 64.97
C THR Q 6 -7.71 -31.52 64.15
N GLY Q 7 -8.90 -31.56 64.75
CA GLY Q 7 -10.09 -31.20 64.01
C GLY Q 7 -11.15 -30.64 64.92
N VAL Q 8 -12.31 -30.35 64.31
CA VAL Q 8 -13.46 -29.82 65.03
C VAL Q 8 -14.60 -30.83 64.90
N VAL Q 9 -15.24 -31.13 66.03
CA VAL Q 9 -16.36 -32.06 66.02
C VAL Q 9 -17.52 -31.41 65.26
N VAL Q 10 -17.91 -32.00 64.13
CA VAL Q 10 -18.98 -31.48 63.31
C VAL Q 10 -20.25 -32.33 63.36
N SER Q 11 -20.18 -33.58 63.79
CA SER Q 11 -21.42 -34.36 63.88
C SER Q 11 -21.46 -35.20 65.14
N ASP Q 12 -22.59 -35.10 65.84
CA ASP Q 12 -22.87 -35.79 67.10
C ASP Q 12 -23.75 -37.01 66.95
N LYS Q 13 -24.56 -37.07 65.88
CA LYS Q 13 -25.78 -37.88 65.88
C LYS Q 13 -25.55 -39.37 66.02
N MET Q 14 -24.32 -39.86 65.93
CA MET Q 14 -24.07 -41.28 66.03
C MET Q 14 -23.85 -41.71 67.48
N GLN Q 15 -24.08 -42.99 67.74
CA GLN Q 15 -23.83 -43.58 69.04
C GLN Q 15 -22.35 -43.88 69.20
N LYS Q 16 -21.74 -43.35 70.27
CA LYS Q 16 -20.33 -43.59 70.60
C LYS Q 16 -19.40 -43.19 69.46
N THR Q 17 -19.82 -42.24 68.63
CA THR Q 17 -19.02 -41.85 67.48
C THR Q 17 -19.23 -40.36 67.22
N VAL Q 18 -18.17 -39.68 66.83
CA VAL Q 18 -18.27 -38.29 66.44
C VAL Q 18 -17.65 -38.12 65.05
N THR Q 19 -18.17 -37.17 64.29
CA THR Q 19 -17.61 -36.82 62.99
C THR Q 19 -16.79 -35.53 63.12
N VAL Q 20 -15.50 -35.64 62.79
CA VAL Q 20 -14.51 -34.58 62.98
C VAL Q 20 -14.06 -34.11 61.61
N LEU Q 21 -13.87 -32.80 61.48
CA LEU Q 21 -13.38 -32.19 60.25
C LEU Q 21 -11.95 -31.71 60.45
N VAL Q 22 -11.01 -32.25 59.67
CA VAL Q 22 -9.59 -31.96 59.81
C VAL Q 22 -9.13 -31.24 58.55
N GLU Q 23 -8.57 -30.04 58.72
CA GLU Q 23 -8.06 -29.26 57.61
C GLU Q 23 -6.57 -29.54 57.39
N ARG Q 24 -6.09 -29.11 56.22
CA ARG Q 24 -4.71 -29.39 55.82
C ARG Q 24 -4.28 -28.38 54.76
N GLN Q 25 -3.15 -27.72 54.99
CA GLN Q 25 -2.56 -26.80 54.03
C GLN Q 25 -1.39 -27.47 53.35
N PHE Q 26 -1.23 -27.20 52.05
CA PHE Q 26 -0.05 -27.68 51.33
C PHE Q 26 0.08 -26.88 50.04
N PRO Q 27 1.30 -26.69 49.53
CA PRO Q 27 1.45 -25.96 48.27
C PRO Q 27 0.99 -26.82 47.10
N HIS Q 28 0.35 -26.16 46.13
CA HIS Q 28 -0.05 -26.86 44.93
C HIS Q 28 1.19 -27.36 44.20
N PRO Q 29 1.17 -28.61 43.68
CA PRO Q 29 2.40 -29.20 43.15
C PRO Q 29 2.99 -28.47 41.96
N LEU Q 30 2.18 -27.74 41.20
CA LEU Q 30 2.67 -27.02 40.03
C LEU Q 30 2.52 -25.51 40.14
N TYR Q 31 1.35 -25.05 40.58
CA TYR Q 31 1.05 -23.63 40.65
C TYR Q 31 1.48 -22.98 41.96
N GLY Q 32 1.98 -23.76 42.92
CA GLY Q 32 2.73 -23.26 44.04
C GLY Q 32 1.94 -22.63 45.16
N LYS Q 33 0.72 -22.15 44.91
CA LYS Q 33 -0.02 -21.47 45.96
C LYS Q 33 -0.39 -22.44 47.08
N VAL Q 34 -0.59 -21.89 48.27
CA VAL Q 34 -0.97 -22.68 49.43
C VAL Q 34 -2.46 -22.96 49.36
N ILE Q 35 -2.82 -24.22 49.15
CA ILE Q 35 -4.21 -24.63 49.07
C ILE Q 35 -4.56 -25.41 50.33
N LYS Q 36 -5.82 -25.26 50.75
CA LYS Q 36 -6.32 -25.76 52.03
C LYS Q 36 -7.49 -26.70 51.76
N ARG Q 37 -7.28 -27.98 51.99
CA ARG Q 37 -8.29 -29.00 51.80
C ARG Q 37 -8.58 -29.71 53.13
N SER Q 38 -9.83 -30.13 53.31
CA SER Q 38 -10.24 -30.74 54.56
C SER Q 38 -10.81 -32.13 54.30
N LYS Q 39 -10.98 -32.89 55.38
CA LYS Q 39 -11.43 -34.27 55.30
C LYS Q 39 -12.11 -34.66 56.62
N LYS Q 40 -13.19 -35.45 56.51
CA LYS Q 40 -13.97 -35.85 57.68
C LYS Q 40 -13.55 -37.25 58.12
N TYR Q 41 -13.06 -37.35 59.36
CA TYR Q 41 -12.72 -38.62 59.98
C TYR Q 41 -13.76 -38.97 61.03
N LEU Q 42 -14.04 -40.26 61.17
CA LEU Q 42 -14.96 -40.78 62.18
C LEU Q 42 -14.16 -41.23 63.40
N ALA Q 43 -14.37 -40.56 64.52
CA ALA Q 43 -13.61 -40.80 65.74
C ALA Q 43 -14.48 -41.49 66.77
N HIS Q 44 -13.85 -42.37 67.55
CA HIS Q 44 -14.55 -43.18 68.54
C HIS Q 44 -14.63 -42.42 69.86
N ASP Q 45 -15.85 -42.10 70.28
CA ASP Q 45 -16.09 -41.45 71.57
C ASP Q 45 -16.69 -42.47 72.53
N PRO Q 46 -15.90 -43.09 73.41
CA PRO Q 46 -16.46 -44.14 74.27
C PRO Q 46 -17.40 -43.61 75.33
N GLU Q 47 -17.08 -42.48 75.95
CA GLU Q 47 -17.83 -41.96 77.08
C GLU Q 47 -18.81 -40.87 76.68
N GLU Q 48 -18.98 -40.60 75.38
CA GLU Q 48 -19.79 -39.49 74.90
C GLU Q 48 -19.33 -38.16 75.48
N LYS Q 49 -18.02 -38.07 75.77
CA LYS Q 49 -17.48 -36.88 76.43
C LYS Q 49 -17.56 -35.65 75.53
N TYR Q 50 -17.27 -35.82 74.25
CA TYR Q 50 -17.07 -34.70 73.34
C TYR Q 50 -18.37 -34.37 72.61
N LYS Q 51 -18.65 -33.08 72.52
CA LYS Q 51 -19.89 -32.56 71.96
C LYS Q 51 -19.60 -31.77 70.69
N LEU Q 52 -20.67 -31.22 70.10
CA LEU Q 52 -20.54 -30.50 68.85
C LEU Q 52 -19.84 -29.16 69.06
N GLY Q 53 -18.94 -28.83 68.14
CA GLY Q 53 -18.19 -27.59 68.21
C GLY Q 53 -16.87 -27.67 68.91
N ASP Q 54 -16.53 -28.83 69.49
CA ASP Q 54 -15.26 -28.96 70.19
C ASP Q 54 -14.12 -29.18 69.19
N VAL Q 55 -12.93 -28.75 69.60
CA VAL Q 55 -11.71 -28.89 68.81
C VAL Q 55 -10.83 -29.89 69.56
N VAL Q 56 -10.62 -31.05 68.94
CA VAL Q 56 -10.02 -32.20 69.59
C VAL Q 56 -8.89 -32.75 68.73
N GLU Q 57 -8.09 -33.61 69.34
CA GLU Q 57 -7.03 -34.35 68.66
C GLU Q 57 -7.47 -35.78 68.43
N ILE Q 58 -7.21 -36.28 67.23
CA ILE Q 58 -7.62 -37.61 66.79
C ILE Q 58 -6.35 -38.43 66.57
N ILE Q 59 -6.40 -39.70 66.96
CA ILE Q 59 -5.21 -40.55 66.97
C ILE Q 59 -5.50 -41.82 66.18
N GLU Q 60 -4.48 -42.27 65.44
CA GLU Q 60 -4.59 -43.49 64.64
C GLU Q 60 -4.75 -44.70 65.55
N SER Q 61 -5.79 -45.49 65.30
CA SER Q 61 -6.17 -46.54 66.22
C SER Q 61 -6.39 -47.84 65.47
N ARG Q 62 -6.31 -48.94 66.23
CA ARG Q 62 -6.76 -50.22 65.73
C ARG Q 62 -8.22 -50.10 65.29
N PRO Q 63 -8.60 -50.64 64.13
CA PRO Q 63 -9.92 -50.34 63.56
C PRO Q 63 -11.06 -50.66 64.52
N ILE Q 64 -11.91 -49.65 64.77
CA ILE Q 64 -13.09 -49.85 65.58
C ILE Q 64 -14.20 -50.49 64.76
N SER Q 65 -14.38 -50.02 63.53
CA SER Q 65 -15.34 -50.60 62.59
C SER Q 65 -14.91 -50.19 61.19
N LYS Q 66 -15.78 -50.41 60.22
CA LYS Q 66 -15.60 -49.79 58.91
C LYS Q 66 -15.52 -48.28 59.09
N ARG Q 67 -14.68 -47.63 58.29
CA ARG Q 67 -14.54 -46.16 58.30
C ARG Q 67 -14.12 -45.58 59.65
N LYS Q 68 -13.87 -46.42 60.65
CA LYS Q 68 -13.49 -45.94 61.98
C LYS Q 68 -12.12 -46.53 62.32
N ARG Q 69 -11.08 -45.71 62.22
CA ARG Q 69 -9.73 -46.13 62.58
C ARG Q 69 -9.06 -45.10 63.48
N PHE Q 70 -9.83 -44.24 64.13
CA PHE Q 70 -9.26 -43.16 64.93
C PHE Q 70 -10.05 -42.99 66.22
N ARG Q 71 -9.35 -42.52 67.26
CA ARG Q 71 -9.96 -42.26 68.56
C ARG Q 71 -9.67 -40.83 69.00
N VAL Q 72 -10.61 -40.25 69.74
CA VAL Q 72 -10.45 -38.88 70.22
C VAL Q 72 -9.38 -38.89 71.31
N LEU Q 73 -8.20 -38.33 71.00
CA LEU Q 73 -7.10 -38.35 71.96
C LEU Q 73 -7.39 -37.48 73.17
N ARG Q 74 -7.75 -36.21 72.92
CA ARG Q 74 -7.97 -35.27 74.01
C ARG Q 74 -8.63 -34.02 73.44
N LEU Q 75 -9.18 -33.21 74.35
CA LEU Q 75 -9.76 -31.93 73.98
C LEU Q 75 -8.68 -30.86 73.90
N VAL Q 76 -8.71 -30.05 72.83
CA VAL Q 76 -7.75 -28.98 72.66
C VAL Q 76 -8.41 -27.65 73.00
N GLU Q 77 -9.48 -27.30 72.29
CA GLU Q 77 -10.19 -26.04 72.54
C GLU Q 77 -11.69 -26.28 72.38
N SER Q 78 -12.44 -26.12 73.46
CA SER Q 78 -13.85 -26.50 73.49
C SER Q 78 -14.74 -25.34 73.07
N GLY Q 79 -15.62 -25.60 72.10
CA GLY Q 79 -16.76 -24.74 71.85
C GLY Q 79 -16.55 -23.54 70.96
N ARG Q 80 -16.07 -23.76 69.73
CA ARG Q 80 -16.09 -22.71 68.70
C ARG Q 80 -16.99 -23.21 67.58
N MET Q 81 -18.24 -22.75 67.60
CA MET Q 81 -19.25 -23.22 66.67
C MET Q 81 -19.21 -22.51 65.32
N ASP Q 82 -18.26 -21.59 65.11
CA ASP Q 82 -18.18 -20.91 63.82
C ASP Q 82 -17.74 -21.86 62.72
N LEU Q 83 -16.76 -22.73 63.00
CA LEU Q 83 -16.33 -23.72 62.01
C LEU Q 83 -17.45 -24.72 61.71
N VAL Q 84 -18.18 -25.13 62.75
CA VAL Q 84 -19.34 -25.99 62.54
C VAL Q 84 -20.37 -25.30 61.67
N GLU Q 85 -20.60 -24.00 61.90
CA GLU Q 85 -21.55 -23.27 61.08
C GLU Q 85 -21.07 -23.18 59.64
N LYS Q 86 -19.77 -23.01 59.43
CA LYS Q 86 -19.23 -22.99 58.07
C LYS Q 86 -19.48 -24.33 57.37
N TYR Q 87 -19.21 -25.44 58.06
CA TYR Q 87 -19.47 -26.75 57.49
C TYR Q 87 -20.96 -26.94 57.17
N LEU Q 88 -21.83 -26.52 58.09
CA LEU Q 88 -23.26 -26.69 57.87
C LEU Q 88 -23.74 -25.85 56.69
N ILE Q 89 -23.23 -24.63 56.56
CA ILE Q 89 -23.62 -23.77 55.44
C ILE Q 89 -23.12 -24.37 54.13
N ARG Q 90 -21.88 -24.86 54.10
CA ARG Q 90 -21.36 -25.48 52.89
C ARG Q 90 -22.20 -26.68 52.48
N ARG Q 91 -22.59 -27.52 53.45
CA ARG Q 91 -23.42 -28.66 53.12
C ARG Q 91 -24.82 -28.23 52.65
N GLN Q 92 -25.37 -27.19 53.29
CA GLN Q 92 -26.71 -26.72 52.92
C GLN Q 92 -26.71 -26.09 51.54
N ASN Q 93 -25.57 -25.57 51.09
CA ASN Q 93 -25.48 -24.99 49.75
C ASN Q 93 -25.73 -26.01 48.66
N TYR Q 94 -25.67 -27.31 48.97
CA TYR Q 94 -25.90 -28.35 47.98
C TYR Q 94 -27.34 -28.43 47.50
N GLN Q 95 -28.28 -27.76 48.18
CA GLN Q 95 -29.66 -27.77 47.74
C GLN Q 95 -29.82 -27.16 46.35
N SER Q 96 -28.96 -26.20 46.01
CA SER Q 96 -28.99 -25.59 44.69
C SER Q 96 -28.18 -26.47 43.74
N LEU Q 97 -27.77 -25.90 42.59
CA LEU Q 97 -26.85 -26.53 41.62
C LEU Q 97 -27.19 -27.99 41.33
N SER Q 98 -28.48 -28.33 41.29
CA SER Q 98 -28.91 -29.68 40.92
C SER Q 98 -29.73 -29.71 39.65
N LYS Q 99 -30.85 -28.98 39.58
CA LYS Q 99 -31.76 -29.04 38.44
C LYS Q 99 -32.00 -27.64 37.88
N LYS R 1 -26.55 42.46 21.55
CA LYS R 1 -27.89 42.46 22.13
C LYS R 1 -27.83 42.23 23.63
N ALA R 2 -28.85 42.72 24.33
CA ALA R 2 -28.89 42.63 25.78
C ALA R 2 -29.50 41.31 26.23
N LYS R 3 -28.88 40.72 27.25
CA LYS R 3 -29.43 39.53 27.89
C LYS R 3 -30.35 39.94 29.03
N VAL R 4 -31.33 39.08 29.32
CA VAL R 4 -32.42 39.45 30.21
C VAL R 4 -31.89 39.80 31.60
N LYS R 5 -31.03 38.93 32.14
CA LYS R 5 -30.53 39.15 33.50
C LYS R 5 -29.71 40.43 33.62
N ALA R 6 -29.05 40.83 32.52
CA ALA R 6 -28.23 42.04 32.56
C ALA R 6 -29.06 43.26 32.88
N THR R 7 -30.28 43.34 32.34
CA THR R 7 -31.20 44.45 32.62
C THR R 7 -32.34 43.87 33.45
N LEU R 8 -32.14 43.85 34.77
CA LEU R 8 -33.12 43.32 35.70
C LEU R 8 -32.62 43.58 37.12
N GLY R 9 -33.55 43.48 38.08
CA GLY R 9 -33.23 43.70 39.48
C GLY R 9 -32.84 42.43 40.19
N GLU R 10 -32.93 42.49 41.52
CA GLU R 10 -32.64 41.33 42.37
C GLU R 10 -33.96 40.64 42.66
N PHE R 11 -34.38 39.81 41.71
CA PHE R 11 -35.72 39.23 41.69
C PHE R 11 -35.68 37.75 42.07
N ASP R 12 -36.86 37.23 42.36
CA ASP R 12 -37.03 35.85 42.80
C ASP R 12 -37.22 34.95 41.58
N LEU R 13 -36.30 34.00 41.38
CA LEU R 13 -36.45 33.00 40.33
C LEU R 13 -37.44 31.90 40.71
N ARG R 14 -37.90 31.87 41.95
CA ARG R 14 -38.82 30.84 42.42
C ARG R 14 -40.25 31.36 42.58
N ASP R 15 -40.51 32.60 42.15
CA ASP R 15 -41.84 33.19 42.24
C ASP R 15 -42.56 32.97 40.91
N TYR R 16 -43.49 32.02 40.89
CA TYR R 16 -44.29 31.73 39.72
C TYR R 16 -45.42 32.73 39.51
N ARG R 17 -45.69 33.60 40.48
CA ARG R 17 -46.81 34.52 40.38
C ARG R 17 -46.44 35.87 39.81
N ASN R 18 -45.16 36.23 39.81
CA ASN R 18 -44.75 37.52 39.27
C ASN R 18 -44.66 37.41 37.76
N VAL R 19 -45.72 37.84 37.08
CA VAL R 19 -45.74 37.75 35.62
C VAL R 19 -44.89 38.85 35.00
N GLU R 20 -44.74 39.98 35.70
CA GLU R 20 -44.01 41.12 35.14
C GLU R 20 -42.59 40.74 34.76
N VAL R 21 -41.90 40.00 35.62
CA VAL R 21 -40.51 39.64 35.34
C VAL R 21 -40.41 38.33 34.58
N LEU R 22 -41.36 37.41 34.78
CA LEU R 22 -41.31 36.14 34.06
C LEU R 22 -41.62 36.33 32.58
N LYS R 23 -42.39 37.38 32.24
CA LYS R 23 -42.67 37.67 30.85
C LYS R 23 -41.40 38.07 30.09
N ARG R 24 -40.42 38.64 30.81
CA ARG R 24 -39.16 39.02 30.18
C ARG R 24 -38.43 37.82 29.58
N PHE R 25 -38.60 36.64 30.19
CA PHE R 25 -37.84 35.46 29.78
C PHE R 25 -38.56 34.63 28.71
N LEU R 26 -39.77 35.02 28.32
CA LEU R 26 -40.43 34.39 27.19
C LEU R 26 -40.05 35.14 25.91
N SER R 27 -40.19 34.44 24.79
CA SER R 27 -39.81 35.00 23.50
C SER R 27 -40.95 35.83 22.94
N GLU R 28 -40.83 36.22 21.67
CA GLU R 28 -41.97 36.81 20.96
C GLU R 28 -43.14 35.84 20.97
N THR R 29 -42.87 34.55 20.82
CA THR R 29 -43.88 33.51 21.01
C THR R 29 -43.88 33.08 22.47
N GLY R 30 -44.73 32.11 22.80
CA GLY R 30 -44.69 31.60 24.14
C GLY R 30 -43.50 30.76 24.51
N LYS R 31 -42.48 30.67 23.66
CA LYS R 31 -41.35 29.78 23.92
C LYS R 31 -40.42 30.35 24.99
N ILE R 32 -39.84 29.46 25.79
CA ILE R 32 -38.83 29.86 26.77
C ILE R 32 -37.53 30.20 26.05
N LEU R 33 -36.92 31.33 26.43
CA LEU R 33 -35.71 31.78 25.75
C LEU R 33 -34.52 30.91 26.15
N PRO R 34 -33.59 30.67 25.23
CA PRO R 34 -32.39 29.88 25.57
C PRO R 34 -31.46 30.69 26.46
N ARG R 35 -30.44 29.99 26.99
CA ARG R 35 -29.47 30.65 27.86
C ARG R 35 -28.62 31.68 27.11
N ARG R 36 -28.57 31.61 25.78
CA ARG R 36 -27.82 32.60 25.02
C ARG R 36 -28.41 34.00 25.20
N ARG R 37 -29.73 34.09 25.32
CA ARG R 37 -30.41 35.37 25.42
C ARG R 37 -30.86 35.71 26.84
N THR R 38 -30.87 34.74 27.75
CA THR R 38 -31.24 35.03 29.14
C THR R 38 -30.04 35.35 30.01
N GLY R 39 -28.83 34.96 29.60
CA GLY R 39 -27.64 35.23 30.39
C GLY R 39 -27.64 34.58 31.75
N LEU R 40 -28.34 33.46 31.89
CA LEU R 40 -28.45 32.76 33.17
C LEU R 40 -27.51 31.57 33.21
N SER R 41 -27.19 31.15 34.43
CA SER R 41 -26.42 29.92 34.63
C SER R 41 -27.32 28.71 34.41
N ALA R 42 -26.71 27.53 34.45
CA ALA R 42 -27.48 26.30 34.25
C ALA R 42 -28.52 26.11 35.34
N LYS R 43 -28.11 26.28 36.60
CA LYS R 43 -29.03 26.14 37.72
C LYS R 43 -30.14 27.19 37.67
N GLU R 44 -29.77 28.44 37.40
CA GLU R 44 -30.75 29.52 37.28
C GLU R 44 -31.77 29.22 36.19
N GLN R 45 -31.29 28.81 35.01
CA GLN R 45 -32.19 28.49 33.91
C GLN R 45 -33.08 27.30 34.25
N ARG R 46 -32.52 26.30 34.94
CA ARG R 46 -33.31 25.12 35.29
C ARG R 46 -34.44 25.49 36.24
N ILE R 47 -34.19 26.41 37.18
CA ILE R 47 -35.25 26.85 38.07
C ILE R 47 -36.26 27.74 37.34
N LEU R 48 -35.76 28.61 36.46
CA LEU R 48 -36.64 29.51 35.73
C LEU R 48 -37.62 28.74 34.85
N ALA R 49 -37.16 27.66 34.22
CA ALA R 49 -38.04 26.89 33.34
C ALA R 49 -39.22 26.30 34.12
N LYS R 50 -38.94 25.73 35.30
CA LYS R 50 -40.01 25.15 36.09
C LYS R 50 -40.96 26.22 36.62
N THR R 51 -40.42 27.36 37.05
CA THR R 51 -41.31 28.43 37.50
C THR R 51 -42.17 28.95 36.34
N ILE R 52 -41.61 29.00 35.14
CA ILE R 52 -42.36 29.44 33.97
C ILE R 52 -43.51 28.47 33.67
N LYS R 53 -43.23 27.16 33.73
CA LYS R 53 -44.28 26.18 33.51
C LYS R 53 -45.37 26.29 34.58
N ARG R 54 -44.96 26.48 35.84
CA ARG R 54 -45.94 26.70 36.90
C ARG R 54 -46.83 27.89 36.60
N ALA R 55 -46.24 29.01 36.18
CA ALA R 55 -47.02 30.19 35.83
C ALA R 55 -47.94 29.90 34.65
N ARG R 56 -47.46 29.12 33.67
CA ARG R 56 -48.28 28.77 32.52
C ARG R 56 -49.54 28.03 32.94
N ILE R 57 -49.39 27.03 33.82
CA ILE R 57 -50.56 26.25 34.23
C ILE R 57 -51.55 27.12 34.99
N LEU R 58 -51.08 28.18 35.64
CA LEU R 58 -51.97 29.13 36.32
C LEU R 58 -52.51 30.21 35.39
N GLY R 59 -52.37 30.02 34.08
CA GLY R 59 -52.90 31.00 33.13
C GLY R 59 -52.25 32.36 33.17
N LEU R 60 -51.10 32.49 33.82
CA LEU R 60 -50.40 33.77 33.89
C LEU R 60 -49.46 33.98 32.71
N LEU R 61 -48.80 32.93 32.25
CA LEU R 61 -47.90 33.02 31.10
C LEU R 61 -48.48 32.24 29.92
N PRO R 62 -48.30 32.74 28.70
CA PRO R 62 -48.87 32.04 27.53
C PRO R 62 -48.13 30.75 27.24
N PHE R 63 -48.92 29.70 26.97
CA PHE R 63 -48.33 28.43 26.52
C PHE R 63 -47.71 28.57 25.15
N THR R 64 -48.34 29.36 24.27
CA THR R 64 -47.81 29.62 22.94
C THR R 64 -48.45 30.90 22.43
N GLU R 65 -47.83 31.48 21.40
CA GLU R 65 -48.31 32.73 20.84
C GLU R 65 -48.27 32.66 19.33
N LYS R 66 -48.47 33.80 18.68
CA LYS R 66 -48.51 33.89 17.23
C LYS R 66 -47.43 34.85 16.75
N LEU R 67 -46.76 34.47 15.66
CA LEU R 67 -45.69 35.27 15.09
C LEU R 67 -46.26 36.33 14.17
N VAL R 68 -45.63 37.51 14.17
CA VAL R 68 -46.09 38.66 13.42
C VAL R 68 -45.11 38.95 12.29
N ARG R 69 -45.58 39.71 11.30
CA ARG R 69 -44.85 40.27 10.16
C ARG R 69 -44.34 39.21 9.19
N LYS R 70 -44.62 37.94 9.43
CA LYS R 70 -43.95 36.85 8.71
C LYS R 70 -44.16 36.88 7.19
N PRO S 1 -18.16 0.45 -76.81
CA PRO S 1 -16.86 1.11 -76.65
C PRO S 1 -15.71 0.14 -76.37
N ARG S 2 -15.23 -0.50 -77.42
CA ARG S 2 -14.08 -1.40 -77.37
C ARG S 2 -13.18 -1.10 -78.55
N SER S 3 -11.87 -1.13 -78.33
CA SER S 3 -10.94 -0.58 -79.32
C SER S 3 -9.60 -1.32 -79.33
N LEU S 4 -9.13 -1.62 -80.55
CA LEU S 4 -7.81 -2.15 -80.80
C LEU S 4 -7.02 -1.30 -81.79
N LYS S 5 -7.72 -0.50 -82.61
CA LYS S 5 -7.35 0.71 -83.37
C LYS S 5 -6.42 0.54 -84.57
N LYS S 6 -5.71 -0.58 -84.70
CA LYS S 6 -4.97 -0.90 -85.93
C LYS S 6 -4.26 -2.24 -85.80
N GLY S 7 -4.25 -3.00 -86.88
CA GLY S 7 -3.65 -4.33 -86.84
C GLY S 7 -4.24 -5.13 -85.70
N VAL S 8 -5.54 -5.40 -85.78
CA VAL S 8 -6.30 -6.07 -84.72
C VAL S 8 -5.53 -7.30 -84.26
N PHE S 9 -5.21 -7.36 -82.97
CA PHE S 9 -4.21 -8.29 -82.49
C PHE S 9 -4.81 -9.68 -82.32
N VAL S 10 -4.22 -10.66 -82.98
CA VAL S 10 -4.53 -12.07 -82.79
C VAL S 10 -3.21 -12.79 -82.55
N ASP S 11 -3.16 -13.58 -81.47
CA ASP S 11 -1.92 -14.26 -81.12
C ASP S 11 -1.52 -15.25 -82.20
N ASP S 12 -0.20 -15.42 -82.37
CA ASP S 12 0.32 -16.35 -83.36
C ASP S 12 -0.12 -17.78 -83.07
N HIS S 13 -0.34 -18.10 -81.79
CA HIS S 13 -0.54 -19.49 -81.35
C HIS S 13 -1.68 -20.14 -82.11
N LEU S 14 -2.89 -19.63 -81.95
CA LEU S 14 -4.01 -20.17 -82.70
C LEU S 14 -4.04 -19.66 -84.13
N LEU S 15 -3.37 -18.54 -84.43
CA LEU S 15 -3.38 -18.00 -85.78
C LEU S 15 -2.79 -19.00 -86.77
N GLU S 16 -1.52 -19.36 -86.60
CA GLU S 16 -0.90 -20.30 -87.54
C GLU S 16 -1.59 -21.66 -87.47
N LYS S 17 -1.98 -22.08 -86.26
CA LYS S 17 -2.63 -23.38 -86.10
C LYS S 17 -3.91 -23.47 -86.91
N VAL S 18 -4.77 -22.45 -86.84
CA VAL S 18 -6.05 -22.52 -87.54
C VAL S 18 -5.88 -22.23 -89.03
N LEU S 19 -4.93 -21.38 -89.42
CA LEU S 19 -4.74 -21.16 -90.85
C LEU S 19 -4.10 -22.36 -91.53
N GLU S 20 -3.46 -23.24 -90.77
CA GLU S 20 -3.05 -24.53 -91.33
C GLU S 20 -4.09 -25.63 -91.15
N LEU S 21 -4.99 -25.48 -90.16
CA LEU S 21 -6.07 -26.44 -90.01
C LEU S 21 -7.10 -26.30 -91.13
N ASN S 22 -7.35 -25.07 -91.58
CA ASN S 22 -8.36 -24.87 -92.61
C ASN S 22 -7.98 -25.54 -93.92
N ALA S 23 -6.68 -25.75 -94.17
CA ALA S 23 -6.23 -26.29 -95.44
C ALA S 23 -6.57 -27.77 -95.61
N LYS S 24 -6.76 -28.51 -94.52
CA LYS S 24 -7.01 -29.94 -94.58
C LYS S 24 -8.45 -30.29 -94.23
N GLY S 25 -9.34 -29.31 -94.20
CA GLY S 25 -10.71 -29.53 -93.78
C GLY S 25 -10.92 -29.17 -92.31
N GLU S 26 -12.18 -29.09 -91.94
CA GLU S 26 -12.53 -28.72 -90.57
C GLU S 26 -12.04 -29.78 -89.59
N LYS S 27 -11.45 -29.30 -88.48
CA LYS S 27 -10.96 -30.16 -87.42
C LYS S 27 -11.94 -30.15 -86.25
N ARG S 28 -11.76 -31.12 -85.36
CA ARG S 28 -12.54 -31.19 -84.14
C ARG S 28 -11.82 -30.39 -83.05
N LEU S 29 -12.15 -30.67 -81.79
CA LEU S 29 -11.81 -29.81 -80.65
C LEU S 29 -10.35 -29.35 -80.71
N ILE S 30 -10.14 -28.09 -80.36
CA ILE S 30 -8.82 -27.50 -80.32
C ILE S 30 -8.51 -27.11 -78.88
N LYS S 31 -7.23 -26.90 -78.60
CA LYS S 31 -6.76 -26.52 -77.28
C LYS S 31 -6.41 -25.03 -77.29
N THR S 32 -6.96 -24.30 -76.33
CA THR S 32 -6.79 -22.84 -76.27
C THR S 32 -6.56 -22.42 -74.82
N TRP S 33 -5.35 -21.95 -74.53
CA TRP S 33 -5.05 -21.27 -73.28
C TRP S 33 -4.85 -19.78 -73.47
N SER S 34 -5.02 -19.27 -74.69
CA SER S 34 -4.79 -17.87 -75.01
C SER S 34 -6.14 -17.26 -75.39
N ARG S 35 -6.84 -16.72 -74.38
CA ARG S 35 -8.05 -15.95 -74.61
C ARG S 35 -7.76 -14.47 -74.84
N ARG S 36 -6.48 -14.09 -74.93
CA ARG S 36 -6.13 -12.69 -75.18
C ARG S 36 -6.31 -12.30 -76.64
N SER S 37 -6.45 -13.27 -77.54
CA SER S 37 -6.46 -13.02 -78.97
C SER S 37 -7.87 -12.75 -79.47
N THR S 38 -7.94 -12.07 -80.61
CA THR S 38 -9.20 -11.72 -81.24
C THR S 38 -9.66 -12.80 -82.20
N ILE S 39 -10.96 -12.89 -82.39
CA ILE S 39 -11.55 -13.84 -83.33
C ILE S 39 -11.50 -13.25 -84.73
N VAL S 40 -11.18 -14.10 -85.71
CA VAL S 40 -11.06 -13.67 -87.11
C VAL S 40 -12.11 -14.41 -87.91
N PRO S 41 -12.46 -13.91 -89.11
CA PRO S 41 -13.58 -14.53 -89.85
C PRO S 41 -13.43 -16.02 -90.13
N GLU S 42 -12.25 -16.47 -90.56
CA GLU S 42 -12.10 -17.87 -90.98
C GLU S 42 -12.26 -18.87 -89.84
N MET S 43 -12.45 -18.42 -88.60
CA MET S 43 -12.64 -19.34 -87.48
C MET S 43 -14.03 -19.96 -87.45
N VAL S 44 -14.98 -19.45 -88.24
CA VAL S 44 -16.36 -19.90 -88.18
C VAL S 44 -16.44 -21.36 -88.61
N GLY S 45 -17.16 -22.17 -87.84
CA GLY S 45 -17.39 -23.56 -88.14
C GLY S 45 -16.70 -24.54 -87.21
N HIS S 46 -15.62 -24.12 -86.56
CA HIS S 46 -14.84 -25.01 -85.71
C HIS S 46 -15.53 -25.19 -84.35
N THR S 47 -14.84 -25.88 -83.44
CA THR S 47 -15.28 -26.03 -82.05
C THR S 47 -14.04 -25.83 -81.17
N ILE S 48 -13.99 -24.71 -80.47
CA ILE S 48 -12.79 -24.27 -79.77
C ILE S 48 -13.02 -24.41 -78.28
N ALA S 49 -12.18 -25.20 -77.60
CA ALA S 49 -12.26 -25.36 -76.16
C ALA S 49 -11.34 -24.35 -75.50
N VAL S 50 -11.92 -23.48 -74.67
CA VAL S 50 -11.16 -22.43 -73.99
C VAL S 50 -11.09 -22.74 -72.51
N TYR S 51 -10.14 -22.08 -71.84
CA TYR S 51 -9.81 -22.34 -70.44
C TYR S 51 -10.50 -21.34 -69.53
N ASN S 52 -11.21 -21.84 -68.52
CA ASN S 52 -11.81 -20.99 -67.50
C ASN S 52 -10.79 -20.49 -66.48
N GLY S 53 -9.55 -20.96 -66.55
CA GLY S 53 -8.64 -20.93 -65.44
C GLY S 53 -8.59 -22.25 -64.70
N LYS S 54 -9.69 -23.00 -64.72
CA LYS S 54 -9.74 -24.37 -64.22
C LYS S 54 -10.10 -25.37 -65.31
N GLN S 55 -11.18 -25.14 -66.05
CA GLN S 55 -11.79 -26.12 -66.92
C GLN S 55 -11.50 -25.83 -68.39
N HIS S 56 -11.87 -26.80 -69.23
CA HIS S 56 -11.82 -26.66 -70.70
C HIS S 56 -13.25 -26.80 -71.21
N VAL S 57 -13.80 -25.71 -71.71
CA VAL S 57 -15.20 -25.64 -72.14
C VAL S 57 -15.22 -25.48 -73.66
N PRO S 58 -15.98 -26.30 -74.38
CA PRO S 58 -16.07 -26.14 -75.83
C PRO S 58 -17.03 -25.01 -76.21
N VAL S 59 -16.71 -24.35 -77.31
CA VAL S 59 -17.49 -23.22 -77.82
C VAL S 59 -17.68 -23.42 -79.32
N TYR S 60 -18.94 -23.31 -79.77
CA TYR S 60 -19.28 -23.33 -81.19
C TYR S 60 -19.13 -21.92 -81.75
N ILE S 61 -18.21 -21.76 -82.68
CA ILE S 61 -17.91 -20.44 -83.25
C ILE S 61 -18.73 -20.25 -84.52
N THR S 62 -19.42 -19.11 -84.61
CA THR S 62 -20.35 -18.82 -85.69
C THR S 62 -20.03 -17.46 -86.30
N GLU S 63 -20.75 -17.12 -87.37
CA GLU S 63 -20.53 -15.85 -88.06
C GLU S 63 -20.89 -14.65 -87.17
N ASN S 64 -21.90 -14.79 -86.32
CA ASN S 64 -22.37 -13.66 -85.51
C ASN S 64 -21.32 -13.18 -84.52
N MET S 65 -20.47 -14.08 -84.02
CA MET S 65 -19.55 -13.77 -82.93
C MET S 65 -18.12 -13.51 -83.41
N VAL S 66 -17.96 -12.98 -84.62
CA VAL S 66 -16.62 -12.82 -85.19
C VAL S 66 -15.88 -11.67 -84.52
N GLY S 67 -16.56 -10.52 -84.35
CA GLY S 67 -15.90 -9.34 -83.84
C GLY S 67 -15.45 -9.41 -82.40
N HIS S 68 -15.94 -10.39 -81.63
CA HIS S 68 -15.67 -10.47 -80.20
C HIS S 68 -14.42 -11.32 -79.94
N LYS S 69 -14.18 -11.66 -78.68
CA LYS S 69 -13.01 -12.39 -78.26
C LYS S 69 -13.37 -13.81 -77.85
N LEU S 70 -12.37 -14.70 -77.92
CA LEU S 70 -12.50 -16.01 -77.30
C LEU S 70 -12.39 -15.85 -75.79
N GLY S 71 -13.40 -16.29 -75.07
CA GLY S 71 -13.52 -16.05 -73.64
C GLY S 71 -14.80 -15.33 -73.25
N GLU S 72 -15.45 -14.64 -74.20
CA GLU S 72 -16.79 -14.14 -73.95
C GLU S 72 -17.78 -15.27 -73.70
N PHE S 73 -17.44 -16.48 -74.12
CA PHE S 73 -18.30 -17.65 -74.01
C PHE S 73 -17.82 -18.63 -72.96
N ALA S 74 -16.69 -18.37 -72.31
CA ALA S 74 -16.16 -19.19 -71.23
C ALA S 74 -16.27 -18.41 -69.92
N PRO S 75 -17.36 -18.56 -69.18
CA PRO S 75 -17.54 -17.78 -67.94
C PRO S 75 -16.56 -18.22 -66.86
N THR S 76 -15.74 -17.27 -66.40
CA THR S 76 -14.85 -17.56 -65.28
C THR S 76 -15.63 -17.80 -64.00
N ARG S 77 -16.67 -17.00 -63.76
CA ARG S 77 -17.42 -17.04 -62.51
C ARG S 77 -18.41 -18.19 -62.51
N THR S 78 -18.85 -18.57 -61.31
CA THR S 78 -19.83 -19.63 -61.13
C THR S 78 -20.72 -19.23 -59.96
N TYR S 79 -21.98 -18.89 -60.24
CA TYR S 79 -22.88 -18.42 -59.19
C TYR S 79 -24.29 -18.90 -59.47
N ARG S 80 -24.93 -19.45 -58.43
CA ARG S 80 -26.34 -19.83 -58.48
C ARG S 80 -26.66 -20.76 -59.65
N ARG T 1 0.03 -87.75 31.02
CA ARG T 1 -1.04 -87.62 32.01
C ARG T 1 -0.71 -88.42 33.27
N ASN T 2 -1.67 -88.46 34.19
CA ASN T 2 -1.60 -89.28 35.40
C ASN T 2 -0.38 -88.91 36.25
N LEU T 3 -0.39 -87.67 36.75
CA LEU T 3 0.66 -87.22 37.65
C LEU T 3 0.37 -87.67 39.07
N SER T 4 1.40 -88.11 39.78
CA SER T 4 1.20 -88.71 41.10
C SER T 4 0.89 -87.68 42.18
N ALA T 5 0.83 -86.39 41.85
CA ALA T 5 0.27 -85.42 42.78
C ALA T 5 -1.16 -85.79 43.16
N LEU T 6 -1.83 -86.58 42.33
CA LEU T 6 -3.09 -87.23 42.69
C LEU T 6 -3.07 -87.77 44.10
N LYS T 7 -1.96 -88.44 44.46
CA LYS T 7 -1.81 -89.01 45.80
C LYS T 7 -2.16 -87.98 46.87
N ARG T 8 -1.59 -86.77 46.76
CA ARG T 8 -1.92 -85.69 47.69
C ARG T 8 -3.42 -85.54 47.84
N HIS T 9 -4.11 -85.31 46.72
CA HIS T 9 -5.57 -85.19 46.75
C HIS T 9 -6.19 -86.35 47.53
N ARG T 10 -5.78 -87.59 47.20
CA ARG T 10 -6.25 -88.75 47.95
C ARG T 10 -6.05 -88.53 49.45
N GLN T 11 -4.80 -88.34 49.86
CA GLN T 11 -4.51 -88.07 51.27
C GLN T 11 -5.40 -86.94 51.79
N SER T 12 -5.52 -85.86 51.00
CA SER T 12 -6.34 -84.72 51.37
C SER T 12 -7.70 -85.19 51.88
N LEU T 13 -8.41 -85.97 51.06
CA LEU T 13 -9.74 -86.42 51.44
C LEU T 13 -9.71 -87.11 52.80
N LYS T 14 -8.79 -88.06 52.96
CA LYS T 14 -8.60 -88.71 54.26
C LYS T 14 -8.58 -87.67 55.38
N ARG T 15 -7.61 -86.76 55.32
CA ARG T 15 -7.44 -85.77 56.39
C ARG T 15 -8.73 -85.00 56.62
N ARG T 16 -9.44 -84.66 55.54
CA ARG T 16 -10.73 -83.98 55.68
C ARG T 16 -11.63 -84.74 56.66
N LEU T 17 -11.94 -85.99 56.34
CA LEU T 17 -12.85 -86.77 57.17
C LEU T 17 -12.34 -86.91 58.60
N ARG T 18 -11.04 -86.74 58.82
CA ARG T 18 -10.53 -86.67 60.19
C ARG T 18 -10.95 -85.35 60.83
N ASN T 19 -10.46 -84.24 60.27
CA ASN T 19 -10.65 -82.93 60.88
C ASN T 19 -12.11 -82.67 61.17
N LYS T 20 -12.95 -82.68 60.12
CA LYS T 20 -14.40 -82.62 60.23
C LYS T 20 -14.89 -83.35 61.47
N ALA T 21 -14.63 -84.66 61.53
CA ALA T 21 -15.09 -85.47 62.64
C ALA T 21 -14.74 -84.80 63.96
N LYS T 22 -13.45 -84.61 64.21
CA LYS T 22 -13.00 -83.95 65.43
C LYS T 22 -13.80 -82.68 65.67
N LYS T 23 -13.78 -81.77 64.69
CA LYS T 23 -14.48 -80.49 64.85
C LYS T 23 -15.91 -80.72 65.30
N SER T 24 -16.65 -81.58 64.58
CA SER T 24 -18.03 -81.82 64.94
C SER T 24 -18.15 -82.19 66.40
N ALA T 25 -17.37 -83.17 66.84
CA ALA T 25 -17.40 -83.56 68.25
C ALA T 25 -17.31 -82.35 69.15
N ILE T 26 -16.27 -81.52 68.94
CA ILE T 26 -16.09 -80.30 69.74
C ILE T 26 -17.42 -79.57 69.85
N LYS T 27 -17.99 -79.19 68.71
CA LYS T 27 -19.21 -78.38 68.74
C LYS T 27 -20.31 -79.08 69.52
N THR T 28 -20.53 -80.37 69.24
CA THR T 28 -21.61 -81.08 69.92
C THR T 28 -21.41 -81.11 71.42
N LEU T 29 -20.16 -81.15 71.88
CA LEU T 29 -19.93 -81.09 73.32
C LEU T 29 -20.16 -79.69 73.85
N SER T 30 -19.70 -78.68 73.12
CA SER T 30 -19.77 -77.31 73.60
C SER T 30 -21.21 -76.93 73.92
N LYS T 31 -22.10 -77.04 72.92
CA LYS T 31 -23.52 -76.82 73.16
C LYS T 31 -24.01 -77.65 74.33
N LYS T 32 -23.64 -78.94 74.36
CA LYS T 32 -24.06 -79.83 75.45
C LYS T 32 -23.70 -79.25 76.81
N ALA T 33 -22.55 -78.58 76.90
CA ALA T 33 -22.19 -77.90 78.15
C ALA T 33 -23.06 -76.67 78.35
N ILE T 34 -23.12 -75.79 77.34
CA ILE T 34 -23.76 -74.50 77.51
C ILE T 34 -25.22 -74.67 77.93
N GLN T 35 -25.94 -75.56 77.25
CA GLN T 35 -27.31 -75.86 77.63
C GLN T 35 -27.43 -76.16 79.11
N LEU T 36 -26.57 -77.05 79.63
CA LEU T 36 -26.67 -77.41 81.03
C LEU T 36 -26.33 -76.24 81.94
N ALA T 37 -25.46 -75.34 81.49
CA ALA T 37 -25.20 -74.13 82.26
C ALA T 37 -26.41 -73.22 82.26
N GLN T 38 -27.17 -73.20 81.16
CA GLN T 38 -28.37 -72.38 81.09
C GLN T 38 -29.47 -72.91 81.97
N GLU T 39 -29.46 -74.22 82.24
CA GLU T 39 -30.50 -74.88 83.02
C GLU T 39 -30.13 -75.06 84.49
N GLY T 40 -28.99 -74.54 84.92
CA GLY T 40 -28.65 -74.54 86.33
C GLY T 40 -28.11 -75.83 86.89
N LYS T 41 -27.44 -76.64 86.09
CA LYS T 41 -26.81 -77.87 86.54
C LYS T 41 -25.29 -77.64 86.53
N ALA T 42 -24.73 -77.34 87.71
CA ALA T 42 -23.34 -76.93 87.77
C ALA T 42 -22.38 -78.09 87.50
N GLU T 43 -22.58 -79.21 88.21
CA GLU T 43 -21.61 -80.31 88.15
C GLU T 43 -21.54 -80.92 86.75
N GLU T 44 -22.71 -81.23 86.17
CA GLU T 44 -22.73 -81.88 84.86
C GLU T 44 -22.16 -80.96 83.78
N ALA T 45 -22.56 -79.69 83.80
CA ALA T 45 -22.00 -78.75 82.84
C ALA T 45 -20.50 -78.60 83.00
N LEU T 46 -20.01 -78.62 84.25
CA LEU T 46 -18.57 -78.53 84.49
C LEU T 46 -17.84 -79.75 83.93
N LYS T 47 -18.38 -80.94 84.17
CA LYS T 47 -17.78 -82.15 83.63
C LYS T 47 -17.70 -82.10 82.10
N ILE T 48 -18.82 -81.73 81.46
CA ILE T 48 -18.85 -81.64 80.00
C ILE T 48 -17.88 -80.58 79.52
N MET T 49 -17.76 -79.47 80.24
CA MET T 49 -16.83 -78.41 79.86
C MET T 49 -15.39 -78.88 79.95
N ARG T 50 -15.05 -79.66 80.97
CA ARG T 50 -13.71 -80.23 81.07
C ARG T 50 -13.42 -81.16 79.90
N LYS T 51 -14.37 -82.03 79.56
CA LYS T 51 -14.19 -82.90 78.40
C LYS T 51 -14.01 -82.07 77.13
N ALA T 52 -14.77 -80.99 77.00
CA ALA T 52 -14.68 -80.14 75.80
C ALA T 52 -13.32 -79.45 75.72
N GLU T 53 -12.81 -78.96 76.85
CA GLU T 53 -11.49 -78.33 76.87
C GLU T 53 -10.41 -79.32 76.46
N SER T 54 -10.47 -80.53 77.01
CA SER T 54 -9.51 -81.56 76.63
C SER T 54 -9.59 -81.85 75.13
N LEU T 55 -10.81 -81.96 74.60
CA LEU T 55 -10.97 -82.22 73.18
C LEU T 55 -10.42 -81.08 72.33
N ILE T 56 -10.60 -79.84 72.79
CA ILE T 56 -10.10 -78.68 72.05
C ILE T 56 -8.58 -78.69 72.00
N ASP T 57 -7.94 -78.94 73.15
CA ASP T 57 -6.48 -79.00 73.16
C ASP T 57 -5.95 -80.16 72.34
N LYS T 58 -6.67 -81.29 72.34
CA LYS T 58 -6.24 -82.42 71.50
C LYS T 58 -6.40 -82.12 70.02
N ALA T 59 -7.45 -81.38 69.64
CA ALA T 59 -7.58 -80.94 68.26
C ALA T 59 -6.50 -79.93 67.90
N ALA T 60 -6.07 -79.13 68.87
CA ALA T 60 -4.92 -78.25 68.67
C ALA T 60 -3.63 -79.01 68.53
N LYS T 61 -3.56 -80.22 69.11
CA LYS T 61 -2.36 -81.03 69.00
C LYS T 61 -2.03 -81.35 67.53
N GLY T 62 -3.06 -81.55 66.71
CA GLY T 62 -2.89 -81.86 65.31
C GLY T 62 -3.15 -80.65 64.41
N SER T 63 -3.10 -80.91 63.11
CA SER T 63 -3.33 -79.86 62.12
C SER T 63 -4.81 -79.48 61.99
N THR T 64 -5.68 -80.02 62.85
CA THR T 64 -7.10 -79.71 62.75
C THR T 64 -7.40 -78.32 63.29
N LEU T 65 -7.06 -78.08 64.55
CA LEU T 65 -7.54 -76.94 65.30
C LEU T 65 -6.38 -76.27 66.03
N HIS T 66 -5.35 -75.91 65.26
CA HIS T 66 -4.05 -75.46 65.75
C HIS T 66 -4.16 -74.10 66.42
N LYS T 67 -3.11 -73.28 66.32
CA LYS T 67 -2.84 -72.11 67.15
C LYS T 67 -4.05 -71.21 67.34
N ASN T 68 -3.90 -70.15 68.13
CA ASN T 68 -4.84 -69.69 69.14
C ASN T 68 -6.33 -69.74 68.80
N ALA T 69 -6.73 -70.23 67.62
CA ALA T 69 -8.13 -70.62 67.43
C ALA T 69 -8.63 -71.51 68.57
N ALA T 70 -7.79 -72.44 69.02
CA ALA T 70 -8.17 -73.29 70.15
C ALA T 70 -8.34 -72.47 71.42
N ALA T 71 -7.44 -71.53 71.66
CA ALA T 71 -7.59 -70.64 72.81
C ALA T 71 -8.87 -69.83 72.71
N ARG T 72 -9.26 -69.42 71.49
CA ARG T 72 -10.52 -68.73 71.28
C ARG T 72 -11.70 -69.59 71.71
N ARG T 73 -11.74 -70.82 71.20
CA ARG T 73 -12.85 -71.69 71.56
C ARG T 73 -12.88 -71.93 73.07
N LYS T 74 -11.73 -72.18 73.68
CA LYS T 74 -11.67 -72.41 75.13
C LYS T 74 -12.13 -71.18 75.91
N SER T 75 -11.66 -70.00 75.52
CA SER T 75 -12.01 -68.78 76.25
C SER T 75 -13.51 -68.50 76.13
N ARG T 76 -14.05 -68.57 74.92
CA ARG T 76 -15.48 -68.36 74.73
C ARG T 76 -16.29 -69.37 75.53
N LEU T 77 -15.88 -70.64 75.49
CA LEU T 77 -16.59 -71.69 76.21
C LEU T 77 -16.61 -71.41 77.70
N MET T 78 -15.44 -71.15 78.29
CA MET T 78 -15.37 -70.95 79.74
C MET T 78 -16.09 -69.67 80.15
N ARG T 79 -15.99 -68.61 79.34
CA ARG T 79 -16.74 -67.40 79.60
C ARG T 79 -18.24 -67.67 79.66
N LYS T 80 -18.77 -68.32 78.62
CA LYS T 80 -20.20 -68.58 78.58
C LYS T 80 -20.63 -69.54 79.69
N VAL T 81 -19.78 -70.48 80.06
CA VAL T 81 -20.13 -71.42 81.11
C VAL T 81 -20.19 -70.71 82.46
N ARG T 82 -19.18 -69.89 82.76
CA ARG T 82 -19.18 -69.19 84.05
C ARG T 82 -20.30 -68.15 84.11
N GLN T 83 -20.57 -67.46 83.00
CA GLN T 83 -21.64 -66.46 83.00
C GLN T 83 -23.01 -67.12 83.13
N LEU T 84 -23.30 -68.10 82.28
CA LEU T 84 -24.58 -68.79 82.35
C LEU T 84 -24.78 -69.49 83.69
N LEU T 85 -23.67 -69.88 84.35
CA LEU T 85 -23.78 -70.55 85.64
C LEU T 85 -24.37 -69.65 86.72
N GLU T 86 -24.35 -68.33 86.50
CA GLU T 86 -24.80 -67.39 87.54
C GLU T 86 -26.30 -67.15 87.41
N ALA T 87 -27.05 -68.20 87.78
CA ALA T 87 -28.49 -68.12 88.01
C ALA T 87 -28.74 -69.09 89.17
N ALA T 88 -28.67 -68.57 90.39
CA ALA T 88 -28.49 -69.38 91.60
C ALA T 88 -27.27 -70.28 91.43
N GLY T 89 -26.12 -69.60 91.32
CA GLY T 89 -24.89 -70.19 90.80
C GLY T 89 -24.47 -71.52 91.39
N ALA T 90 -24.06 -71.54 92.66
CA ALA T 90 -23.60 -72.76 93.32
C ALA T 90 -22.58 -73.51 92.48
N PRO T 91 -21.34 -73.01 92.35
CA PRO T 91 -20.36 -73.70 91.50
C PRO T 91 -19.92 -75.02 92.13
N LEU T 92 -20.72 -76.06 91.89
CA LEU T 92 -20.56 -77.35 92.58
C LEU T 92 -19.17 -77.95 92.37
N ILE T 93 -18.81 -78.30 91.13
CA ILE T 93 -17.56 -79.00 90.89
C ILE T 93 -16.36 -78.12 91.26
N GLY T 94 -16.31 -76.92 90.69
CA GLY T 94 -15.20 -76.01 90.94
C GLY T 94 -13.88 -76.43 90.34
N GLY T 95 -13.81 -77.62 89.77
CA GLY T 95 -12.59 -78.09 89.16
C GLY T 95 -12.22 -77.38 87.88
N GLY T 96 -13.14 -77.37 86.90
CA GLY T 96 -12.84 -76.80 85.59
C GLY T 96 -12.31 -75.38 85.63
N LEU T 97 -12.76 -74.58 86.59
CA LEU T 97 -12.46 -73.16 86.63
C LEU T 97 -11.62 -72.82 87.85
N SER T 98 -11.18 -71.56 87.90
CA SER T 98 -10.47 -71.03 89.05
C SER T 98 -11.47 -70.39 90.01
N ALA T 99 -11.31 -70.67 91.29
CA ALA T 99 -12.25 -70.17 92.31
C ALA T 99 -12.09 -68.67 92.53
N GLY U 1 -22.80 18.97 -62.27
CA GLY U 1 -21.77 19.99 -62.36
C GLY U 1 -20.42 19.43 -62.77
N LYS U 2 -19.64 19.00 -61.78
CA LYS U 2 -18.31 18.45 -62.02
C LYS U 2 -18.35 17.04 -62.60
N GLY U 3 -19.45 16.31 -62.41
CA GLY U 3 -19.57 14.99 -62.99
C GLY U 3 -20.03 14.96 -64.44
N ASP U 4 -20.54 16.07 -64.95
CA ASP U 4 -20.97 16.15 -66.35
C ASP U 4 -19.72 16.29 -67.21
N ARG U 5 -19.34 15.20 -67.87
CA ARG U 5 -18.09 15.15 -68.60
C ARG U 5 -18.14 15.84 -69.96
N ARG U 6 -19.31 16.19 -70.47
CA ARG U 6 -19.42 16.95 -71.70
C ARG U 6 -19.71 18.43 -71.45
N THR U 7 -19.41 18.92 -70.26
CA THR U 7 -19.41 20.34 -69.95
C THR U 7 -17.99 20.77 -69.61
N ARG U 8 -17.79 22.08 -69.45
CA ARG U 8 -16.45 22.60 -69.25
C ARG U 8 -15.94 22.31 -67.84
N ARG U 9 -16.82 22.43 -66.83
CA ARG U 9 -16.39 22.17 -65.46
C ARG U 9 -16.07 20.69 -65.25
N GLY U 10 -16.87 19.80 -65.85
CA GLY U 10 -16.53 18.39 -65.80
C GLY U 10 -15.26 18.06 -66.54
N LYS U 11 -14.89 18.90 -67.52
CA LYS U 11 -13.63 18.70 -68.24
C LYS U 11 -12.44 19.18 -67.40
N ILE U 12 -12.60 20.30 -66.69
CA ILE U 12 -11.50 20.78 -65.86
C ILE U 12 -11.35 19.93 -64.60
N TRP U 13 -12.43 19.30 -64.14
CA TRP U 13 -12.34 18.44 -62.98
C TRP U 13 -11.62 17.14 -63.32
N ARG U 14 -11.91 16.57 -64.49
CA ARG U 14 -11.15 15.43 -64.99
C ARG U 14 -9.83 15.84 -65.62
N GLY U 15 -9.65 17.12 -65.94
CA GLY U 15 -8.42 17.60 -66.54
C GLY U 15 -8.24 17.27 -68.00
N THR U 16 -9.27 16.76 -68.67
CA THR U 16 -9.15 16.34 -70.06
C THR U 16 -9.49 17.49 -71.00
N TYR U 17 -9.48 17.21 -72.30
CA TYR U 17 -9.83 18.18 -73.33
C TYR U 17 -10.73 17.52 -74.36
N GLY U 18 -11.40 18.36 -75.15
CA GLY U 18 -12.32 17.84 -76.15
C GLY U 18 -13.03 18.95 -76.89
N LYS U 19 -14.26 18.66 -77.32
CA LYS U 19 -15.04 19.65 -78.06
C LYS U 19 -15.62 20.70 -77.12
N TYR U 20 -16.04 20.31 -75.92
CA TYR U 20 -16.66 21.23 -74.99
C TYR U 20 -15.65 22.02 -74.18
N ARG U 21 -14.39 21.61 -74.15
CA ARG U 21 -13.30 22.39 -73.56
C ARG U 21 -12.07 22.25 -74.44
N PRO U 22 -11.99 23.03 -75.52
CA PRO U 22 -10.78 23.02 -76.34
C PRO U 22 -9.60 23.57 -75.56
N ARG U 23 -8.39 23.15 -75.96
CA ARG U 23 -7.18 23.60 -75.28
C ARG U 23 -7.00 25.10 -75.44
N LYS U 24 -6.83 25.56 -76.67
CA LYS U 24 -6.71 27.00 -76.95
C LYS U 24 -6.94 27.28 -78.43
MG MG V . 26.60 -93.38 55.01
MG MG W . 23.21 -77.42 43.11
MG MG X . -7.77 -6.53 66.74
MG MG Y . -11.48 10.93 65.32
MG MG Z . -33.71 11.59 48.06
MG MG AA . -7.99 -53.35 30.46
MG MG BA . -1.10 -61.20 24.10
MG MG CA . -11.00 4.32 70.94
MG MG DA . -48.63 1.88 4.31
MG MG EA . -36.65 4.86 1.09
MG MG FA . -28.32 -0.31 0.54
MG MG GA . -35.09 0.82 12.24
MG MG HA . 39.98 -51.34 28.73
MG MG IA . -14.24 -46.62 37.31
MG MG JA . -23.08 21.62 -29.79
MG MG KA . -2.29 -15.64 22.51
MG MG LA . 0.69 -17.68 33.29
MG MG MA . 3.32 -7.77 22.71
MG MG NA . -4.01 -24.68 20.28
MG MG OA . -42.97 -5.16 25.49
MG MG PA . 40.39 -55.30 -7.85
MG MG QA . 45.21 -45.72 -5.01
MG MG RA . -37.65 -8.29 29.18
MG MG SA . -59.99 3.45 12.32
MG MG TA . -50.86 -8.72 25.07
MG MG UA . -7.85 -10.76 5.03
MG MG VA . 3.00 -16.75 16.50
MG MG WA . 27.70 -50.77 12.24
MG MG XA . 15.90 -60.73 0.78
MG MG YA . 16.12 -37.79 31.60
MG MG ZA . 2.55 -19.14 12.64
MG MG AB . 4.07 -55.52 32.96
MG MG BB . 4.58 -26.99 25.78
MG MG CB . 15.39 -47.64 9.71
MG MG DB . -0.37 -8.30 57.14
MG MG EB . 8.12 -26.14 63.09
MG MG FB . -13.88 -9.46 19.84
MG MG GB . -20.27 -6.80 45.43
MG MG HB . 1.68 -43.71 34.12
MG MG IB . -16.12 -14.45 53.63
MG MG JB . -20.22 -4.94 29.99
MG MG KB . -30.14 -18.06 18.70
MG MG LB . 17.86 -37.11 54.56
MG MG MB . -12.38 16.06 37.35
MG MG NB . -12.36 -33.64 50.50
MG MG OB . -0.04 -46.94 51.69
MG MG PB . -28.06 3.14 25.14
MG MG QB . -7.85 -15.88 56.70
MG MG RB . 10.10 -37.45 -6.35
MG MG SB . 22.64 -63.29 18.25
MG MG TB . 5.61 9.03 23.11
MG MG UB . 1.95 4.25 11.84
MG MG VB . 13.85 9.38 -0.62
MG MG WB . 0.04 -14.40 -3.28
MG MG XB . -26.09 -4.53 -5.31
MG MG YB . -15.38 -7.71 12.66
MG MG ZB . 9.71 22.24 -11.96
MG MG AC . 11.68 26.33 4.85
MG MG BC . 10.16 8.24 -1.66
MG MG CC . 9.74 20.97 -25.95
MG MG DC . 13.84 3.78 11.05
MG MG EC . -33.51 -29.33 23.67
MG MG FC . -23.81 -14.32 40.13
MG MG GC . 10.44 -63.63 28.66
MG MG HC . -0.77 -76.37 31.49
MG MG IC . 8.00 -96.84 46.57
MG MG JC . 18.04 -69.19 28.15
MG MG KC . 12.94 -84.74 30.34
MG MG LC . 5.52 -22.50 -19.03
MG MG MC . 11.46 -31.97 -5.90
MG MG NC . 19.95 -25.60 -2.15
MG MG OC . -12.46 -26.59 13.51
MG MG PC . 12.11 -29.61 -23.48
MG MG QC . 13.92 -36.26 -11.70
MG MG RC . -41.98 -29.04 28.48
MG MG SC . -2.04 -86.26 79.91
MG MG TC . 8.79 -61.44 62.99
MG MG UC . -10.14 -9.51 -11.20
MG MG VC . -2.26 -20.16 -0.79
MG MG WC . 5.17 -75.01 86.91
MG MG XC . -63.60 6.78 20.72
MG MG YC . -69.34 11.51 -4.70
MG MG ZC . -51.62 5.73 8.07
MG MG AD . -69.64 20.43 9.04
MG MG BD . -24.60 -84.13 56.61
MG MG CD . 28.26 -83.48 40.61
MG MG DD . 46.99 -65.77 10.74
MG MG ED . -3.21 -65.00 7.69
MG MG FD . 38.87 -78.34 54.69
MG MG GD . 26.14 -49.09 40.27
MG MG HD . -29.52 -56.98 59.63
MG MG ID . 34.99 -80.69 23.15
MG MG JD . 5.05 -67.28 40.18
MG MG KD . 38.20 -75.96 33.89
MG MG LD . -6.34 -75.46 58.43
MG MG MD . 1.63 -88.71 65.91
MG MG ND . 10.15 -24.48 24.75
MG MG OD . -9.36 -3.70 6.98
MG MG PD . -1.99 19.79 -11.03
MG MG QD . -24.11 -36.01 23.77
MG MG RD . 3.14 -5.91 -27.98
MG MG SD . -2.69 -11.34 -28.76
MG MG TD . -37.91 11.82 38.32
MG MG UD . 52.44 -62.22 -0.74
MG MG VD . 4.34 -2.13 -63.01
MG MG WD . -24.97 -13.23 -13.30
MG MG XD . -66.06 9.34 -6.39
MG MG YD . -2.34 48.22 -24.45
MG MG ZD . -21.48 -0.92 -11.80
MG MG AE . 12.64 -14.33 -43.85
MG MG BE . -7.26 26.87 -48.15
MG MG CE . 38.80 -91.13 60.33
MG MG DE . -25.37 19.95 -67.69
MG MG EE . -9.60 -5.12 -52.84
MG MG FE . -35.88 -6.57 10.62
MG MG GE . -26.67 37.32 -65.66
MG MG HE . 2.46 -14.76 -60.41
MG MG IE . 0.07 -77.50 40.38
MG MG JE . -18.25 -57.45 66.89
MG MG KE . 14.44 43.91 -45.70
MG MG LE . -5.75 15.01 -57.92
MG MG ME . 11.90 -112.28 57.93
MG MG NE . -36.42 23.14 -58.13
MG MG OE . -43.64 -7.32 2.37
MG MG PE . -12.06 -69.77 37.22
MG MG QE . -7.26 10.94 23.30
MG MG RE . -25.02 6.74 -49.54
MG MG SE . -0.72 24.88 -5.17
MG MG TE . -3.77 -10.14 -33.45
MG MG UE . 17.94 -36.50 28.87
MG MG VE . 0.56 -100.97 66.77
MG MG WE . 0.70 9.86 -62.59
MG MG XE . -34.81 -70.22 47.78
MG MG YE . -21.64 0.65 9.97
MG MG ZE . 1.35 21.42 -22.49
MG MG AF . 11.07 -31.86 61.59
MG MG BF . 5.64 27.67 -30.85
MG MG CF . -31.83 17.23 -68.57
MG MG DF . -18.03 1.94 6.10
MG MG EF . 4.40 -50.09 52.19
MG MG FF . -6.02 -26.73 -14.01
MG MG GF . -16.22 16.93 -30.97
MG MG HF . -6.44 -68.11 42.57
MG MG IF . 29.14 -23.36 37.52
MG MG JF . -19.37 -19.73 25.31
MG MG KF . -41.29 9.95 39.02
MG MG LF . -30.39 -3.73 1.64
MG MG MF . -32.66 -1.29 -5.83
MG MG NF . 15.73 -66.68 21.79
MG MG OF . 11.53 -86.21 33.78
MG MG PF . 10.03 -30.68 -27.42
MG MG QF . 14.94 -32.23 -13.91
MG MG RF . -28.67 -55.35 49.87
MG MG SF . -24.88 -83.47 66.97
MG MG TF . -27.53 -77.76 48.92
MG MG UF . 40.78 -74.70 37.06
MG MG VF . -4.69 -106.16 64.12
MG MG WF . -12.66 -103.02 54.47
MG MG XF . -11.84 -103.30 51.08
MG MG YF . 18.87 38.72 -60.90
MG MG ZF . 13.31 35.83 -66.57
MG MG AG . -70.38 8.39 -3.09
MG MG BG . -11.39 -65.74 36.76
MG MG CG . -11.67 8.99 -5.88
MG MG DG . 0.03 14.19 0.12
MG MG EG . -0.88 11.12 -6.99
MG MG FG . -21.97 8.43 -47.20
MG MG GG . 6.98 -5.67 -30.04
MG MG HG . 25.95 -22.37 35.34
MG MG IG . -1.23 -73.99 87.55
MG MG JG . 4.52 -88.60 47.54
MG MG KG . -8.26 -7.44 33.61
MG MG LG . 10.71 -37.65 12.39
MG MG MG . -13.75 1.06 -62.97
MG MG NG . -30.00 -38.11 3.35
MG MG OG . 24.39 -40.88 -10.33
MG MG PG . -7.23 1.95 36.91
MG MG QG . -20.54 -10.27 24.77
MG MG RG . -9.68 5.57 -37.43
MG MG SG . -24.92 -19.83 -7.72
MG MG TG . -1.33 23.89 -10.12
MG MG UG . -48.96 -4.21 -10.06
MG MG VG . -32.28 -66.92 47.98
MG MG WG . -12.13 -84.61 36.44
MG MG XG . -15.67 13.63 -15.73
MG MG YG . 2.73 29.74 -73.50
MG MG ZG . -9.12 -8.87 -46.24
MG MG AH . -23.05 8.38 36.08
MG MG BH . -62.32 13.38 -9.97
MG MG CH . -38.93 11.75 -59.40
MG MG DH . -3.95 6.16 -45.40
MG MG EH . -28.90 -33.55 50.74
MG MG FH . 24.01 48.43 -51.60
MG MG GH . 38.05 -36.02 -22.80
MG MG HH . -8.27 8.75 -44.08
MG MG IH . -50.52 18.33 -5.47
MG MG JH . 4.86 -0.65 -58.17
MG MG KH . 3.27 -78.58 54.83
MG MG LH . 5.46 -22.85 -82.82
MG MG MH . -34.42 -17.61 17.43
MG MG NH . -6.18 -71.04 56.43
MG MG OH . -35.37 -2.05 -14.68
MG MG PH . 18.34 -26.01 -45.45
MG MG QH . 4.25 -33.25 16.92
MG MG RH . 15.56 -16.51 -40.16
MG MG SH . -0.55 45.29 -21.12
MG MG TH . -9.99 16.79 32.90
MG MG UH . 0.57 -17.34 -28.42
MG MG VH . 11.19 -106.05 46.29
MG MG WH . 5.36 -13.15 66.24
MG MG XH . -8.27 24.06 -85.69
MG MG YH . 20.86 -46.37 43.08
MG MG ZH . -13.16 -60.65 69.12
MG MG AI . 5.79 -40.84 35.42
MG MG BI . -1.33 48.45 -27.47
MG MG CI . -18.13 28.64 44.53
MG MG DI . 10.55 -17.19 69.37
MG MG EI . -11.01 7.90 68.50
MG MG FI . 11.04 22.64 -1.63
MG MG GI . 7.18 22.91 -1.28
MG MG HI . 19.95 30.02 -64.81
MG MG II . 19.91 35.84 -62.23
MG MG JI . 19.84 32.86 -63.79
MG MG KI . -4.41 -3.74 24.79
MG MG LI . -33.58 19.88 21.49
MG MG MI . 14.50 -57.75 5.06
MG MG NI . -8.53 24.73 -30.14
MG MG OI . 4.63 -123.82 46.59
MG MG PI . 6.95 -127.07 43.82
MG MG QI . -28.27 -52.56 72.73
MG MG RI . 7.49 -138.18 44.85
MG MG SI . 20.63 44.61 -69.59
MG MG TI . 14.49 -106.31 45.53
MG MG UI . 22.82 -78.49 38.87
MG MG VI . 4.36 30.97 -29.88
MG MG WI . 6.10 30.12 -32.02
MG MG XI . 7.18 31.26 22.47
MG MG YI . 24.26 25.63 31.94
MG MG ZI . 20.82 -9.64 -16.59
MG MG AJ . 26.72 -0.12 -32.56
MG MG BJ . 21.71 17.24 -28.45
ZN ZN CJ . 45.49 -34.73 -2.54
MG MG DJ . 52.37 -32.53 24.86
MG MG EJ . 32.49 -30.47 26.68
MG MG FJ . 29.82 -29.55 38.53
MG MG GJ . 20.51 -30.75 20.68
MG MG HJ . 28.80 -0.83 26.88
MG MG IJ . -63.75 22.95 39.13
MG MG JJ . 1.03 29.21 -45.59
MG MG KJ . 7.29 51.63 -61.52
ZN ZN LJ . 12.76 -1.94 -48.05
MG MG MJ . 8.93 -65.23 48.01
MG MG NJ . 32.54 -68.74 63.36
MG MG OJ . -17.54 -51.94 66.50
MG MG PJ . -22.94 -38.60 70.37
MG MG QJ . -27.07 -15.99 -53.63
#